data_4XAU
#
_entry.id   4XAU
#
_cell.length_a   233.149
_cell.length_b   233.149
_cell.length_c   460.859
_cell.angle_alpha   90.000
_cell.angle_beta   90.000
_cell.angle_gamma   120.000
#
_symmetry.space_group_name_H-M   'H 3 2'
#
loop_
_entity.id
_entity.type
_entity.pdbx_description
1 polymer 'Putative aminotransferase'
2 non-polymer "PYRIDOXAL-5'-PHOSPHATE"
3 water water
#
_entity_poly.entity_id   1
_entity_poly.type   'polypeptide(L)'
_entity_poly.pdbx_seq_one_letter_code
;MGSSHHHHHHSSGLVPRGSHMIPLFKVAVSPTALDRVAEVFASGYLGQGPRVAEFESALAARLGNPRVVSVHSGTSGLCL
ALRLLDAPEERDEVLSTPLTFEATNWAILADGRRITWVDVDPATLTMDLDDLERKISPATRAIIVVHWTGYPVDLDRLAG
ILDRAEREHGFRPAVIEDCAHAWGASYRGVPLGSHGNMCVFSFQALKHLTCGDGGLLTLPGDELHERAMLRRFYGIDRTA
DRLRGAYDVAEWGLKWHMTDLNAAIGLANLETVDEQLRLHRENAAFYDKELTGVPGLELLQRSPDREGSFYVYDVKVDDR
PAFHRKMEAAGIMAGLVSRRNDEHSCVAHLRTSLPGLDSVYDRMVSLPVGWWLTEQDREHVVATIRSGW
;
_entity_poly.pdbx_strand_id   A,B,C,D,E,F,G
#
# COMPACT_ATOMS: atom_id res chain seq x y z
N GLY A 18 -34.73 26.58 -12.07
CA GLY A 18 -35.80 27.56 -11.85
C GLY A 18 -35.36 29.01 -11.78
N SER A 19 -34.31 29.26 -10.97
CA SER A 19 -33.69 30.57 -10.72
C SER A 19 -32.54 30.50 -9.68
N HIS A 20 -31.48 31.28 -9.91
CA HIS A 20 -30.37 31.58 -8.96
C HIS A 20 -29.35 30.44 -8.76
N MET A 21 -28.05 30.80 -8.76
CA MET A 21 -26.95 29.87 -8.50
C MET A 21 -25.74 30.55 -7.83
N ILE A 22 -25.06 29.86 -6.93
CA ILE A 22 -23.91 30.45 -6.25
C ILE A 22 -22.64 29.79 -6.74
N PRO A 23 -21.75 30.56 -7.37
CA PRO A 23 -20.58 30.00 -8.07
C PRO A 23 -19.40 29.73 -7.17
N LEU A 24 -18.60 28.73 -7.51
CA LEU A 24 -17.45 28.37 -6.70
C LEU A 24 -16.27 29.29 -6.97
N PHE A 25 -16.09 29.70 -8.22
CA PHE A 25 -15.04 30.65 -8.62
C PHE A 25 -15.64 31.84 -9.33
N LYS A 26 -14.95 32.97 -9.26
CA LYS A 26 -15.42 34.15 -9.95
C LYS A 26 -14.29 35.13 -10.22
N VAL A 27 -14.45 35.94 -11.26
CA VAL A 27 -13.40 36.86 -11.72
C VAL A 27 -13.53 38.30 -11.19
N ALA A 28 -12.54 38.73 -10.42
CA ALA A 28 -12.55 40.07 -9.84
C ALA A 28 -11.86 41.07 -10.75
N VAL A 29 -12.60 42.06 -11.24
CA VAL A 29 -12.08 43.04 -12.19
C VAL A 29 -12.45 44.47 -11.81
N SER A 30 -11.50 45.20 -11.25
CA SER A 30 -11.71 46.58 -10.82
C SER A 30 -12.33 47.44 -11.90
N PRO A 31 -13.15 48.42 -11.52
CA PRO A 31 -13.74 49.30 -12.54
C PRO A 31 -12.68 50.16 -13.23
N THR A 32 -11.55 50.36 -12.57
CA THR A 32 -10.47 51.16 -13.11
C THR A 32 -9.58 50.35 -14.02
N ALA A 33 -9.91 49.08 -14.22
CA ALA A 33 -9.06 48.26 -15.05
C ALA A 33 -9.03 48.73 -16.50
N LEU A 34 -10.19 49.00 -17.06
CA LEU A 34 -10.27 49.42 -18.44
C LEU A 34 -9.59 50.76 -18.63
N ASP A 35 -9.69 51.62 -17.63
CA ASP A 35 -8.95 52.87 -17.63
C ASP A 35 -7.47 52.61 -17.77
N ARG A 36 -6.93 51.70 -16.97
CA ARG A 36 -5.51 51.44 -17.00
C ARG A 36 -5.06 50.81 -18.32
N VAL A 37 -5.94 50.07 -18.97
CA VAL A 37 -5.61 49.45 -20.25
C VAL A 37 -5.61 50.48 -21.35
N ALA A 38 -6.61 51.34 -21.29
CA ALA A 38 -6.72 52.42 -22.23
C ALA A 38 -5.51 53.34 -22.17
N GLU A 39 -5.01 53.59 -20.97
CA GLU A 39 -3.84 54.44 -20.84
C GLU A 39 -2.65 53.81 -21.53
N VAL A 40 -2.62 52.47 -21.53
CA VAL A 40 -1.58 51.67 -22.17
C VAL A 40 -1.65 51.69 -23.67
N PHE A 41 -2.85 51.63 -24.24
CA PHE A 41 -2.97 51.77 -25.68
C PHE A 41 -2.47 53.16 -26.09
N ALA A 42 -2.87 54.15 -25.33
CA ALA A 42 -2.46 55.52 -25.54
C ALA A 42 -0.96 55.66 -25.46
N SER A 43 -0.29 54.72 -24.83
CA SER A 43 1.16 54.76 -24.72
C SER A 43 1.80 54.31 -26.00
N GLY A 44 1.04 53.55 -26.78
CA GLY A 44 1.53 53.02 -28.05
C GLY A 44 2.42 51.79 -27.93
N TYR A 45 2.74 51.41 -26.70
CA TYR A 45 3.58 50.26 -26.44
C TYR A 45 2.84 49.22 -25.62
N LEU A 46 2.69 48.05 -26.21
CA LEU A 46 1.92 46.93 -25.67
C LEU A 46 2.80 45.80 -25.15
N GLY A 47 4.11 45.96 -25.23
CA GLY A 47 5.03 44.93 -24.81
C GLY A 47 5.50 45.08 -23.39
N GLN A 48 6.56 44.38 -23.04
CA GLN A 48 7.08 44.46 -21.70
C GLN A 48 7.73 45.78 -21.48
N GLY A 49 7.07 46.64 -20.73
CA GLY A 49 7.55 47.98 -20.56
C GLY A 49 7.62 48.43 -19.13
N PRO A 50 7.32 49.71 -18.89
CA PRO A 50 7.35 50.44 -17.63
C PRO A 50 6.17 50.12 -16.73
N ARG A 51 5.06 49.60 -17.26
CA ARG A 51 3.95 49.21 -16.39
C ARG A 51 4.29 47.92 -15.70
N VAL A 52 4.90 47.01 -16.45
CA VAL A 52 5.42 45.80 -15.85
C VAL A 52 6.40 46.15 -14.75
N ALA A 53 7.24 47.13 -14.95
CA ALA A 53 8.17 47.48 -13.90
C ALA A 53 7.46 48.08 -12.70
N GLU A 54 6.42 48.87 -12.96
CA GLU A 54 5.64 49.47 -11.88
C GLU A 54 4.97 48.42 -11.04
N PHE A 55 4.37 47.44 -11.70
CA PHE A 55 3.68 46.31 -11.08
C PHE A 55 4.65 45.55 -10.20
N GLU A 56 5.80 45.19 -10.74
CA GLU A 56 6.77 44.48 -9.97
C GLU A 56 7.24 45.22 -8.74
N SER A 57 7.35 46.53 -8.80
CA SER A 57 7.76 47.31 -7.64
C SER A 57 6.70 47.31 -6.58
N ALA A 58 5.47 47.41 -7.03
CA ALA A 58 4.33 47.40 -6.18
C ALA A 58 4.24 46.07 -5.47
N LEU A 59 4.40 44.98 -6.23
CA LEU A 59 4.36 43.65 -5.67
C LEU A 59 5.52 43.42 -4.72
N ALA A 60 6.71 43.86 -5.08
CA ALA A 60 7.83 43.69 -4.19
C ALA A 60 7.61 44.39 -2.86
N ALA A 61 6.89 45.50 -2.90
CA ALA A 61 6.57 46.29 -1.72
C ALA A 61 5.72 45.51 -0.76
N ARG A 62 4.68 44.88 -1.29
CA ARG A 62 3.78 44.10 -0.49
C ARG A 62 4.45 42.87 0.07
N LEU A 63 5.21 42.19 -0.76
CA LEU A 63 5.76 40.92 -0.36
C LEU A 63 7.00 41.12 0.49
N GLY A 64 7.60 42.29 0.43
CA GLY A 64 8.78 42.52 1.22
C GLY A 64 9.98 41.79 0.68
N ASN A 65 9.87 41.39 -0.57
CA ASN A 65 10.92 40.68 -1.29
C ASN A 65 11.24 41.46 -2.56
N PRO A 66 12.46 41.99 -2.66
CA PRO A 66 12.78 42.83 -3.81
C PRO A 66 13.05 42.02 -5.04
N ARG A 67 13.29 40.74 -4.88
CA ARG A 67 13.65 39.92 -5.99
C ARG A 67 12.43 39.30 -6.65
N VAL A 68 11.58 40.10 -7.26
CA VAL A 68 10.42 39.57 -7.95
C VAL A 68 10.58 39.63 -9.47
N VAL A 69 10.00 38.65 -10.15
CA VAL A 69 10.06 38.53 -11.58
C VAL A 69 8.70 38.18 -12.16
N SER A 70 8.01 39.11 -12.79
CA SER A 70 6.70 38.84 -13.38
C SER A 70 6.80 37.91 -14.59
N VAL A 71 5.81 37.06 -14.78
CA VAL A 71 5.82 36.13 -15.88
C VAL A 71 4.44 36.07 -16.47
N HIS A 72 4.33 35.44 -17.61
CA HIS A 72 3.12 35.44 -18.38
C HIS A 72 1.96 34.78 -17.68
N SER A 73 2.23 33.74 -16.89
CA SER A 73 1.20 32.94 -16.23
C SER A 73 1.85 32.18 -15.11
N GLY A 74 1.04 31.67 -14.18
CA GLY A 74 1.59 30.91 -13.08
C GLY A 74 2.37 29.72 -13.57
N THR A 75 1.85 29.03 -14.57
CA THR A 75 2.51 27.85 -15.13
C THR A 75 3.86 28.19 -15.70
N SER A 76 3.95 29.31 -16.40
CA SER A 76 5.20 29.82 -16.95
C SER A 76 6.18 30.12 -15.86
N GLY A 77 5.69 30.69 -14.78
CA GLY A 77 6.52 30.88 -13.62
C GLY A 77 7.12 29.59 -13.09
N LEU A 78 6.35 28.52 -13.13
CA LEU A 78 6.84 27.23 -12.65
C LEU A 78 7.90 26.69 -13.58
N CYS A 79 7.60 26.75 -14.87
CA CYS A 79 8.50 26.29 -15.89
C CYS A 79 9.81 27.03 -15.84
N LEU A 80 9.73 28.32 -15.63
CA LEU A 80 10.92 29.13 -15.46
C LEU A 80 11.67 28.72 -14.23
N ALA A 81 10.96 28.56 -13.12
CA ALA A 81 11.59 28.12 -11.87
C ALA A 81 12.32 26.80 -12.01
N LEU A 82 11.76 25.88 -12.76
CA LEU A 82 12.39 24.59 -12.94
C LEU A 82 13.61 24.67 -13.84
N ARG A 83 13.62 25.61 -14.77
CA ARG A 83 14.76 25.77 -15.64
C ARG A 83 15.94 26.38 -14.92
N LEU A 84 15.65 27.23 -13.94
CA LEU A 84 16.70 27.89 -13.18
C LEU A 84 17.50 26.97 -12.31
N LEU A 85 16.98 25.76 -12.11
CA LEU A 85 17.65 24.76 -11.30
C LEU A 85 18.93 24.24 -11.90
N ASP A 86 20.00 24.41 -11.14
CA ASP A 86 21.31 23.90 -11.51
C ASP A 86 21.54 22.62 -10.75
N ALA A 87 21.47 21.52 -11.46
CA ALA A 87 21.64 20.22 -10.87
C ALA A 87 21.93 19.25 -11.98
N PRO A 88 22.69 18.19 -11.68
CA PRO A 88 23.08 17.23 -12.70
C PRO A 88 21.86 16.54 -13.28
N GLU A 89 21.92 16.18 -14.55
CA GLU A 89 20.79 15.59 -15.24
C GLU A 89 20.29 14.29 -14.63
N GLU A 90 21.14 13.60 -13.87
CA GLU A 90 20.75 12.30 -13.31
C GLU A 90 19.83 12.40 -12.10
N ARG A 91 19.84 13.55 -11.44
CA ARG A 91 18.83 13.81 -10.45
C ARG A 91 17.62 14.19 -11.27
N ASP A 92 16.84 13.21 -11.66
CA ASP A 92 15.79 13.47 -12.62
C ASP A 92 14.46 13.42 -11.95
N GLU A 93 14.51 13.38 -10.62
CA GLU A 93 13.31 13.22 -9.82
C GLU A 93 12.79 14.51 -9.20
N VAL A 94 11.53 14.81 -9.46
CA VAL A 94 10.82 15.89 -8.80
C VAL A 94 9.71 15.31 -7.95
N LEU A 95 9.66 15.71 -6.69
CA LEU A 95 8.65 15.21 -5.77
C LEU A 95 7.44 16.12 -5.76
N SER A 96 6.27 15.58 -6.03
CA SER A 96 5.07 16.36 -6.02
C SER A 96 3.86 15.54 -5.66
N THR A 97 2.84 16.18 -5.10
CA THR A 97 1.62 15.49 -4.72
C THR A 97 0.58 15.62 -5.82
N PRO A 98 -0.24 14.60 -6.02
CA PRO A 98 -1.19 14.68 -7.12
C PRO A 98 -2.45 15.44 -6.83
N LEU A 99 -2.64 15.92 -5.62
CA LEU A 99 -3.82 16.71 -5.31
C LEU A 99 -3.46 18.17 -5.46
N THR A 100 -3.27 18.58 -6.70
CA THR A 100 -2.95 19.94 -7.09
C THR A 100 -3.69 20.21 -8.37
N PHE A 101 -3.54 21.40 -8.93
CA PHE A 101 -4.02 21.66 -10.28
C PHE A 101 -3.02 21.04 -11.23
N GLU A 102 -3.46 20.56 -12.38
CA GLU A 102 -2.61 19.78 -13.27
C GLU A 102 -1.36 20.51 -13.70
N ALA A 103 -1.41 21.83 -13.68
CA ALA A 103 -0.31 22.69 -14.09
C ALA A 103 0.94 22.44 -13.30
N THR A 104 0.79 22.21 -12.01
CA THR A 104 1.93 21.95 -11.15
C THR A 104 2.76 20.79 -11.61
N ASN A 105 2.11 19.78 -12.16
CA ASN A 105 2.81 18.55 -12.46
C ASN A 105 3.16 18.45 -13.93
N TRP A 106 2.37 19.06 -14.79
CA TRP A 106 2.68 19.00 -16.21
C TRP A 106 3.90 19.83 -16.47
N ALA A 107 4.10 20.86 -15.65
CA ALA A 107 5.30 21.65 -15.73
C ALA A 107 6.50 20.78 -15.50
N ILE A 108 6.36 19.81 -14.59
CA ILE A 108 7.45 18.90 -14.31
C ILE A 108 7.76 18.03 -15.51
N LEU A 109 6.73 17.55 -16.18
CA LEU A 109 6.94 16.68 -17.33
C LEU A 109 7.55 17.46 -18.47
N ALA A 110 7.08 18.68 -18.69
CA ALA A 110 7.58 19.52 -19.77
C ALA A 110 9.04 19.85 -19.57
N ASP A 111 9.50 19.84 -18.33
CA ASP A 111 10.89 20.07 -18.02
C ASP A 111 11.67 18.81 -18.23
N GLY A 112 10.96 17.75 -18.60
CA GLY A 112 11.58 16.47 -18.90
C GLY A 112 12.06 15.66 -17.72
N ARG A 113 11.49 15.91 -16.55
CA ARG A 113 11.90 15.20 -15.36
C ARG A 113 10.90 14.12 -15.06
N ARG A 114 11.17 13.37 -14.00
CA ARG A 114 10.32 12.27 -13.56
C ARG A 114 9.60 12.63 -12.28
N ILE A 115 8.30 12.42 -12.25
CA ILE A 115 7.53 12.69 -11.04
C ILE A 115 7.52 11.51 -10.11
N THR A 116 7.67 11.77 -8.82
CA THR A 116 7.50 10.75 -7.82
C THR A 116 6.41 11.23 -6.89
N TRP A 117 5.25 10.58 -6.90
CA TRP A 117 4.13 11.12 -6.12
C TRP A 117 4.35 11.08 -4.61
N VAL A 118 4.02 12.16 -3.92
CA VAL A 118 4.05 12.22 -2.47
C VAL A 118 2.62 12.33 -1.97
N ASP A 119 2.33 11.66 -0.86
CA ASP A 119 0.96 11.55 -0.36
C ASP A 119 0.45 12.82 0.29
N VAL A 120 -0.80 12.79 0.72
CA VAL A 120 -1.52 13.93 1.25
C VAL A 120 -1.86 13.74 2.71
N ASP A 121 -1.65 14.78 3.49
CA ASP A 121 -2.06 14.75 4.88
C ASP A 121 -3.55 14.99 4.96
N PRO A 122 -4.33 13.97 5.36
CA PRO A 122 -5.79 14.05 5.27
C PRO A 122 -6.39 15.10 6.18
N ALA A 123 -5.59 15.68 7.06
CA ALA A 123 -6.10 16.71 7.95
C ALA A 123 -6.11 18.09 7.29
N THR A 124 -5.19 18.32 6.38
CA THR A 124 -4.99 19.63 5.83
C THR A 124 -5.13 19.57 4.34
N LEU A 125 -5.14 18.36 3.82
CA LEU A 125 -5.20 18.15 2.38
C LEU A 125 -4.01 18.77 1.69
N THR A 126 -2.91 18.96 2.41
CA THR A 126 -1.64 19.33 1.77
C THR A 126 -0.66 18.17 1.81
N MET A 127 0.52 18.37 1.25
CA MET A 127 1.51 17.30 1.16
C MET A 127 1.85 16.73 2.51
N ASP A 128 1.90 15.40 2.58
CA ASP A 128 2.30 14.66 3.75
C ASP A 128 3.81 14.75 3.86
N LEU A 129 4.29 15.60 4.76
CA LEU A 129 5.71 15.86 4.83
C LEU A 129 6.49 14.68 5.36
N ASP A 130 5.81 13.77 6.08
CA ASP A 130 6.43 12.51 6.49
C ASP A 130 6.75 11.68 5.27
N ASP A 131 5.75 11.54 4.40
CA ASP A 131 5.91 10.77 3.20
C ASP A 131 6.97 11.37 2.33
N LEU A 132 7.09 12.69 2.36
CA LEU A 132 8.11 13.38 1.62
C LEU A 132 9.50 13.00 2.12
N GLU A 133 9.68 13.01 3.42
CA GLU A 133 10.98 12.75 4.00
C GLU A 133 11.48 11.37 3.61
N ARG A 134 10.56 10.42 3.52
CA ARG A 134 10.89 9.06 3.16
C ARG A 134 11.30 8.97 1.71
N LYS A 135 10.70 9.83 0.89
CA LYS A 135 10.85 9.72 -0.55
C LYS A 135 11.96 10.54 -1.15
N ILE A 136 12.61 11.37 -0.35
CA ILE A 136 13.78 12.06 -0.85
C ILE A 136 14.84 11.02 -1.16
N SER A 137 15.33 11.03 -2.39
CA SER A 137 16.24 10.03 -2.86
C SER A 137 17.46 10.66 -3.48
N PRO A 138 18.48 9.85 -3.79
CA PRO A 138 19.61 10.41 -4.54
C PRO A 138 19.25 10.91 -5.93
N ALA A 139 18.01 10.72 -6.37
CA ALA A 139 17.59 11.20 -7.68
C ALA A 139 16.84 12.53 -7.60
N THR A 140 16.56 12.95 -6.37
CA THR A 140 15.74 14.10 -6.10
C THR A 140 16.40 15.37 -6.55
N ARG A 141 15.76 15.99 -7.53
CA ARG A 141 16.15 17.27 -8.12
C ARG A 141 15.56 18.47 -7.41
N ALA A 142 14.26 18.38 -7.15
CA ALA A 142 13.52 19.44 -6.50
C ALA A 142 12.22 18.91 -5.93
N ILE A 143 11.53 19.77 -5.19
CA ILE A 143 10.30 19.41 -4.52
C ILE A 143 9.29 20.48 -4.79
N ILE A 144 8.11 20.17 -5.31
CA ILE A 144 7.10 21.22 -5.44
C ILE A 144 5.97 21.10 -4.42
N VAL A 145 5.93 22.05 -3.50
CA VAL A 145 4.89 22.07 -2.47
C VAL A 145 3.80 23.09 -2.83
N VAL A 146 2.55 22.70 -2.70
CA VAL A 146 1.45 23.54 -3.09
C VAL A 146 0.61 23.98 -1.92
N HIS A 147 0.58 25.26 -1.64
CA HIS A 147 -0.27 25.76 -0.60
C HIS A 147 -1.70 25.62 -1.07
N TRP A 148 -2.16 24.38 -1.15
CA TRP A 148 -3.40 24.04 -1.81
C TRP A 148 -4.58 24.80 -1.23
N THR A 149 -5.35 25.41 -2.12
CA THR A 149 -6.52 26.22 -1.80
C THR A 149 -6.26 27.39 -0.84
N GLY A 150 -5.00 27.67 -0.58
CA GLY A 150 -4.67 28.87 0.17
C GLY A 150 -4.05 28.63 1.50
N TYR A 151 -3.88 27.38 1.88
CA TYR A 151 -3.38 27.06 3.19
C TYR A 151 -1.91 26.77 3.13
N PRO A 152 -1.09 27.61 3.75
CA PRO A 152 0.36 27.41 3.78
C PRO A 152 0.85 26.07 4.39
N VAL A 153 1.77 25.43 3.70
CA VAL A 153 2.42 24.23 4.15
C VAL A 153 3.34 24.52 5.31
N ASP A 154 3.58 23.55 6.19
CA ASP A 154 4.47 23.77 7.33
C ASP A 154 5.87 23.98 6.83
N LEU A 155 6.20 25.21 6.49
CA LEU A 155 7.44 25.50 5.80
C LEU A 155 8.64 25.31 6.67
N ASP A 156 8.52 25.57 7.96
CA ASP A 156 9.63 25.37 8.88
C ASP A 156 10.04 23.92 8.96
N ARG A 157 9.06 23.03 8.95
CA ARG A 157 9.34 21.61 9.00
C ARG A 157 10.04 21.11 7.76
N LEU A 158 9.59 21.60 6.63
CA LEU A 158 10.15 21.30 5.33
C LEU A 158 11.59 21.77 5.24
N ALA A 159 11.88 22.89 5.86
CA ALA A 159 13.23 23.40 5.89
C ALA A 159 14.16 22.46 6.63
N GLY A 160 13.66 21.87 7.71
CA GLY A 160 14.40 20.90 8.49
C GLY A 160 14.69 19.64 7.71
N ILE A 161 13.67 19.13 7.04
CA ILE A 161 13.81 17.94 6.24
C ILE A 161 14.96 18.09 5.26
N LEU A 162 15.00 19.22 4.60
CA LEU A 162 16.04 19.52 3.64
C LEU A 162 17.35 19.82 4.32
N ASP A 163 17.28 20.49 5.47
CA ASP A 163 18.50 20.78 6.22
C ASP A 163 19.24 19.52 6.50
N ARG A 164 18.50 18.50 6.93
CA ARG A 164 19.09 17.22 7.25
C ARG A 164 19.62 16.52 6.00
N ALA A 165 18.85 16.57 4.92
CA ALA A 165 19.24 15.92 3.69
C ALA A 165 20.51 16.53 3.12
N GLU A 166 20.74 17.80 3.41
CA GLU A 166 21.93 18.48 2.90
C GLU A 166 23.18 18.09 3.68
N ARG A 167 23.05 18.07 5.00
CA ARG A 167 24.13 17.67 5.90
C ARG A 167 24.62 16.29 5.62
N GLU A 168 23.66 15.46 5.28
CA GLU A 168 23.87 14.06 5.06
C GLU A 168 24.76 13.85 3.85
N HIS A 169 24.23 14.04 2.64
CA HIS A 169 25.06 13.81 1.47
C HIS A 169 25.05 14.96 0.47
N GLY A 170 25.72 16.04 0.81
CA GLY A 170 26.07 17.10 -0.15
C GLY A 170 24.99 18.04 -0.69
N PHE A 171 24.09 17.49 -1.49
CA PHE A 171 23.08 18.22 -2.24
C PHE A 171 21.84 18.56 -1.45
N ARG A 172 21.38 19.80 -1.58
CA ARG A 172 20.11 20.19 -1.01
C ARG A 172 19.09 20.42 -2.11
N PRO A 173 18.11 19.53 -2.26
CA PRO A 173 17.13 19.69 -3.32
C PRO A 173 16.44 21.04 -3.22
N ALA A 174 16.06 21.63 -4.34
CA ALA A 174 15.39 22.92 -4.35
C ALA A 174 13.92 22.78 -4.06
N VAL A 175 13.33 23.82 -3.49
CA VAL A 175 11.91 23.82 -3.22
C VAL A 175 11.29 24.95 -4.02
N ILE A 176 10.23 24.63 -4.71
CA ILE A 176 9.43 25.61 -5.39
C ILE A 176 8.05 25.60 -4.76
N GLU A 177 7.63 26.71 -4.18
CA GLU A 177 6.31 26.78 -3.59
C GLU A 177 5.29 27.25 -4.62
N ASP A 178 4.25 26.48 -4.86
CA ASP A 178 3.19 26.86 -5.78
C ASP A 178 2.13 27.65 -5.05
N CYS A 179 2.21 28.98 -5.15
CA CYS A 179 1.32 29.83 -4.39
C CYS A 179 0.16 30.34 -5.17
N ALA A 180 -0.26 29.65 -6.21
CA ALA A 180 -1.37 30.13 -7.03
C ALA A 180 -2.61 30.41 -6.23
N HIS A 181 -2.87 29.59 -5.23
CA HIS A 181 -4.07 29.74 -4.43
C HIS A 181 -3.89 30.59 -3.20
N ALA A 182 -2.68 31.05 -2.96
CA ALA A 182 -2.36 31.67 -1.69
C ALA A 182 -1.84 33.11 -1.81
N TRP A 183 -2.41 33.94 -2.67
CA TRP A 183 -1.99 35.33 -2.70
C TRP A 183 -2.33 35.99 -1.38
N GLY A 184 -1.35 36.61 -0.76
CA GLY A 184 -1.61 37.29 0.50
C GLY A 184 -1.45 36.46 1.75
N ALA A 185 -1.17 35.18 1.57
CA ALA A 185 -1.03 34.25 2.68
C ALA A 185 0.27 34.47 3.41
N SER A 186 0.28 34.21 4.71
CA SER A 186 1.52 34.31 5.45
C SER A 186 1.78 33.06 6.26
N TYR A 187 3.01 32.90 6.70
CA TYR A 187 3.35 31.77 7.50
C TYR A 187 4.26 32.20 8.64
N ARG A 188 3.74 32.09 9.85
CA ARG A 188 4.42 32.50 11.06
C ARG A 188 4.85 33.94 10.93
N GLY A 189 3.91 34.78 10.51
CA GLY A 189 4.11 36.21 10.46
C GLY A 189 4.74 36.80 9.22
N VAL A 190 5.27 35.93 8.37
CA VAL A 190 5.99 36.28 7.18
C VAL A 190 5.17 35.97 5.95
N PRO A 191 5.01 36.93 5.05
CA PRO A 191 4.26 36.71 3.82
C PRO A 191 4.95 35.64 3.02
N LEU A 192 4.20 34.81 2.32
CA LEU A 192 4.78 33.85 1.42
C LEU A 192 5.67 34.59 0.44
N GLY A 193 6.80 34.02 0.08
CA GLY A 193 7.74 34.68 -0.79
C GLY A 193 9.03 35.02 -0.08
N SER A 194 8.98 35.14 1.23
CA SER A 194 10.18 35.44 1.96
C SER A 194 10.65 34.33 2.90
N HIS A 195 10.58 33.08 2.46
CA HIS A 195 11.00 32.01 3.35
C HIS A 195 12.15 31.25 2.78
N GLY A 196 12.84 31.83 1.82
CA GLY A 196 14.05 31.22 1.29
C GLY A 196 13.81 30.26 0.15
N ASN A 197 12.58 30.14 -0.31
CA ASN A 197 12.31 29.30 -1.48
C ASN A 197 11.81 30.11 -2.64
N MET A 198 12.00 29.62 -3.85
CA MET A 198 11.36 30.23 -4.99
C MET A 198 9.87 30.03 -4.85
N CYS A 199 9.10 31.07 -5.15
CA CYS A 199 7.65 31.03 -5.04
C CYS A 199 7.06 31.46 -6.34
N VAL A 200 5.95 30.87 -6.73
CA VAL A 200 5.25 31.25 -7.92
C VAL A 200 3.81 31.59 -7.65
N PHE A 201 3.45 32.87 -7.80
CA PHE A 201 2.07 33.31 -7.63
C PHE A 201 1.37 33.28 -8.95
N SER A 202 0.05 33.28 -8.94
CA SER A 202 -0.71 33.26 -10.16
C SER A 202 -1.70 34.36 -10.19
N PHE A 203 -1.85 34.99 -11.34
CA PHE A 203 -2.73 36.11 -11.49
C PHE A 203 -3.76 35.79 -12.53
N GLN A 204 -3.95 34.50 -12.77
CA GLN A 204 -4.95 34.01 -13.71
C GLN A 204 -6.32 34.53 -13.35
N ALA A 205 -7.23 34.55 -14.31
CA ALA A 205 -8.53 35.20 -14.16
C ALA A 205 -9.23 34.88 -12.86
N LEU A 206 -9.18 33.63 -12.42
CA LEU A 206 -9.93 33.20 -11.25
C LEU A 206 -9.23 33.48 -9.92
N LYS A 207 -7.98 33.93 -9.99
CA LYS A 207 -7.20 34.11 -8.78
C LYS A 207 -7.49 35.42 -8.07
N HIS A 208 -6.91 35.58 -6.89
CA HIS A 208 -7.22 36.71 -6.01
C HIS A 208 -6.85 38.01 -6.68
N LEU A 209 -5.59 38.13 -7.07
CA LEU A 209 -5.15 39.24 -7.86
C LEU A 209 -5.06 38.77 -9.29
N THR A 210 -5.88 39.31 -10.18
CA THR A 210 -5.87 38.82 -11.53
C THR A 210 -5.35 39.86 -12.51
N CYS A 211 -4.58 39.43 -13.50
CA CYS A 211 -4.07 40.28 -14.55
C CYS A 211 -4.72 39.90 -15.85
N GLY A 212 -5.83 39.18 -15.79
CA GLY A 212 -6.39 38.61 -16.98
C GLY A 212 -5.66 37.32 -17.18
N ASP A 213 -4.34 37.40 -17.19
CA ASP A 213 -3.47 36.25 -17.06
C ASP A 213 -2.11 36.74 -16.65
N GLY A 214 -1.41 36.02 -15.80
CA GLY A 214 -0.17 36.55 -15.29
C GLY A 214 0.31 35.74 -14.13
N GLY A 215 1.49 36.03 -13.64
CA GLY A 215 2.06 35.27 -12.56
C GLY A 215 3.23 36.02 -12.05
N LEU A 216 3.86 35.55 -11.00
CA LEU A 216 5.01 36.20 -10.40
C LEU A 216 5.90 35.15 -9.81
N LEU A 217 7.17 35.19 -10.15
CA LEU A 217 8.17 34.31 -9.60
C LEU A 217 9.01 35.07 -8.61
N THR A 218 9.09 34.65 -7.36
CA THR A 218 9.96 35.34 -6.41
C THR A 218 11.19 34.49 -6.15
N LEU A 219 12.35 35.11 -6.01
CA LEU A 219 13.59 34.39 -5.83
C LEU A 219 14.16 34.70 -4.46
N PRO A 220 14.88 33.75 -3.86
CA PRO A 220 15.52 33.90 -2.57
C PRO A 220 16.95 34.43 -2.61
N GLY A 221 17.49 34.63 -3.79
CA GLY A 221 18.88 35.05 -3.89
C GLY A 221 19.10 35.91 -5.11
N ASP A 222 20.16 36.70 -5.12
CA ASP A 222 20.36 37.63 -6.22
C ASP A 222 20.70 36.93 -7.53
N GLU A 223 21.51 35.90 -7.47
CA GLU A 223 21.94 35.25 -8.69
C GLU A 223 20.76 34.61 -9.40
N LEU A 224 19.83 34.06 -8.66
CA LEU A 224 18.68 33.47 -9.30
C LEU A 224 17.87 34.54 -9.95
N HIS A 225 17.81 35.68 -9.29
CA HIS A 225 17.04 36.79 -9.78
C HIS A 225 17.56 37.30 -11.12
N GLU A 226 18.87 37.47 -11.24
CA GLU A 226 19.45 38.01 -12.45
C GLU A 226 19.11 37.07 -13.56
N ARG A 227 19.31 35.79 -13.34
CA ARG A 227 19.01 34.77 -14.33
C ARG A 227 17.57 34.69 -14.73
N ALA A 228 16.65 34.83 -13.80
CA ALA A 228 15.24 34.73 -14.12
C ALA A 228 14.82 35.88 -15.01
N MET A 229 15.40 37.06 -14.77
CA MET A 229 15.15 38.24 -15.59
C MET A 229 15.56 38.05 -17.05
N LEU A 230 16.63 37.32 -17.28
CA LEU A 230 17.10 37.07 -18.61
C LEU A 230 16.28 35.94 -19.24
N ARG A 231 16.19 34.82 -18.56
CA ARG A 231 15.60 33.62 -19.15
C ARG A 231 14.09 33.71 -19.35
N ARG A 232 13.44 34.73 -18.80
CA ARG A 232 12.01 34.87 -19.02
C ARG A 232 11.70 35.46 -20.38
N PHE A 233 12.73 35.91 -21.06
CA PHE A 233 12.66 36.44 -22.41
C PHE A 233 13.81 35.91 -23.24
N TYR A 234 13.80 34.62 -23.52
CA TYR A 234 14.73 33.95 -24.41
C TYR A 234 16.18 34.02 -24.01
N GLY A 235 16.48 34.65 -22.89
CA GLY A 235 17.85 34.77 -22.45
C GLY A 235 18.53 36.00 -23.02
N ILE A 236 17.71 36.83 -23.66
CA ILE A 236 18.10 38.03 -24.38
C ILE A 236 18.01 39.22 -23.47
N ASP A 237 19.11 39.92 -23.23
CA ASP A 237 19.13 41.19 -22.50
C ASP A 237 18.39 42.28 -23.30
N ARG A 238 17.27 42.77 -22.79
CA ARG A 238 16.48 43.72 -23.55
C ARG A 238 17.03 45.15 -23.58
N THR A 239 18.05 45.39 -22.77
CA THR A 239 18.72 46.65 -22.79
C THR A 239 19.98 46.52 -23.62
N ALA A 240 20.13 45.40 -24.31
CA ALA A 240 21.31 45.16 -25.13
C ALA A 240 21.12 45.70 -26.52
N ASP A 241 22.22 45.93 -27.21
CA ASP A 241 22.18 46.41 -28.57
C ASP A 241 21.81 45.29 -29.51
N ARG A 242 20.54 44.90 -29.55
CA ARG A 242 20.15 43.78 -30.37
C ARG A 242 20.25 44.07 -31.84
N LEU A 243 20.05 45.32 -32.20
CA LEU A 243 20.06 45.76 -33.60
C LEU A 243 21.40 45.53 -34.23
N ARG A 244 22.44 45.61 -33.41
CA ARG A 244 23.82 45.40 -33.82
C ARG A 244 24.37 44.05 -33.40
N GLY A 245 23.50 43.14 -32.97
CA GLY A 245 23.89 41.79 -32.64
C GLY A 245 24.83 41.69 -31.47
N ALA A 246 24.85 42.68 -30.59
CA ALA A 246 25.77 42.72 -29.47
C ALA A 246 25.17 42.19 -28.19
N TYR A 247 24.77 40.95 -28.17
CA TYR A 247 24.23 40.37 -26.98
C TYR A 247 24.52 38.91 -27.01
N ASP A 248 24.53 38.26 -25.85
CA ASP A 248 24.81 36.84 -25.77
C ASP A 248 23.80 36.09 -24.95
N VAL A 249 23.28 34.99 -25.45
CA VAL A 249 22.36 34.15 -24.68
C VAL A 249 23.11 33.05 -23.99
N ALA A 250 23.42 33.21 -22.71
CA ALA A 250 24.18 32.23 -21.93
C ALA A 250 23.32 31.04 -21.50
N GLU A 251 22.05 31.26 -21.25
CA GLU A 251 21.11 30.20 -21.00
C GLU A 251 19.85 30.47 -21.79
N TRP A 252 19.33 29.51 -22.52
CA TRP A 252 18.16 29.77 -23.33
C TRP A 252 16.93 29.93 -22.48
N GLY A 253 15.85 30.42 -23.08
CA GLY A 253 14.59 30.63 -22.41
C GLY A 253 13.47 30.67 -23.43
N LEU A 254 12.26 30.97 -23.00
CA LEU A 254 11.16 31.12 -23.94
C LEU A 254 10.41 32.40 -23.66
N LYS A 255 9.18 32.50 -24.14
CA LYS A 255 8.45 33.73 -23.93
C LYS A 255 7.71 33.61 -22.65
N TRP A 256 8.39 33.88 -21.55
CA TRP A 256 7.77 33.64 -20.28
C TRP A 256 7.41 34.91 -19.56
N HIS A 257 7.84 36.04 -20.11
CA HIS A 257 7.69 37.32 -19.46
C HIS A 257 6.28 37.88 -19.61
N MET A 258 5.98 38.98 -18.92
CA MET A 258 4.67 39.62 -18.93
C MET A 258 4.70 40.93 -19.64
N THR A 259 3.64 41.26 -20.35
CA THR A 259 3.64 42.50 -21.10
C THR A 259 2.88 43.60 -20.36
N ASP A 260 3.02 44.84 -20.81
CA ASP A 260 2.43 45.96 -20.11
C ASP A 260 0.93 45.89 -20.16
N LEU A 261 0.42 45.18 -21.14
CA LEU A 261 -1.01 45.10 -21.30
C LEU A 261 -1.64 44.52 -20.07
N ASN A 262 -1.11 43.39 -19.61
CA ASN A 262 -1.61 42.72 -18.42
C ASN A 262 -1.16 43.35 -17.12
N ALA A 263 0.07 43.82 -17.05
CA ALA A 263 0.56 44.48 -15.87
C ALA A 263 -0.36 45.58 -15.43
N ALA A 264 -0.94 46.27 -16.39
CA ALA A 264 -1.88 47.36 -16.10
C ALA A 264 -3.12 46.86 -15.38
N ILE A 265 -3.63 45.72 -15.81
CA ILE A 265 -4.81 45.14 -15.17
C ILE A 265 -4.47 44.77 -13.73
N GLY A 266 -3.32 44.17 -13.51
CA GLY A 266 -2.88 43.84 -12.17
C GLY A 266 -2.77 45.04 -11.27
N LEU A 267 -2.36 46.16 -11.82
CA LEU A 267 -2.27 47.42 -11.08
C LEU A 267 -3.62 47.94 -10.65
N ALA A 268 -4.62 47.72 -11.48
CA ALA A 268 -5.94 48.17 -11.19
C ALA A 268 -6.56 47.33 -10.09
N ASN A 269 -6.27 46.04 -10.14
CA ASN A 269 -6.83 45.08 -9.21
C ASN A 269 -6.12 45.03 -7.89
N LEU A 270 -4.90 45.55 -7.82
CA LEU A 270 -4.21 45.68 -6.54
C LEU A 270 -4.95 46.60 -5.63
N GLU A 271 -5.76 47.46 -6.22
CA GLU A 271 -6.51 48.42 -5.45
C GLU A 271 -7.62 47.76 -4.68
N THR A 272 -8.10 46.63 -5.15
CA THR A 272 -9.28 46.00 -4.55
C THR A 272 -9.01 44.61 -3.97
N VAL A 273 -7.80 44.08 -4.15
CA VAL A 273 -7.53 42.70 -3.77
C VAL A 273 -7.55 42.46 -2.25
N ASP A 274 -7.16 43.44 -1.45
CA ASP A 274 -7.07 43.24 0.00
C ASP A 274 -8.44 43.09 0.61
N GLU A 275 -9.37 43.92 0.16
CA GLU A 275 -10.72 43.89 0.68
C GLU A 275 -11.34 42.58 0.32
N GLN A 276 -11.09 42.11 -0.88
CA GLN A 276 -11.68 40.86 -1.31
C GLN A 276 -11.03 39.70 -0.60
N LEU A 277 -9.77 39.86 -0.26
CA LEU A 277 -9.06 38.83 0.46
C LEU A 277 -9.61 38.80 1.86
N ARG A 278 -9.92 39.98 2.40
CA ARG A 278 -10.49 40.07 3.74
C ARG A 278 -11.80 39.31 3.78
N LEU A 279 -12.65 39.51 2.79
CA LEU A 279 -13.91 38.80 2.73
C LEU A 279 -13.78 37.29 2.54
N HIS A 280 -12.74 36.85 1.84
CA HIS A 280 -12.50 35.41 1.67
C HIS A 280 -12.32 34.80 3.02
N ARG A 281 -11.50 35.45 3.84
CA ARG A 281 -11.15 34.93 5.14
C ARG A 281 -12.30 35.12 6.11
N GLU A 282 -13.00 36.23 5.97
CA GLU A 282 -14.15 36.50 6.80
C GLU A 282 -15.24 35.47 6.56
N ASN A 283 -15.46 35.09 5.31
CA ASN A 283 -16.44 34.06 5.00
C ASN A 283 -16.00 32.69 5.46
N ALA A 284 -14.71 32.42 5.38
CA ALA A 284 -14.19 31.15 5.88
C ALA A 284 -14.34 31.05 7.37
N ALA A 285 -14.12 32.15 8.10
CA ALA A 285 -14.29 32.18 9.55
C ALA A 285 -15.72 31.80 9.96
N PHE A 286 -16.69 32.40 9.29
CA PHE A 286 -18.10 32.10 9.45
C PHE A 286 -18.34 30.62 9.31
N TYR A 287 -17.81 30.02 8.26
CA TYR A 287 -17.98 28.60 8.08
C TYR A 287 -17.37 27.80 9.22
N ASP A 288 -16.18 28.16 9.65
CA ASP A 288 -15.51 27.45 10.73
C ASP A 288 -16.34 27.46 12.02
N LYS A 289 -17.08 28.55 12.22
CA LYS A 289 -17.92 28.72 13.39
C LYS A 289 -19.24 28.00 13.27
N GLU A 290 -19.86 28.10 12.11
CA GLU A 290 -21.25 27.70 11.97
C GLU A 290 -21.40 26.29 11.43
N LEU A 291 -20.30 25.58 11.21
CA LEU A 291 -20.41 24.23 10.67
C LEU A 291 -19.81 23.14 11.56
N THR A 292 -19.46 23.48 12.80
CA THR A 292 -19.00 22.47 13.72
C THR A 292 -20.17 21.62 14.13
N GLY A 293 -19.89 20.38 14.48
CA GLY A 293 -20.90 19.49 15.00
C GLY A 293 -21.99 19.20 14.00
N VAL A 294 -21.60 19.05 12.74
CA VAL A 294 -22.56 18.60 11.75
C VAL A 294 -22.25 17.14 11.51
N PRO A 295 -23.26 16.29 11.70
CA PRO A 295 -23.05 14.85 11.56
C PRO A 295 -22.77 14.50 10.12
N GLY A 296 -21.61 13.92 9.86
CA GLY A 296 -21.25 13.55 8.50
C GLY A 296 -20.44 14.61 7.78
N LEU A 297 -20.04 15.65 8.50
CA LEU A 297 -19.20 16.67 7.92
C LEU A 297 -17.99 16.90 8.80
N GLU A 298 -16.80 16.70 8.26
CA GLU A 298 -15.57 16.88 9.00
C GLU A 298 -14.82 18.10 8.46
N LEU A 299 -14.62 19.13 9.28
CA LEU A 299 -13.87 20.30 8.88
C LEU A 299 -12.39 19.98 8.86
N LEU A 300 -11.61 20.82 8.19
CA LEU A 300 -10.18 20.62 8.13
C LEU A 300 -9.52 21.33 9.27
N GLN A 301 -8.49 20.74 9.84
CA GLN A 301 -7.90 21.35 11.00
C GLN A 301 -6.79 22.28 10.58
N ARG A 302 -6.96 23.57 10.83
CA ARG A 302 -5.98 24.55 10.38
C ARG A 302 -5.19 25.17 11.52
N SER A 303 -3.88 25.20 11.33
CA SER A 303 -2.95 25.72 12.31
C SER A 303 -3.01 27.23 12.46
N PRO A 304 -2.75 27.73 13.68
CA PRO A 304 -2.81 29.16 13.97
C PRO A 304 -1.49 29.90 13.76
N ASP A 305 -0.44 29.20 13.34
CA ASP A 305 0.84 29.86 13.10
C ASP A 305 0.93 30.33 11.65
N ARG A 306 -0.21 30.42 10.99
CA ARG A 306 -0.23 30.83 9.61
C ARG A 306 -1.55 31.44 9.22
N GLU A 307 -1.56 32.15 8.11
CA GLU A 307 -2.78 32.80 7.63
C GLU A 307 -3.02 32.47 6.16
N GLY A 308 -4.07 31.73 5.90
CA GLY A 308 -4.35 31.24 4.58
C GLY A 308 -5.11 32.22 3.74
N SER A 309 -5.56 31.79 2.57
CA SER A 309 -6.22 32.72 1.67
C SER A 309 -7.54 32.22 1.15
N PHE A 310 -7.81 30.95 1.35
CA PHE A 310 -9.11 30.38 1.03
C PHE A 310 -9.61 30.64 -0.36
N TYR A 311 -8.92 30.07 -1.33
CA TYR A 311 -9.35 30.11 -2.71
C TYR A 311 -10.74 29.48 -2.78
N VAL A 312 -10.87 28.35 -2.10
CA VAL A 312 -12.15 27.69 -1.87
C VAL A 312 -12.18 27.19 -0.44
N TYR A 313 -13.35 26.76 0.02
CA TYR A 313 -13.45 26.21 1.36
C TYR A 313 -13.57 24.71 1.28
N ASP A 314 -12.57 24.03 1.82
CA ASP A 314 -12.49 22.58 1.78
C ASP A 314 -13.13 21.93 2.98
N VAL A 315 -13.97 20.93 2.75
CA VAL A 315 -14.50 20.10 3.82
C VAL A 315 -14.47 18.66 3.34
N LYS A 316 -14.58 17.71 4.28
CA LYS A 316 -14.69 16.29 3.96
C LYS A 316 -16.04 15.82 4.43
N VAL A 317 -16.77 15.10 3.58
CA VAL A 317 -18.11 14.67 3.95
C VAL A 317 -18.39 13.18 3.71
N ASP A 318 -19.31 12.63 4.49
CA ASP A 318 -19.77 11.27 4.29
C ASP A 318 -20.95 11.25 3.34
N ASP A 319 -21.14 10.11 2.68
CA ASP A 319 -22.20 9.95 1.68
C ASP A 319 -22.18 11.14 0.75
N ARG A 320 -21.01 11.38 0.15
CA ARG A 320 -20.80 12.53 -0.71
C ARG A 320 -21.75 12.64 -1.90
N PRO A 321 -22.05 11.53 -2.58
CA PRO A 321 -22.96 11.71 -3.72
C PRO A 321 -24.29 12.35 -3.33
N ALA A 322 -24.78 12.04 -2.14
CA ALA A 322 -26.00 12.66 -1.66
C ALA A 322 -25.78 14.14 -1.42
N PHE A 323 -24.63 14.45 -0.85
CA PHE A 323 -24.23 15.82 -0.58
C PHE A 323 -24.26 16.66 -1.85
N HIS A 324 -23.59 16.15 -2.88
CA HIS A 324 -23.52 16.82 -4.17
C HIS A 324 -24.90 17.14 -4.68
N ARG A 325 -25.77 16.14 -4.66
CA ARG A 325 -27.12 16.32 -5.18
C ARG A 325 -27.81 17.37 -4.36
N LYS A 326 -27.48 17.41 -3.08
CA LYS A 326 -28.10 18.39 -2.21
C LYS A 326 -27.70 19.79 -2.61
N MET A 327 -26.41 20.01 -2.78
CA MET A 327 -25.92 21.33 -3.17
C MET A 327 -26.46 21.74 -4.52
N GLU A 328 -26.44 20.82 -5.48
CA GLU A 328 -26.95 21.13 -6.81
C GLU A 328 -28.40 21.57 -6.70
N ALA A 329 -29.16 20.90 -5.85
CA ALA A 329 -30.57 21.24 -5.67
C ALA A 329 -30.73 22.61 -5.06
N ALA A 330 -29.79 22.98 -4.19
CA ALA A 330 -29.83 24.24 -3.46
C ALA A 330 -29.24 25.36 -4.26
N GLY A 331 -28.79 25.05 -5.47
CA GLY A 331 -28.21 26.07 -6.31
C GLY A 331 -26.87 26.49 -5.78
N ILE A 332 -26.08 25.53 -5.33
CA ILE A 332 -24.74 25.83 -4.87
C ILE A 332 -23.71 25.01 -5.64
N MET A 333 -22.79 25.69 -6.29
CA MET A 333 -21.73 25.02 -7.02
C MET A 333 -20.78 24.47 -6.00
N ALA A 334 -20.57 23.17 -6.00
CA ALA A 334 -19.60 22.57 -5.08
C ALA A 334 -18.96 21.37 -5.72
N GLY A 335 -17.70 21.14 -5.39
CA GLY A 335 -16.99 20.03 -5.98
C GLY A 335 -15.48 20.15 -5.92
N LEU A 336 -14.83 19.64 -6.95
CA LEU A 336 -13.38 19.56 -7.03
C LEU A 336 -12.75 20.65 -7.91
N VAL A 337 -11.59 21.13 -7.52
CA VAL A 337 -10.81 21.98 -8.41
C VAL A 337 -10.30 21.12 -9.56
N SER A 338 -9.70 19.98 -9.24
CA SER A 338 -9.17 19.05 -10.24
C SER A 338 -9.19 17.57 -9.82
N ARG A 339 -9.30 16.69 -10.79
CA ARG A 339 -9.10 15.27 -10.55
C ARG A 339 -7.70 15.05 -10.06
N ARG A 340 -7.52 14.09 -9.17
CA ARG A 340 -6.19 13.78 -8.67
C ARG A 340 -5.32 13.47 -9.86
N ASN A 341 -4.13 14.05 -9.91
CA ASN A 341 -3.39 14.02 -11.16
C ASN A 341 -2.84 12.66 -11.55
N ASP A 342 -2.63 11.79 -10.59
CA ASP A 342 -2.01 10.49 -10.83
C ASP A 342 -2.93 9.53 -11.54
N GLU A 343 -4.21 9.89 -11.60
CA GLU A 343 -5.23 9.07 -12.23
C GLU A 343 -5.36 9.32 -13.71
N HIS A 344 -4.65 10.31 -14.23
CA HIS A 344 -4.67 10.59 -15.65
C HIS A 344 -3.92 9.55 -16.47
N SER A 345 -4.44 9.22 -17.64
CA SER A 345 -3.84 8.13 -18.39
C SER A 345 -2.45 8.44 -18.91
N CYS A 346 -2.10 9.72 -18.96
CA CYS A 346 -0.80 10.13 -19.44
C CYS A 346 0.30 9.93 -18.41
N VAL A 347 -0.07 9.57 -17.18
CA VAL A 347 0.90 9.27 -16.15
C VAL A 347 0.57 7.94 -15.48
N ALA A 348 0.02 7.04 -16.28
CA ALA A 348 -0.33 5.72 -15.81
C ALA A 348 0.91 4.98 -15.36
N HIS A 349 2.04 5.32 -15.96
CA HIS A 349 3.31 4.67 -15.65
C HIS A 349 3.89 5.14 -14.34
N LEU A 350 3.31 6.17 -13.75
CA LEU A 350 3.79 6.74 -12.50
C LEU A 350 2.94 6.49 -11.28
N ARG A 351 1.91 5.65 -11.41
CA ARG A 351 0.98 5.36 -10.32
C ARG A 351 1.73 4.77 -9.17
N THR A 352 1.41 5.23 -7.98
CA THR A 352 2.02 4.69 -6.79
C THR A 352 0.94 4.61 -5.73
N SER A 353 1.18 3.87 -4.66
CA SER A 353 0.19 3.75 -3.61
C SER A 353 0.18 4.97 -2.74
N LEU A 354 -0.97 5.63 -2.66
CA LEU A 354 -1.12 6.82 -1.84
C LEU A 354 -2.32 6.71 -0.89
N PRO A 355 -2.18 5.94 0.21
CA PRO A 355 -3.31 5.68 1.10
C PRO A 355 -3.98 6.93 1.69
N GLY A 356 -3.15 7.91 2.06
CA GLY A 356 -3.63 9.14 2.66
C GLY A 356 -4.61 9.83 1.75
N LEU A 357 -4.22 10.07 0.50
CA LEU A 357 -5.13 10.67 -0.45
C LEU A 357 -6.33 9.78 -0.68
N ASP A 358 -6.08 8.48 -0.74
CA ASP A 358 -7.13 7.51 -1.04
C ASP A 358 -8.26 7.56 -0.03
N SER A 359 -7.94 7.98 1.18
CA SER A 359 -8.91 7.99 2.25
C SER A 359 -9.78 9.22 2.30
N VAL A 360 -9.46 10.25 1.50
CA VAL A 360 -10.22 11.51 1.54
C VAL A 360 -10.81 11.85 0.19
N TYR A 361 -10.26 11.28 -0.88
CA TYR A 361 -10.60 11.71 -2.22
C TYR A 361 -12.06 11.45 -2.57
N ASP A 362 -12.68 10.54 -1.86
CA ASP A 362 -14.07 10.22 -2.12
C ASP A 362 -14.93 10.94 -1.11
N ARG A 363 -14.27 11.75 -0.27
CA ARG A 363 -14.92 12.53 0.76
C ARG A 363 -14.77 14.05 0.57
N MET A 364 -13.83 14.44 -0.28
CA MET A 364 -13.49 15.84 -0.57
C MET A 364 -14.58 16.64 -1.22
N VAL A 365 -14.73 17.89 -0.82
CA VAL A 365 -15.57 18.78 -1.60
C VAL A 365 -15.24 20.23 -1.23
N SER A 366 -15.15 21.07 -2.26
CA SER A 366 -14.81 22.46 -2.08
C SER A 366 -16.04 23.32 -2.17
N LEU A 367 -16.14 24.30 -1.29
CA LEU A 367 -17.32 25.15 -1.19
C LEU A 367 -16.97 26.59 -1.43
N PRO A 368 -17.89 27.35 -2.02
CA PRO A 368 -17.74 28.79 -2.26
C PRO A 368 -17.43 29.59 -1.01
N VAL A 369 -16.39 30.41 -1.05
CA VAL A 369 -16.01 31.17 0.12
C VAL A 369 -15.55 32.57 -0.26
N GLY A 370 -15.55 32.86 -1.55
CA GLY A 370 -14.96 34.07 -2.08
C GLY A 370 -15.72 35.32 -1.76
N TRP A 371 -15.22 36.45 -2.28
CA TRP A 371 -15.75 37.78 -2.01
C TRP A 371 -17.16 37.99 -2.56
N TRP A 372 -17.61 37.14 -3.47
CA TRP A 372 -18.88 37.40 -4.12
C TRP A 372 -20.07 36.96 -3.31
N LEU A 373 -19.81 36.32 -2.18
CA LEU A 373 -20.87 35.79 -1.34
C LEU A 373 -21.48 36.86 -0.49
N THR A 374 -22.76 37.11 -0.72
CA THR A 374 -23.50 38.03 0.13
C THR A 374 -23.65 37.38 1.48
N GLU A 375 -24.02 38.15 2.51
CA GLU A 375 -24.28 37.58 3.83
C GLU A 375 -25.39 36.54 3.70
N GLN A 376 -26.36 36.88 2.86
CA GLN A 376 -27.50 36.05 2.55
C GLN A 376 -27.03 34.74 1.92
N ASP A 377 -25.97 34.80 1.12
CA ASP A 377 -25.46 33.61 0.45
C ASP A 377 -24.79 32.65 1.38
N ARG A 378 -23.93 33.15 2.25
CA ARG A 378 -23.18 32.25 3.09
C ARG A 378 -24.11 31.63 4.10
N GLU A 379 -25.16 32.34 4.47
CA GLU A 379 -26.14 31.77 5.37
C GLU A 379 -26.88 30.64 4.66
N HIS A 380 -27.19 30.85 3.40
CA HIS A 380 -27.86 29.84 2.60
C HIS A 380 -27.05 28.56 2.41
N VAL A 381 -25.72 28.67 2.44
CA VAL A 381 -24.88 27.50 2.30
C VAL A 381 -24.91 26.68 3.57
N VAL A 382 -24.70 27.34 4.70
CA VAL A 382 -24.72 26.67 6.00
C VAL A 382 -26.09 26.04 6.29
N ALA A 383 -27.14 26.79 6.04
CA ALA A 383 -28.48 26.29 6.22
C ALA A 383 -28.67 24.99 5.44
N THR A 384 -28.29 25.02 4.17
CA THR A 384 -28.43 23.84 3.32
C THR A 384 -27.59 22.67 3.81
N ILE A 385 -26.40 22.95 4.30
CA ILE A 385 -25.54 21.89 4.81
C ILE A 385 -26.05 21.30 6.10
N ARG A 386 -26.46 22.15 7.04
CA ARG A 386 -26.88 21.68 8.36
C ARG A 386 -28.17 20.89 8.30
N SER A 387 -29.04 21.23 7.36
CA SER A 387 -30.32 20.55 7.21
C SER A 387 -30.12 19.12 6.70
N GLY A 388 -28.88 18.67 6.64
CA GLY A 388 -28.56 17.28 6.36
C GLY A 388 -28.72 16.82 4.93
N TRP A 389 -28.21 15.63 4.65
CA TRP A 389 -28.32 15.02 3.33
C TRP A 389 -28.28 13.51 3.47
N SER B 12 20.70 61.13 -26.64
CA SER B 12 21.50 61.36 -25.44
C SER B 12 20.66 61.16 -24.19
N GLY B 13 20.18 59.95 -24.01
CA GLY B 13 19.51 59.53 -22.78
C GLY B 13 18.04 59.93 -22.65
N LEU B 14 17.73 61.17 -23.03
CA LEU B 14 16.35 61.67 -23.02
C LEU B 14 16.05 62.47 -24.26
N VAL B 15 16.88 62.35 -25.29
CA VAL B 15 16.87 63.25 -26.45
C VAL B 15 17.00 62.53 -27.79
N PRO B 16 17.86 63.08 -28.66
CA PRO B 16 18.26 62.71 -30.03
C PRO B 16 19.21 63.76 -30.64
N ARG B 17 18.87 64.27 -31.82
CA ARG B 17 19.75 65.22 -32.52
C ARG B 17 19.03 66.37 -33.26
N GLY B 18 18.15 67.10 -32.58
CA GLY B 18 17.43 68.23 -33.19
C GLY B 18 15.96 67.96 -33.51
N SER B 19 15.72 66.84 -34.23
CA SER B 19 14.37 66.36 -34.65
C SER B 19 14.35 65.06 -35.54
N HIS B 20 13.34 64.19 -35.33
CA HIS B 20 12.92 63.07 -36.24
C HIS B 20 13.73 61.74 -36.34
N MET B 21 13.03 60.60 -36.34
CA MET B 21 13.58 59.22 -36.51
C MET B 21 12.65 58.18 -37.19
N ILE B 22 13.19 57.26 -38.00
CA ILE B 22 12.37 56.24 -38.67
C ILE B 22 12.56 54.84 -38.11
N PRO B 23 11.50 54.23 -37.55
CA PRO B 23 11.66 53.00 -36.82
C PRO B 23 11.63 51.77 -37.73
N LEU B 24 12.35 50.73 -37.36
CA LEU B 24 12.41 49.51 -38.13
C LEU B 24 11.22 48.61 -37.87
N PHE B 25 10.72 48.62 -36.63
CA PHE B 25 9.51 47.88 -36.24
C PHE B 25 8.51 48.81 -35.60
N LYS B 26 7.22 48.49 -35.68
CA LYS B 26 6.21 49.33 -35.04
C LYS B 26 4.91 48.59 -34.80
N VAL B 27 4.15 49.02 -33.81
CA VAL B 27 2.94 48.33 -33.40
C VAL B 27 1.65 48.87 -34.00
N ALA B 28 0.94 48.04 -34.75
CA ALA B 28 -0.31 48.43 -35.36
C ALA B 28 -1.49 48.19 -34.44
N VAL B 29 -2.17 49.25 -34.03
CA VAL B 29 -3.26 49.10 -33.06
C VAL B 29 -4.49 49.84 -33.55
N SER B 30 -5.42 49.11 -34.14
CA SER B 30 -6.65 49.68 -34.68
C SER B 30 -7.32 50.54 -33.64
N PRO B 31 -7.96 51.63 -34.08
CA PRO B 31 -8.64 52.52 -33.14
C PRO B 31 -9.83 51.83 -32.47
N THR B 32 -10.37 50.80 -33.11
CA THR B 32 -11.49 50.07 -32.55
C THR B 32 -11.02 48.97 -31.62
N ALA B 33 -9.71 48.84 -31.40
CA ALA B 33 -9.21 47.78 -30.54
C ALA B 33 -9.70 47.97 -29.12
N LEU B 34 -9.62 49.18 -28.61
CA LEU B 34 -10.09 49.43 -27.25
C LEU B 34 -11.58 49.20 -27.15
N ASP B 35 -12.32 49.50 -28.20
CA ASP B 35 -13.73 49.18 -28.21
C ASP B 35 -13.93 47.69 -28.03
N ARG B 36 -13.23 46.88 -28.82
CA ARG B 36 -13.44 45.44 -28.77
C ARG B 36 -12.99 44.85 -27.43
N VAL B 37 -12.05 45.52 -26.77
CA VAL B 37 -11.59 45.08 -25.46
C VAL B 37 -12.58 45.40 -24.38
N ALA B 38 -13.15 46.58 -24.42
CA ALA B 38 -14.17 46.99 -23.46
C ALA B 38 -15.33 46.00 -23.48
N GLU B 39 -15.68 45.48 -24.66
CA GLU B 39 -16.73 44.49 -24.79
C GLU B 39 -16.38 43.19 -24.08
N VAL B 40 -15.10 42.86 -24.03
CA VAL B 40 -14.66 41.68 -23.31
C VAL B 40 -14.78 41.90 -21.81
N PHE B 41 -14.39 43.06 -21.36
CA PHE B 41 -14.52 43.36 -19.94
C PHE B 41 -15.98 43.36 -19.52
N ALA B 42 -16.85 43.89 -20.37
CA ALA B 42 -18.27 43.86 -20.11
C ALA B 42 -18.81 42.42 -20.06
N SER B 43 -18.13 41.49 -20.69
CA SER B 43 -18.61 40.12 -20.74
C SER B 43 -18.41 39.46 -19.40
N GLY B 44 -17.47 40.00 -18.63
CA GLY B 44 -17.15 39.45 -17.33
C GLY B 44 -16.23 38.26 -17.40
N TYR B 45 -15.90 37.83 -18.62
CA TYR B 45 -15.01 36.69 -18.81
C TYR B 45 -13.79 37.09 -19.60
N LEU B 46 -12.62 36.88 -19.00
CA LEU B 46 -11.34 37.28 -19.56
C LEU B 46 -10.55 36.08 -20.11
N GLY B 47 -11.12 34.90 -19.98
CA GLY B 47 -10.45 33.69 -20.40
C GLY B 47 -10.83 33.30 -21.80
N GLN B 48 -10.50 32.09 -22.19
CA GLN B 48 -10.78 31.59 -23.52
C GLN B 48 -12.26 31.40 -23.71
N GLY B 49 -12.88 32.31 -24.46
CA GLY B 49 -14.32 32.31 -24.57
C GLY B 49 -14.79 32.33 -26.00
N PRO B 50 -15.89 33.02 -26.27
CA PRO B 50 -16.52 33.09 -27.59
C PRO B 50 -15.76 34.00 -28.55
N ARG B 51 -14.94 34.90 -28.05
CA ARG B 51 -14.20 35.78 -28.92
C ARG B 51 -13.07 35.02 -29.57
N VAL B 52 -12.40 34.19 -28.79
CA VAL B 52 -11.38 33.31 -29.32
C VAL B 52 -11.98 32.45 -30.40
N ALA B 53 -13.20 32.01 -30.21
CA ALA B 53 -13.84 31.23 -31.24
C ALA B 53 -14.11 32.08 -32.46
N GLU B 54 -14.55 33.31 -32.23
CA GLU B 54 -14.84 34.25 -33.29
C GLU B 54 -13.62 34.53 -34.13
N PHE B 55 -12.50 34.73 -33.45
CA PHE B 55 -11.20 35.01 -34.07
C PHE B 55 -10.75 33.87 -34.96
N GLU B 56 -10.78 32.66 -34.42
CA GLU B 56 -10.38 31.48 -35.16
C GLU B 56 -11.23 31.24 -36.40
N SER B 57 -12.52 31.56 -36.34
CA SER B 57 -13.38 31.38 -37.52
C SER B 57 -13.00 32.39 -38.58
N ALA B 58 -12.68 33.60 -38.14
CA ALA B 58 -12.26 34.65 -39.06
C ALA B 58 -10.97 34.26 -39.74
N LEU B 59 -10.02 33.80 -38.96
CA LEU B 59 -8.74 33.41 -39.51
C LEU B 59 -8.86 32.21 -40.42
N ALA B 60 -9.63 31.21 -40.02
CA ALA B 60 -9.78 30.03 -40.87
C ALA B 60 -10.37 30.38 -42.20
N ALA B 61 -11.29 31.34 -42.21
CA ALA B 61 -11.93 31.78 -43.44
C ALA B 61 -10.93 32.37 -44.40
N ARG B 62 -10.06 33.25 -43.90
CA ARG B 62 -9.04 33.88 -44.74
C ARG B 62 -8.04 32.88 -45.26
N LEU B 63 -7.61 31.97 -44.39
CA LEU B 63 -6.53 31.06 -44.71
C LEU B 63 -6.97 29.87 -45.53
N GLY B 64 -8.26 29.62 -45.57
CA GLY B 64 -8.78 28.47 -46.31
C GLY B 64 -8.44 27.16 -45.64
N ASN B 65 -8.08 27.24 -44.37
CA ASN B 65 -7.73 26.07 -43.59
C ASN B 65 -8.59 26.10 -42.35
N PRO B 66 -9.49 25.13 -42.21
CA PRO B 66 -10.41 25.14 -41.08
C PRO B 66 -9.75 24.66 -39.80
N ARG B 67 -8.60 24.02 -39.91
CA ARG B 67 -7.90 23.47 -38.76
C ARG B 67 -6.91 24.44 -38.13
N VAL B 68 -7.41 25.54 -37.58
CA VAL B 68 -6.56 26.51 -36.93
C VAL B 68 -6.73 26.43 -35.43
N VAL B 69 -5.67 26.70 -34.69
CA VAL B 69 -5.72 26.62 -33.25
C VAL B 69 -5.02 27.83 -32.65
N SER B 70 -5.78 28.76 -32.08
CA SER B 70 -5.16 29.95 -31.52
C SER B 70 -4.38 29.61 -30.27
N VAL B 71 -3.23 30.26 -30.07
CA VAL B 71 -2.38 29.97 -28.93
C VAL B 71 -1.86 31.25 -28.31
N HIS B 72 -1.21 31.15 -27.16
CA HIS B 72 -0.80 32.31 -26.40
C HIS B 72 0.19 33.20 -27.12
N SER B 73 1.07 32.61 -27.90
CA SER B 73 2.13 33.32 -28.58
C SER B 73 2.69 32.42 -29.65
N GLY B 74 3.44 32.97 -30.58
CA GLY B 74 4.06 32.17 -31.61
C GLY B 74 4.98 31.12 -31.06
N THR B 75 5.75 31.45 -30.03
CA THR B 75 6.67 30.49 -29.43
C THR B 75 5.92 29.33 -28.84
N SER B 76 4.77 29.61 -28.23
CA SER B 76 3.91 28.57 -27.71
C SER B 76 3.42 27.69 -28.85
N GLY B 77 3.02 28.31 -29.94
CA GLY B 77 2.62 27.56 -31.10
C GLY B 77 3.71 26.63 -31.59
N LEU B 78 4.96 27.06 -31.53
CA LEU B 78 6.05 26.20 -31.98
C LEU B 78 6.22 25.05 -31.03
N CYS B 79 6.17 25.33 -29.74
CA CYS B 79 6.32 24.33 -28.69
C CYS B 79 5.25 23.27 -28.76
N LEU B 80 4.04 23.72 -28.99
CA LEU B 80 2.93 22.81 -29.12
C LEU B 80 3.15 21.94 -30.33
N ALA B 81 3.49 22.56 -31.45
CA ALA B 81 3.72 21.83 -32.68
C ALA B 81 4.75 20.73 -32.50
N LEU B 82 5.79 21.00 -31.75
CA LEU B 82 6.83 20.02 -31.53
C LEU B 82 6.38 18.91 -30.61
N ARG B 83 5.44 19.20 -29.73
CA ARG B 83 4.93 18.16 -28.83
C ARG B 83 4.02 17.22 -29.57
N LEU B 84 3.30 17.74 -30.54
CA LEU B 84 2.36 16.92 -31.30
C LEU B 84 3.06 15.87 -32.15
N LEU B 85 4.36 16.01 -32.31
CA LEU B 85 5.14 15.07 -33.09
C LEU B 85 5.25 13.73 -32.41
N ASP B 86 4.76 12.71 -33.12
CA ASP B 86 4.86 11.36 -32.66
C ASP B 86 6.01 10.69 -33.39
N ALA B 87 7.10 10.46 -32.67
CA ALA B 87 8.28 9.83 -33.25
C ALA B 87 9.16 9.36 -32.12
N PRO B 88 9.92 8.29 -32.35
CA PRO B 88 10.70 7.69 -31.27
C PRO B 88 11.79 8.59 -30.74
N GLU B 89 12.09 8.44 -29.46
CA GLU B 89 13.05 9.26 -28.75
C GLU B 89 14.43 9.25 -29.39
N GLU B 90 14.71 8.23 -30.18
CA GLU B 90 16.00 8.12 -30.85
C GLU B 90 16.11 8.98 -32.10
N ARG B 91 14.99 9.43 -32.64
CA ARG B 91 15.00 10.53 -33.61
C ARG B 91 15.08 11.86 -32.86
N ASP B 92 16.28 12.31 -32.53
CA ASP B 92 16.43 13.46 -31.63
C ASP B 92 16.94 14.75 -32.29
N GLU B 93 17.01 14.76 -33.61
CA GLU B 93 17.61 15.86 -34.36
C GLU B 93 16.58 16.78 -35.00
N VAL B 94 16.66 18.07 -34.76
CA VAL B 94 15.81 18.98 -35.49
C VAL B 94 16.69 19.88 -36.33
N LEU B 95 16.37 19.95 -37.61
CA LEU B 95 17.16 20.73 -38.53
C LEU B 95 16.61 22.12 -38.61
N SER B 96 17.45 23.10 -38.35
CA SER B 96 17.02 24.47 -38.42
C SER B 96 18.17 25.37 -38.75
N THR B 97 17.87 26.54 -39.27
CA THR B 97 18.92 27.47 -39.64
C THR B 97 19.20 28.47 -38.53
N PRO B 98 20.46 28.89 -38.38
CA PRO B 98 20.69 29.75 -37.23
C PRO B 98 20.33 31.21 -37.46
N LEU B 99 19.96 31.60 -38.66
CA LEU B 99 19.55 32.96 -38.95
C LEU B 99 18.05 33.09 -38.82
N THR B 100 17.56 33.08 -37.60
CA THR B 100 16.16 33.28 -37.27
C THR B 100 16.08 34.06 -35.99
N PHE B 101 14.86 34.23 -35.49
CA PHE B 101 14.69 34.71 -34.15
C PHE B 101 14.93 33.55 -33.17
N GLU B 102 15.47 33.85 -31.99
CA GLU B 102 15.89 32.84 -31.05
C GLU B 102 14.75 31.94 -30.64
N ALA B 103 13.53 32.40 -30.71
CA ALA B 103 12.40 31.58 -30.33
C ALA B 103 12.36 30.33 -31.16
N THR B 104 12.63 30.45 -32.44
CA THR B 104 12.58 29.29 -33.32
C THR B 104 13.48 28.14 -32.85
N ASN B 105 14.65 28.45 -32.31
CA ASN B 105 15.58 27.40 -31.98
C ASN B 105 15.56 27.05 -30.51
N TRP B 106 15.17 27.97 -29.66
CA TRP B 106 15.04 27.67 -28.25
C TRP B 106 13.86 26.77 -28.05
N ALA B 107 12.86 26.83 -28.92
CA ALA B 107 11.74 25.92 -28.86
C ALA B 107 12.22 24.48 -29.03
N ILE B 108 13.20 24.30 -29.87
CA ILE B 108 13.81 23.00 -30.09
C ILE B 108 14.51 22.51 -28.84
N LEU B 109 15.24 23.37 -28.15
CA LEU B 109 15.90 22.97 -26.93
C LEU B 109 14.91 22.68 -25.81
N ALA B 110 13.84 23.46 -25.74
CA ALA B 110 12.82 23.24 -24.73
C ALA B 110 12.14 21.91 -24.91
N ASP B 111 12.09 21.43 -26.15
CA ASP B 111 11.50 20.15 -26.49
C ASP B 111 12.47 19.03 -26.23
N GLY B 112 13.64 19.37 -25.74
CA GLY B 112 14.64 18.39 -25.38
C GLY B 112 15.34 17.75 -26.54
N ARG B 113 15.31 18.38 -27.70
CA ARG B 113 15.93 17.80 -28.88
C ARG B 113 17.27 18.39 -29.17
N ARG B 114 17.91 17.89 -30.22
CA ARG B 114 19.21 18.37 -30.62
C ARG B 114 19.09 19.19 -31.89
N ILE B 115 19.76 20.33 -31.93
CA ILE B 115 19.77 21.15 -33.13
C ILE B 115 20.91 20.75 -34.06
N THR B 116 20.62 20.69 -35.34
CA THR B 116 21.66 20.54 -36.33
C THR B 116 21.51 21.73 -37.25
N TRP B 117 22.51 22.61 -37.27
CA TRP B 117 22.38 23.83 -38.04
C TRP B 117 22.42 23.60 -39.54
N VAL B 118 21.49 24.21 -40.25
CA VAL B 118 21.46 24.19 -41.69
C VAL B 118 21.85 25.59 -42.20
N ASP B 119 22.58 25.64 -43.30
CA ASP B 119 23.16 26.86 -43.81
C ASP B 119 22.14 27.81 -44.41
N VAL B 120 22.61 28.96 -44.88
CA VAL B 120 21.77 29.99 -45.43
C VAL B 120 22.06 30.25 -46.91
N ASP B 121 21.02 30.43 -47.69
CA ASP B 121 21.11 30.80 -49.08
C ASP B 121 21.43 32.28 -49.19
N PRO B 122 22.62 32.65 -49.62
CA PRO B 122 22.98 34.06 -49.59
C PRO B 122 22.15 34.93 -50.53
N ALA B 123 21.35 34.32 -51.39
CA ALA B 123 20.56 35.08 -52.32
C ALA B 123 19.29 35.58 -51.68
N THR B 124 18.77 34.82 -50.74
CA THR B 124 17.48 35.12 -50.13
C THR B 124 17.56 35.25 -48.61
N LEU B 125 18.68 34.79 -48.06
CA LEU B 125 18.93 34.75 -46.62
C LEU B 125 17.95 33.83 -45.96
N THR B 126 17.39 32.88 -46.70
CA THR B 126 16.62 31.81 -46.09
C THR B 126 17.38 30.49 -46.18
N MET B 127 16.79 29.42 -45.62
CA MET B 127 17.48 28.15 -45.49
C MET B 127 17.97 27.62 -46.80
N ASP B 128 19.18 27.13 -46.80
CA ASP B 128 19.80 26.49 -47.95
C ASP B 128 19.24 25.10 -48.12
N LEU B 129 18.32 24.94 -49.08
CA LEU B 129 17.63 23.67 -49.22
C LEU B 129 18.57 22.59 -49.71
N ASP B 130 19.66 22.97 -50.34
CA ASP B 130 20.66 22.00 -50.70
C ASP B 130 21.29 21.48 -49.43
N ASP B 131 21.68 22.38 -48.55
CA ASP B 131 22.36 21.99 -47.33
C ASP B 131 21.42 21.21 -46.44
N LEU B 132 20.14 21.46 -46.55
CA LEU B 132 19.17 20.71 -45.77
C LEU B 132 19.22 19.25 -46.14
N GLU B 133 19.10 18.97 -47.43
CA GLU B 133 19.03 17.61 -47.96
C GLU B 133 20.24 16.83 -47.57
N ARG B 134 21.39 17.48 -47.53
CA ARG B 134 22.60 16.78 -47.16
C ARG B 134 22.56 16.39 -45.70
N LYS B 135 21.90 17.18 -44.87
CA LYS B 135 22.01 16.98 -43.42
C LYS B 135 20.91 16.12 -42.78
N ILE B 136 19.88 15.79 -43.54
CA ILE B 136 18.85 14.88 -43.08
C ILE B 136 19.49 13.55 -42.86
N SER B 137 19.29 13.00 -41.67
CA SER B 137 19.90 11.76 -41.25
C SER B 137 18.84 10.85 -40.67
N PRO B 138 19.20 9.61 -40.33
CA PRO B 138 18.22 8.80 -39.63
C PRO B 138 17.77 9.34 -38.29
N ALA B 139 18.40 10.39 -37.77
CA ALA B 139 18.03 10.93 -36.47
C ALA B 139 17.07 12.07 -36.60
N THR B 140 16.87 12.50 -37.83
CA THR B 140 16.06 13.67 -38.08
C THR B 140 14.61 13.45 -37.73
N ARG B 141 14.21 14.17 -36.71
CA ARG B 141 12.87 14.17 -36.18
C ARG B 141 11.97 15.09 -36.94
N ALA B 142 12.45 16.30 -37.20
CA ALA B 142 11.66 17.30 -37.90
C ALA B 142 12.54 18.37 -38.45
N ILE B 143 11.94 19.26 -39.22
CA ILE B 143 12.64 20.35 -39.87
C ILE B 143 11.85 21.61 -39.67
N ILE B 144 12.47 22.65 -39.15
CA ILE B 144 11.77 23.91 -39.01
C ILE B 144 12.26 24.90 -40.05
N VAL B 145 11.41 25.23 -41.02
CA VAL B 145 11.76 26.21 -42.03
C VAL B 145 11.12 27.55 -41.71
N VAL B 146 11.91 28.61 -41.80
CA VAL B 146 11.43 29.93 -41.45
C VAL B 146 11.34 30.81 -42.67
N HIS B 147 10.15 31.27 -42.97
CA HIS B 147 9.94 32.22 -44.02
C HIS B 147 10.46 33.58 -43.57
N TRP B 148 11.76 33.71 -43.47
CA TRP B 148 12.42 34.82 -42.84
C TRP B 148 12.11 36.18 -43.44
N THR B 149 11.78 37.13 -42.56
CA THR B 149 11.39 38.49 -42.89
C THR B 149 10.22 38.56 -43.87
N GLY B 150 9.58 37.44 -44.11
CA GLY B 150 8.35 37.43 -44.85
C GLY B 150 8.41 36.69 -46.15
N TYR B 151 9.56 36.13 -46.48
CA TYR B 151 9.71 35.49 -47.76
C TYR B 151 9.54 33.99 -47.69
N PRO B 152 8.50 33.45 -48.34
CA PRO B 152 8.23 32.02 -48.37
C PRO B 152 9.36 31.18 -48.96
N VAL B 153 9.78 30.16 -48.23
CA VAL B 153 10.77 29.24 -48.69
C VAL B 153 10.14 28.33 -49.77
N ASP B 154 10.96 27.78 -50.65
CA ASP B 154 10.46 26.93 -51.73
C ASP B 154 9.81 25.63 -51.24
N LEU B 155 8.50 25.68 -50.99
CA LEU B 155 7.82 24.56 -50.38
C LEU B 155 7.71 23.32 -51.24
N ASP B 156 7.46 23.47 -52.54
CA ASP B 156 7.35 22.31 -53.40
C ASP B 156 8.67 21.59 -53.47
N ARG B 157 9.75 22.36 -53.50
CA ARG B 157 11.08 21.77 -53.52
C ARG B 157 11.36 21.01 -52.28
N LEU B 158 10.90 21.56 -51.18
CA LEU B 158 11.05 20.94 -49.88
C LEU B 158 10.28 19.61 -49.87
N ALA B 159 9.11 19.60 -50.50
CA ALA B 159 8.33 18.38 -50.53
C ALA B 159 9.09 17.32 -51.29
N GLY B 160 9.73 17.73 -52.37
CA GLY B 160 10.53 16.80 -53.13
C GLY B 160 11.67 16.27 -52.29
N ILE B 161 12.36 17.17 -51.60
CA ILE B 161 13.47 16.77 -50.74
C ILE B 161 13.04 15.72 -49.74
N LEU B 162 11.86 15.90 -49.17
CA LEU B 162 11.33 14.96 -48.20
C LEU B 162 10.91 13.66 -48.85
N ASP B 163 10.33 13.77 -50.04
CA ASP B 163 9.92 12.61 -50.79
C ASP B 163 11.11 11.69 -50.96
N ARG B 164 12.24 12.25 -51.34
CA ARG B 164 13.43 11.47 -51.55
C ARG B 164 13.97 10.94 -50.24
N ALA B 165 13.89 11.72 -49.18
CA ALA B 165 14.40 11.29 -47.89
C ALA B 165 13.57 10.14 -47.31
N GLU B 166 12.29 10.13 -47.62
CA GLU B 166 11.40 9.10 -47.12
C GLU B 166 11.66 7.80 -47.84
N ARG B 167 11.75 7.89 -49.16
CA ARG B 167 12.04 6.75 -50.01
C ARG B 167 13.33 6.10 -49.54
N GLU B 168 14.27 6.92 -49.09
CA GLU B 168 15.55 6.39 -48.62
C GLU B 168 15.45 5.59 -47.34
N HIS B 169 15.17 6.24 -46.20
CA HIS B 169 15.16 5.48 -44.96
C HIS B 169 13.91 5.53 -44.09
N GLY B 170 12.84 4.91 -44.56
CA GLY B 170 11.67 4.62 -43.74
C GLY B 170 10.74 5.78 -43.42
N PHE B 171 11.24 6.72 -42.63
CA PHE B 171 10.49 7.85 -42.08
C PHE B 171 10.48 9.08 -42.97
N ARG B 172 9.34 9.76 -43.03
CA ARG B 172 9.30 11.10 -43.63
C ARG B 172 9.15 12.16 -42.54
N PRO B 173 10.21 12.94 -42.29
CA PRO B 173 10.31 13.98 -41.25
C PRO B 173 9.22 15.03 -41.32
N ALA B 174 8.77 15.52 -40.18
CA ALA B 174 7.76 16.55 -40.18
C ALA B 174 8.40 17.87 -40.47
N VAL B 175 7.64 18.75 -41.08
CA VAL B 175 8.06 20.10 -41.38
C VAL B 175 7.16 21.01 -40.61
N ILE B 176 7.76 21.92 -39.87
CA ILE B 176 7.01 22.94 -39.17
C ILE B 176 7.43 24.25 -39.78
N GLU B 177 6.47 24.97 -40.35
CA GLU B 177 6.75 26.27 -40.95
C GLU B 177 6.58 27.39 -39.94
N ASP B 178 7.64 28.15 -39.75
CA ASP B 178 7.60 29.30 -38.86
C ASP B 178 7.14 30.55 -39.62
N CYS B 179 5.87 30.92 -39.52
CA CYS B 179 5.34 32.03 -40.30
C CYS B 179 5.24 33.33 -39.55
N ALA B 180 6.12 33.57 -38.58
CA ALA B 180 6.06 34.76 -37.74
C ALA B 180 6.06 36.06 -38.57
N HIS B 181 6.92 36.07 -39.58
CA HIS B 181 7.10 37.22 -40.44
C HIS B 181 6.26 37.19 -41.68
N ALA B 182 5.49 36.13 -41.89
CA ALA B 182 4.90 35.92 -43.19
C ALA B 182 3.41 35.88 -43.18
N TRP B 183 2.77 36.70 -42.34
CA TRP B 183 1.32 36.77 -42.37
C TRP B 183 0.85 37.29 -43.71
N GLY B 184 -0.13 36.63 -44.29
CA GLY B 184 -0.71 37.12 -45.52
C GLY B 184 0.03 36.64 -46.74
N ALA B 185 1.16 35.99 -46.51
CA ALA B 185 2.00 35.53 -47.60
C ALA B 185 1.39 34.33 -48.27
N SER B 186 1.68 34.15 -49.55
CA SER B 186 1.22 32.99 -50.28
C SER B 186 2.38 32.37 -51.02
N TYR B 187 2.20 31.13 -51.43
CA TYR B 187 3.22 30.43 -52.17
C TYR B 187 2.54 29.72 -53.30
N ARG B 188 2.85 30.16 -54.53
CA ARG B 188 2.25 29.66 -55.75
C ARG B 188 0.74 29.74 -55.66
N GLY B 189 0.25 30.89 -55.24
CA GLY B 189 -1.18 31.15 -55.27
C GLY B 189 -1.94 30.67 -54.07
N VAL B 190 -1.29 29.84 -53.27
CA VAL B 190 -1.92 29.22 -52.12
C VAL B 190 -1.38 29.89 -50.87
N PRO B 191 -2.27 30.37 -50.00
CA PRO B 191 -1.84 30.99 -48.76
C PRO B 191 -1.04 30.04 -47.92
N LEU B 192 -0.05 30.55 -47.19
CA LEU B 192 0.72 29.75 -46.25
C LEU B 192 -0.26 29.13 -45.28
N GLY B 193 0.00 27.91 -44.85
CA GLY B 193 -0.93 27.27 -43.96
C GLY B 193 -1.66 26.17 -44.65
N SER B 194 -1.65 26.21 -45.98
CA SER B 194 -2.34 25.21 -46.76
C SER B 194 -1.42 24.35 -47.63
N HIS B 195 -0.28 23.94 -47.11
CA HIS B 195 0.64 23.12 -47.92
C HIS B 195 1.01 21.81 -47.29
N GLY B 196 0.24 21.36 -46.31
CA GLY B 196 0.45 20.06 -45.71
C GLY B 196 1.42 20.03 -44.55
N ASN B 197 1.88 21.19 -44.12
CA ASN B 197 2.75 21.27 -42.95
C ASN B 197 2.07 21.98 -41.81
N MET B 198 2.51 21.72 -40.60
CA MET B 198 2.07 22.54 -39.47
C MET B 198 2.68 23.92 -39.68
N CYS B 199 1.88 24.96 -39.45
CA CYS B 199 2.36 26.34 -39.60
C CYS B 199 2.10 27.10 -38.32
N VAL B 200 3.02 27.96 -37.94
CA VAL B 200 2.82 28.79 -36.75
C VAL B 200 2.90 30.28 -37.04
N PHE B 201 1.78 30.99 -36.93
CA PHE B 201 1.82 32.41 -37.14
C PHE B 201 2.07 33.12 -35.82
N SER B 202 2.49 34.37 -35.88
CA SER B 202 2.71 35.15 -34.66
C SER B 202 1.92 36.43 -34.66
N PHE B 203 1.37 36.79 -33.53
CA PHE B 203 0.58 37.98 -33.43
C PHE B 203 1.16 38.89 -32.38
N GLN B 204 2.44 38.73 -32.11
CA GLN B 204 3.18 39.59 -31.22
C GLN B 204 3.05 41.04 -31.67
N ALA B 205 3.32 41.97 -30.77
CA ALA B 205 3.08 43.38 -31.01
C ALA B 205 3.63 43.89 -32.34
N LEU B 206 4.84 43.50 -32.68
CA LEU B 206 5.48 44.09 -33.83
C LEU B 206 5.06 43.41 -35.12
N LYS B 207 4.32 42.33 -35.03
CA LYS B 207 3.97 41.57 -36.20
C LYS B 207 2.82 42.22 -36.92
N HIS B 208 2.49 41.72 -38.10
CA HIS B 208 1.48 42.34 -38.93
C HIS B 208 0.14 42.35 -38.26
N LEU B 209 -0.38 41.17 -37.94
CA LEU B 209 -1.64 41.09 -37.23
C LEU B 209 -1.31 40.90 -35.80
N THR B 210 -1.63 41.84 -34.94
CA THR B 210 -1.19 41.69 -33.57
C THR B 210 -2.34 41.56 -32.62
N CYS B 211 -2.15 40.71 -31.62
CA CYS B 211 -3.11 40.50 -30.54
C CYS B 211 -2.55 41.02 -29.23
N GLY B 212 -1.51 41.84 -29.29
CA GLY B 212 -0.80 42.26 -28.12
C GLY B 212 0.24 41.22 -27.87
N ASP B 213 -0.21 39.98 -27.83
CA ASP B 213 0.63 38.81 -27.95
C ASP B 213 -0.27 37.68 -28.35
N GLY B 214 0.21 36.74 -29.13
CA GLY B 214 -0.71 35.76 -29.63
C GLY B 214 -0.04 34.95 -30.69
N GLY B 215 -0.73 33.94 -31.19
CA GLY B 215 -0.15 33.07 -32.20
C GLY B 215 -1.23 32.17 -32.74
N LEU B 216 -0.92 31.40 -33.78
CA LEU B 216 -1.91 30.52 -34.36
C LEU B 216 -1.23 29.30 -34.95
N LEU B 217 -1.67 28.11 -34.56
CA LEU B 217 -1.13 26.89 -35.12
C LEU B 217 -2.14 26.33 -36.07
N THR B 218 -1.76 26.14 -37.33
CA THR B 218 -2.64 25.50 -38.27
C THR B 218 -2.14 24.10 -38.54
N LEU B 219 -3.07 23.16 -38.62
CA LEU B 219 -2.74 21.76 -38.77
C LEU B 219 -3.17 21.27 -40.12
N PRO B 220 -2.45 20.30 -40.67
CA PRO B 220 -2.76 19.73 -41.98
C PRO B 220 -3.74 18.58 -41.92
N GLY B 221 -4.07 18.11 -40.72
CA GLY B 221 -4.95 16.98 -40.57
C GLY B 221 -5.82 17.04 -39.33
N ASP B 222 -6.93 16.31 -39.33
CA ASP B 222 -7.89 16.39 -38.25
C ASP B 222 -7.38 15.78 -36.98
N GLU B 223 -6.60 14.71 -37.08
CA GLU B 223 -6.12 14.06 -35.88
C GLU B 223 -5.17 14.96 -35.12
N LEU B 224 -4.33 15.69 -35.85
CA LEU B 224 -3.45 16.65 -35.22
C LEU B 224 -4.25 17.80 -34.67
N HIS B 225 -5.29 18.18 -35.40
CA HIS B 225 -6.11 19.29 -34.98
C HIS B 225 -6.70 19.03 -33.62
N GLU B 226 -7.25 17.83 -33.43
CA GLU B 226 -7.90 17.48 -32.18
C GLU B 226 -6.91 17.46 -31.04
N ARG B 227 -5.76 16.85 -31.26
CA ARG B 227 -4.78 16.76 -30.20
C ARG B 227 -4.37 18.16 -29.79
N ALA B 228 -4.27 19.07 -30.75
CA ALA B 228 -3.88 20.44 -30.48
C ALA B 228 -4.94 21.20 -29.69
N MET B 229 -6.20 20.98 -30.01
CA MET B 229 -7.27 21.67 -29.30
C MET B 229 -7.18 21.35 -27.83
N LEU B 230 -6.77 20.13 -27.50
CA LEU B 230 -6.68 19.65 -26.12
C LEU B 230 -5.40 20.06 -25.44
N ARG B 231 -4.27 19.78 -26.05
CA ARG B 231 -2.99 19.99 -25.37
C ARG B 231 -2.63 21.45 -25.18
N ARG B 232 -3.35 22.38 -25.81
CA ARG B 232 -3.05 23.79 -25.65
C ARG B 232 -3.56 24.29 -24.31
N PHE B 233 -4.30 23.45 -23.60
CA PHE B 233 -4.76 23.74 -22.27
C PHE B 233 -4.63 22.53 -21.35
N TYR B 234 -3.40 22.16 -21.05
CA TYR B 234 -3.07 21.12 -20.09
C TYR B 234 -3.58 19.71 -20.43
N GLY B 235 -4.25 19.56 -21.55
CA GLY B 235 -4.81 18.28 -21.92
C GLY B 235 -6.21 18.13 -21.40
N ILE B 236 -6.76 19.20 -20.86
CA ILE B 236 -8.07 19.18 -20.22
C ILE B 236 -9.20 19.51 -21.17
N ASP B 237 -10.15 18.61 -21.36
CA ASP B 237 -11.36 18.95 -22.10
C ASP B 237 -12.11 20.01 -21.33
N ARG B 238 -12.26 21.18 -21.91
CA ARG B 238 -12.85 22.31 -21.20
C ARG B 238 -14.38 22.21 -21.13
N THR B 239 -14.95 21.29 -21.89
CA THR B 239 -16.39 21.10 -21.86
C THR B 239 -16.79 19.96 -20.94
N ALA B 240 -15.82 19.33 -20.30
CA ALA B 240 -16.11 18.20 -19.44
C ALA B 240 -16.51 18.68 -18.06
N ASP B 241 -17.24 17.84 -17.32
CA ASP B 241 -17.66 18.17 -15.97
C ASP B 241 -16.47 18.06 -15.05
N ARG B 242 -15.61 19.08 -15.09
CA ARG B 242 -14.36 19.09 -14.33
C ARG B 242 -14.61 19.15 -12.84
N LEU B 243 -15.76 19.71 -12.48
CA LEU B 243 -16.15 19.89 -11.10
C LEU B 243 -16.30 18.55 -10.42
N ARG B 244 -16.65 17.55 -11.22
CA ARG B 244 -16.87 16.21 -10.74
C ARG B 244 -15.72 15.30 -11.10
N GLY B 245 -14.63 15.87 -11.56
CA GLY B 245 -13.44 15.11 -11.87
C GLY B 245 -13.60 14.20 -13.07
N ALA B 246 -14.57 14.49 -13.92
CA ALA B 246 -14.90 13.62 -15.04
C ALA B 246 -14.14 13.92 -16.31
N TYR B 247 -12.82 13.83 -16.27
CA TYR B 247 -12.04 14.05 -17.47
C TYR B 247 -10.71 13.32 -17.39
N ASP B 248 -10.09 13.05 -18.53
CA ASP B 248 -8.78 12.41 -18.55
C ASP B 248 -7.82 13.13 -19.47
N VAL B 249 -6.61 13.33 -18.98
CA VAL B 249 -5.52 13.91 -19.75
C VAL B 249 -4.71 12.82 -20.42
N ALA B 250 -5.02 12.60 -21.69
CA ALA B 250 -4.38 11.52 -22.43
C ALA B 250 -2.96 11.87 -22.79
N GLU B 251 -2.75 13.14 -23.09
CA GLU B 251 -1.44 13.72 -23.36
C GLU B 251 -1.36 15.02 -22.60
N TRP B 252 -0.30 15.23 -21.86
CA TRP B 252 -0.23 16.45 -21.08
C TRP B 252 0.01 17.68 -21.92
N GLY B 253 -0.17 18.86 -21.34
CA GLY B 253 0.05 20.09 -22.05
C GLY B 253 0.35 21.20 -21.07
N LEU B 254 0.49 22.42 -21.55
CA LEU B 254 0.72 23.55 -20.67
C LEU B 254 -0.27 24.65 -20.98
N LYS B 255 0.00 25.86 -20.53
CA LYS B 255 -0.93 26.95 -20.78
C LYS B 255 -0.60 27.62 -22.09
N TRP B 256 -1.03 27.02 -23.18
CA TRP B 256 -0.60 27.46 -24.48
C TRP B 256 -1.72 28.14 -25.23
N HIS B 257 -2.93 28.15 -24.68
CA HIS B 257 -4.09 28.70 -25.39
C HIS B 257 -4.10 30.22 -25.31
N MET B 258 -5.02 30.83 -26.05
CA MET B 258 -5.16 32.27 -26.12
C MET B 258 -6.47 32.67 -25.49
N THR B 259 -6.49 33.78 -24.77
CA THR B 259 -7.69 34.18 -24.06
C THR B 259 -8.50 35.20 -24.84
N ASP B 260 -9.72 35.46 -24.40
CA ASP B 260 -10.63 36.35 -25.10
C ASP B 260 -10.12 37.77 -25.10
N LEU B 261 -9.28 38.09 -24.14
CA LEU B 261 -8.77 39.44 -24.04
C LEU B 261 -7.94 39.79 -25.26
N ASN B 262 -7.01 38.93 -25.62
CA ASN B 262 -6.18 39.18 -26.76
C ASN B 262 -6.90 38.92 -28.07
N ALA B 263 -7.75 37.90 -28.12
CA ALA B 263 -8.53 37.65 -29.32
C ALA B 263 -9.33 38.86 -29.72
N ALA B 264 -9.78 39.62 -28.75
CA ALA B 264 -10.55 40.82 -29.03
C ALA B 264 -9.71 41.82 -29.79
N ILE B 265 -8.45 41.97 -29.41
CA ILE B 265 -7.56 42.89 -30.08
C ILE B 265 -7.30 42.44 -31.50
N GLY B 266 -6.96 41.18 -31.67
CA GLY B 266 -6.73 40.62 -32.99
C GLY B 266 -7.93 40.77 -33.88
N LEU B 267 -9.14 40.69 -33.34
CA LEU B 267 -10.31 40.87 -34.19
C LEU B 267 -10.40 42.28 -34.73
N ALA B 268 -9.94 43.24 -33.95
CA ALA B 268 -9.98 44.62 -34.37
C ALA B 268 -8.93 44.89 -35.43
N ASN B 269 -7.78 44.27 -35.29
CA ASN B 269 -6.69 44.57 -36.19
C ASN B 269 -6.88 43.85 -37.52
N LEU B 270 -7.77 42.87 -37.56
CA LEU B 270 -8.11 42.24 -38.82
C LEU B 270 -8.78 43.21 -39.76
N GLU B 271 -9.37 44.27 -39.22
CA GLU B 271 -10.04 45.28 -40.03
C GLU B 271 -9.06 46.12 -40.85
N THR B 272 -7.82 46.19 -40.37
CA THR B 272 -6.82 47.08 -40.92
C THR B 272 -5.58 46.38 -41.44
N VAL B 273 -5.49 45.06 -41.25
CA VAL B 273 -4.25 44.36 -41.55
C VAL B 273 -3.96 44.30 -43.04
N ASP B 274 -5.01 44.20 -43.85
CA ASP B 274 -4.83 44.00 -45.28
C ASP B 274 -4.20 45.21 -45.93
N GLU B 275 -4.69 46.38 -45.55
CA GLU B 275 -4.22 47.63 -46.07
C GLU B 275 -2.77 47.86 -45.73
N GLN B 276 -2.41 47.53 -44.50
CA GLN B 276 -1.06 47.71 -44.00
C GLN B 276 -0.15 46.70 -44.65
N LEU B 277 -0.69 45.55 -44.97
CA LEU B 277 0.13 44.56 -45.62
C LEU B 277 0.43 45.02 -47.03
N ARG B 278 -0.56 45.66 -47.64
CA ARG B 278 -0.44 46.22 -48.98
C ARG B 278 0.65 47.26 -49.01
N LEU B 279 0.65 48.17 -48.04
CA LEU B 279 1.66 49.20 -47.98
C LEU B 279 3.04 48.63 -47.78
N HIS B 280 3.11 47.51 -47.07
CA HIS B 280 4.38 46.83 -46.84
C HIS B 280 4.99 46.42 -48.14
N ARG B 281 4.17 45.83 -48.98
CA ARG B 281 4.62 45.29 -50.22
C ARG B 281 4.87 46.41 -51.22
N GLU B 282 4.03 47.43 -51.16
CA GLU B 282 4.14 48.60 -52.00
C GLU B 282 5.43 49.37 -51.73
N ASN B 283 5.84 49.49 -50.49
CA ASN B 283 7.10 50.13 -50.17
C ASN B 283 8.28 49.26 -50.55
N ALA B 284 8.15 47.96 -50.43
CA ALA B 284 9.23 47.09 -50.85
C ALA B 284 9.41 47.22 -52.35
N ALA B 285 8.30 47.32 -53.07
CA ALA B 285 8.31 47.48 -54.51
C ALA B 285 9.07 48.72 -54.88
N PHE B 286 8.77 49.81 -54.19
CA PHE B 286 9.48 51.06 -54.37
C PHE B 286 10.98 50.89 -54.21
N TYR B 287 11.40 50.25 -53.12
CA TYR B 287 12.81 50.01 -52.89
C TYR B 287 13.41 49.15 -53.99
N ASP B 288 12.69 48.11 -54.40
CA ASP B 288 13.17 47.23 -55.45
C ASP B 288 13.45 48.01 -56.73
N LYS B 289 12.65 49.03 -56.97
CA LYS B 289 12.77 49.82 -58.16
C LYS B 289 13.88 50.82 -58.04
N GLU B 290 13.95 51.50 -56.90
CA GLU B 290 14.78 52.68 -56.83
C GLU B 290 16.13 52.39 -56.27
N LEU B 291 16.43 51.13 -55.98
CA LEU B 291 17.73 50.81 -55.40
C LEU B 291 18.58 49.88 -56.25
N THR B 292 18.16 49.63 -57.47
CA THR B 292 18.96 48.82 -58.37
C THR B 292 20.15 49.62 -58.81
N GLY B 293 21.24 48.92 -59.09
CA GLY B 293 22.40 49.59 -59.62
C GLY B 293 22.94 50.62 -58.67
N VAL B 294 22.90 50.33 -57.38
CA VAL B 294 23.58 51.19 -56.41
C VAL B 294 24.86 50.47 -56.02
N PRO B 295 26.00 51.14 -56.15
CA PRO B 295 27.31 50.56 -55.89
C PRO B 295 27.53 50.25 -54.44
N GLY B 296 27.81 48.99 -54.13
CA GLY B 296 28.05 48.56 -52.77
C GLY B 296 26.82 48.05 -52.06
N LEU B 297 25.74 47.92 -52.80
CA LEU B 297 24.49 47.44 -52.26
C LEU B 297 23.96 46.32 -53.12
N GLU B 298 23.79 45.16 -52.52
CA GLU B 298 23.33 44.00 -53.24
C GLU B 298 21.96 43.63 -52.75
N LEU B 299 20.98 43.74 -53.63
CA LEU B 299 19.62 43.38 -53.28
C LEU B 299 19.46 41.87 -53.26
N LEU B 300 18.38 41.42 -52.66
CA LEU B 300 18.07 40.01 -52.57
C LEU B 300 17.25 39.53 -53.75
N GLN B 301 17.52 38.32 -54.22
CA GLN B 301 16.79 37.83 -55.36
C GLN B 301 15.54 37.09 -54.92
N ARG B 302 14.38 37.62 -55.26
CA ARG B 302 13.15 36.99 -54.84
C ARG B 302 12.45 36.35 -56.02
N SER B 303 12.03 35.11 -55.86
CA SER B 303 11.30 34.39 -56.88
C SER B 303 9.90 34.93 -57.01
N PRO B 304 9.37 34.98 -58.23
CA PRO B 304 8.05 35.56 -58.48
C PRO B 304 6.89 34.56 -58.36
N ASP B 305 7.17 33.32 -58.02
CA ASP B 305 6.11 32.33 -57.88
C ASP B 305 5.56 32.30 -56.46
N ARG B 306 5.82 33.36 -55.72
CA ARG B 306 5.38 33.46 -54.34
C ARG B 306 5.25 34.90 -53.97
N GLU B 307 4.52 35.20 -52.91
CA GLU B 307 4.31 36.59 -52.50
C GLU B 307 4.58 36.76 -51.03
N GLY B 308 5.63 37.51 -50.70
CA GLY B 308 6.05 37.68 -49.33
C GLY B 308 5.31 38.75 -48.57
N SER B 309 5.80 39.08 -47.38
CA SER B 309 5.13 40.04 -46.51
C SER B 309 6.05 41.15 -46.03
N PHE B 310 7.35 40.99 -46.23
CA PHE B 310 8.30 42.08 -45.97
C PHE B 310 8.14 42.64 -44.58
N TYR B 311 8.43 41.84 -43.59
CA TYR B 311 8.44 42.29 -42.21
C TYR B 311 9.43 43.45 -42.13
N VAL B 312 10.60 43.23 -42.72
CA VAL B 312 11.59 44.26 -42.91
C VAL B 312 12.18 44.08 -44.30
N TYR B 313 12.97 45.05 -44.76
CA TYR B 313 13.58 44.94 -46.07
C TYR B 313 15.05 44.60 -45.91
N ASP B 314 15.45 43.43 -46.34
CA ASP B 314 16.82 42.97 -46.17
C ASP B 314 17.68 43.32 -47.37
N VAL B 315 18.88 43.85 -47.14
CA VAL B 315 19.83 44.09 -48.22
C VAL B 315 21.18 43.66 -47.73
N LYS B 316 22.16 43.50 -48.62
CA LYS B 316 23.50 43.17 -48.19
C LYS B 316 24.40 44.32 -48.60
N VAL B 317 25.24 44.86 -47.73
CA VAL B 317 26.03 46.02 -48.12
C VAL B 317 27.51 45.91 -47.86
N ASP B 318 28.29 46.63 -48.65
CA ASP B 318 29.73 46.71 -48.43
C ASP B 318 30.04 47.86 -47.51
N ASP B 319 31.14 47.74 -46.81
CA ASP B 319 31.55 48.70 -45.80
C ASP B 319 30.37 49.05 -44.93
N ARG B 320 29.72 48.02 -44.39
CA ARG B 320 28.54 48.17 -43.56
C ARG B 320 28.72 49.07 -42.36
N PRO B 321 29.87 49.03 -41.68
CA PRO B 321 29.94 49.95 -40.55
C PRO B 321 29.69 51.40 -40.94
N ALA B 322 30.16 51.80 -42.12
CA ALA B 322 29.90 53.13 -42.64
C ALA B 322 28.44 53.30 -43.00
N PHE B 323 27.88 52.30 -43.66
CA PHE B 323 26.47 52.29 -43.97
C PHE B 323 25.67 52.50 -42.70
N HIS B 324 25.97 51.75 -41.65
CA HIS B 324 25.30 51.92 -40.37
C HIS B 324 25.40 53.34 -39.89
N ARG B 325 26.60 53.93 -39.92
CA ARG B 325 26.77 55.33 -39.49
C ARG B 325 25.94 56.26 -40.33
N LYS B 326 25.84 55.93 -41.61
CA LYS B 326 25.06 56.71 -42.53
C LYS B 326 23.61 56.67 -42.15
N MET B 327 23.06 55.50 -41.93
CA MET B 327 21.66 55.43 -41.55
C MET B 327 21.39 56.16 -40.22
N GLU B 328 22.29 56.02 -39.26
CA GLU B 328 22.12 56.68 -37.98
C GLU B 328 22.05 58.20 -38.12
N ALA B 329 22.94 58.77 -38.92
CA ALA B 329 22.99 60.22 -39.15
C ALA B 329 21.77 60.70 -39.87
N ALA B 330 21.28 59.86 -40.76
CA ALA B 330 20.14 60.17 -41.56
C ALA B 330 18.88 59.89 -40.82
N GLY B 331 19.02 59.42 -39.58
CA GLY B 331 17.91 59.13 -38.69
C GLY B 331 17.12 57.93 -39.12
N ILE B 332 17.78 56.90 -39.61
CA ILE B 332 17.09 55.69 -40.01
C ILE B 332 17.55 54.46 -39.25
N MET B 333 16.64 53.76 -38.59
CA MET B 333 16.98 52.56 -37.85
C MET B 333 17.25 51.43 -38.79
N ALA B 334 18.44 50.85 -38.71
CA ALA B 334 18.75 49.71 -39.56
C ALA B 334 19.66 48.74 -38.86
N GLY B 335 19.49 47.46 -39.15
CA GLY B 335 20.34 46.48 -38.52
C GLY B 335 19.78 45.09 -38.53
N LEU B 336 20.03 44.37 -37.44
CA LEU B 336 19.69 42.97 -37.35
C LEU B 336 18.41 42.77 -36.58
N VAL B 337 17.60 41.82 -37.00
CA VAL B 337 16.48 41.38 -36.22
C VAL B 337 17.05 40.64 -35.04
N SER B 338 17.99 39.73 -35.27
CA SER B 338 18.61 38.95 -34.21
C SER B 338 20.02 38.56 -34.55
N ARG B 339 20.84 38.33 -33.55
CA ARG B 339 22.14 37.74 -33.75
C ARG B 339 21.95 36.32 -34.32
N ARG B 340 22.88 35.83 -35.13
CA ARG B 340 22.78 34.46 -35.60
C ARG B 340 22.80 33.56 -34.38
N ASN B 341 21.84 32.66 -34.25
CA ASN B 341 21.62 32.00 -32.98
C ASN B 341 22.75 31.08 -32.64
N ASP B 342 23.51 30.62 -33.62
CA ASP B 342 24.54 29.65 -33.31
C ASP B 342 25.73 30.24 -32.61
N GLU B 343 25.80 31.55 -32.51
CA GLU B 343 26.96 32.13 -31.87
C GLU B 343 26.79 32.32 -30.41
N HIS B 344 25.58 32.08 -29.92
CA HIS B 344 25.29 32.24 -28.52
C HIS B 344 26.04 31.19 -27.75
N SER B 345 26.56 31.51 -26.57
CA SER B 345 27.42 30.56 -25.89
C SER B 345 26.67 29.37 -25.38
N CYS B 346 25.36 29.46 -25.29
CA CYS B 346 24.60 28.37 -24.74
C CYS B 346 24.43 27.21 -25.72
N VAL B 347 24.86 27.41 -26.97
CA VAL B 347 24.86 26.35 -27.94
C VAL B 347 26.24 26.27 -28.54
N ALA B 348 27.25 26.54 -27.73
CA ALA B 348 28.64 26.54 -28.16
C ALA B 348 29.05 25.21 -28.67
N HIS B 349 28.40 24.16 -28.20
CA HIS B 349 28.70 22.78 -28.58
C HIS B 349 28.11 22.30 -29.91
N LEU B 350 27.22 23.07 -30.51
CA LEU B 350 26.52 22.67 -31.71
C LEU B 350 27.09 23.33 -32.97
N ARG B 351 28.24 23.97 -32.82
CA ARG B 351 28.84 24.70 -33.91
C ARG B 351 29.14 23.85 -35.08
N THR B 352 28.78 24.31 -36.25
CA THR B 352 29.10 23.62 -37.48
C THR B 352 29.58 24.66 -38.47
N SER B 353 30.29 24.23 -39.50
CA SER B 353 30.76 25.16 -40.49
C SER B 353 29.62 25.53 -41.41
N LEU B 354 29.29 26.81 -41.48
CA LEU B 354 28.22 27.30 -42.31
C LEU B 354 28.67 28.40 -43.23
N PRO B 355 29.39 28.02 -44.30
CA PRO B 355 30.10 28.83 -45.29
C PRO B 355 29.20 29.87 -45.94
N GLY B 356 27.96 29.51 -46.17
CA GLY B 356 27.01 30.39 -46.82
C GLY B 356 26.80 31.63 -46.01
N LEU B 357 26.35 31.44 -44.77
CA LEU B 357 26.12 32.50 -43.81
C LEU B 357 27.39 33.21 -43.47
N ASP B 358 28.48 32.48 -43.37
CA ASP B 358 29.73 33.08 -42.99
C ASP B 358 30.09 34.18 -43.97
N SER B 359 29.52 34.11 -45.17
CA SER B 359 29.79 35.06 -46.25
C SER B 359 28.90 36.29 -46.34
N VAL B 360 27.79 36.32 -45.61
CA VAL B 360 26.84 37.41 -45.73
C VAL B 360 26.61 38.13 -44.41
N TYR B 361 27.00 37.46 -43.32
CA TYR B 361 26.65 37.96 -42.00
C TYR B 361 27.31 39.30 -41.73
N ASP B 362 28.37 39.66 -42.43
CA ASP B 362 28.98 40.94 -42.13
C ASP B 362 28.46 41.95 -43.11
N ARG B 363 27.52 41.53 -43.95
CA ARG B 363 26.97 42.42 -44.96
C ARG B 363 25.48 42.69 -44.77
N MET B 364 24.83 41.84 -43.99
CA MET B 364 23.40 41.89 -43.75
C MET B 364 22.92 43.12 -43.09
N VAL B 365 21.77 43.63 -43.54
CA VAL B 365 21.12 44.73 -42.83
C VAL B 365 19.67 44.86 -43.22
N SER B 366 18.81 45.10 -42.24
CA SER B 366 17.37 45.27 -42.45
C SER B 366 16.95 46.72 -42.42
N LEU B 367 16.03 47.07 -43.31
CA LEU B 367 15.60 48.45 -43.46
C LEU B 367 14.13 48.58 -43.21
N PRO B 368 13.69 49.74 -42.70
CA PRO B 368 12.29 50.04 -42.48
C PRO B 368 11.43 49.92 -43.73
N VAL B 369 10.32 49.21 -43.69
CA VAL B 369 9.55 49.07 -44.92
C VAL B 369 8.05 49.00 -44.61
N GLY B 370 7.71 49.11 -43.35
CA GLY B 370 6.34 48.89 -42.93
C GLY B 370 5.35 49.96 -43.31
N TRP B 371 4.11 49.80 -42.86
CA TRP B 371 3.01 50.70 -43.20
C TRP B 371 3.22 52.09 -42.64
N TRP B 372 4.13 52.23 -41.68
CA TRP B 372 4.26 53.49 -40.98
C TRP B 372 5.09 54.49 -41.75
N LEU B 373 5.65 54.05 -42.88
CA LEU B 373 6.48 54.93 -43.73
C LEU B 373 5.68 55.82 -44.63
N THR B 374 5.83 57.13 -44.45
CA THR B 374 5.25 58.09 -45.36
C THR B 374 5.99 58.01 -46.68
N GLU B 375 5.43 58.54 -47.75
CA GLU B 375 6.13 58.58 -49.05
C GLU B 375 7.42 59.31 -48.89
N GLN B 376 7.36 60.34 -48.09
CA GLN B 376 8.50 61.16 -47.81
C GLN B 376 9.58 60.34 -47.12
N ASP B 377 9.14 59.39 -46.30
CA ASP B 377 10.04 58.53 -45.54
C ASP B 377 10.76 57.55 -46.43
N ARG B 378 10.04 56.88 -47.32
CA ARG B 378 10.71 55.92 -48.13
C ARG B 378 11.62 56.61 -49.13
N GLU B 379 11.25 57.82 -49.54
CA GLU B 379 12.07 58.61 -50.44
C GLU B 379 13.34 59.02 -49.73
N HIS B 380 13.23 59.33 -48.44
CA HIS B 380 14.40 59.66 -47.63
C HIS B 380 15.37 58.51 -47.44
N VAL B 381 14.86 57.29 -47.43
CA VAL B 381 15.73 56.14 -47.25
C VAL B 381 16.50 55.95 -48.53
N VAL B 382 15.79 55.95 -49.65
CA VAL B 382 16.42 55.80 -50.94
C VAL B 382 17.42 56.92 -51.17
N ALA B 383 17.02 58.14 -50.87
CA ALA B 383 17.91 59.27 -51.02
C ALA B 383 19.20 59.07 -50.28
N THR B 384 19.09 58.72 -49.00
CA THR B 384 20.24 58.54 -48.14
C THR B 384 21.14 57.40 -48.58
N ILE B 385 20.53 56.33 -49.06
CA ILE B 385 21.28 55.19 -49.51
C ILE B 385 22.04 55.49 -50.78
N ARG B 386 21.37 56.12 -51.75
CA ARG B 386 21.99 56.41 -53.05
C ARG B 386 23.08 57.47 -52.92
N SER B 387 22.95 58.38 -51.97
CA SER B 387 23.93 59.43 -51.80
C SER B 387 25.26 58.90 -51.28
N GLY B 388 25.37 57.56 -51.23
CA GLY B 388 26.61 56.87 -50.92
C GLY B 388 27.00 56.82 -49.47
N TRP B 389 27.99 56.00 -49.14
CA TRP B 389 28.51 55.88 -47.79
C TRP B 389 29.96 55.44 -47.74
N PRO C 16 54.90 -37.88 -23.48
CA PRO C 16 54.13 -38.66 -24.47
C PRO C 16 55.01 -39.60 -25.30
N ARG C 17 54.65 -40.89 -25.27
CA ARG C 17 55.38 -42.05 -25.84
C ARG C 17 55.70 -42.11 -27.37
N GLY C 18 56.54 -41.18 -27.84
CA GLY C 18 56.97 -41.09 -29.22
C GLY C 18 56.66 -39.83 -30.02
N SER C 19 55.38 -39.39 -30.14
CA SER C 19 55.01 -38.15 -30.87
C SER C 19 53.49 -37.84 -31.08
N HIS C 20 53.12 -36.54 -31.00
CA HIS C 20 51.84 -35.89 -31.49
C HIS C 20 50.49 -36.06 -30.72
N MET C 21 49.73 -34.99 -30.51
CA MET C 21 48.38 -35.11 -29.92
C MET C 21 47.38 -34.05 -30.40
N ILE C 22 46.11 -34.44 -30.55
CA ILE C 22 45.03 -33.57 -31.01
C ILE C 22 44.05 -33.32 -29.90
N PRO C 23 43.91 -32.05 -29.49
CA PRO C 23 43.15 -31.64 -28.33
C PRO C 23 41.68 -31.47 -28.60
N LEU C 24 40.85 -31.68 -27.58
CA LEU C 24 39.42 -31.54 -27.72
C LEU C 24 39.05 -30.06 -27.57
N PHE C 25 39.74 -29.36 -26.67
CA PHE C 25 39.57 -27.93 -26.48
C PHE C 25 40.87 -27.17 -26.62
N LYS C 26 40.77 -25.91 -27.02
CA LYS C 26 41.95 -25.07 -27.17
C LYS C 26 41.61 -23.61 -27.03
N VAL C 27 42.61 -22.82 -26.61
CA VAL C 27 42.44 -21.39 -26.31
C VAL C 27 42.85 -20.51 -27.47
N ALA C 28 41.89 -19.75 -27.99
CA ALA C 28 42.11 -18.85 -29.12
C ALA C 28 42.55 -17.47 -28.67
N VAL C 29 43.77 -17.05 -29.01
CA VAL C 29 44.29 -15.75 -28.57
C VAL C 29 44.98 -14.97 -29.69
N SER C 30 44.28 -14.00 -30.24
CA SER C 30 44.77 -13.19 -31.33
C SER C 30 46.11 -12.61 -31.02
N PRO C 31 46.94 -12.40 -32.04
CA PRO C 31 48.25 -11.81 -31.75
C PRO C 31 48.13 -10.39 -31.21
N THR C 32 47.03 -9.71 -31.53
CA THR C 32 46.81 -8.36 -31.09
C THR C 32 46.21 -8.26 -29.69
N ALA C 33 45.95 -9.38 -29.05
CA ALA C 33 45.38 -9.36 -27.72
C ALA C 33 46.32 -8.68 -26.73
N LEU C 34 47.61 -8.96 -26.84
CA LEU C 34 48.56 -8.35 -25.94
C LEU C 34 48.65 -6.86 -26.17
N ASP C 35 48.57 -6.46 -27.43
CA ASP C 35 48.54 -5.05 -27.79
C ASP C 35 47.40 -4.34 -27.09
N ARG C 36 46.20 -4.90 -27.17
CA ARG C 36 45.05 -4.26 -26.59
C ARG C 36 45.14 -4.21 -25.09
N VAL C 37 45.87 -5.15 -24.52
CA VAL C 37 46.04 -5.19 -23.08
C VAL C 37 47.04 -4.16 -22.65
N ALA C 38 48.08 -3.98 -23.44
CA ALA C 38 49.10 -2.97 -23.15
C ALA C 38 48.49 -1.58 -23.05
N GLU C 39 47.49 -1.35 -23.89
CA GLU C 39 46.74 -0.13 -23.91
C GLU C 39 45.91 0.06 -22.64
N VAL C 40 45.38 -1.01 -22.09
CA VAL C 40 44.63 -0.90 -20.85
C VAL C 40 45.59 -0.59 -19.73
N PHE C 41 46.76 -1.18 -19.76
CA PHE C 41 47.74 -0.83 -18.77
C PHE C 41 48.16 0.61 -18.91
N ALA C 42 48.30 1.09 -20.14
CA ALA C 42 48.68 2.49 -20.36
C ALA C 42 47.63 3.47 -19.85
N SER C 43 46.39 3.04 -19.77
CA SER C 43 45.33 3.92 -19.36
C SER C 43 45.42 4.19 -17.89
N GLY C 44 46.06 3.29 -17.16
CA GLY C 44 46.19 3.42 -15.73
C GLY C 44 44.91 3.00 -15.05
N TYR C 45 43.90 2.68 -15.83
CA TYR C 45 42.63 2.26 -15.27
C TYR C 45 42.36 0.84 -15.70
N LEU C 46 42.26 -0.06 -14.72
CA LEU C 46 42.08 -1.47 -14.98
C LEU C 46 40.69 -1.96 -14.68
N GLY C 47 39.82 -1.07 -14.19
CA GLY C 47 38.51 -1.46 -13.74
C GLY C 47 37.49 -1.39 -14.84
N GLN C 48 36.21 -1.39 -14.49
CA GLN C 48 35.17 -1.30 -15.51
C GLN C 48 35.21 0.10 -16.12
N GLY C 49 35.73 0.23 -17.32
CA GLY C 49 35.94 1.54 -17.89
C GLY C 49 35.35 1.62 -19.28
N PRO C 50 36.03 2.36 -20.17
CA PRO C 50 35.57 2.60 -21.53
C PRO C 50 35.71 1.42 -22.44
N ARG C 51 36.63 0.52 -22.13
CA ARG C 51 36.85 -0.66 -22.98
C ARG C 51 35.73 -1.65 -22.82
N VAL C 52 35.23 -1.80 -21.60
CA VAL C 52 34.07 -2.63 -21.37
C VAL C 52 32.95 -2.09 -22.23
N ALA C 53 32.89 -0.78 -22.33
CA ALA C 53 31.86 -0.14 -23.12
C ALA C 53 32.03 -0.35 -24.61
N GLU C 54 33.26 -0.26 -25.09
CA GLU C 54 33.50 -0.42 -26.50
C GLU C 54 33.07 -1.80 -26.92
N PHE C 55 33.46 -2.77 -26.10
CA PHE C 55 33.18 -4.19 -26.26
C PHE C 55 31.70 -4.46 -26.28
N GLU C 56 30.97 -3.99 -25.27
CA GLU C 56 29.54 -4.25 -25.21
C GLU C 56 28.86 -3.74 -26.45
N SER C 57 29.38 -2.66 -27.00
CA SER C 57 28.84 -2.08 -28.22
C SER C 57 29.10 -2.92 -29.43
N ALA C 58 30.31 -3.45 -29.55
CA ALA C 58 30.67 -4.29 -30.69
C ALA C 58 29.78 -5.51 -30.69
N LEU C 59 29.58 -6.05 -29.49
CA LEU C 59 28.75 -7.20 -29.26
C LEU C 59 27.29 -6.92 -29.59
N ALA C 60 26.78 -5.78 -29.16
CA ALA C 60 25.38 -5.41 -29.40
C ALA C 60 25.09 -5.32 -30.89
N ALA C 61 26.10 -4.87 -31.61
CA ALA C 61 26.00 -4.71 -33.04
C ALA C 61 25.77 -6.03 -33.69
N ARG C 62 26.59 -7.00 -33.29
CA ARG C 62 26.56 -8.33 -33.85
C ARG C 62 25.27 -9.08 -33.57
N LEU C 63 24.79 -8.97 -32.34
CA LEU C 63 23.64 -9.74 -31.91
C LEU C 63 22.31 -9.17 -32.35
N GLY C 64 22.29 -7.91 -32.74
CA GLY C 64 21.03 -7.28 -33.10
C GLY C 64 20.22 -7.01 -31.87
N ASN C 65 20.90 -6.96 -30.73
CA ASN C 65 20.27 -6.65 -29.46
C ASN C 65 21.10 -5.62 -28.75
N PRO C 66 20.52 -4.45 -28.48
CA PRO C 66 21.25 -3.39 -27.81
C PRO C 66 21.32 -3.60 -26.31
N ARG C 67 20.46 -4.47 -25.80
CA ARG C 67 20.35 -4.69 -24.38
C ARG C 67 21.30 -5.80 -23.86
N VAL C 68 22.59 -5.54 -23.94
CA VAL C 68 23.59 -6.47 -23.50
C VAL C 68 24.26 -5.98 -22.23
N VAL C 69 24.66 -6.88 -21.36
CA VAL C 69 25.35 -6.51 -20.12
C VAL C 69 26.53 -7.42 -19.96
N SER C 70 27.75 -6.92 -20.13
CA SER C 70 28.90 -7.77 -19.95
C SER C 70 29.06 -8.10 -18.49
N VAL C 71 29.51 -9.31 -18.20
CA VAL C 71 29.70 -9.81 -16.85
C VAL C 71 31.04 -10.50 -16.75
N HIS C 72 31.45 -10.77 -15.52
CA HIS C 72 32.76 -11.29 -15.19
C HIS C 72 33.01 -12.66 -15.78
N SER C 73 31.95 -13.45 -15.84
CA SER C 73 32.02 -14.81 -16.31
C SER C 73 30.63 -15.22 -16.65
N GLY C 74 30.49 -16.21 -17.51
CA GLY C 74 29.19 -16.71 -17.88
C GLY C 74 28.40 -17.18 -16.69
N THR C 75 29.09 -17.72 -15.70
CA THR C 75 28.44 -18.21 -14.51
C THR C 75 27.81 -17.06 -13.79
N SER C 76 28.54 -15.95 -13.70
CA SER C 76 28.02 -14.73 -13.10
C SER C 76 26.82 -14.22 -13.88
N GLY C 77 26.91 -14.23 -15.19
CA GLY C 77 25.76 -13.87 -16.00
C GLY C 77 24.55 -14.70 -15.65
N LEU C 78 24.74 -15.98 -15.36
CA LEU C 78 23.63 -16.85 -14.97
C LEU C 78 23.10 -16.53 -13.59
N CYS C 79 23.99 -16.32 -12.64
CA CYS C 79 23.56 -16.03 -11.30
C CYS C 79 22.74 -14.78 -11.25
N LEU C 80 23.20 -13.78 -12.01
CA LEU C 80 22.51 -12.50 -12.15
C LEU C 80 21.16 -12.68 -12.78
N ALA C 81 21.13 -13.37 -13.91
CA ALA C 81 19.90 -13.62 -14.62
C ALA C 81 18.85 -14.26 -13.73
N LEU C 82 19.27 -15.08 -12.79
CA LEU C 82 18.33 -15.68 -11.86
C LEU C 82 17.86 -14.71 -10.78
N ARG C 83 18.68 -13.74 -10.41
CA ARG C 83 18.29 -12.78 -9.39
C ARG C 83 17.25 -11.80 -9.96
N LEU C 84 17.41 -11.48 -11.24
CA LEU C 84 16.54 -10.54 -11.91
C LEU C 84 15.15 -11.09 -12.02
N LEU C 85 15.00 -12.39 -11.80
CA LEU C 85 13.70 -13.00 -11.84
C LEU C 85 12.90 -12.54 -10.66
N ASP C 86 11.76 -11.95 -10.96
CA ASP C 86 10.81 -11.50 -9.97
C ASP C 86 9.65 -12.48 -9.93
N ALA C 87 9.55 -13.27 -8.87
CA ALA C 87 8.47 -14.25 -8.72
C ALA C 87 8.44 -14.69 -7.27
N PRO C 88 7.26 -15.13 -6.78
CA PRO C 88 7.18 -15.45 -5.35
C PRO C 88 8.10 -16.61 -4.90
N GLU C 89 8.56 -16.51 -3.66
CA GLU C 89 9.52 -17.44 -3.09
C GLU C 89 9.01 -18.88 -3.14
N GLU C 90 7.69 -19.01 -3.21
CA GLU C 90 7.04 -20.32 -3.28
C GLU C 90 7.07 -20.93 -4.68
N ARG C 91 7.27 -20.14 -5.72
CA ARG C 91 7.63 -20.72 -7.02
C ARG C 91 9.10 -21.01 -7.01
N ASP C 92 9.49 -22.18 -6.52
CA ASP C 92 10.90 -22.44 -6.26
C ASP C 92 11.57 -23.45 -7.16
N GLU C 93 10.89 -23.89 -8.19
CA GLU C 93 11.40 -24.96 -9.03
C GLU C 93 12.03 -24.46 -10.31
N VAL C 94 13.26 -24.83 -10.57
CA VAL C 94 13.84 -24.50 -11.85
C VAL C 94 14.07 -25.76 -12.66
N LEU C 95 13.58 -25.80 -13.89
CA LEU C 95 13.71 -27.01 -14.69
C LEU C 95 14.99 -26.93 -15.47
N SER C 96 15.84 -27.95 -15.40
CA SER C 96 17.04 -27.98 -16.20
C SER C 96 17.42 -29.41 -16.48
N THR C 97 18.19 -29.63 -17.53
CA THR C 97 18.61 -30.96 -17.89
C THR C 97 19.97 -31.14 -17.26
N PRO C 98 20.33 -32.37 -16.84
CA PRO C 98 21.63 -32.57 -16.20
C PRO C 98 22.80 -32.79 -17.14
N LEU C 99 22.55 -32.88 -18.43
CA LEU C 99 23.65 -33.04 -19.35
C LEU C 99 24.11 -31.68 -19.79
N THR C 100 24.75 -31.00 -18.84
CA THR C 100 25.27 -29.66 -19.03
C THR C 100 26.60 -29.53 -18.33
N PHE C 101 27.21 -28.36 -18.40
CA PHE C 101 28.35 -28.08 -17.55
C PHE C 101 27.80 -27.77 -16.17
N GLU C 102 28.56 -28.02 -15.13
CA GLU C 102 28.00 -27.93 -13.80
C GLU C 102 27.56 -26.55 -13.41
N ALA C 103 28.15 -25.54 -14.04
CA ALA C 103 27.88 -24.15 -13.73
C ALA C 103 26.41 -23.86 -13.88
N THR C 104 25.84 -24.38 -14.96
CA THR C 104 24.44 -24.20 -15.26
C THR C 104 23.52 -24.59 -14.13
N ASN C 105 23.89 -25.61 -13.39
CA ASN C 105 23.00 -26.09 -12.34
C ASN C 105 23.43 -25.69 -10.95
N TRP C 106 24.71 -25.41 -10.75
CA TRP C 106 25.10 -24.96 -9.44
C TRP C 106 24.58 -23.54 -9.23
N ALA C 107 24.38 -22.82 -10.33
CA ALA C 107 23.77 -21.50 -10.31
C ALA C 107 22.36 -21.54 -9.72
N ILE C 108 21.61 -22.57 -10.08
CA ILE C 108 20.28 -22.76 -9.54
C ILE C 108 20.32 -23.05 -8.05
N LEU C 109 21.27 -23.87 -7.63
CA LEU C 109 21.40 -24.21 -6.22
C LEU C 109 21.87 -23.03 -5.41
N ALA C 110 22.77 -22.24 -5.99
CA ALA C 110 23.29 -21.04 -5.35
C ALA C 110 22.20 -19.97 -5.19
N ASP C 111 21.22 -20.01 -6.08
CA ASP C 111 20.09 -19.10 -6.06
C ASP C 111 19.05 -19.48 -5.03
N GLY C 112 19.32 -20.57 -4.31
CA GLY C 112 18.44 -21.07 -3.28
C GLY C 112 17.19 -21.80 -3.77
N ARG C 113 17.22 -22.31 -4.99
CA ARG C 113 16.05 -22.97 -5.57
C ARG C 113 16.16 -24.48 -5.60
N ARG C 114 15.12 -25.12 -6.11
CA ARG C 114 15.03 -26.56 -6.24
C ARG C 114 15.17 -26.97 -7.70
N ILE C 115 16.00 -27.94 -8.00
CA ILE C 115 16.12 -28.39 -9.37
C ILE C 115 15.14 -29.51 -9.67
N THR C 116 14.57 -29.50 -10.85
CA THR C 116 13.82 -30.62 -11.32
C THR C 116 14.38 -31.05 -12.65
N TRP C 117 14.97 -32.24 -12.69
CA TRP C 117 15.68 -32.70 -13.87
C TRP C 117 14.77 -32.93 -15.03
N VAL C 118 15.18 -32.47 -16.19
CA VAL C 118 14.44 -32.73 -17.41
C VAL C 118 15.28 -33.64 -18.27
N ASP C 119 14.63 -34.54 -18.98
CA ASP C 119 15.30 -35.56 -19.77
C ASP C 119 16.01 -34.99 -20.99
N VAL C 120 16.65 -35.86 -21.75
CA VAL C 120 17.40 -35.50 -22.94
C VAL C 120 16.84 -36.16 -24.20
N ASP C 121 16.79 -35.43 -25.30
CA ASP C 121 16.46 -36.01 -26.60
C ASP C 121 17.69 -36.72 -27.13
N PRO C 122 17.64 -38.05 -27.21
CA PRO C 122 18.79 -38.88 -27.58
C PRO C 122 19.28 -38.65 -28.99
N ALA C 123 18.54 -37.89 -29.80
CA ALA C 123 18.94 -37.62 -31.16
C ALA C 123 19.90 -36.45 -31.25
N THR C 124 19.75 -35.52 -30.30
CA THR C 124 20.48 -34.25 -30.33
C THR C 124 21.26 -33.97 -29.06
N LEU C 125 20.95 -34.72 -28.02
CA LEU C 125 21.56 -34.56 -26.71
C LEU C 125 21.22 -33.21 -26.10
N THR C 126 20.12 -32.61 -26.55
CA THR C 126 19.59 -31.41 -25.91
C THR C 126 18.30 -31.71 -25.17
N MET C 127 17.78 -30.75 -24.43
CA MET C 127 16.64 -30.98 -23.56
C MET C 127 15.45 -31.56 -24.28
N ASP C 128 14.81 -32.53 -23.66
CA ASP C 128 13.59 -33.14 -24.16
C ASP C 128 12.44 -32.22 -23.86
N LEU C 129 11.96 -31.52 -24.88
CA LEU C 129 10.90 -30.53 -24.69
C LEU C 129 9.60 -31.19 -24.30
N ASP C 130 9.42 -32.44 -24.70
CA ASP C 130 8.27 -33.22 -24.30
C ASP C 130 8.28 -33.43 -22.80
N ASP C 131 9.43 -33.84 -22.27
CA ASP C 131 9.57 -34.11 -20.84
C ASP C 131 9.43 -32.80 -20.07
N LEU C 132 9.87 -31.73 -20.72
CA LEU C 132 9.75 -30.40 -20.15
C LEU C 132 8.29 -30.02 -19.91
N GLU C 133 7.48 -30.19 -20.94
CA GLU C 133 6.09 -29.82 -20.89
C GLU C 133 5.37 -30.57 -19.80
N ARG C 134 5.75 -31.81 -19.59
CA ARG C 134 5.14 -32.64 -18.57
C ARG C 134 5.51 -32.16 -17.18
N LYS C 135 6.73 -31.66 -17.04
CA LYS C 135 7.27 -31.35 -15.72
C LYS C 135 7.05 -29.92 -15.28
N ILE C 136 6.55 -29.08 -16.18
CA ILE C 136 6.18 -27.73 -15.81
C ILE C 136 5.02 -27.79 -14.84
N SER C 137 5.18 -27.16 -13.69
CA SER C 137 4.17 -27.23 -12.65
C SER C 137 3.90 -25.84 -12.09
N PRO C 138 2.88 -25.72 -11.25
CA PRO C 138 2.64 -24.46 -10.55
C PRO C 138 3.79 -24.01 -9.68
N ALA C 139 4.82 -24.82 -9.54
CA ALA C 139 5.96 -24.38 -8.74
C ALA C 139 7.07 -23.85 -9.62
N THR C 140 6.95 -24.03 -10.92
CA THR C 140 8.04 -23.68 -11.82
C THR C 140 8.30 -22.19 -11.85
N ARG C 141 9.48 -21.83 -11.37
CA ARG C 141 9.94 -20.47 -11.33
C ARG C 141 10.52 -20.10 -12.67
N ALA C 142 11.35 -20.97 -13.22
CA ALA C 142 12.04 -20.69 -14.45
C ALA C 142 12.49 -21.96 -15.13
N ILE C 143 13.06 -21.81 -16.31
CA ILE C 143 13.52 -22.91 -17.10
C ILE C 143 14.86 -22.57 -17.70
N ILE C 144 15.89 -23.37 -17.51
CA ILE C 144 17.16 -23.09 -18.15
C ILE C 144 17.40 -24.02 -19.32
N VAL C 145 17.46 -23.51 -20.54
CA VAL C 145 17.77 -24.38 -21.67
C VAL C 145 19.20 -24.16 -22.12
N VAL C 146 19.87 -25.27 -22.43
CA VAL C 146 21.27 -25.21 -22.78
C VAL C 146 21.47 -25.62 -24.22
N HIS C 147 21.94 -24.70 -25.05
CA HIS C 147 22.25 -25.01 -26.43
C HIS C 147 23.52 -25.77 -26.44
N TRP C 148 23.41 -27.00 -25.94
CA TRP C 148 24.53 -27.88 -25.61
C TRP C 148 25.45 -28.19 -26.77
N THR C 149 26.75 -28.04 -26.53
CA THR C 149 27.82 -28.20 -27.50
C THR C 149 27.68 -27.30 -28.73
N GLY C 150 26.73 -26.37 -28.69
CA GLY C 150 26.63 -25.38 -29.74
C GLY C 150 25.37 -25.47 -30.58
N TYR C 151 24.51 -26.41 -30.27
CA TYR C 151 23.32 -26.66 -31.05
C TYR C 151 22.10 -26.00 -30.43
N PRO C 152 21.48 -25.06 -31.13
CA PRO C 152 20.30 -24.35 -30.65
C PRO C 152 19.09 -25.22 -30.38
N VAL C 153 18.49 -25.07 -29.21
CA VAL C 153 17.26 -25.77 -28.91
C VAL C 153 16.11 -25.22 -29.75
N ASP C 154 15.07 -26.01 -30.00
CA ASP C 154 13.93 -25.54 -30.76
C ASP C 154 13.20 -24.45 -30.01
N LEU C 155 13.60 -23.20 -30.27
CA LEU C 155 13.11 -22.03 -29.54
C LEU C 155 11.65 -21.70 -29.82
N ASP C 156 11.21 -21.86 -31.07
CA ASP C 156 9.81 -21.62 -31.37
C ASP C 156 8.91 -22.60 -30.62
N ARG C 157 9.33 -23.86 -30.59
CA ARG C 157 8.57 -24.91 -29.92
C ARG C 157 8.50 -24.67 -28.43
N LEU C 158 9.60 -24.18 -27.88
CA LEU C 158 9.64 -23.86 -26.48
C LEU C 158 8.61 -22.78 -26.16
N ALA C 159 8.47 -21.83 -27.08
CA ALA C 159 7.53 -20.73 -26.94
C ALA C 159 6.09 -21.22 -26.85
N GLY C 160 5.77 -22.21 -27.68
CA GLY C 160 4.45 -22.81 -27.66
C GLY C 160 4.15 -23.50 -26.34
N ILE C 161 5.13 -24.27 -25.85
CA ILE C 161 4.99 -24.98 -24.58
C ILE C 161 4.63 -24.00 -23.47
N LEU C 162 5.31 -22.87 -23.47
CA LEU C 162 5.08 -21.84 -22.47
C LEU C 162 3.77 -21.11 -22.68
N ASP C 163 3.37 -20.95 -23.94
CA ASP C 163 2.10 -20.33 -24.22
C ASP C 163 1.04 -21.12 -23.46
N ARG C 164 1.06 -22.42 -23.65
CA ARG C 164 0.07 -23.31 -23.06
C ARG C 164 0.18 -23.41 -21.54
N ALA C 165 1.41 -23.37 -21.02
CA ALA C 165 1.64 -23.47 -19.59
C ALA C 165 1.08 -22.25 -18.87
N GLU C 166 1.12 -21.12 -19.54
CA GLU C 166 0.65 -19.85 -18.98
C GLU C 166 -0.87 -19.88 -18.97
N ARG C 167 -1.41 -20.30 -20.10
CA ARG C 167 -2.83 -20.53 -20.30
C ARG C 167 -3.38 -21.52 -19.28
N GLU C 168 -2.58 -22.49 -18.88
CA GLU C 168 -3.00 -23.49 -17.91
C GLU C 168 -3.21 -22.89 -16.53
N HIS C 169 -2.12 -22.47 -15.89
CA HIS C 169 -2.22 -21.94 -14.54
C HIS C 169 -1.55 -20.58 -14.30
N GLY C 170 -2.11 -19.51 -14.83
CA GLY C 170 -1.75 -18.16 -14.43
C GLY C 170 -0.39 -17.61 -14.85
N PHE C 171 0.65 -18.23 -14.34
CA PHE C 171 2.04 -17.79 -14.42
C PHE C 171 2.69 -18.19 -15.74
N ARG C 172 3.50 -17.34 -16.34
CA ARG C 172 4.34 -17.78 -17.44
C ARG C 172 5.79 -17.86 -17.01
N PRO C 173 6.34 -19.07 -16.89
CA PRO C 173 7.71 -19.32 -16.44
C PRO C 173 8.76 -18.63 -17.27
N ALA C 174 9.83 -18.14 -16.64
CA ALA C 174 10.90 -17.45 -17.35
C ALA C 174 11.85 -18.45 -18.00
N VAL C 175 12.49 -18.07 -19.09
CA VAL C 175 13.46 -18.94 -19.74
C VAL C 175 14.81 -18.25 -19.84
N ILE C 176 15.86 -18.90 -19.40
CA ILE C 176 17.21 -18.39 -19.56
C ILE C 176 17.94 -19.32 -20.49
N GLU C 177 18.47 -18.80 -21.58
CA GLU C 177 19.22 -19.60 -22.50
C GLU C 177 20.71 -19.59 -22.16
N ASP C 178 21.29 -20.76 -21.88
CA ASP C 178 22.72 -20.85 -21.63
C ASP C 178 23.41 -21.03 -22.94
N CYS C 179 23.99 -19.97 -23.46
CA CYS C 179 24.58 -20.01 -24.78
C CYS C 179 26.10 -20.14 -24.75
N ALA C 180 26.62 -20.72 -23.67
CA ALA C 180 28.06 -20.83 -23.48
C ALA C 180 28.76 -21.56 -24.62
N HIS C 181 28.12 -22.58 -25.17
CA HIS C 181 28.74 -23.28 -26.28
C HIS C 181 28.33 -22.73 -27.63
N ALA C 182 27.47 -21.71 -27.62
CA ALA C 182 26.76 -21.29 -28.84
C ALA C 182 27.03 -19.87 -29.33
N TRP C 183 28.23 -19.36 -29.14
CA TRP C 183 28.56 -18.07 -29.71
C TRP C 183 28.50 -18.16 -31.21
N GLY C 184 27.87 -17.18 -31.85
CA GLY C 184 27.81 -17.11 -33.29
C GLY C 184 26.63 -17.87 -33.85
N ALA C 185 25.90 -18.54 -32.97
CA ALA C 185 24.80 -19.37 -33.36
C ALA C 185 23.55 -18.60 -33.73
N SER C 186 22.80 -19.14 -34.67
CA SER C 186 21.52 -18.58 -35.04
C SER C 186 20.43 -19.65 -35.04
N TYR C 187 19.19 -19.19 -34.98
CA TYR C 187 18.04 -20.05 -35.02
C TYR C 187 16.96 -19.40 -35.87
N ARG C 188 16.63 -20.00 -37.01
CA ARG C 188 15.69 -19.46 -37.97
C ARG C 188 16.08 -18.05 -38.38
N GLY C 189 17.34 -17.89 -38.73
CA GLY C 189 17.86 -16.66 -39.30
C GLY C 189 18.24 -15.62 -38.27
N VAL C 190 17.79 -15.81 -37.04
CA VAL C 190 17.97 -14.81 -36.01
C VAL C 190 19.05 -15.23 -35.02
N PRO C 191 20.08 -14.42 -34.84
CA PRO C 191 21.10 -14.78 -33.87
C PRO C 191 20.55 -14.92 -32.48
N LEU C 192 21.09 -15.89 -31.74
CA LEU C 192 20.68 -16.14 -30.38
C LEU C 192 20.84 -14.90 -29.54
N GLY C 193 19.92 -14.70 -28.61
CA GLY C 193 19.95 -13.51 -27.78
C GLY C 193 18.82 -12.58 -28.15
N SER C 194 18.32 -12.77 -29.36
CA SER C 194 17.26 -11.95 -29.92
C SER C 194 15.99 -12.75 -30.11
N HIS C 195 15.63 -13.58 -29.15
CA HIS C 195 14.44 -14.43 -29.23
C HIS C 195 13.52 -14.23 -28.06
N GLY C 196 13.68 -13.12 -27.37
CA GLY C 196 12.75 -12.76 -26.33
C GLY C 196 13.00 -13.33 -24.98
N ASN C 197 14.10 -14.08 -24.87
CA ASN C 197 14.56 -14.65 -23.61
C ASN C 197 15.88 -14.05 -23.17
N MET C 198 16.15 -14.11 -21.89
CA MET C 198 17.47 -13.78 -21.37
C MET C 198 18.51 -14.78 -21.87
N CYS C 199 19.69 -14.33 -22.23
CA CYS C 199 20.73 -15.20 -22.72
C CYS C 199 22.05 -14.97 -22.01
N VAL C 200 22.80 -16.04 -21.74
CA VAL C 200 24.12 -15.86 -21.15
C VAL C 200 25.16 -16.48 -22.03
N PHE C 201 26.06 -15.69 -22.57
CA PHE C 201 27.15 -16.15 -23.41
C PHE C 201 28.34 -16.30 -22.53
N SER C 202 29.32 -17.08 -22.97
CA SER C 202 30.54 -17.26 -22.20
C SER C 202 31.73 -16.95 -23.02
N PHE C 203 32.70 -16.33 -22.37
CA PHE C 203 33.92 -15.88 -23.02
C PHE C 203 35.10 -16.48 -22.32
N GLN C 204 34.85 -17.56 -21.59
CA GLN C 204 35.88 -18.34 -20.90
C GLN C 204 36.95 -18.80 -21.86
N ALA C 205 38.15 -19.08 -21.38
CA ALA C 205 39.31 -19.36 -22.24
C ALA C 205 39.05 -20.37 -23.33
N LEU C 206 38.32 -21.41 -23.00
CA LEU C 206 38.16 -22.48 -23.97
C LEU C 206 37.08 -22.17 -25.00
N LYS C 207 36.31 -21.10 -24.76
CA LYS C 207 35.17 -20.81 -25.59
C LYS C 207 35.59 -20.11 -26.85
N HIS C 208 34.65 -19.97 -27.78
CA HIS C 208 34.93 -19.50 -29.13
C HIS C 208 35.50 -18.10 -29.07
N LEU C 209 34.76 -17.20 -28.47
CA LEU C 209 35.26 -15.88 -28.22
C LEU C 209 35.71 -15.81 -26.79
N THR C 210 36.98 -15.56 -26.56
CA THR C 210 37.44 -15.58 -25.19
C THR C 210 37.97 -14.23 -24.74
N CYS C 211 37.72 -13.90 -23.48
CA CYS C 211 38.25 -12.68 -22.87
C CYS C 211 39.30 -13.03 -21.83
N GLY C 212 39.72 -14.30 -21.84
CA GLY C 212 40.50 -14.84 -20.75
C GLY C 212 39.46 -15.33 -19.77
N ASP C 213 38.53 -14.46 -19.42
CA ASP C 213 37.31 -14.85 -18.74
C ASP C 213 36.27 -13.74 -18.84
N GLY C 214 35.01 -14.11 -18.98
CA GLY C 214 33.99 -13.11 -19.26
C GLY C 214 32.70 -13.76 -19.65
N GLY C 215 31.67 -12.95 -19.86
CA GLY C 215 30.36 -13.45 -20.22
C GLY C 215 29.51 -12.29 -20.64
N LEU C 216 28.31 -12.54 -21.13
CA LEU C 216 27.43 -11.49 -21.57
C LEU C 216 26.01 -11.89 -21.33
N LEU C 217 25.28 -11.07 -20.60
CA LEU C 217 23.88 -11.31 -20.36
C LEU C 217 23.08 -10.43 -21.30
N THR C 218 22.21 -11.00 -22.12
CA THR C 218 21.38 -10.20 -22.97
C THR C 218 19.96 -10.22 -22.46
N LEU C 219 19.31 -9.07 -22.48
CA LEU C 219 17.99 -8.89 -21.92
C LEU C 219 17.00 -8.69 -23.03
N PRO C 220 15.76 -9.15 -22.84
CA PRO C 220 14.68 -9.05 -23.83
C PRO C 220 13.83 -7.77 -23.65
N GLY C 221 14.11 -7.02 -22.59
CA GLY C 221 13.33 -5.87 -22.21
C GLY C 221 14.20 -4.79 -21.60
N ASP C 222 13.68 -3.56 -21.60
CA ASP C 222 14.43 -2.42 -21.11
C ASP C 222 14.54 -2.41 -19.59
N GLU C 223 13.50 -2.85 -18.90
CA GLU C 223 13.57 -2.83 -17.45
C GLU C 223 14.59 -3.82 -16.91
N LEU C 224 14.68 -5.00 -17.53
CA LEU C 224 15.64 -6.03 -17.10
C LEU C 224 17.03 -5.51 -17.34
N HIS C 225 17.18 -4.81 -18.46
CA HIS C 225 18.47 -4.26 -18.83
C HIS C 225 18.94 -3.31 -17.76
N GLU C 226 18.05 -2.45 -17.29
CA GLU C 226 18.46 -1.47 -16.29
C GLU C 226 18.85 -2.16 -15.01
N ARG C 227 18.03 -3.08 -14.54
CA ARG C 227 18.29 -3.78 -13.29
C ARG C 227 19.60 -4.54 -13.40
N ALA C 228 19.85 -5.12 -14.57
CA ALA C 228 21.07 -5.87 -14.78
C ALA C 228 22.30 -4.98 -14.69
N MET C 229 22.26 -3.80 -15.29
CA MET C 229 23.36 -2.85 -15.25
C MET C 229 23.73 -2.40 -13.85
N LEU C 230 22.72 -2.35 -12.99
CA LEU C 230 22.91 -1.92 -11.61
C LEU C 230 23.39 -3.06 -10.74
N ARG C 231 22.71 -4.20 -10.82
CA ARG C 231 23.01 -5.30 -9.90
C ARG C 231 24.34 -5.99 -10.23
N ARG C 232 24.93 -5.75 -11.38
CA ARG C 232 26.20 -6.36 -11.72
C ARG C 232 27.35 -5.69 -10.99
N PHE C 233 27.09 -4.65 -10.24
CA PHE C 233 28.14 -4.04 -9.43
C PHE C 233 27.54 -3.61 -8.11
N TYR C 234 27.16 -4.56 -7.30
CA TYR C 234 26.67 -4.36 -5.95
C TYR C 234 25.39 -3.56 -5.91
N GLY C 235 24.84 -3.19 -7.06
CA GLY C 235 23.63 -2.40 -7.07
C GLY C 235 23.94 -0.91 -6.97
N ILE C 236 25.23 -0.58 -7.09
CA ILE C 236 25.77 0.75 -6.96
C ILE C 236 25.82 1.46 -8.30
N ASP C 237 25.11 2.58 -8.40
CA ASP C 237 25.19 3.41 -9.58
C ASP C 237 26.58 4.03 -9.61
N ARG C 238 27.37 3.65 -10.60
CA ARG C 238 28.77 4.04 -10.63
C ARG C 238 28.99 5.48 -11.04
N THR C 239 27.93 6.14 -11.52
CA THR C 239 28.05 7.51 -11.94
C THR C 239 27.60 8.48 -10.87
N ALA C 240 27.23 7.96 -9.71
CA ALA C 240 26.71 8.73 -8.61
C ALA C 240 27.85 9.26 -7.77
N ASP C 241 27.56 10.30 -6.98
CA ASP C 241 28.57 10.89 -6.11
C ASP C 241 28.76 9.98 -4.95
N ARG C 242 29.49 8.90 -5.14
CA ARG C 242 29.69 7.91 -4.10
C ARG C 242 30.53 8.47 -2.98
N LEU C 243 31.40 9.42 -3.31
CA LEU C 243 32.29 10.02 -2.33
C LEU C 243 31.57 10.77 -1.23
N ARG C 244 30.36 11.23 -1.53
CA ARG C 244 29.55 11.94 -0.53
C ARG C 244 28.43 11.06 -0.08
N GLY C 245 28.50 9.78 -0.42
CA GLY C 245 27.52 8.84 0.04
C GLY C 245 26.18 9.04 -0.63
N ALA C 246 26.19 9.63 -1.81
CA ALA C 246 24.95 9.98 -2.47
C ALA C 246 24.40 8.93 -3.41
N TYR C 247 24.12 7.74 -2.90
CA TYR C 247 23.55 6.68 -3.74
C TYR C 247 22.72 5.71 -2.95
N ASP C 248 21.82 5.02 -3.63
CA ASP C 248 20.98 4.05 -3.00
C ASP C 248 20.99 2.79 -3.80
N VAL C 249 21.17 1.67 -3.10
CA VAL C 249 21.13 0.33 -3.65
C VAL C 249 19.75 -0.25 -3.49
N ALA C 250 18.95 -0.25 -4.53
CA ALA C 250 17.58 -0.74 -4.40
C ALA C 250 17.56 -2.25 -4.31
N GLU C 251 18.48 -2.87 -5.04
CA GLU C 251 18.61 -4.31 -5.04
C GLU C 251 20.08 -4.64 -4.89
N TRP C 252 20.42 -5.58 -3.99
CA TRP C 252 21.82 -5.92 -3.78
C TRP C 252 22.32 -6.68 -4.98
N GLY C 253 23.63 -6.74 -5.11
CA GLY C 253 24.26 -7.46 -6.20
C GLY C 253 25.67 -7.74 -5.75
N LEU C 254 26.48 -8.34 -6.59
CA LEU C 254 27.84 -8.64 -6.22
C LEU C 254 28.78 -8.15 -7.30
N LYS C 255 30.03 -8.58 -7.27
CA LYS C 255 30.98 -8.12 -8.27
C LYS C 255 30.87 -9.00 -9.47
N TRP C 256 29.86 -8.76 -10.28
CA TRP C 256 29.56 -9.61 -11.41
C TRP C 256 29.97 -8.99 -12.71
N HIS C 257 30.48 -7.77 -12.64
CA HIS C 257 30.75 -7.00 -13.85
C HIS C 257 32.05 -7.45 -14.48
N MET C 258 32.33 -6.93 -15.67
CA MET C 258 33.57 -7.21 -16.40
C MET C 258 34.45 -6.00 -16.41
N THR C 259 35.75 -6.15 -16.30
CA THR C 259 36.61 -5.00 -16.30
C THR C 259 37.35 -4.85 -17.60
N ASP C 260 38.02 -3.72 -17.75
CA ASP C 260 38.66 -3.32 -18.98
C ASP C 260 39.77 -4.24 -19.39
N LEU C 261 40.33 -4.93 -18.42
CA LEU C 261 41.44 -5.83 -18.68
C LEU C 261 40.97 -6.95 -19.60
N ASN C 262 39.84 -7.55 -19.28
CA ASN C 262 39.29 -8.62 -20.07
C ASN C 262 38.61 -8.17 -21.34
N ALA C 263 37.83 -7.11 -21.27
CA ALA C 263 37.17 -6.58 -22.45
C ALA C 263 38.17 -6.27 -23.55
N ALA C 264 39.35 -5.80 -23.17
CA ALA C 264 40.37 -5.51 -24.16
C ALA C 264 40.75 -6.76 -24.93
N ILE C 265 40.86 -7.90 -24.25
CA ILE C 265 41.17 -9.16 -24.91
C ILE C 265 40.04 -9.57 -25.85
N GLY C 266 38.81 -9.54 -25.35
CA GLY C 266 37.64 -9.88 -26.13
C GLY C 266 37.57 -9.04 -27.38
N LEU C 267 38.00 -7.79 -27.29
CA LEU C 267 38.02 -6.93 -28.44
C LEU C 267 38.99 -7.38 -29.49
N ALA C 268 40.10 -7.96 -29.09
CA ALA C 268 41.11 -8.43 -30.04
C ALA C 268 40.62 -9.66 -30.75
N ASN C 269 39.96 -10.52 -30.00
CA ASN C 269 39.51 -11.81 -30.49
C ASN C 269 38.23 -11.72 -31.30
N LEU C 270 37.54 -10.59 -31.23
CA LEU C 270 36.42 -10.37 -32.13
C LEU C 270 36.96 -10.30 -33.55
N GLU C 271 38.23 -9.97 -33.68
CA GLU C 271 38.83 -9.84 -34.99
C GLU C 271 38.93 -11.18 -35.70
N THR C 272 39.03 -12.27 -34.94
CA THR C 272 39.31 -13.57 -35.54
C THR C 272 38.23 -14.61 -35.29
N VAL C 273 37.27 -14.33 -34.43
CA VAL C 273 36.31 -15.32 -34.02
C VAL C 273 35.45 -15.79 -35.17
N ASP C 274 35.27 -14.94 -36.16
CA ASP C 274 34.40 -15.29 -37.27
C ASP C 274 35.02 -16.38 -38.11
N GLU C 275 36.32 -16.24 -38.38
CA GLU C 275 37.04 -17.23 -39.18
C GLU C 275 37.06 -18.57 -38.49
N GLN C 276 37.32 -18.54 -37.20
CA GLN C 276 37.47 -19.74 -36.41
C GLN C 276 36.15 -20.44 -36.25
N LEU C 277 35.08 -19.70 -36.22
CA LEU C 277 33.78 -20.32 -36.11
C LEU C 277 33.45 -21.00 -37.43
N ARG C 278 33.93 -20.44 -38.52
CA ARG C 278 33.72 -21.04 -39.83
C ARG C 278 34.37 -22.40 -39.91
N LEU C 279 35.61 -22.49 -39.44
CA LEU C 279 36.35 -23.73 -39.44
C LEU C 279 35.70 -24.75 -38.52
N HIS C 280 35.11 -24.33 -37.43
CA HIS C 280 34.40 -25.24 -36.56
C HIS C 280 33.32 -25.93 -37.34
N ARG C 281 32.60 -25.15 -38.13
CA ARG C 281 31.47 -25.64 -38.90
C ARG C 281 31.90 -26.37 -40.15
N GLU C 282 32.98 -25.91 -40.74
CA GLU C 282 33.52 -26.54 -41.91
C GLU C 282 33.97 -27.96 -41.55
N ASN C 283 34.56 -28.10 -40.36
CA ASN C 283 35.00 -29.38 -39.85
C ASN C 283 33.86 -30.28 -39.43
N ALA C 284 32.82 -29.73 -38.85
CA ALA C 284 31.68 -30.55 -38.49
C ALA C 284 31.04 -31.09 -39.76
N ALA C 285 31.02 -30.28 -40.81
CA ALA C 285 30.47 -30.68 -42.10
C ALA C 285 31.16 -31.91 -42.64
N PHE C 286 32.48 -31.86 -42.60
CA PHE C 286 33.36 -32.94 -43.01
C PHE C 286 32.98 -34.22 -42.32
N TYR C 287 32.83 -34.17 -41.00
CA TYR C 287 32.49 -35.37 -40.25
C TYR C 287 31.14 -35.91 -40.68
N ASP C 288 30.15 -35.04 -40.81
CA ASP C 288 28.84 -35.47 -41.23
C ASP C 288 28.91 -36.15 -42.60
N LYS C 289 29.83 -35.71 -43.42
CA LYS C 289 29.98 -36.27 -44.76
C LYS C 289 30.72 -37.58 -44.67
N GLU C 290 31.79 -37.61 -43.90
CA GLU C 290 32.70 -38.73 -43.96
C GLU C 290 32.48 -39.81 -42.91
N LEU C 291 31.46 -39.68 -42.08
CA LEU C 291 31.24 -40.67 -41.03
C LEU C 291 29.90 -41.39 -41.18
N THR C 292 29.27 -41.20 -42.32
CA THR C 292 28.05 -41.93 -42.59
C THR C 292 28.41 -43.37 -42.85
N GLY C 293 27.48 -44.27 -42.57
CA GLY C 293 27.65 -45.68 -42.89
C GLY C 293 28.82 -46.32 -42.19
N VAL C 294 29.05 -45.90 -40.95
CA VAL C 294 30.00 -46.53 -40.05
C VAL C 294 29.23 -47.33 -39.00
N PRO C 295 29.49 -48.64 -38.91
CA PRO C 295 28.83 -49.56 -38.01
C PRO C 295 29.21 -49.31 -36.57
N GLY C 296 28.24 -49.04 -35.71
CA GLY C 296 28.53 -48.81 -34.32
C GLY C 296 28.74 -47.34 -34.03
N LEU C 297 28.52 -46.52 -35.04
CA LEU C 297 28.62 -45.09 -34.86
C LEU C 297 27.35 -44.45 -35.34
N GLU C 298 26.69 -43.77 -34.41
CA GLU C 298 25.45 -43.11 -34.69
C GLU C 298 25.62 -41.58 -34.57
N LEU C 299 25.44 -40.87 -35.68
CA LEU C 299 25.52 -39.41 -35.69
C LEU C 299 24.26 -38.78 -35.12
N LEU C 300 24.35 -37.50 -34.75
CA LEU C 300 23.22 -36.79 -34.16
C LEU C 300 22.35 -36.13 -35.21
N GLN C 301 21.04 -36.12 -34.97
CA GLN C 301 20.10 -35.59 -35.95
C GLN C 301 19.95 -34.10 -35.78
N ARG C 302 20.40 -33.33 -36.77
CA ARG C 302 20.37 -31.89 -36.67
C ARG C 302 19.31 -31.26 -37.57
N SER C 303 18.53 -30.37 -37.00
CA SER C 303 17.50 -29.68 -37.77
C SER C 303 18.13 -28.64 -38.68
N PRO C 304 17.58 -28.45 -39.87
CA PRO C 304 18.18 -27.54 -40.84
C PRO C 304 17.70 -26.11 -40.71
N ASP C 305 16.77 -25.86 -39.80
CA ASP C 305 16.24 -24.52 -39.62
C ASP C 305 17.03 -23.72 -38.62
N ARG C 306 18.27 -24.14 -38.36
CA ARG C 306 19.09 -23.43 -37.40
C ARG C 306 20.56 -23.67 -37.68
N GLU C 307 21.42 -22.84 -37.13
CA GLU C 307 22.84 -23.03 -37.35
C GLU C 307 23.61 -22.91 -36.07
N GLY C 308 24.13 -24.03 -35.60
CA GLY C 308 24.84 -24.10 -34.35
C GLY C 308 26.28 -23.71 -34.47
N SER C 309 27.05 -23.99 -33.43
CA SER C 309 28.44 -23.56 -33.36
C SER C 309 29.47 -24.65 -33.15
N PHE C 310 29.04 -25.86 -32.81
CA PHE C 310 29.95 -27.01 -32.70
C PHE C 310 31.14 -26.76 -31.83
N TYR C 311 30.88 -26.63 -30.54
CA TYR C 311 31.93 -26.45 -29.58
C TYR C 311 32.88 -27.60 -29.65
N VAL C 312 32.27 -28.78 -29.69
CA VAL C 312 32.89 -30.06 -29.95
C VAL C 312 31.94 -30.87 -30.83
N TYR C 313 32.38 -31.96 -31.41
CA TYR C 313 31.50 -32.80 -32.22
C TYR C 313 31.06 -34.06 -31.50
N ASP C 314 29.78 -34.14 -31.17
CA ASP C 314 29.23 -35.26 -30.43
C ASP C 314 28.75 -36.39 -31.32
N VAL C 315 29.12 -37.61 -30.98
CA VAL C 315 28.63 -38.80 -31.64
C VAL C 315 28.26 -39.79 -30.56
N LYS C 316 27.52 -40.81 -30.95
CA LYS C 316 27.20 -41.93 -30.06
C LYS C 316 27.83 -43.19 -30.62
N VAL C 317 28.49 -43.98 -29.79
CA VAL C 317 29.15 -45.20 -30.27
C VAL C 317 28.84 -46.45 -29.44
N ASP C 318 28.91 -47.62 -30.07
CA ASP C 318 28.83 -48.90 -29.35
C ASP C 318 30.20 -49.36 -28.92
N ASP C 319 30.25 -50.15 -27.85
CA ASP C 319 31.52 -50.63 -27.31
C ASP C 319 32.40 -49.41 -27.15
N ARG C 320 31.88 -48.43 -26.41
CA ARG C 320 32.56 -47.16 -26.20
C ARG C 320 33.95 -47.34 -25.60
N PRO C 321 34.12 -48.26 -24.62
CA PRO C 321 35.46 -48.41 -24.06
C PRO C 321 36.48 -48.77 -25.11
N ALA C 322 36.08 -49.55 -26.09
CA ALA C 322 36.97 -49.89 -27.18
C ALA C 322 37.27 -48.65 -27.95
N PHE C 323 36.23 -47.86 -28.17
CA PHE C 323 36.34 -46.59 -28.88
C PHE C 323 37.34 -45.68 -28.20
N HIS C 324 37.19 -45.50 -26.90
CA HIS C 324 38.10 -44.65 -26.14
C HIS C 324 39.53 -45.09 -26.31
N ARG C 325 39.78 -46.38 -26.09
CA ARG C 325 41.14 -46.93 -26.16
C ARG C 325 41.72 -46.75 -27.55
N LYS C 326 40.86 -46.82 -28.55
CA LYS C 326 41.24 -46.59 -29.93
C LYS C 326 41.66 -45.15 -30.18
N MET C 327 40.87 -44.18 -29.71
CA MET C 327 41.24 -42.80 -29.91
C MET C 327 42.55 -42.46 -29.20
N GLU C 328 42.67 -42.91 -27.95
CA GLU C 328 43.87 -42.63 -27.17
C GLU C 328 45.10 -43.10 -27.93
N ALA C 329 44.94 -44.22 -28.63
CA ALA C 329 46.00 -44.83 -29.43
C ALA C 329 46.39 -43.98 -30.61
N ALA C 330 45.40 -43.30 -31.18
CA ALA C 330 45.60 -42.50 -32.36
C ALA C 330 46.03 -41.08 -32.01
N GLY C 331 46.16 -40.82 -30.71
CA GLY C 331 46.55 -39.50 -30.27
C GLY C 331 45.43 -38.52 -30.42
N ILE C 332 44.24 -38.94 -30.03
CA ILE C 332 43.06 -38.10 -30.07
C ILE C 332 42.34 -37.93 -28.76
N MET C 333 42.22 -36.69 -28.31
CA MET C 333 41.51 -36.41 -27.08
C MET C 333 40.04 -36.53 -27.41
N ALA C 334 39.33 -37.42 -26.72
CA ALA C 334 37.90 -37.57 -26.93
C ALA C 334 37.25 -38.00 -25.64
N GLY C 335 36.04 -37.58 -25.41
CA GLY C 335 35.37 -37.94 -24.18
C GLY C 335 34.21 -37.03 -23.84
N LEU C 336 34.02 -36.80 -22.55
CA LEU C 336 32.89 -36.06 -22.04
C LEU C 336 33.28 -34.63 -21.72
N VAL C 337 32.40 -33.68 -21.96
CA VAL C 337 32.68 -32.37 -21.42
C VAL C 337 32.51 -32.46 -19.92
N SER C 338 31.42 -33.06 -19.48
CA SER C 338 31.16 -33.22 -18.06
C SER C 338 30.32 -34.43 -17.70
N ARG C 339 30.51 -34.93 -16.49
CA ARG C 339 29.67 -35.95 -15.94
C ARG C 339 28.25 -35.43 -15.83
N ARG C 340 27.26 -36.26 -16.10
CA ARG C 340 25.88 -35.85 -15.92
C ARG C 340 25.71 -35.41 -14.50
N ASN C 341 25.17 -34.23 -14.32
CA ASN C 341 25.23 -33.54 -13.04
C ASN C 341 24.39 -34.21 -11.95
N ASP C 342 23.41 -35.02 -12.33
CA ASP C 342 22.51 -35.63 -11.36
C ASP C 342 23.15 -36.77 -10.58
N GLU C 343 24.30 -37.21 -11.03
CA GLU C 343 24.99 -38.32 -10.38
C GLU C 343 25.90 -37.85 -9.32
N HIS C 344 26.05 -36.56 -9.17
CA HIS C 344 26.90 -36.04 -8.11
C HIS C 344 26.21 -36.28 -6.79
N SER C 345 27.00 -36.53 -5.77
CA SER C 345 26.45 -36.88 -4.48
C SER C 345 25.81 -35.68 -3.81
N CYS C 346 26.09 -34.48 -4.29
CA CYS C 346 25.50 -33.28 -3.69
C CYS C 346 24.06 -33.02 -4.11
N VAL C 347 23.58 -33.78 -5.10
CA VAL C 347 22.21 -33.66 -5.54
C VAL C 347 21.51 -35.00 -5.59
N ALA C 348 21.92 -35.89 -4.70
CA ALA C 348 21.39 -37.23 -4.60
C ALA C 348 19.92 -37.19 -4.26
N HIS C 349 19.51 -36.13 -3.61
CA HIS C 349 18.11 -36.00 -3.23
C HIS C 349 17.24 -35.59 -4.40
N LEU C 350 17.86 -35.26 -5.52
CA LEU C 350 17.12 -34.78 -6.66
C LEU C 350 16.99 -35.80 -7.76
N ARG C 351 17.40 -37.03 -7.48
CA ARG C 351 17.38 -38.08 -8.49
C ARG C 351 15.99 -38.38 -8.98
N THR C 352 15.85 -38.46 -10.30
CA THR C 352 14.60 -38.87 -10.93
C THR C 352 14.92 -39.70 -12.17
N SER C 353 13.94 -40.42 -12.67
CA SER C 353 14.13 -41.28 -13.82
C SER C 353 14.23 -40.55 -15.13
N LEU C 354 15.35 -40.67 -15.83
CA LEU C 354 15.49 -39.97 -17.09
C LEU C 354 15.84 -40.91 -18.21
N PRO C 355 14.87 -41.68 -18.68
CA PRO C 355 15.14 -42.73 -19.67
C PRO C 355 15.88 -42.28 -20.90
N GLY C 356 15.61 -41.11 -21.40
CA GLY C 356 16.30 -40.68 -22.60
C GLY C 356 17.80 -40.63 -22.41
N LEU C 357 18.22 -39.91 -21.38
CA LEU C 357 19.62 -39.76 -21.04
C LEU C 357 20.22 -41.09 -20.69
N ASP C 358 19.46 -41.88 -19.94
CA ASP C 358 19.97 -43.14 -19.45
C ASP C 358 20.33 -44.05 -20.63
N SER C 359 19.67 -43.85 -21.76
CA SER C 359 19.86 -44.68 -22.93
C SER C 359 21.02 -44.21 -23.79
N VAL C 360 21.61 -43.07 -23.46
CA VAL C 360 22.68 -42.55 -24.30
C VAL C 360 23.95 -42.30 -23.52
N TYR C 361 23.86 -42.22 -22.21
CA TYR C 361 24.98 -41.74 -21.42
C TYR C 361 26.21 -42.61 -21.54
N ASP C 362 26.03 -43.85 -21.97
CA ASP C 362 27.19 -44.73 -22.12
C ASP C 362 27.65 -44.81 -23.56
N ARG C 363 27.03 -44.07 -24.45
CA ARG C 363 27.40 -44.18 -25.84
C ARG C 363 28.00 -42.88 -26.35
N MET C 364 27.78 -41.83 -25.56
CA MET C 364 28.21 -40.45 -25.78
C MET C 364 29.69 -40.27 -25.89
N VAL C 365 30.12 -39.45 -26.81
CA VAL C 365 31.52 -39.06 -26.80
C VAL C 365 31.67 -37.81 -27.65
N SER C 366 32.45 -36.84 -27.17
CA SER C 366 32.66 -35.58 -27.86
C SER C 366 34.00 -35.63 -28.57
N LEU C 367 34.08 -35.16 -29.80
CA LEU C 367 35.30 -35.27 -30.61
C LEU C 367 35.82 -33.90 -31.02
N PRO C 368 37.14 -33.75 -31.16
CA PRO C 368 37.73 -32.48 -31.60
C PRO C 368 37.15 -32.02 -32.92
N VAL C 369 36.70 -30.77 -33.01
CA VAL C 369 36.05 -30.28 -34.23
C VAL C 369 36.47 -28.85 -34.47
N GLY C 370 37.29 -28.34 -33.59
CA GLY C 370 37.65 -26.94 -33.58
C GLY C 370 38.51 -26.42 -34.69
N TRP C 371 38.85 -25.14 -34.56
CA TRP C 371 39.58 -24.40 -35.56
C TRP C 371 41.03 -24.83 -35.68
N TRP C 372 41.53 -25.50 -34.65
CA TRP C 372 42.95 -25.80 -34.56
C TRP C 372 43.37 -27.02 -35.35
N LEU C 373 42.39 -27.74 -35.88
CA LEU C 373 42.58 -28.98 -36.64
C LEU C 373 43.06 -28.70 -38.04
N THR C 374 44.23 -29.21 -38.39
CA THR C 374 44.70 -29.11 -39.75
C THR C 374 43.78 -29.96 -40.61
N GLU C 375 43.82 -29.81 -41.93
CA GLU C 375 43.01 -30.69 -42.77
C GLU C 375 43.41 -32.11 -42.48
N GLN C 376 44.72 -32.28 -42.34
CA GLN C 376 45.37 -33.55 -42.09
C GLN C 376 44.90 -34.16 -40.78
N ASP C 377 44.59 -33.32 -39.80
CA ASP C 377 44.13 -33.80 -38.52
C ASP C 377 42.74 -34.39 -38.57
N ARG C 378 41.81 -33.74 -39.25
CA ARG C 378 40.44 -34.23 -39.24
C ARG C 378 40.32 -35.50 -40.07
N GLU C 379 41.17 -35.67 -41.06
CA GLU C 379 41.18 -36.91 -41.82
C GLU C 379 41.62 -38.03 -40.91
N HIS C 380 42.61 -37.75 -40.10
CA HIS C 380 43.13 -38.73 -39.16
C HIS C 380 42.05 -39.11 -38.15
N VAL C 381 41.13 -38.22 -37.86
CA VAL C 381 40.05 -38.55 -36.95
C VAL C 381 39.07 -39.43 -37.67
N VAL C 382 38.70 -39.03 -38.87
CA VAL C 382 37.78 -39.82 -39.67
C VAL C 382 38.36 -41.17 -40.00
N ALA C 383 39.62 -41.19 -40.42
CA ALA C 383 40.29 -42.45 -40.75
C ALA C 383 40.24 -43.40 -39.57
N THR C 384 40.65 -42.94 -38.41
CA THR C 384 40.68 -43.77 -37.23
C THR C 384 39.29 -44.26 -36.87
N ILE C 385 38.27 -43.46 -37.05
CA ILE C 385 36.94 -43.90 -36.68
C ILE C 385 36.45 -44.98 -37.65
N ARG C 386 36.66 -44.77 -38.94
CA ARG C 386 36.15 -45.68 -39.96
C ARG C 386 36.82 -47.04 -39.92
N SER C 387 38.09 -47.05 -39.53
CA SER C 387 38.86 -48.28 -39.48
C SER C 387 38.38 -49.19 -38.35
N GLY C 388 37.24 -48.86 -37.75
CA GLY C 388 36.58 -49.72 -36.79
C GLY C 388 37.26 -49.77 -35.45
N TRP C 389 36.57 -50.31 -34.46
CA TRP C 389 37.14 -50.44 -33.12
C TRP C 389 36.59 -51.62 -32.34
N SER D 12 22.73 -38.81 8.95
CA SER D 12 22.85 -37.39 8.65
C SER D 12 21.48 -36.80 8.34
N GLY D 13 20.59 -36.76 9.33
CA GLY D 13 19.31 -36.09 9.12
C GLY D 13 18.15 -36.91 8.58
N LEU D 14 18.39 -38.18 8.30
CA LEU D 14 17.34 -39.13 7.93
C LEU D 14 17.65 -40.42 8.66
N VAL D 15 18.72 -40.39 9.44
CA VAL D 15 19.32 -41.58 10.00
C VAL D 15 19.82 -41.36 11.42
N PRO D 16 21.14 -41.54 11.62
CA PRO D 16 22.06 -41.47 12.75
C PRO D 16 23.43 -42.03 12.43
N ARG D 17 23.91 -42.92 13.29
CA ARG D 17 25.22 -43.50 13.12
C ARG D 17 25.22 -45.01 13.46
N GLY D 18 25.01 -45.81 12.41
CA GLY D 18 24.94 -47.24 12.51
C GLY D 18 23.78 -47.81 13.29
N SER D 19 23.56 -47.35 14.53
CA SER D 19 22.51 -47.90 15.45
C SER D 19 22.35 -47.32 16.89
N HIS D 20 21.12 -47.37 17.42
CA HIS D 20 20.75 -47.29 18.86
C HIS D 20 20.73 -45.91 19.57
N MET D 21 19.70 -45.65 20.40
CA MET D 21 19.66 -44.45 21.27
C MET D 21 18.81 -44.68 22.54
N ILE D 22 19.22 -44.15 23.70
CA ILE D 22 18.46 -44.38 24.93
C ILE D 22 17.79 -43.14 25.45
N PRO D 23 16.44 -43.14 25.53
CA PRO D 23 15.68 -41.94 25.80
C PRO D 23 15.57 -41.57 27.28
N LEU D 24 15.50 -40.28 27.55
CA LEU D 24 15.42 -39.75 28.89
C LEU D 24 14.02 -39.76 29.47
N PHE D 25 13.03 -39.48 28.61
CA PHE D 25 11.60 -39.52 28.96
C PHE D 25 10.93 -40.43 27.96
N LYS D 26 9.82 -41.03 28.36
CA LYS D 26 9.10 -41.87 27.43
C LYS D 26 7.67 -42.02 27.85
N VAL D 27 6.81 -42.35 26.88
CA VAL D 27 5.39 -42.45 27.08
C VAL D 27 4.86 -43.86 27.37
N ALA D 28 4.31 -44.04 28.56
CA ALA D 28 3.78 -45.33 28.99
C ALA D 28 2.33 -45.48 28.62
N VAL D 29 2.01 -46.45 27.76
CA VAL D 29 0.64 -46.61 27.26
C VAL D 29 0.15 -48.05 27.39
N SER D 30 -0.66 -48.31 28.41
CA SER D 30 -1.19 -49.65 28.64
C SER D 30 -1.81 -50.19 27.37
N PRO D 31 -1.69 -51.51 27.15
CA PRO D 31 -2.28 -52.03 25.91
C PRO D 31 -3.80 -51.91 25.94
N THR D 32 -4.37 -51.89 27.14
CA THR D 32 -5.81 -51.78 27.30
C THR D 32 -6.29 -50.34 27.26
N ALA D 33 -5.41 -49.39 27.01
CA ALA D 33 -5.84 -48.00 26.97
C ALA D 33 -6.83 -47.78 25.84
N LEU D 34 -6.52 -48.30 24.66
CA LEU D 34 -7.40 -48.14 23.51
C LEU D 34 -8.71 -48.86 23.72
N ASP D 35 -8.69 -50.01 24.36
CA ASP D 35 -9.91 -50.69 24.69
C ASP D 35 -10.80 -49.76 25.49
N ARG D 36 -10.22 -49.10 26.47
CA ARG D 36 -10.97 -48.20 27.33
C ARG D 36 -11.47 -46.93 26.61
N VAL D 37 -10.73 -46.47 25.62
CA VAL D 37 -11.14 -45.29 24.90
C VAL D 37 -12.28 -45.63 23.97
N ALA D 38 -12.18 -46.78 23.32
CA ALA D 38 -13.24 -47.26 22.45
C ALA D 38 -14.53 -47.42 23.22
N GLU D 39 -14.44 -47.83 24.47
CA GLU D 39 -15.64 -47.96 25.29
C GLU D 39 -16.29 -46.61 25.52
N VAL D 40 -15.48 -45.56 25.59
CA VAL D 40 -16.00 -44.21 25.73
C VAL D 40 -16.68 -43.75 24.47
N PHE D 41 -16.08 -44.05 23.33
CA PHE D 41 -16.70 -43.67 22.08
C PHE D 41 -18.03 -44.36 21.94
N ALA D 42 -18.07 -45.62 22.30
CA ALA D 42 -19.30 -46.38 22.20
C ALA D 42 -20.39 -45.76 23.06
N SER D 43 -20.00 -45.03 24.08
CA SER D 43 -20.97 -44.41 24.97
C SER D 43 -21.59 -43.17 24.35
N GLY D 44 -20.88 -42.55 23.42
CA GLY D 44 -21.36 -41.35 22.78
C GLY D 44 -21.13 -40.09 23.59
N TYR D 45 -20.59 -40.20 24.79
CA TYR D 45 -20.34 -39.02 25.61
C TYR D 45 -18.86 -38.86 25.87
N LEU D 46 -18.32 -37.76 25.39
CA LEU D 46 -16.90 -37.49 25.42
C LEU D 46 -16.53 -36.45 26.47
N GLY D 47 -17.51 -35.95 27.18
CA GLY D 47 -17.27 -34.92 28.17
C GLY D 47 -17.09 -35.51 29.54
N GLN D 48 -17.08 -34.65 30.55
CA GLN D 48 -16.87 -35.07 31.93
C GLN D 48 -18.03 -35.91 32.43
N GLY D 49 -17.81 -37.21 32.50
CA GLY D 49 -18.89 -38.15 32.77
C GLY D 49 -18.63 -39.17 33.86
N PRO D 50 -19.09 -40.41 33.64
CA PRO D 50 -18.95 -41.46 34.65
C PRO D 50 -17.53 -42.02 34.77
N ARG D 51 -16.73 -41.90 33.73
CA ARG D 51 -15.38 -42.44 33.82
C ARG D 51 -14.52 -41.51 34.65
N VAL D 52 -14.68 -40.20 34.45
CA VAL D 52 -14.02 -39.22 35.30
C VAL D 52 -14.40 -39.51 36.74
N ALA D 53 -15.63 -39.95 36.95
CA ALA D 53 -16.07 -40.30 38.29
C ALA D 53 -15.35 -41.54 38.77
N GLU D 54 -15.19 -42.53 37.90
CA GLU D 54 -14.51 -43.78 38.26
C GLU D 54 -13.04 -43.56 38.59
N PHE D 55 -12.40 -42.74 37.77
CA PHE D 55 -10.98 -42.43 37.89
C PHE D 55 -10.74 -41.81 39.25
N GLU D 56 -11.51 -40.79 39.58
CA GLU D 56 -11.40 -40.12 40.86
C GLU D 56 -11.64 -41.06 42.05
N SER D 57 -12.48 -42.07 41.87
CA SER D 57 -12.68 -43.04 42.94
C SER D 57 -11.43 -43.87 43.14
N ALA D 58 -10.77 -44.22 42.05
CA ALA D 58 -9.53 -44.96 42.11
C ALA D 58 -8.40 -44.17 42.75
N LEU D 59 -8.26 -42.92 42.33
CA LEU D 59 -7.21 -42.06 42.85
C LEU D 59 -7.39 -41.76 44.32
N ALA D 60 -8.62 -41.46 44.71
CA ALA D 60 -8.90 -41.15 46.10
C ALA D 60 -8.55 -42.35 46.97
N ALA D 61 -8.75 -43.54 46.41
CA ALA D 61 -8.42 -44.76 47.14
C ALA D 61 -6.93 -44.83 47.41
N ARG D 62 -6.15 -44.59 46.36
CA ARG D 62 -4.70 -44.66 46.47
C ARG D 62 -4.13 -43.61 47.39
N LEU D 63 -4.61 -42.37 47.28
CA LEU D 63 -4.01 -41.27 48.02
C LEU D 63 -4.44 -41.18 49.47
N GLY D 64 -5.54 -41.83 49.81
CA GLY D 64 -6.08 -41.78 51.16
C GLY D 64 -6.66 -40.40 51.42
N ASN D 65 -6.86 -39.66 50.34
CA ASN D 65 -7.41 -38.33 50.37
C ASN D 65 -8.58 -38.31 49.42
N PRO D 66 -9.78 -38.10 49.96
CA PRO D 66 -10.97 -38.12 49.12
C PRO D 66 -11.14 -36.83 48.36
N ARG D 67 -10.42 -35.78 48.76
CA ARG D 67 -10.64 -34.47 48.18
C ARG D 67 -9.78 -34.27 46.94
N VAL D 68 -10.10 -35.06 45.91
CA VAL D 68 -9.39 -35.00 44.64
C VAL D 68 -10.24 -34.36 43.55
N VAL D 69 -9.61 -33.62 42.65
CA VAL D 69 -10.33 -32.95 41.57
C VAL D 69 -9.58 -33.07 40.25
N SER D 70 -10.08 -33.91 39.35
CA SER D 70 -9.42 -34.13 38.09
C SER D 70 -9.44 -32.88 37.26
N VAL D 71 -8.37 -32.61 36.54
CA VAL D 71 -8.32 -31.41 35.73
C VAL D 71 -7.71 -31.66 34.37
N HIS D 72 -7.80 -30.65 33.51
CA HIS D 72 -7.38 -30.77 32.13
C HIS D 72 -5.91 -31.05 31.94
N SER D 73 -5.08 -30.46 32.80
CA SER D 73 -3.64 -30.63 32.71
C SER D 73 -3.04 -30.17 34.02
N GLY D 74 -1.82 -30.59 34.31
CA GLY D 74 -1.16 -30.21 35.54
C GLY D 74 -1.06 -28.71 35.62
N THR D 75 -0.81 -28.06 34.49
CA THR D 75 -0.69 -26.62 34.46
C THR D 75 -1.98 -25.96 34.85
N SER D 76 -3.08 -26.46 34.30
CA SER D 76 -4.40 -25.96 34.63
C SER D 76 -4.72 -26.21 36.09
N GLY D 77 -4.42 -27.41 36.55
CA GLY D 77 -4.60 -27.76 37.95
C GLY D 77 -3.91 -26.75 38.86
N LEU D 78 -2.77 -26.23 38.42
CA LEU D 78 -2.08 -25.20 39.21
C LEU D 78 -2.77 -23.85 39.13
N CYS D 79 -3.14 -23.44 37.92
CA CYS D 79 -3.78 -22.15 37.72
C CYS D 79 -5.00 -22.05 38.59
N LEU D 80 -5.70 -23.16 38.70
CA LEU D 80 -6.88 -23.27 39.55
C LEU D 80 -6.48 -22.99 41.00
N ALA D 81 -5.42 -23.65 41.45
CA ALA D 81 -4.93 -23.45 42.80
C ALA D 81 -4.60 -21.98 43.11
N LEU D 82 -4.06 -21.27 42.12
CA LEU D 82 -3.70 -19.87 42.30
C LEU D 82 -4.94 -19.00 42.31
N ARG D 83 -5.98 -19.45 41.62
CA ARG D 83 -7.24 -18.74 41.59
C ARG D 83 -7.98 -18.97 42.89
N LEU D 84 -7.84 -20.16 43.46
CA LEU D 84 -8.50 -20.47 44.72
C LEU D 84 -7.93 -19.65 45.87
N LEU D 85 -6.83 -18.95 45.62
CA LEU D 85 -6.26 -18.11 46.65
C LEU D 85 -7.16 -16.96 47.00
N ASP D 86 -7.56 -16.91 48.27
CA ASP D 86 -8.34 -15.81 48.79
C ASP D 86 -7.39 -14.92 49.56
N ALA D 87 -6.99 -13.81 48.94
CA ALA D 87 -6.02 -12.91 49.55
C ALA D 87 -5.99 -11.56 48.84
N PRO D 88 -5.67 -10.49 49.59
CA PRO D 88 -5.69 -9.11 49.05
C PRO D 88 -4.69 -8.88 47.93
N GLU D 89 -5.06 -8.04 46.96
CA GLU D 89 -4.22 -7.81 45.79
C GLU D 89 -2.86 -7.18 46.13
N GLU D 90 -2.76 -6.56 47.30
CA GLU D 90 -1.49 -5.93 47.68
C GLU D 90 -0.47 -6.98 48.08
N ARG D 91 -0.95 -8.18 48.40
CA ARG D 91 -0.07 -9.36 48.46
C ARG D 91 0.11 -9.88 47.05
N ASP D 92 1.09 -9.33 46.34
CA ASP D 92 1.24 -9.65 44.93
C ASP D 92 2.47 -10.50 44.67
N GLU D 93 3.09 -10.97 45.74
CA GLU D 93 4.36 -11.69 45.63
C GLU D 93 4.20 -13.19 45.79
N VAL D 94 4.66 -13.96 44.81
CA VAL D 94 4.72 -15.40 44.92
C VAL D 94 6.16 -15.93 44.87
N LEU D 95 6.53 -16.74 45.86
CA LEU D 95 7.88 -17.28 45.93
C LEU D 95 8.01 -18.63 45.25
N SER D 96 8.91 -18.72 44.26
CA SER D 96 9.19 -19.97 43.57
C SER D 96 10.60 -19.97 42.96
N THR D 97 11.16 -21.15 42.73
CA THR D 97 12.52 -21.26 42.20
C THR D 97 12.57 -21.40 40.68
N PRO D 98 13.63 -20.87 40.05
CA PRO D 98 13.66 -20.93 38.57
C PRO D 98 14.15 -22.27 38.05
N LEU D 99 14.52 -23.18 38.95
CA LEU D 99 14.89 -24.54 38.56
C LEU D 99 13.65 -25.41 38.63
N THR D 100 12.73 -25.15 37.72
CA THR D 100 11.50 -25.90 37.60
C THR D 100 11.17 -26.01 36.14
N PHE D 101 10.08 -26.69 35.83
CA PHE D 101 9.54 -26.61 34.49
C PHE D 101 8.78 -25.28 34.40
N GLU D 102 8.81 -24.66 33.22
CA GLU D 102 8.31 -23.30 33.05
C GLU D 102 6.84 -23.09 33.44
N ALA D 103 6.05 -24.15 33.43
CA ALA D 103 4.64 -24.03 33.78
C ALA D 103 4.49 -23.52 35.18
N THR D 104 5.26 -24.07 36.09
CA THR D 104 5.15 -23.71 37.50
C THR D 104 5.30 -22.20 37.69
N ASN D 105 6.11 -21.57 36.86
CA ASN D 105 6.36 -20.15 37.03
C ASN D 105 5.56 -19.33 36.05
N TRP D 106 5.23 -19.91 34.91
CA TRP D 106 4.41 -19.20 33.94
C TRP D 106 2.99 -19.11 34.46
N ALA D 107 2.61 -20.10 35.26
CA ALA D 107 1.30 -20.10 35.92
C ALA D 107 1.15 -18.89 36.82
N ILE D 108 2.24 -18.52 37.49
CA ILE D 108 2.21 -17.36 38.38
C ILE D 108 1.92 -16.07 37.63
N LEU D 109 2.54 -15.87 36.48
CA LEU D 109 2.26 -14.66 35.72
C LEU D 109 0.81 -14.65 35.24
N ALA D 110 0.30 -15.83 34.91
CA ALA D 110 -1.08 -15.94 34.48
C ALA D 110 -2.03 -15.52 35.59
N ASP D 111 -1.62 -15.73 36.84
CA ASP D 111 -2.42 -15.33 37.98
C ASP D 111 -2.25 -13.84 38.20
N GLY D 112 -1.46 -13.22 37.34
CA GLY D 112 -1.28 -11.78 37.39
C GLY D 112 -0.43 -11.34 38.56
N ARG D 113 0.40 -12.24 39.08
CA ARG D 113 1.22 -11.95 40.24
C ARG D 113 2.67 -11.67 39.87
N ARG D 114 3.46 -11.39 40.89
CA ARG D 114 4.88 -11.12 40.75
C ARG D 114 5.70 -12.30 41.28
N ILE D 115 6.70 -12.72 40.52
CA ILE D 115 7.58 -13.80 40.93
C ILE D 115 8.77 -13.26 41.70
N THR D 116 9.07 -13.87 42.84
CA THR D 116 10.30 -13.56 43.56
C THR D 116 11.08 -14.83 43.73
N TRP D 117 12.21 -14.92 43.03
CA TRP D 117 12.99 -16.14 42.94
C TRP D 117 13.62 -16.58 44.25
N VAL D 118 13.53 -17.86 44.54
CA VAL D 118 14.19 -18.43 45.70
C VAL D 118 15.37 -19.31 45.23
N ASP D 119 16.49 -19.29 45.96
CA ASP D 119 17.70 -20.00 45.51
C ASP D 119 17.54 -21.50 45.65
N VAL D 120 18.57 -22.24 45.24
CA VAL D 120 18.51 -23.70 45.18
C VAL D 120 19.47 -24.38 46.16
N ASP D 121 19.00 -25.42 46.83
CA ASP D 121 19.85 -26.27 47.65
C ASP D 121 20.63 -27.23 46.77
N PRO D 122 21.95 -27.01 46.64
CA PRO D 122 22.77 -27.81 45.72
C PRO D 122 22.90 -29.27 46.13
N ALA D 123 22.44 -29.62 47.32
CA ALA D 123 22.57 -30.97 47.82
C ALA D 123 21.50 -31.90 47.29
N THR D 124 20.32 -31.34 47.01
CA THR D 124 19.15 -32.11 46.57
C THR D 124 18.54 -31.53 45.31
N LEU D 125 18.96 -30.31 44.96
CA LEU D 125 18.42 -29.58 43.82
C LEU D 125 16.94 -29.22 43.95
N THR D 126 16.45 -29.14 45.19
CA THR D 126 15.13 -28.59 45.46
C THR D 126 15.33 -27.23 46.13
N MET D 127 14.24 -26.52 46.38
CA MET D 127 14.30 -25.15 46.89
C MET D 127 15.10 -25.03 48.18
N ASP D 128 15.93 -23.99 48.26
CA ASP D 128 16.69 -23.69 49.46
C ASP D 128 15.76 -23.03 50.48
N LEU D 129 15.36 -23.78 51.49
CA LEU D 129 14.39 -23.31 52.47
C LEU D 129 14.97 -22.19 53.34
N ASP D 130 16.30 -22.12 53.42
CA ASP D 130 16.94 -21.02 54.11
C ASP D 130 16.62 -19.72 53.40
N ASP D 131 16.86 -19.70 52.10
CA ASP D 131 16.62 -18.49 51.31
C ASP D 131 15.14 -18.16 51.26
N LEU D 132 14.31 -19.19 51.34
CA LEU D 132 12.86 -19.00 51.34
C LEU D 132 12.38 -18.23 52.55
N GLU D 133 12.72 -18.73 53.73
CA GLU D 133 12.28 -18.14 54.98
C GLU D 133 12.74 -16.69 55.07
N ARG D 134 13.91 -16.44 54.51
CA ARG D 134 14.48 -15.10 54.47
C ARG D 134 13.71 -14.19 53.51
N LYS D 135 13.18 -14.77 52.44
CA LYS D 135 12.55 -13.98 51.39
C LYS D 135 11.05 -13.82 51.57
N ILE D 136 10.48 -14.52 52.55
CA ILE D 136 9.08 -14.31 52.91
C ILE D 136 8.89 -12.90 53.43
N SER D 137 7.97 -12.17 52.82
CA SER D 137 7.73 -10.79 53.21
C SER D 137 6.23 -10.61 53.43
N PRO D 138 5.84 -9.47 54.01
CA PRO D 138 4.41 -9.15 54.12
C PRO D 138 3.69 -9.03 52.78
N ALA D 139 4.42 -9.11 51.67
CA ALA D 139 3.82 -9.02 50.34
C ALA D 139 3.58 -10.41 49.76
N THR D 140 4.08 -11.43 50.44
CA THR D 140 4.03 -12.81 49.97
C THR D 140 2.61 -13.36 49.86
N ARG D 141 2.19 -13.66 48.65
CA ARG D 141 0.85 -14.21 48.44
C ARG D 141 0.82 -15.70 48.74
N ALA D 142 1.78 -16.42 48.15
CA ALA D 142 1.91 -17.87 48.32
C ALA D 142 3.29 -18.34 47.94
N ILE D 143 3.57 -19.61 48.23
CA ILE D 143 4.87 -20.21 47.96
C ILE D 143 4.70 -21.55 47.27
N ILE D 144 5.31 -21.69 46.11
CA ILE D 144 5.21 -22.93 45.35
C ILE D 144 6.48 -23.76 45.40
N VAL D 145 6.37 -24.92 46.03
CA VAL D 145 7.48 -25.87 46.12
C VAL D 145 7.27 -26.98 45.11
N VAL D 146 8.35 -27.36 44.43
CA VAL D 146 8.28 -28.35 43.38
C VAL D 146 9.05 -29.60 43.80
N HIS D 147 8.38 -30.72 43.95
CA HIS D 147 9.10 -31.94 44.26
C HIS D 147 9.90 -32.39 43.04
N TRP D 148 10.94 -31.64 42.72
CA TRP D 148 11.66 -31.73 41.45
C TRP D 148 12.23 -33.12 41.19
N THR D 149 12.03 -33.57 39.96
CA THR D 149 12.46 -34.88 39.47
C THR D 149 12.00 -36.05 40.31
N GLY D 150 11.10 -35.80 41.24
CA GLY D 150 10.46 -36.89 41.94
C GLY D 150 10.81 -36.94 43.40
N TYR D 151 11.63 -36.00 43.84
CA TYR D 151 12.11 -36.07 45.21
C TYR D 151 11.36 -35.11 46.13
N PRO D 152 10.63 -35.66 47.11
CA PRO D 152 9.83 -34.91 48.09
C PRO D 152 10.65 -33.94 48.95
N VAL D 153 10.21 -32.69 49.00
CA VAL D 153 10.86 -31.67 49.82
C VAL D 153 10.57 -31.87 51.32
N ASP D 154 11.47 -31.39 52.18
CA ASP D 154 11.31 -31.47 53.63
C ASP D 154 10.08 -30.67 54.07
N LEU D 155 8.94 -31.33 54.08
CA LEU D 155 7.66 -30.65 54.33
C LEU D 155 7.55 -30.15 55.75
N ASP D 156 8.06 -30.93 56.70
CA ASP D 156 7.99 -30.57 58.10
C ASP D 156 8.72 -29.27 58.36
N ARG D 157 9.87 -29.10 57.71
CA ARG D 157 10.63 -27.87 57.86
C ARG D 157 9.83 -26.71 57.30
N LEU D 158 9.15 -26.97 56.20
CA LEU D 158 8.32 -25.96 55.56
C LEU D 158 7.18 -25.52 56.48
N ALA D 159 6.56 -26.46 57.18
CA ALA D 159 5.47 -26.14 58.09
C ALA D 159 5.96 -25.25 59.22
N GLY D 160 7.15 -25.55 59.73
CA GLY D 160 7.74 -24.73 60.76
C GLY D 160 8.00 -23.33 60.24
N ILE D 161 8.59 -23.25 59.05
CA ILE D 161 8.85 -21.96 58.42
C ILE D 161 7.53 -21.19 58.29
N LEU D 162 6.49 -21.91 57.93
CA LEU D 162 5.16 -21.31 57.81
C LEU D 162 4.56 -20.99 59.16
N ASP D 163 4.74 -21.90 60.13
CA ASP D 163 4.25 -21.70 61.48
C ASP D 163 4.78 -20.40 62.07
N ARG D 164 6.08 -20.19 61.92
CA ARG D 164 6.70 -18.99 62.46
C ARG D 164 6.23 -17.76 61.73
N ALA D 165 6.06 -17.87 60.42
CA ALA D 165 5.62 -16.74 59.62
C ALA D 165 4.19 -16.34 60.00
N GLU D 166 3.40 -17.33 60.42
CA GLU D 166 2.01 -17.07 60.80
C GLU D 166 1.93 -16.38 62.15
N ARG D 167 2.63 -16.94 63.13
CA ARG D 167 2.73 -16.33 64.45
C ARG D 167 3.29 -14.92 64.35
N GLU D 168 4.18 -14.73 63.37
CA GLU D 168 4.81 -13.44 63.18
C GLU D 168 3.83 -12.36 62.76
N HIS D 169 3.34 -12.42 61.52
CA HIS D 169 2.50 -11.36 61.02
C HIS D 169 1.17 -11.82 60.43
N GLY D 170 0.28 -12.33 61.28
CA GLY D 170 -1.10 -12.51 60.88
C GLY D 170 -1.28 -13.57 59.82
N PHE D 171 -0.80 -13.26 58.62
CA PHE D 171 -1.07 -14.06 57.43
C PHE D 171 -0.07 -15.19 57.33
N ARG D 172 -0.57 -16.38 57.00
CA ARG D 172 0.26 -17.53 56.65
C ARG D 172 0.18 -17.76 55.16
N PRO D 173 1.26 -17.42 54.43
CA PRO D 173 1.24 -17.58 52.98
C PRO D 173 0.91 -19.02 52.64
N ALA D 174 0.20 -19.25 51.56
CA ALA D 174 -0.17 -20.61 51.19
C ALA D 174 0.97 -21.33 50.48
N VAL D 175 1.01 -22.64 50.64
CA VAL D 175 1.98 -23.49 49.95
C VAL D 175 1.27 -24.52 49.08
N ILE D 176 1.68 -24.59 47.81
CA ILE D 176 1.16 -25.58 46.88
C ILE D 176 2.26 -26.52 46.40
N GLU D 177 2.05 -27.82 46.61
CA GLU D 177 3.03 -28.82 46.22
C GLU D 177 2.86 -29.25 44.78
N ASP D 178 3.87 -29.01 43.96
CA ASP D 178 3.87 -29.38 42.55
C ASP D 178 4.37 -30.81 42.37
N CYS D 179 3.45 -31.74 42.23
CA CYS D 179 3.80 -33.16 42.18
C CYS D 179 3.86 -33.72 40.76
N ALA D 180 4.21 -32.89 39.80
CA ALA D 180 4.25 -33.32 38.41
C ALA D 180 5.16 -34.53 38.27
N HIS D 181 6.28 -34.45 38.94
CA HIS D 181 7.30 -35.46 38.87
C HIS D 181 7.23 -36.48 39.98
N ALA D 182 6.29 -36.32 40.90
CA ALA D 182 6.34 -37.11 42.11
C ALA D 182 5.15 -37.99 42.32
N TRP D 183 4.58 -38.52 41.24
CA TRP D 183 3.47 -39.44 41.42
C TRP D 183 3.93 -40.67 42.18
N GLY D 184 3.16 -41.08 43.17
CA GLY D 184 3.48 -42.31 43.88
C GLY D 184 4.45 -42.07 45.00
N ALA D 185 4.91 -40.83 45.10
CA ALA D 185 5.90 -40.46 46.09
C ALA D 185 5.29 -40.41 47.47
N SER D 186 6.10 -40.72 48.47
CA SER D 186 5.67 -40.59 49.85
C SER D 186 6.69 -39.79 50.62
N TYR D 187 6.27 -39.26 51.77
CA TYR D 187 7.12 -38.46 52.63
C TYR D 187 6.80 -38.83 54.05
N ARG D 188 7.76 -39.45 54.73
CA ARG D 188 7.57 -39.91 56.10
C ARG D 188 6.33 -40.80 56.21
N GLY D 189 6.23 -41.76 55.29
CA GLY D 189 5.20 -42.78 55.36
C GLY D 189 3.88 -42.37 54.74
N VAL D 190 3.74 -41.08 54.45
CA VAL D 190 2.47 -40.54 53.95
C VAL D 190 2.52 -40.15 52.48
N PRO D 191 1.60 -40.69 51.65
CA PRO D 191 1.55 -40.33 50.25
C PRO D 191 1.28 -38.84 50.09
N LEU D 192 1.94 -38.18 49.14
CA LEU D 192 1.74 -36.76 48.92
C LEU D 192 0.26 -36.44 48.67
N GLY D 193 -0.18 -35.28 49.14
CA GLY D 193 -1.57 -34.89 49.02
C GLY D 193 -2.24 -34.94 50.37
N SER D 194 -1.64 -35.67 51.29
CA SER D 194 -2.19 -35.84 52.62
C SER D 194 -1.30 -35.13 53.63
N HIS D 195 -0.82 -33.95 53.25
CA HIS D 195 0.05 -33.19 54.12
C HIS D 195 -0.50 -31.80 54.38
N GLY D 196 -1.80 -31.62 54.12
CA GLY D 196 -2.46 -30.39 54.48
C GLY D 196 -2.28 -29.31 53.44
N ASN D 197 -1.63 -29.63 52.33
CA ASN D 197 -1.49 -28.66 51.25
C ASN D 197 -2.23 -29.05 50.00
N MET D 198 -2.55 -28.07 49.17
CA MET D 198 -3.03 -28.36 47.85
C MET D 198 -1.85 -28.98 47.12
N CYS D 199 -2.10 -30.07 46.41
CA CYS D 199 -1.08 -30.76 45.64
C CYS D 199 -1.58 -30.93 44.23
N VAL D 200 -0.70 -30.75 43.25
CA VAL D 200 -1.08 -30.90 41.86
C VAL D 200 -0.26 -31.93 41.11
N PHE D 201 -0.88 -33.05 40.75
CA PHE D 201 -0.18 -34.08 39.99
C PHE D 201 -0.30 -33.80 38.53
N SER D 202 0.56 -34.39 37.72
CA SER D 202 0.45 -34.19 36.29
C SER D 202 0.36 -35.52 35.61
N PHE D 203 -0.46 -35.62 34.58
CA PHE D 203 -0.61 -36.86 33.87
C PHE D 203 -0.27 -36.68 32.41
N GLN D 204 0.50 -35.63 32.13
CA GLN D 204 0.97 -35.37 30.79
C GLN D 204 1.68 -36.59 30.25
N ALA D 205 1.80 -36.70 28.94
CA ALA D 205 2.31 -37.92 28.29
C ALA D 205 3.57 -38.51 28.91
N LEU D 206 4.51 -37.67 29.28
CA LEU D 206 5.80 -38.19 29.71
C LEU D 206 5.78 -38.64 31.16
N LYS D 207 4.72 -38.33 31.89
CA LYS D 207 4.71 -38.59 33.32
C LYS D 207 4.40 -40.03 33.66
N HIS D 208 4.51 -40.35 34.93
CA HIS D 208 4.37 -41.71 35.40
C HIS D 208 2.98 -42.22 35.09
N LEU D 209 1.97 -41.57 35.62
CA LEU D 209 0.61 -41.96 35.28
C LEU D 209 0.12 -41.00 34.23
N THR D 210 -0.14 -41.47 33.02
CA THR D 210 -0.46 -40.52 31.99
C THR D 210 -1.88 -40.74 31.49
N CYS D 211 -2.56 -39.64 31.18
CA CYS D 211 -3.90 -39.71 30.61
C CYS D 211 -3.86 -39.20 29.18
N GLY D 212 -2.67 -39.12 28.61
CA GLY D 212 -2.52 -38.46 27.33
C GLY D 212 -2.27 -37.01 27.62
N ASP D 213 -3.16 -36.46 28.44
CA ASP D 213 -2.96 -35.21 29.12
C ASP D 213 -3.93 -35.15 30.28
N GLY D 214 -3.54 -34.50 31.36
CA GLY D 214 -4.37 -34.58 32.55
C GLY D 214 -3.66 -34.00 33.74
N GLY D 215 -4.34 -33.98 34.86
CA GLY D 215 -3.81 -33.42 36.08
C GLY D 215 -4.70 -33.80 37.24
N LEU D 216 -4.30 -33.45 38.45
CA LEU D 216 -5.14 -33.71 39.60
C LEU D 216 -4.87 -32.68 40.68
N LEU D 217 -5.90 -32.01 41.18
CA LEU D 217 -5.71 -31.09 42.28
C LEU D 217 -6.30 -31.70 43.55
N THR D 218 -5.49 -31.84 44.59
CA THR D 218 -5.99 -32.39 45.84
C THR D 218 -6.12 -31.30 46.89
N LEU D 219 -7.18 -31.38 47.68
CA LEU D 219 -7.46 -30.33 48.65
C LEU D 219 -7.35 -30.86 50.07
N PRO D 220 -6.88 -30.01 50.99
CA PRO D 220 -6.75 -30.43 52.38
C PRO D 220 -8.00 -30.14 53.22
N GLY D 221 -8.95 -29.41 52.65
CA GLY D 221 -10.14 -28.99 53.36
C GLY D 221 -11.34 -28.95 52.44
N ASP D 222 -12.53 -29.03 53.02
CA ASP D 222 -13.74 -29.16 52.23
C ASP D 222 -14.12 -27.92 51.45
N GLU D 223 -13.93 -26.74 52.06
CA GLU D 223 -14.37 -25.51 51.42
C GLU D 223 -13.58 -25.26 50.14
N LEU D 224 -12.29 -25.58 50.18
CA LEU D 224 -11.44 -25.50 49.02
C LEU D 224 -11.83 -26.53 48.00
N HIS D 225 -12.22 -27.70 48.48
CA HIS D 225 -12.65 -28.79 47.60
C HIS D 225 -13.81 -28.37 46.74
N GLU D 226 -14.79 -27.73 47.37
CA GLU D 226 -16.02 -27.34 46.72
C GLU D 226 -15.82 -26.28 45.64
N ARG D 227 -15.04 -25.25 45.93
CA ARG D 227 -14.80 -24.17 44.97
C ARG D 227 -14.13 -24.69 43.70
N ALA D 228 -13.20 -25.63 43.88
CA ALA D 228 -12.45 -26.21 42.77
C ALA D 228 -13.38 -26.97 41.84
N MET D 229 -14.32 -27.70 42.44
CA MET D 229 -15.31 -28.46 41.70
C MET D 229 -16.10 -27.56 40.78
N LEU D 230 -16.31 -26.32 41.23
CA LEU D 230 -17.08 -25.38 40.44
C LEU D 230 -16.22 -24.71 39.41
N ARG D 231 -15.13 -24.10 39.87
CA ARG D 231 -14.37 -23.20 39.04
C ARG D 231 -13.60 -23.90 37.94
N ARG D 232 -13.49 -25.22 38.03
CA ARG D 232 -12.78 -25.97 37.00
C ARG D 232 -13.64 -26.06 35.75
N PHE D 233 -14.90 -25.67 35.87
CA PHE D 233 -15.79 -25.62 34.72
C PHE D 233 -16.63 -24.37 34.76
N TYR D 234 -15.94 -23.24 34.62
CA TYR D 234 -16.55 -21.94 34.52
C TYR D 234 -17.32 -21.54 35.77
N GLY D 235 -17.38 -22.42 36.76
CA GLY D 235 -18.14 -22.14 37.96
C GLY D 235 -19.57 -22.60 37.82
N ILE D 236 -19.84 -23.35 36.77
CA ILE D 236 -21.20 -23.80 36.48
C ILE D 236 -21.53 -25.13 37.11
N ASP D 237 -22.55 -25.18 37.95
CA ASP D 237 -23.01 -26.46 38.45
C ASP D 237 -23.58 -27.26 37.29
N ARG D 238 -22.94 -28.39 37.00
CA ARG D 238 -23.30 -29.22 35.86
C ARG D 238 -24.52 -30.06 36.16
N THR D 239 -24.95 -30.04 37.41
CA THR D 239 -26.14 -30.77 37.81
C THR D 239 -27.39 -29.89 37.81
N ALA D 240 -27.21 -28.62 37.45
CA ALA D 240 -28.31 -27.67 37.43
C ALA D 240 -29.08 -27.70 36.12
N ASP D 241 -30.33 -27.27 36.18
CA ASP D 241 -31.16 -27.14 34.98
C ASP D 241 -30.69 -25.94 34.19
N ARG D 242 -29.58 -26.13 33.49
CA ARG D 242 -28.94 -25.05 32.74
C ARG D 242 -29.82 -24.59 31.59
N LEU D 243 -30.66 -25.49 31.12
CA LEU D 243 -31.54 -25.26 30.00
C LEU D 243 -32.49 -24.12 30.34
N ARG D 244 -32.79 -23.99 31.62
CA ARG D 244 -33.67 -22.94 32.11
C ARG D 244 -32.88 -21.87 32.85
N GLY D 245 -31.56 -21.92 32.77
CA GLY D 245 -30.74 -20.89 33.39
C GLY D 245 -30.76 -20.87 34.92
N ALA D 246 -31.09 -21.99 35.55
CA ALA D 246 -31.25 -22.04 37.00
C ALA D 246 -29.95 -22.37 37.72
N TYR D 247 -28.94 -21.53 37.56
CA TYR D 247 -27.65 -21.70 38.23
C TYR D 247 -26.95 -20.36 38.41
N ASP D 248 -26.00 -20.28 39.32
CA ASP D 248 -25.25 -19.05 39.51
C ASP D 248 -23.75 -19.31 39.55
N VAL D 249 -23.01 -18.50 38.82
CA VAL D 249 -21.56 -18.59 38.86
C VAL D 249 -21.07 -17.64 39.92
N ALA D 250 -20.83 -18.18 41.11
CA ALA D 250 -20.44 -17.35 42.23
C ALA D 250 -19.00 -16.90 42.07
N GLU D 251 -18.17 -17.77 41.50
CA GLU D 251 -16.78 -17.46 41.19
C GLU D 251 -16.50 -17.94 39.78
N TRP D 252 -15.91 -17.09 38.95
CA TRP D 252 -15.66 -17.48 37.57
C TRP D 252 -14.54 -18.50 37.48
N GLY D 253 -14.46 -19.13 36.33
CA GLY D 253 -13.41 -20.10 36.06
C GLY D 253 -13.23 -20.21 34.57
N LEU D 254 -12.40 -21.13 34.13
CA LEU D 254 -12.24 -21.38 32.71
C LEU D 254 -12.38 -22.87 32.47
N LYS D 255 -11.92 -23.34 31.32
CA LYS D 255 -12.06 -24.76 30.99
C LYS D 255 -10.90 -25.56 31.54
N TRP D 256 -10.99 -25.90 32.83
CA TRP D 256 -9.88 -26.55 33.49
C TRP D 256 -10.17 -28.01 33.82
N HIS D 257 -11.40 -28.48 33.60
CA HIS D 257 -11.78 -29.82 34.02
C HIS D 257 -11.26 -30.91 33.09
N MET D 258 -11.40 -32.16 33.49
CA MET D 258 -10.96 -33.28 32.66
C MET D 258 -12.13 -34.08 32.16
N THR D 259 -12.05 -34.52 30.91
CA THR D 259 -13.18 -35.18 30.26
C THR D 259 -13.05 -36.67 30.35
N ASP D 260 -14.10 -37.39 30.00
CA ASP D 260 -14.10 -38.84 30.10
C ASP D 260 -13.10 -39.47 29.16
N LEU D 261 -12.76 -38.75 28.09
CA LEU D 261 -11.85 -39.30 27.11
C LEU D 261 -10.48 -39.55 27.70
N ASN D 262 -9.91 -38.54 28.36
CA ASN D 262 -8.60 -38.70 28.95
C ASN D 262 -8.66 -39.55 30.21
N ALA D 263 -9.67 -39.35 31.04
CA ALA D 263 -9.85 -40.18 32.21
C ALA D 263 -9.90 -41.64 31.84
N ALA D 264 -10.41 -41.94 30.67
CA ALA D 264 -10.48 -43.33 30.22
C ALA D 264 -9.11 -43.94 30.11
N ILE D 265 -8.17 -43.16 29.58
CA ILE D 265 -6.80 -43.60 29.43
C ILE D 265 -6.14 -43.85 30.77
N GLY D 266 -6.23 -42.89 31.67
CA GLY D 266 -5.68 -43.01 33.00
C GLY D 266 -6.16 -44.23 33.76
N LEU D 267 -7.40 -44.63 33.53
CA LEU D 267 -7.90 -45.82 34.18
C LEU D 267 -7.15 -47.07 33.74
N ALA D 268 -6.75 -47.09 32.49
CA ALA D 268 -6.04 -48.23 31.93
C ALA D 268 -4.61 -48.25 32.46
N ASN D 269 -4.02 -47.08 32.60
CA ASN D 269 -2.62 -46.98 33.00
C ASN D 269 -2.43 -47.16 34.49
N LEU D 270 -3.49 -47.07 35.25
CA LEU D 270 -3.41 -47.40 36.67
C LEU D 270 -3.07 -48.87 36.82
N GLU D 271 -3.36 -49.66 35.78
CA GLU D 271 -3.08 -51.10 35.81
C GLU D 271 -1.58 -51.40 35.80
N THR D 272 -0.80 -50.48 35.25
CA THR D 272 0.62 -50.70 35.04
C THR D 272 1.48 -49.71 35.76
N VAL D 273 0.89 -48.71 36.41
CA VAL D 273 1.70 -47.63 36.98
C VAL D 273 2.52 -48.13 38.14
N ASP D 274 2.02 -49.15 38.85
CA ASP D 274 2.73 -49.65 40.02
C ASP D 274 4.04 -50.32 39.64
N GLU D 275 3.97 -51.16 38.61
CA GLU D 275 5.11 -51.91 38.17
C GLU D 275 6.20 -50.99 37.64
N GLN D 276 5.79 -50.01 36.86
CA GLN D 276 6.74 -49.09 36.25
C GLN D 276 7.37 -48.17 37.27
N LEU D 277 6.65 -47.92 38.36
CA LEU D 277 7.19 -47.06 39.40
C LEU D 277 8.29 -47.81 40.09
N ARG D 278 8.10 -49.11 40.23
CA ARG D 278 9.09 -49.97 40.87
C ARG D 278 10.38 -49.95 40.07
N LEU D 279 10.27 -50.14 38.76
CA LEU D 279 11.43 -50.16 37.91
C LEU D 279 12.12 -48.83 37.91
N HIS D 280 11.37 -47.76 38.11
CA HIS D 280 11.98 -46.44 38.20
C HIS D 280 12.94 -46.36 39.36
N ARG D 281 12.48 -46.88 40.49
CA ARG D 281 13.25 -46.80 41.71
C ARG D 281 14.34 -47.85 41.75
N GLU D 282 14.02 -49.00 41.19
CA GLU D 282 14.95 -50.10 41.09
C GLU D 282 16.14 -49.70 40.25
N ASN D 283 15.92 -48.95 39.18
CA ASN D 283 17.02 -48.46 38.38
C ASN D 283 17.79 -47.36 39.09
N ALA D 284 17.09 -46.54 39.85
CA ALA D 284 17.76 -45.50 40.61
C ALA D 284 18.63 -46.11 41.69
N ALA D 285 18.13 -47.18 42.28
CA ALA D 285 18.89 -47.90 43.31
C ALA D 285 20.20 -48.42 42.74
N PHE D 286 20.10 -49.07 41.60
CA PHE D 286 21.24 -49.58 40.88
C PHE D 286 22.28 -48.49 40.67
N TYR D 287 21.85 -47.34 40.19
CA TYR D 287 22.78 -46.25 40.00
C TYR D 287 23.41 -45.84 41.32
N ASP D 288 22.60 -45.75 42.37
CA ASP D 288 23.10 -45.36 43.69
C ASP D 288 24.17 -46.32 44.19
N LYS D 289 24.07 -47.59 43.81
CA LYS D 289 25.05 -48.58 44.21
C LYS D 289 26.29 -48.48 43.35
N GLU D 290 26.10 -48.38 42.05
CA GLU D 290 27.18 -48.57 41.10
C GLU D 290 27.85 -47.30 40.62
N LEU D 291 27.46 -46.15 41.16
CA LEU D 291 28.04 -44.89 40.69
C LEU D 291 28.81 -44.11 41.75
N THR D 292 29.13 -44.75 42.87
CA THR D 292 29.97 -44.13 43.90
C THR D 292 31.41 -44.05 43.46
N GLY D 293 32.13 -43.06 43.99
CA GLY D 293 33.55 -42.97 43.77
C GLY D 293 34.01 -42.78 42.35
N VAL D 294 33.31 -41.97 41.60
CA VAL D 294 33.79 -41.61 40.28
C VAL D 294 34.35 -40.19 40.30
N PRO D 295 35.61 -40.04 39.89
CA PRO D 295 36.21 -38.71 39.95
C PRO D 295 35.52 -37.77 38.98
N GLY D 296 34.98 -36.70 39.53
CA GLY D 296 34.27 -35.71 38.75
C GLY D 296 32.77 -35.97 38.73
N LEU D 297 32.31 -36.94 39.52
CA LEU D 297 30.88 -37.18 39.59
C LEU D 297 30.39 -37.21 41.03
N GLU D 298 29.48 -36.29 41.33
CA GLU D 298 28.92 -36.19 42.66
C GLU D 298 27.43 -36.54 42.63
N LEU D 299 27.06 -37.58 43.38
CA LEU D 299 25.67 -37.94 43.52
C LEU D 299 24.94 -36.99 44.43
N LEU D 300 23.62 -36.99 44.35
CA LEU D 300 22.79 -36.15 45.21
C LEU D 300 22.46 -36.89 46.48
N GLN D 301 22.48 -36.19 47.60
CA GLN D 301 22.22 -36.82 48.88
C GLN D 301 20.74 -36.80 49.18
N ARG D 302 20.16 -37.98 49.28
CA ARG D 302 18.74 -38.14 49.50
C ARG D 302 18.46 -38.61 50.91
N SER D 303 17.53 -37.94 51.57
CA SER D 303 17.15 -38.29 52.93
C SER D 303 16.36 -39.58 52.92
N PRO D 304 16.52 -40.42 53.95
CA PRO D 304 15.85 -41.72 53.97
C PRO D 304 14.46 -41.69 54.58
N ASP D 305 13.99 -40.53 55.00
CA ASP D 305 12.66 -40.40 55.61
C ASP D 305 11.59 -40.15 54.56
N ARG D 306 11.90 -40.43 53.30
CA ARG D 306 10.97 -40.19 52.23
C ARG D 306 11.25 -41.12 51.06
N GLU D 307 10.29 -41.24 50.15
CA GLU D 307 10.43 -42.12 48.98
C GLU D 307 10.05 -41.39 47.70
N GLY D 308 11.04 -41.18 46.84
CA GLY D 308 10.85 -40.44 45.60
C GLY D 308 10.29 -41.26 44.46
N SER D 309 10.27 -40.68 43.27
CA SER D 309 9.67 -41.34 42.12
C SER D 309 10.61 -41.38 40.93
N PHE D 310 11.65 -40.57 40.98
CA PHE D 310 12.69 -40.58 39.96
C PHE D 310 12.16 -40.47 38.56
N TYR D 311 11.61 -39.31 38.26
CA TYR D 311 11.20 -38.96 36.92
C TYR D 311 12.46 -39.10 36.08
N VAL D 312 13.54 -38.54 36.59
CA VAL D 312 14.86 -38.73 36.00
C VAL D 312 15.89 -38.96 37.11
N TYR D 313 17.10 -39.34 36.72
CA TYR D 313 18.17 -39.53 37.70
C TYR D 313 19.14 -38.36 37.60
N ASP D 314 19.22 -37.57 38.68
CA ASP D 314 20.04 -36.37 38.71
C ASP D 314 21.44 -36.60 39.29
N VAL D 315 22.46 -36.10 38.59
CA VAL D 315 23.82 -36.11 39.11
C VAL D 315 24.50 -34.78 38.80
N LYS D 316 25.60 -34.51 39.50
CA LYS D 316 26.40 -33.32 39.23
C LYS D 316 27.78 -33.75 38.74
N VAL D 317 28.27 -33.15 37.65
CA VAL D 317 29.57 -33.55 37.09
C VAL D 317 30.51 -32.38 36.77
N ASP D 318 31.81 -32.63 36.81
CA ASP D 318 32.79 -31.64 36.36
C ASP D 318 33.09 -31.81 34.87
N ASP D 319 33.55 -30.74 34.22
CA ASP D 319 33.80 -30.73 32.77
C ASP D 319 32.66 -31.35 32.04
N ARG D 320 31.46 -30.85 32.32
CA ARG D 320 30.25 -31.37 31.72
C ARG D 320 30.20 -31.38 30.18
N PRO D 321 30.75 -30.34 29.50
CA PRO D 321 30.69 -30.38 28.04
C PRO D 321 31.30 -31.61 27.44
N ALA D 322 32.39 -32.08 28.03
CA ALA D 322 33.01 -33.32 27.61
C ALA D 322 32.08 -34.47 27.96
N PHE D 323 31.51 -34.40 29.16
CA PHE D 323 30.56 -35.40 29.61
C PHE D 323 29.43 -35.53 28.61
N HIS D 324 28.83 -34.42 28.22
CA HIS D 324 27.75 -34.43 27.26
C HIS D 324 28.19 -35.12 25.97
N ARG D 325 29.36 -34.78 25.45
CA ARG D 325 29.84 -35.36 24.20
C ARG D 325 30.00 -36.87 24.33
N LYS D 326 30.36 -37.30 25.54
CA LYS D 326 30.50 -38.72 25.81
C LYS D 326 29.18 -39.46 25.70
N MET D 327 28.15 -38.96 26.37
CA MET D 327 26.83 -39.59 26.35
C MET D 327 26.29 -39.63 24.95
N GLU D 328 26.50 -38.55 24.22
CA GLU D 328 26.11 -38.47 22.84
C GLU D 328 26.79 -39.58 22.04
N ALA D 329 28.07 -39.81 22.32
CA ALA D 329 28.82 -40.86 21.62
C ALA D 329 28.31 -42.23 22.00
N ALA D 330 27.89 -42.36 23.25
CA ALA D 330 27.43 -43.63 23.78
C ALA D 330 25.97 -43.86 23.50
N GLY D 331 25.34 -42.91 22.83
CA GLY D 331 23.94 -43.02 22.48
C GLY D 331 23.08 -42.90 23.71
N ILE D 332 23.44 -42.01 24.61
CA ILE D 332 22.61 -41.79 25.78
C ILE D 332 22.15 -40.37 25.84
N MET D 333 20.84 -40.19 25.86
CA MET D 333 20.23 -38.90 25.96
C MET D 333 20.35 -38.40 27.38
N ALA D 334 21.03 -37.28 27.58
CA ALA D 334 21.13 -36.70 28.92
C ALA D 334 21.27 -35.20 28.86
N GLY D 335 20.72 -34.53 29.87
CA GLY D 335 20.77 -33.09 29.91
C GLY D 335 19.71 -32.48 30.81
N LEU D 336 19.19 -31.35 30.39
CA LEU D 336 18.24 -30.58 31.19
C LEU D 336 16.80 -30.77 30.81
N VAL D 337 15.95 -30.81 31.83
CA VAL D 337 14.51 -30.79 31.64
C VAL D 337 14.11 -29.42 31.12
N SER D 338 14.63 -28.36 31.75
CA SER D 338 14.36 -26.99 31.31
C SER D 338 15.50 -26.05 31.66
N ARG D 339 15.64 -24.99 30.88
CA ARG D 339 16.55 -23.90 31.20
C ARG D 339 16.11 -23.30 32.51
N ARG D 340 17.05 -22.77 33.28
CA ARG D 340 16.69 -22.09 34.51
C ARG D 340 15.77 -20.98 34.07
N ASN D 341 14.61 -20.86 34.71
CA ASN D 341 13.57 -20.01 34.15
C ASN D 341 13.94 -18.54 34.19
N ASP D 342 14.80 -18.17 35.12
CA ASP D 342 15.09 -16.77 35.34
C ASP D 342 15.91 -16.16 34.21
N GLU D 343 16.45 -17.00 33.33
CA GLU D 343 17.27 -16.49 32.24
C GLU D 343 16.45 -16.13 31.00
N HIS D 344 15.15 -16.41 31.05
CA HIS D 344 14.26 -16.05 29.96
C HIS D 344 14.00 -14.56 29.92
N SER D 345 13.95 -13.99 28.73
CA SER D 345 13.84 -12.54 28.58
C SER D 345 12.48 -12.03 29.04
N CYS D 346 11.52 -12.93 29.17
CA CYS D 346 10.19 -12.49 29.58
C CYS D 346 10.17 -12.24 31.07
N VAL D 347 11.26 -12.59 31.75
CA VAL D 347 11.36 -12.24 33.17
C VAL D 347 12.68 -11.54 33.44
N ALA D 348 13.15 -10.79 32.46
CA ALA D 348 14.44 -10.13 32.53
C ALA D 348 14.50 -9.13 33.67
N HIS D 349 13.35 -8.56 33.99
CA HIS D 349 13.27 -7.55 35.03
C HIS D 349 13.29 -8.13 36.43
N LEU D 350 13.18 -9.45 36.54
CA LEU D 350 13.10 -10.08 37.84
C LEU D 350 14.41 -10.71 38.25
N ARG D 351 15.47 -10.43 37.49
CA ARG D 351 16.76 -11.06 37.77
C ARG D 351 17.24 -10.77 39.18
N THR D 352 17.69 -11.82 39.84
CA THR D 352 18.26 -11.72 41.17
C THR D 352 19.48 -12.61 41.29
N SER D 353 20.31 -12.33 42.29
CA SER D 353 21.50 -13.13 42.50
C SER D 353 21.08 -14.45 43.13
N LEU D 354 21.37 -15.54 42.44
CA LEU D 354 21.02 -16.86 42.92
C LEU D 354 22.26 -17.73 42.97
N PRO D 355 23.11 -17.49 43.98
CA PRO D 355 24.41 -18.15 44.10
C PRO D 355 24.31 -19.66 44.18
N GLY D 356 23.32 -20.18 44.90
CA GLY D 356 23.18 -21.62 45.08
C GLY D 356 23.04 -22.29 43.74
N LEU D 357 22.08 -21.80 42.96
CA LEU D 357 21.80 -22.28 41.62
C LEU D 357 23.01 -22.08 40.70
N ASP D 358 23.68 -20.95 40.86
CA ASP D 358 24.82 -20.66 40.02
C ASP D 358 25.88 -21.74 40.18
N SER D 359 25.90 -22.38 41.35
CA SER D 359 26.98 -23.30 41.68
C SER D 359 26.78 -24.70 41.15
N VAL D 360 25.59 -24.99 40.61
CA VAL D 360 25.33 -26.32 40.10
C VAL D 360 24.87 -26.32 38.66
N TYR D 361 24.37 -25.18 38.19
CA TYR D 361 23.71 -25.13 36.90
C TYR D 361 24.64 -25.47 35.74
N ASP D 362 25.94 -25.32 35.94
CA ASP D 362 26.87 -25.65 34.86
C ASP D 362 27.45 -27.05 35.07
N ARG D 363 26.97 -27.73 36.11
CA ARG D 363 27.39 -29.09 36.42
C ARG D 363 26.23 -30.08 36.30
N MET D 364 25.02 -29.56 36.25
CA MET D 364 23.80 -30.38 36.20
C MET D 364 23.63 -31.20 34.95
N VAL D 365 23.14 -32.42 35.14
CA VAL D 365 22.75 -33.26 34.02
C VAL D 365 21.82 -34.38 34.51
N SER D 366 20.78 -34.67 33.75
CA SER D 366 19.79 -35.68 34.11
C SER D 366 19.99 -36.98 33.34
N LEU D 367 19.81 -38.11 33.99
CA LEU D 367 20.06 -39.40 33.35
C LEU D 367 18.82 -40.31 33.30
N PRO D 368 18.67 -41.07 32.21
CA PRO D 368 17.59 -42.03 32.03
C PRO D 368 17.51 -42.99 33.17
N VAL D 369 16.33 -43.19 33.72
CA VAL D 369 16.18 -44.05 34.87
C VAL D 369 14.84 -44.76 34.82
N GLY D 370 14.09 -44.49 33.76
CA GLY D 370 12.73 -44.94 33.69
C GLY D 370 12.52 -46.43 33.51
N TRP D 371 11.27 -46.82 33.40
CA TRP D 371 10.85 -48.21 33.31
C TRP D 371 11.30 -48.85 32.01
N TRP D 372 11.70 -48.04 31.04
CA TRP D 372 11.99 -48.57 29.72
C TRP D 372 13.38 -49.13 29.58
N LEU D 373 14.19 -48.91 30.61
CA LEU D 373 15.57 -49.36 30.62
C LEU D 373 15.67 -50.82 30.91
N THR D 374 16.24 -51.56 29.97
CA THR D 374 16.56 -52.95 30.17
C THR D 374 17.68 -53.05 31.20
N GLU D 375 17.90 -54.23 31.77
CA GLU D 375 19.03 -54.41 32.67
C GLU D 375 20.27 -54.05 31.90
N GLN D 376 20.27 -54.46 30.65
CA GLN D 376 21.36 -54.23 29.75
C GLN D 376 21.58 -52.74 29.55
N ASP D 377 20.49 -51.97 29.56
CA ASP D 377 20.57 -50.51 29.38
C ASP D 377 21.16 -49.75 30.56
N ARG D 378 20.73 -50.07 31.77
CA ARG D 378 21.20 -49.30 32.92
C ARG D 378 22.66 -49.59 33.12
N GLU D 379 23.08 -50.79 32.75
CA GLU D 379 24.48 -51.18 32.82
C GLU D 379 25.30 -50.41 31.82
N HIS D 380 24.78 -50.19 30.62
CA HIS D 380 25.50 -49.43 29.63
C HIS D 380 25.71 -47.99 30.06
N VAL D 381 24.81 -47.47 30.89
CA VAL D 381 24.97 -46.13 31.39
C VAL D 381 26.06 -46.08 32.44
N VAL D 382 25.98 -46.98 33.41
CA VAL D 382 26.94 -47.05 34.49
C VAL D 382 28.33 -47.26 33.92
N ALA D 383 28.43 -48.19 33.00
CA ALA D 383 29.67 -48.45 32.31
C ALA D 383 30.25 -47.20 31.65
N THR D 384 29.45 -46.51 30.86
CA THR D 384 29.92 -45.35 30.13
C THR D 384 30.39 -44.23 31.06
N ILE D 385 29.66 -44.05 32.15
CA ILE D 385 29.99 -43.03 33.13
C ILE D 385 31.25 -43.39 33.90
N ARG D 386 31.36 -44.64 34.34
CA ARG D 386 32.49 -45.04 35.15
C ARG D 386 33.75 -44.98 34.31
N SER D 387 33.63 -45.24 33.02
CA SER D 387 34.82 -45.25 32.17
C SER D 387 35.38 -43.85 31.95
N GLY D 388 34.86 -42.87 32.68
CA GLY D 388 35.45 -41.55 32.70
C GLY D 388 35.22 -40.72 31.46
N TRP D 389 35.53 -39.43 31.55
CA TRP D 389 35.39 -38.52 30.43
C TRP D 389 36.36 -37.34 30.52
N ARG E 17 38.94 25.80 -12.89
CA ARG E 17 40.02 25.68 -11.93
C ARG E 17 41.32 25.28 -12.61
N GLY E 18 41.76 26.09 -13.56
CA GLY E 18 42.93 25.87 -14.39
C GLY E 18 44.13 25.01 -13.99
N SER E 19 44.01 24.12 -12.97
CA SER E 19 45.06 23.15 -12.55
C SER E 19 44.86 22.27 -11.27
N HIS E 20 45.34 21.01 -11.32
CA HIS E 20 45.73 20.08 -10.19
C HIS E 20 44.64 19.37 -9.32
N MET E 21 44.80 18.07 -9.03
CA MET E 21 43.93 17.36 -8.04
C MET E 21 44.61 16.17 -7.31
N ILE E 22 44.29 15.96 -6.02
CA ILE E 22 44.87 14.89 -5.22
C ILE E 22 43.83 13.85 -4.89
N PRO E 23 44.04 12.61 -5.38
CA PRO E 23 43.08 11.51 -5.38
C PRO E 23 43.09 10.71 -4.10
N LEU E 24 41.94 10.18 -3.73
CA LEU E 24 41.82 9.44 -2.48
C LEU E 24 42.30 8.01 -2.68
N PHE E 25 42.04 7.45 -3.86
CA PHE E 25 42.48 6.12 -4.27
C PHE E 25 43.31 6.18 -5.53
N LYS E 26 44.18 5.21 -5.72
CA LYS E 26 44.95 5.14 -6.96
C LYS E 26 45.41 3.71 -7.22
N VAL E 27 45.60 3.38 -8.50
CA VAL E 27 45.95 2.04 -8.94
C VAL E 27 47.44 1.86 -9.12
N ALA E 28 48.03 0.99 -8.31
CA ALA E 28 49.46 0.72 -8.38
C ALA E 28 49.72 -0.44 -9.31
N VAL E 29 50.45 -0.21 -10.38
CA VAL E 29 50.73 -1.27 -11.34
C VAL E 29 52.19 -1.29 -11.73
N SER E 30 52.91 -2.29 -11.20
CA SER E 30 54.33 -2.44 -11.43
C SER E 30 54.65 -2.35 -12.90
N PRO E 31 55.82 -1.81 -13.24
CA PRO E 31 56.14 -1.72 -14.66
C PRO E 31 56.32 -3.08 -15.31
N THR E 32 56.67 -4.10 -14.54
CA THR E 32 56.89 -5.43 -15.09
C THR E 32 55.62 -6.25 -15.21
N ALA E 33 54.49 -5.73 -14.76
CA ALA E 33 53.25 -6.46 -14.82
C ALA E 33 52.89 -6.75 -16.25
N LEU E 34 53.13 -5.81 -17.14
CA LEU E 34 52.78 -6.08 -18.52
C LEU E 34 53.66 -7.20 -19.07
N ASP E 35 54.92 -7.23 -18.67
CA ASP E 35 55.78 -8.35 -19.04
C ASP E 35 55.24 -9.67 -18.53
N ARG E 36 54.86 -9.71 -17.27
CA ARG E 36 54.39 -10.93 -16.66
C ARG E 36 53.08 -11.36 -17.30
N VAL E 37 52.33 -10.43 -17.82
CA VAL E 37 51.09 -10.79 -18.51
C VAL E 37 51.42 -11.34 -19.89
N ALA E 38 52.39 -10.72 -20.54
CA ALA E 38 52.83 -11.14 -21.85
C ALA E 38 53.31 -12.57 -21.86
N GLU E 39 53.99 -12.97 -20.80
CA GLU E 39 54.46 -14.33 -20.61
C GLU E 39 53.32 -15.29 -20.45
N VAL E 40 52.23 -14.87 -19.82
CA VAL E 40 51.08 -15.74 -19.66
C VAL E 40 50.46 -15.94 -21.01
N PHE E 41 50.43 -14.90 -21.83
CA PHE E 41 49.91 -15.05 -23.17
C PHE E 41 50.77 -15.99 -23.96
N ALA E 42 52.08 -15.88 -23.80
CA ALA E 42 52.98 -16.79 -24.48
C ALA E 42 52.79 -18.24 -24.04
N SER E 43 52.27 -18.48 -22.84
CA SER E 43 52.15 -19.84 -22.37
C SER E 43 51.01 -20.54 -23.04
N GLY E 44 50.05 -19.77 -23.52
CA GLY E 44 48.89 -20.34 -24.16
C GLY E 44 47.86 -20.84 -23.18
N TYR E 45 48.17 -20.78 -21.89
CA TYR E 45 47.21 -21.21 -20.91
C TYR E 45 46.88 -20.02 -20.06
N LEU E 46 45.62 -19.61 -20.13
CA LEU E 46 45.12 -18.42 -19.47
C LEU E 46 44.24 -18.75 -18.29
N GLY E 47 44.08 -20.03 -17.99
CA GLY E 47 43.22 -20.46 -16.92
C GLY E 47 44.00 -20.60 -15.64
N GLN E 48 43.43 -21.28 -14.67
CA GLN E 48 44.10 -21.52 -13.39
C GLN E 48 45.23 -22.53 -13.55
N GLY E 49 46.45 -22.04 -13.54
CA GLY E 49 47.59 -22.87 -13.85
C GLY E 49 48.69 -22.74 -12.85
N PRO E 50 49.93 -22.71 -13.32
CA PRO E 50 51.10 -22.60 -12.48
C PRO E 50 51.35 -21.21 -11.90
N ARG E 51 50.83 -20.15 -12.53
CA ARG E 51 51.02 -18.79 -12.02
C ARG E 51 50.15 -18.59 -10.80
N VAL E 52 48.95 -19.12 -10.83
CA VAL E 52 48.12 -19.13 -9.64
C VAL E 52 48.86 -19.86 -8.55
N ALA E 53 49.57 -20.91 -8.90
CA ALA E 53 50.31 -21.65 -7.90
C ALA E 53 51.49 -20.86 -7.38
N GLU E 54 52.23 -20.23 -8.27
CA GLU E 54 53.40 -19.49 -7.86
C GLU E 54 52.98 -18.40 -6.93
N PHE E 55 51.87 -17.75 -7.29
CA PHE E 55 51.32 -16.66 -6.53
C PHE E 55 50.93 -17.12 -5.15
N GLU E 56 50.13 -18.17 -5.06
CA GLU E 56 49.73 -18.69 -3.76
C GLU E 56 50.90 -19.09 -2.86
N SER E 57 52.02 -19.55 -3.43
CA SER E 57 53.18 -19.86 -2.62
C SER E 57 53.82 -18.61 -2.05
N ALA E 58 53.92 -17.57 -2.86
CA ALA E 58 54.52 -16.31 -2.43
C ALA E 58 53.74 -15.71 -1.30
N LEU E 59 52.43 -15.72 -1.44
CA LEU E 59 51.57 -15.16 -0.42
C LEU E 59 51.68 -15.94 0.87
N ALA E 60 51.67 -17.26 0.76
CA ALA E 60 51.76 -18.10 1.95
C ALA E 60 53.08 -17.87 2.67
N ALA E 61 54.13 -17.61 1.90
CA ALA E 61 55.42 -17.36 2.48
C ALA E 61 55.33 -16.10 3.34
N ARG E 62 54.74 -15.05 2.78
CA ARG E 62 54.58 -13.76 3.45
C ARG E 62 53.66 -13.79 4.63
N LEU E 63 52.52 -14.44 4.50
CA LEU E 63 51.52 -14.41 5.55
C LEU E 63 51.85 -15.34 6.69
N GLY E 64 52.74 -16.30 6.44
CA GLY E 64 53.09 -17.31 7.42
C GLY E 64 52.01 -18.35 7.67
N ASN E 65 51.12 -18.46 6.69
CA ASN E 65 50.00 -19.40 6.70
C ASN E 65 50.00 -20.11 5.40
N PRO E 66 50.19 -21.44 5.41
CA PRO E 66 50.24 -22.17 4.15
C PRO E 66 48.86 -22.42 3.57
N ARG E 67 47.82 -22.29 4.37
CA ARG E 67 46.49 -22.62 3.90
C ARG E 67 45.81 -21.43 3.20
N VAL E 68 46.35 -21.01 2.05
CA VAL E 68 45.80 -19.90 1.27
C VAL E 68 45.11 -20.39 -0.01
N VAL E 69 44.03 -19.73 -0.40
CA VAL E 69 43.28 -20.15 -1.57
C VAL E 69 42.96 -18.92 -2.41
N SER E 70 43.67 -18.73 -3.51
CA SER E 70 43.44 -17.54 -4.32
C SER E 70 42.07 -17.61 -4.93
N VAL E 71 41.43 -16.45 -5.03
CA VAL E 71 40.09 -16.34 -5.57
C VAL E 71 40.01 -15.18 -6.55
N HIS E 72 38.88 -15.13 -7.24
CA HIS E 72 38.63 -14.21 -8.33
C HIS E 72 38.61 -12.78 -7.88
N SER E 73 38.06 -12.59 -6.67
CA SER E 73 37.88 -11.29 -6.06
C SER E 73 37.58 -11.53 -4.60
N GLY E 74 37.87 -10.54 -3.78
CA GLY E 74 37.63 -10.62 -2.36
C GLY E 74 36.18 -10.92 -2.05
N THR E 75 35.28 -10.47 -2.89
CA THR E 75 33.85 -10.73 -2.69
C THR E 75 33.58 -12.22 -2.85
N SER E 76 34.28 -12.87 -3.77
CA SER E 76 34.16 -14.31 -3.91
C SER E 76 34.68 -14.99 -2.63
N GLY E 77 35.81 -14.53 -2.13
CA GLY E 77 36.34 -15.06 -0.90
C GLY E 77 35.35 -15.02 0.24
N LEU E 78 34.56 -13.97 0.35
CA LEU E 78 33.53 -13.86 1.38
C LEU E 78 32.38 -14.79 1.11
N CYS E 79 31.94 -14.86 -0.13
CA CYS E 79 30.86 -15.79 -0.47
C CYS E 79 31.23 -17.21 -0.23
N LEU E 80 32.46 -17.56 -0.58
CA LEU E 80 32.97 -18.91 -0.39
C LEU E 80 33.00 -19.28 1.08
N ALA E 81 33.66 -18.44 1.86
CA ALA E 81 33.79 -18.62 3.29
C ALA E 81 32.44 -18.85 3.93
N LEU E 82 31.42 -18.23 3.41
CA LEU E 82 30.09 -18.39 3.96
C LEU E 82 29.47 -19.73 3.60
N ARG E 83 29.90 -20.32 2.49
CA ARG E 83 29.40 -21.64 2.14
C ARG E 83 30.09 -22.73 2.96
N LEU E 84 31.38 -22.51 3.22
CA LEU E 84 32.17 -23.45 3.97
C LEU E 84 31.64 -23.52 5.38
N LEU E 85 30.83 -22.54 5.75
CA LEU E 85 30.24 -22.57 7.06
C LEU E 85 29.27 -23.71 7.11
N ASP E 86 29.57 -24.59 8.04
CA ASP E 86 28.78 -25.75 8.33
C ASP E 86 28.01 -25.44 9.59
N ALA E 87 26.71 -25.26 9.48
CA ALA E 87 25.87 -25.00 10.63
C ALA E 87 24.43 -25.11 10.16
N PRO E 88 23.50 -25.45 11.07
CA PRO E 88 22.12 -25.68 10.63
C PRO E 88 21.44 -24.45 10.03
N GLU E 89 20.56 -24.70 9.07
CA GLU E 89 19.86 -23.64 8.36
C GLU E 89 19.09 -22.77 9.33
N GLU E 90 18.78 -23.30 10.50
CA GLU E 90 18.04 -22.52 11.47
C GLU E 90 18.93 -21.50 12.20
N ARG E 91 20.25 -21.69 12.15
CA ARG E 91 21.14 -20.57 12.53
C ARG E 91 21.36 -19.60 11.36
N ASP E 92 20.47 -18.62 11.24
CA ASP E 92 20.45 -17.77 10.05
C ASP E 92 20.89 -16.31 10.26
N GLU E 93 21.44 -15.98 11.41
CA GLU E 93 21.77 -14.60 11.71
C GLU E 93 23.27 -14.40 11.53
N VAL E 94 23.66 -13.41 10.73
CA VAL E 94 25.07 -13.08 10.60
C VAL E 94 25.31 -11.70 11.15
N LEU E 95 26.29 -11.53 12.03
CA LEU E 95 26.54 -10.22 12.60
C LEU E 95 27.56 -9.39 11.82
N SER E 96 27.16 -8.19 11.44
CA SER E 96 28.07 -7.28 10.75
C SER E 96 27.70 -5.84 11.04
N THR E 97 28.66 -4.95 10.87
CA THR E 97 28.48 -3.52 11.10
C THR E 97 28.16 -2.86 9.76
N PRO E 98 27.38 -1.77 9.76
CA PRO E 98 27.06 -1.18 8.46
C PRO E 98 28.09 -0.23 7.92
N LEU E 99 29.12 0.09 8.69
CA LEU E 99 30.15 0.98 8.19
C LEU E 99 31.21 0.17 7.50
N THR E 100 30.83 -0.41 6.37
CA THR E 100 31.70 -1.22 5.54
C THR E 100 31.48 -0.96 4.06
N PHE E 101 32.26 -1.61 3.22
CA PHE E 101 31.97 -1.61 1.79
C PHE E 101 30.83 -2.58 1.56
N GLU E 102 29.99 -2.30 0.59
CA GLU E 102 28.75 -3.06 0.42
C GLU E 102 28.98 -4.54 0.15
N ALA E 103 30.17 -4.87 -0.36
CA ALA E 103 30.48 -6.26 -0.65
C ALA E 103 30.37 -7.15 0.57
N THR E 104 30.92 -6.67 1.67
CA THR E 104 30.90 -7.36 2.93
C THR E 104 29.51 -7.76 3.37
N ASN E 105 28.49 -6.95 3.08
CA ASN E 105 27.16 -7.28 3.56
C ASN E 105 26.27 -7.86 2.49
N TRP E 106 26.57 -7.59 1.24
CA TRP E 106 25.78 -8.19 0.19
C TRP E 106 26.12 -9.69 0.05
N ALA E 107 27.33 -10.07 0.44
CA ALA E 107 27.72 -11.47 0.45
C ALA E 107 26.82 -12.29 1.36
N ILE E 108 26.47 -11.71 2.50
CA ILE E 108 25.60 -12.33 3.47
C ILE E 108 24.23 -12.54 2.90
N LEU E 109 23.73 -11.53 2.20
CA LEU E 109 22.40 -11.61 1.63
C LEU E 109 22.34 -12.63 0.52
N ALA E 110 23.41 -12.67 -0.28
CA ALA E 110 23.52 -13.63 -1.37
C ALA E 110 23.62 -15.05 -0.82
N ASP E 111 24.14 -15.13 0.39
CA ASP E 111 24.31 -16.40 1.10
C ASP E 111 23.02 -16.87 1.73
N GLY E 112 21.94 -16.14 1.49
CA GLY E 112 20.63 -16.50 1.96
C GLY E 112 20.37 -16.31 3.44
N ARG E 113 21.20 -15.50 4.09
CA ARG E 113 21.07 -15.27 5.53
C ARG E 113 20.43 -13.93 5.87
N ARG E 114 20.29 -13.70 7.17
CA ARG E 114 19.73 -12.47 7.72
C ARG E 114 20.84 -11.65 8.34
N ILE E 115 20.92 -10.36 8.00
CA ILE E 115 21.94 -9.49 8.59
C ILE E 115 21.42 -8.85 9.85
N THR E 116 22.26 -8.83 10.88
CA THR E 116 21.94 -8.12 12.11
C THR E 116 23.03 -7.12 12.43
N TRP E 117 22.66 -5.84 12.38
CA TRP E 117 23.62 -4.76 12.48
C TRP E 117 24.27 -4.62 13.85
N VAL E 118 25.58 -4.45 13.85
CA VAL E 118 26.31 -4.16 15.06
C VAL E 118 26.84 -2.74 14.97
N ASP E 119 26.83 -2.02 16.08
CA ASP E 119 27.21 -0.63 16.09
C ASP E 119 28.72 -0.47 15.91
N VAL E 120 29.16 0.78 15.88
CA VAL E 120 30.54 1.14 15.61
C VAL E 120 31.20 1.85 16.78
N ASP E 121 32.46 1.52 17.03
CA ASP E 121 33.27 2.22 18.02
C ASP E 121 33.72 3.55 17.45
N PRO E 122 33.18 4.64 18.02
CA PRO E 122 33.48 5.96 17.47
C PRO E 122 34.93 6.37 17.63
N ALA E 123 35.71 5.63 18.40
CA ALA E 123 37.08 6.02 18.61
C ALA E 123 37.95 5.58 17.44
N THR E 124 37.52 4.48 16.82
CA THR E 124 38.30 3.82 15.76
C THR E 124 37.52 3.58 14.47
N LEU E 125 36.20 3.71 14.54
CA LEU E 125 35.32 3.47 13.41
C LEU E 125 35.35 2.01 12.97
N THR E 126 35.71 1.12 13.88
CA THR E 126 35.54 -0.31 13.68
C THR E 126 34.43 -0.81 14.61
N MET E 127 34.06 -2.08 14.47
CA MET E 127 32.91 -2.64 15.17
C MET E 127 32.94 -2.45 16.66
N ASP E 128 31.79 -2.10 17.25
CA ASP E 128 31.70 -2.02 18.70
C ASP E 128 31.57 -3.41 19.27
N LEU E 129 32.66 -3.91 19.86
CA LEU E 129 32.69 -5.27 20.36
C LEU E 129 31.74 -5.44 21.52
N ASP E 130 31.46 -4.34 22.21
CA ASP E 130 30.49 -4.34 23.28
C ASP E 130 29.13 -4.68 22.72
N ASP E 131 28.75 -3.96 21.65
CA ASP E 131 27.44 -4.17 21.05
C ASP E 131 27.36 -5.54 20.43
N LEU E 132 28.51 -6.03 19.97
CA LEU E 132 28.59 -7.36 19.38
C LEU E 132 28.19 -8.42 20.39
N GLU E 133 28.82 -8.35 21.56
CA GLU E 133 28.60 -9.30 22.62
C GLU E 133 27.14 -9.30 23.07
N ARG E 134 26.52 -8.13 23.09
CA ARG E 134 25.13 -8.01 23.50
C ARG E 134 24.20 -8.66 22.50
N LYS E 135 24.59 -8.61 21.24
CA LYS E 135 23.72 -9.01 20.14
C LYS E 135 23.89 -10.44 19.62
N ILE E 136 24.92 -11.14 20.10
CA ILE E 136 25.08 -12.57 19.76
C ILE E 136 23.95 -13.40 20.33
N SER E 137 23.28 -14.15 19.47
CA SER E 137 22.11 -14.90 19.88
C SER E 137 22.20 -16.34 19.44
N PRO E 138 21.30 -17.19 19.94
CA PRO E 138 21.28 -18.56 19.45
C PRO E 138 21.03 -18.72 17.96
N ALA E 139 20.73 -17.64 17.25
CA ALA E 139 20.54 -17.75 15.80
C ALA E 139 21.81 -17.38 15.05
N THR E 140 22.78 -16.84 15.79
CA THR E 140 23.98 -16.30 15.17
C THR E 140 24.78 -17.36 14.47
N ARG E 141 24.82 -17.30 13.16
CA ARG E 141 25.58 -18.25 12.38
C ARG E 141 27.05 -17.87 12.36
N ALA E 142 27.32 -16.60 12.13
CA ALA E 142 28.70 -16.13 12.04
C ALA E 142 28.82 -14.64 12.26
N ILE E 143 30.06 -14.17 12.33
CA ILE E 143 30.34 -12.77 12.55
C ILE E 143 31.41 -12.27 11.62
N ILE E 144 31.14 -11.25 10.81
CA ILE E 144 32.18 -10.72 9.91
C ILE E 144 32.73 -9.45 10.50
N VAL E 145 34.00 -9.43 10.85
CA VAL E 145 34.61 -8.22 11.37
C VAL E 145 35.44 -7.64 10.26
N VAL E 146 35.40 -6.32 10.14
CA VAL E 146 36.09 -5.63 9.07
C VAL E 146 37.19 -4.77 9.61
N HIS E 147 38.42 -5.06 9.21
CA HIS E 147 39.54 -4.22 9.59
C HIS E 147 39.52 -2.95 8.78
N TRP E 148 38.51 -2.13 9.04
CA TRP E 148 38.14 -1.01 8.20
C TRP E 148 39.26 -0.01 7.98
N THR E 149 39.42 0.40 6.73
CA THR E 149 40.45 1.35 6.27
C THR E 149 41.85 0.94 6.62
N GLY E 150 42.02 -0.31 7.06
CA GLY E 150 43.36 -0.86 7.25
C GLY E 150 43.72 -1.13 8.68
N TYR E 151 42.81 -0.87 9.59
CA TYR E 151 43.10 -0.97 11.01
C TYR E 151 42.55 -2.26 11.58
N PRO E 152 43.46 -3.11 12.11
CA PRO E 152 43.15 -4.40 12.72
C PRO E 152 42.23 -4.27 13.93
N VAL E 153 41.17 -5.08 13.98
CA VAL E 153 40.26 -5.11 15.11
C VAL E 153 40.94 -5.73 16.34
N ASP E 154 40.51 -5.38 17.54
CA ASP E 154 41.08 -6.00 18.74
C ASP E 154 40.69 -7.46 18.74
N LEU E 155 41.53 -8.28 18.14
CA LEU E 155 41.21 -9.68 17.90
C LEU E 155 41.16 -10.57 19.13
N ASP E 156 42.08 -10.37 20.07
CA ASP E 156 42.11 -11.22 21.26
C ASP E 156 40.82 -11.05 22.01
N ARG E 157 40.35 -9.82 22.10
CA ARG E 157 39.10 -9.51 22.76
C ARG E 157 37.96 -10.19 22.05
N LEU E 158 38.04 -10.25 20.74
CA LEU E 158 37.02 -10.91 19.96
C LEU E 158 36.95 -12.39 20.34
N ALA E 159 38.11 -13.00 20.57
CA ALA E 159 38.14 -14.41 20.94
C ALA E 159 37.49 -14.63 22.29
N GLY E 160 37.78 -13.75 23.23
CA GLY E 160 37.19 -13.84 24.54
C GLY E 160 35.69 -13.75 24.48
N ILE E 161 35.20 -12.79 23.72
CA ILE E 161 33.77 -12.61 23.55
C ILE E 161 33.19 -13.93 23.06
N LEU E 162 33.92 -14.56 22.14
CA LEU E 162 33.52 -15.85 21.60
C LEU E 162 33.72 -17.01 22.56
N ASP E 163 34.81 -16.96 23.33
CA ASP E 163 35.08 -17.98 24.32
C ASP E 163 33.83 -18.07 25.20
N ARG E 164 33.37 -16.91 25.64
CA ARG E 164 32.21 -16.81 26.51
C ARG E 164 30.92 -17.20 25.81
N ALA E 165 30.78 -16.82 24.54
CA ALA E 165 29.57 -17.14 23.80
C ALA E 165 29.45 -18.63 23.58
N GLU E 166 30.58 -19.30 23.44
CA GLU E 166 30.58 -20.73 23.18
C GLU E 166 30.17 -21.42 24.45
N ARG E 167 30.78 -20.95 25.53
CA ARG E 167 30.52 -21.43 26.88
C ARG E 167 29.04 -21.35 27.26
N GLU E 168 28.32 -20.35 26.77
CA GLU E 168 26.93 -20.19 27.19
C GLU E 168 26.07 -21.34 26.69
N HIS E 169 25.77 -21.34 25.39
CA HIS E 169 24.88 -22.36 24.84
C HIS E 169 25.42 -23.07 23.61
N GLY E 170 26.36 -24.00 23.83
CA GLY E 170 26.75 -24.96 22.82
C GLY E 170 27.60 -24.51 21.66
N PHE E 171 27.02 -23.67 20.79
CA PHE E 171 27.64 -23.26 19.52
C PHE E 171 28.58 -22.08 19.62
N ARG E 172 29.71 -22.18 18.94
CA ARG E 172 30.62 -21.06 18.74
C ARG E 172 30.60 -20.55 17.31
N PRO E 173 30.01 -19.36 17.09
CA PRO E 173 29.86 -18.69 15.79
C PRO E 173 31.17 -18.49 15.10
N ALA E 174 31.19 -18.61 13.78
CA ALA E 174 32.40 -18.44 13.02
C ALA E 174 32.74 -16.97 12.80
N VAL E 175 34.03 -16.69 12.65
CA VAL E 175 34.48 -15.34 12.39
C VAL E 175 35.22 -15.27 11.07
N ILE E 176 34.80 -14.33 10.21
CA ILE E 176 35.50 -14.05 8.97
C ILE E 176 36.04 -12.63 9.06
N GLU E 177 37.35 -12.47 8.93
CA GLU E 177 38.00 -11.18 8.92
C GLU E 177 38.13 -10.69 7.50
N ASP E 178 37.51 -9.55 7.22
CA ASP E 178 37.55 -8.94 5.91
C ASP E 178 38.77 -8.06 5.81
N CYS E 179 39.84 -8.53 5.19
CA CYS E 179 41.09 -7.78 5.20
C CYS E 179 41.34 -7.01 3.92
N ALA E 180 40.28 -6.62 3.23
CA ALA E 180 40.41 -5.91 1.97
C ALA E 180 41.26 -4.65 2.11
N HIS E 181 41.08 -3.90 3.19
CA HIS E 181 41.84 -2.67 3.32
C HIS E 181 43.14 -2.91 4.06
N ALA E 182 43.37 -4.13 4.53
CA ALA E 182 44.41 -4.38 5.52
C ALA E 182 45.54 -5.31 5.12
N TRP E 183 45.92 -5.32 3.87
CA TRP E 183 47.06 -6.09 3.44
C TRP E 183 48.28 -5.58 4.15
N GLY E 184 49.11 -6.46 4.67
CA GLY E 184 50.35 -6.07 5.31
C GLY E 184 50.23 -5.82 6.79
N ALA E 185 49.00 -5.91 7.29
CA ALA E 185 48.70 -5.63 8.68
C ALA E 185 49.08 -6.76 9.62
N SER E 186 49.45 -6.39 10.84
CA SER E 186 49.73 -7.35 11.89
C SER E 186 48.94 -6.98 13.13
N TYR E 187 48.76 -7.92 14.04
CA TYR E 187 48.06 -7.65 15.28
C TYR E 187 48.80 -8.35 16.39
N ARG E 188 49.39 -7.57 17.29
CA ARG E 188 50.23 -8.12 18.34
C ARG E 188 51.32 -8.97 17.70
N GLY E 189 51.96 -8.41 16.67
CA GLY E 189 53.13 -9.00 16.06
C GLY E 189 52.87 -10.05 14.98
N VAL E 190 51.64 -10.54 14.92
CA VAL E 190 51.30 -11.63 14.02
C VAL E 190 50.49 -11.10 12.88
N PRO E 191 50.93 -11.32 11.62
CA PRO E 191 50.19 -10.84 10.45
C PRO E 191 48.77 -11.35 10.36
N LEU E 192 47.86 -10.50 9.89
CA LEU E 192 46.47 -10.92 9.75
C LEU E 192 46.42 -12.15 8.90
N GLY E 193 45.55 -13.07 9.26
CA GLY E 193 45.47 -14.34 8.56
C GLY E 193 46.00 -15.53 9.37
N SER E 194 46.82 -15.23 10.36
CA SER E 194 47.42 -16.23 11.23
C SER E 194 46.88 -16.05 12.63
N HIS E 195 45.59 -15.82 12.75
CA HIS E 195 44.96 -15.60 14.05
C HIS E 195 43.81 -16.54 14.31
N GLY E 196 43.71 -17.62 13.55
CA GLY E 196 42.69 -18.59 13.85
C GLY E 196 41.34 -18.37 13.25
N ASN E 197 41.23 -17.34 12.42
CA ASN E 197 40.01 -17.09 11.66
C ASN E 197 40.24 -17.22 10.18
N MET E 198 39.16 -17.47 9.45
CA MET E 198 39.20 -17.34 8.00
C MET E 198 39.42 -15.85 7.67
N CYS E 199 40.26 -15.58 6.68
CA CYS E 199 40.51 -14.23 6.24
C CYS E 199 40.32 -14.05 4.75
N VAL E 200 39.79 -12.91 4.34
CA VAL E 200 39.65 -12.63 2.93
C VAL E 200 40.39 -11.37 2.57
N PHE E 201 41.46 -11.48 1.80
CA PHE E 201 42.15 -10.30 1.34
C PHE E 201 41.57 -9.92 0.00
N SER E 202 41.76 -8.68 -0.43
CA SER E 202 41.29 -8.29 -1.74
C SER E 202 42.43 -7.67 -2.50
N PHE E 203 42.47 -7.98 -3.79
CA PHE E 203 43.52 -7.57 -4.66
C PHE E 203 42.91 -6.75 -5.79
N GLN E 204 41.72 -6.20 -5.54
CA GLN E 204 41.05 -5.29 -6.45
C GLN E 204 41.94 -4.11 -6.78
N ALA E 205 41.70 -3.44 -7.89
CA ALA E 205 42.58 -2.40 -8.42
C ALA E 205 43.04 -1.33 -7.44
N LEU E 206 42.14 -0.89 -6.57
CA LEU E 206 42.45 0.24 -5.71
C LEU E 206 43.24 -0.17 -4.50
N LYS E 207 43.33 -1.48 -4.28
CA LYS E 207 43.91 -2.01 -3.06
C LYS E 207 45.42 -2.06 -3.11
N HIS E 208 46.04 -2.37 -1.98
CA HIS E 208 47.48 -2.23 -1.83
C HIS E 208 48.16 -3.14 -2.80
N LEU E 209 47.88 -4.43 -2.69
CA LEU E 209 48.39 -5.41 -3.64
C LEU E 209 47.27 -5.68 -4.62
N THR E 210 47.48 -5.37 -5.89
CA THR E 210 46.41 -5.55 -6.85
C THR E 210 46.75 -6.57 -7.94
N CYS E 211 45.76 -7.33 -8.37
CA CYS E 211 45.95 -8.23 -9.48
C CYS E 211 45.15 -7.72 -10.65
N GLY E 212 44.63 -6.50 -10.52
CA GLY E 212 43.63 -6.01 -11.44
C GLY E 212 42.33 -6.46 -10.81
N ASP E 213 42.24 -7.73 -10.48
CA ASP E 213 41.19 -8.21 -9.61
C ASP E 213 41.61 -9.56 -9.05
N GLY E 214 41.20 -9.86 -7.83
CA GLY E 214 41.71 -11.02 -7.15
C GLY E 214 41.30 -11.00 -5.70
N GLY E 215 41.67 -12.03 -4.97
CA GLY E 215 41.34 -12.12 -3.58
C GLY E 215 42.12 -13.27 -3.03
N LEU E 216 42.09 -13.48 -1.72
CA LEU E 216 42.78 -14.60 -1.11
C LEU E 216 42.02 -15.01 0.11
N LEU E 217 41.65 -16.28 0.17
CA LEU E 217 40.98 -16.79 1.35
C LEU E 217 41.98 -17.62 2.11
N THR E 218 42.25 -17.25 3.36
CA THR E 218 43.14 -18.06 4.15
C THR E 218 42.34 -18.81 5.19
N LEU E 219 42.72 -20.06 5.42
CA LEU E 219 41.98 -20.95 6.30
C LEU E 219 42.80 -21.22 7.55
N PRO E 220 42.12 -21.41 8.68
CA PRO E 220 42.82 -21.59 9.94
C PRO E 220 43.08 -23.08 10.22
N GLY E 221 42.50 -23.95 9.41
CA GLY E 221 42.58 -25.37 9.58
C GLY E 221 42.56 -26.08 8.25
N ASP E 222 43.05 -27.30 8.23
CA ASP E 222 43.22 -28.05 7.01
C ASP E 222 41.90 -28.53 6.42
N GLU E 223 40.92 -28.85 7.25
CA GLU E 223 39.68 -29.36 6.70
C GLU E 223 38.98 -28.31 5.88
N LEU E 224 39.02 -27.05 6.32
CA LEU E 224 38.44 -25.94 5.56
C LEU E 224 39.23 -25.70 4.30
N HIS E 225 40.54 -25.76 4.40
CA HIS E 225 41.41 -25.55 3.27
C HIS E 225 41.09 -26.52 2.15
N GLU E 226 40.84 -27.78 2.49
CA GLU E 226 40.53 -28.76 1.47
C GLU E 226 39.23 -28.46 0.77
N ARG E 227 38.18 -28.16 1.52
CA ARG E 227 36.87 -27.85 0.95
C ARG E 227 36.94 -26.59 0.07
N ALA E 228 37.74 -25.64 0.52
CA ALA E 228 37.86 -24.40 -0.19
C ALA E 228 38.47 -24.64 -1.55
N MET E 229 39.53 -25.42 -1.65
CA MET E 229 40.19 -25.71 -2.91
C MET E 229 39.26 -26.36 -3.90
N LEU E 230 38.28 -27.03 -3.36
CA LEU E 230 37.32 -27.73 -4.17
C LEU E 230 36.19 -26.87 -4.59
N ARG E 231 35.55 -26.21 -3.62
CA ARG E 231 34.33 -25.45 -3.88
C ARG E 231 34.59 -24.16 -4.65
N ARG E 232 35.85 -23.76 -4.76
CA ARG E 232 36.18 -22.54 -5.47
C ARG E 232 36.08 -22.77 -6.96
N PHE E 233 35.82 -23.99 -7.36
CA PHE E 233 35.61 -24.28 -8.76
C PHE E 233 34.52 -25.31 -8.92
N TYR E 234 33.29 -24.95 -8.58
CA TYR E 234 32.12 -25.81 -8.81
C TYR E 234 32.14 -27.11 -8.04
N GLY E 235 33.17 -27.32 -7.22
CA GLY E 235 33.31 -28.53 -6.45
C GLY E 235 34.04 -29.61 -7.22
N ILE E 236 34.57 -29.24 -8.37
CA ILE E 236 35.22 -30.17 -9.28
C ILE E 236 36.69 -30.27 -9.03
N ASP E 237 37.17 -31.48 -8.71
CA ASP E 237 38.60 -31.74 -8.61
C ASP E 237 39.21 -31.57 -9.98
N ARG E 238 40.09 -30.59 -10.11
CA ARG E 238 40.60 -30.26 -11.42
C ARG E 238 41.65 -31.23 -11.90
N THR E 239 42.08 -32.12 -11.02
CA THR E 239 43.08 -33.14 -11.36
C THR E 239 42.46 -34.51 -11.69
N ALA E 240 41.15 -34.58 -11.73
CA ALA E 240 40.43 -35.79 -12.00
C ALA E 240 40.35 -36.02 -13.49
N ASP E 241 40.11 -37.25 -13.88
CA ASP E 241 39.92 -37.58 -15.28
C ASP E 241 38.52 -37.13 -15.60
N ARG E 242 38.32 -35.85 -15.82
CA ARG E 242 36.99 -35.31 -16.08
C ARG E 242 36.48 -35.77 -17.41
N LEU E 243 37.41 -36.01 -18.31
CA LEU E 243 37.12 -36.43 -19.65
C LEU E 243 36.41 -37.75 -19.65
N ARG E 244 36.61 -38.53 -18.60
CA ARG E 244 35.98 -39.85 -18.45
C ARG E 244 34.89 -39.91 -17.41
N GLY E 245 34.47 -38.76 -16.91
CA GLY E 245 33.36 -38.67 -15.97
C GLY E 245 33.65 -39.21 -14.61
N ALA E 246 34.94 -39.27 -14.31
CA ALA E 246 35.45 -39.87 -13.09
C ALA E 246 35.67 -38.92 -11.94
N TYR E 247 34.63 -38.24 -11.49
CA TYR E 247 34.77 -37.31 -10.36
C TYR E 247 33.46 -37.10 -9.62
N ASP E 248 33.52 -36.59 -8.41
CA ASP E 248 32.29 -36.31 -7.67
C ASP E 248 32.28 -34.92 -7.05
N VAL E 249 31.16 -34.23 -7.17
CA VAL E 249 30.92 -32.97 -6.49
C VAL E 249 30.20 -33.20 -5.19
N ALA E 250 30.93 -33.21 -4.09
CA ALA E 250 30.33 -33.47 -2.78
C ALA E 250 29.58 -32.27 -2.24
N GLU E 251 30.11 -31.11 -2.57
CA GLU E 251 29.53 -29.84 -2.24
C GLU E 251 29.59 -28.98 -3.50
N TRP E 252 28.51 -28.28 -3.86
CA TRP E 252 28.56 -27.43 -5.05
C TRP E 252 29.38 -26.17 -4.81
N GLY E 253 29.73 -25.50 -5.89
CA GLY E 253 30.50 -24.28 -5.83
C GLY E 253 30.19 -23.46 -7.08
N LEU E 254 30.89 -22.34 -7.28
CA LEU E 254 30.72 -21.54 -8.48
C LEU E 254 32.10 -21.24 -9.03
N LYS E 255 32.24 -20.28 -9.94
CA LYS E 255 33.55 -19.93 -10.48
C LYS E 255 34.18 -18.87 -9.64
N TRP E 256 34.76 -19.28 -8.51
CA TRP E 256 35.26 -18.36 -7.52
C TRP E 256 36.76 -18.28 -7.54
N HIS E 257 37.40 -19.07 -8.38
CA HIS E 257 38.86 -19.16 -8.40
C HIS E 257 39.52 -18.04 -9.19
N MET E 258 40.84 -17.95 -9.14
CA MET E 258 41.62 -16.94 -9.82
C MET E 258 42.37 -17.59 -10.96
N THR E 259 42.51 -16.94 -12.10
CA THR E 259 43.20 -17.57 -13.20
C THR E 259 44.61 -17.03 -13.35
N ASP E 260 45.37 -17.64 -14.23
CA ASP E 260 46.77 -17.31 -14.39
C ASP E 260 46.97 -15.89 -14.86
N LEU E 261 45.97 -15.31 -15.48
CA LEU E 261 46.13 -13.96 -16.01
C LEU E 261 46.38 -12.94 -14.91
N ASN E 262 45.52 -12.94 -13.91
CA ASN E 262 45.62 -12.04 -12.78
C ASN E 262 46.75 -12.41 -11.86
N ALA E 263 46.92 -13.70 -11.62
CA ALA E 263 48.01 -14.21 -10.80
C ALA E 263 49.34 -13.68 -11.29
N ALA E 264 49.50 -13.55 -12.59
CA ALA E 264 50.71 -12.96 -13.16
C ALA E 264 50.90 -11.51 -12.73
N ILE E 265 49.81 -10.77 -12.67
CA ILE E 265 49.84 -9.37 -12.24
C ILE E 265 50.23 -9.24 -10.78
N GLY E 266 49.58 -10.01 -9.92
CA GLY E 266 49.86 -9.98 -8.50
C GLY E 266 51.31 -10.27 -8.20
N LEU E 267 51.91 -11.14 -8.98
CA LEU E 267 53.30 -11.49 -8.79
C LEU E 267 54.22 -10.33 -9.07
N ALA E 268 53.86 -9.51 -10.04
CA ALA E 268 54.66 -8.37 -10.40
C ALA E 268 54.53 -7.32 -9.31
N ASN E 269 53.33 -7.19 -8.79
CA ASN E 269 53.06 -6.16 -7.82
C ASN E 269 53.55 -6.54 -6.44
N LEU E 270 53.85 -7.80 -6.20
CA LEU E 270 54.46 -8.18 -4.94
C LEU E 270 55.84 -7.57 -4.88
N GLU E 271 56.43 -7.32 -6.03
CA GLU E 271 57.78 -6.78 -6.04
C GLU E 271 57.83 -5.36 -5.50
N THR E 272 56.72 -4.63 -5.56
CA THR E 272 56.74 -3.21 -5.17
C THR E 272 55.81 -2.86 -4.01
N VAL E 273 54.95 -3.76 -3.59
CA VAL E 273 53.95 -3.41 -2.60
C VAL E 273 54.57 -3.08 -1.25
N ASP E 274 55.74 -3.63 -0.95
CA ASP E 274 56.36 -3.41 0.34
C ASP E 274 56.75 -1.95 0.53
N GLU E 275 57.32 -1.36 -0.51
CA GLU E 275 57.70 0.03 -0.46
C GLU E 275 56.49 0.92 -0.30
N GLN E 276 55.43 0.61 -1.04
CA GLN E 276 54.26 1.44 -1.05
C GLN E 276 53.50 1.41 0.24
N LEU E 277 53.51 0.28 0.90
CA LEU E 277 52.82 0.15 2.14
C LEU E 277 53.56 0.93 3.20
N ARG E 278 54.88 1.04 3.04
CA ARG E 278 55.71 1.81 3.94
C ARG E 278 55.29 3.25 3.91
N LEU E 279 55.12 3.76 2.70
CA LEU E 279 54.74 5.13 2.47
C LEU E 279 53.37 5.43 3.01
N HIS E 280 52.47 4.48 2.88
CA HIS E 280 51.13 4.65 3.39
C HIS E 280 51.22 4.95 4.85
N ARG E 281 52.11 4.26 5.52
CA ARG E 281 52.27 4.42 6.96
C ARG E 281 53.10 5.63 7.33
N GLU E 282 54.11 5.88 6.53
CA GLU E 282 54.98 7.01 6.69
C GLU E 282 54.20 8.32 6.50
N ASN E 283 53.25 8.32 5.59
CA ASN E 283 52.35 9.45 5.41
C ASN E 283 51.35 9.56 6.54
N ALA E 284 50.88 8.43 7.03
CA ALA E 284 49.97 8.45 8.16
C ALA E 284 50.68 8.97 9.39
N ALA E 285 51.97 8.67 9.52
CA ALA E 285 52.78 9.14 10.64
C ALA E 285 52.81 10.66 10.68
N PHE E 286 53.08 11.21 9.50
CA PHE E 286 53.09 12.62 9.25
C PHE E 286 51.79 13.27 9.65
N TYR E 287 50.67 12.73 9.22
CA TYR E 287 49.40 13.34 9.62
C TYR E 287 49.22 13.28 11.13
N ASP E 288 49.49 12.13 11.72
CA ASP E 288 49.35 11.99 13.17
C ASP E 288 50.19 13.01 13.92
N LYS E 289 51.32 13.39 13.35
CA LYS E 289 52.20 14.38 13.94
C LYS E 289 51.72 15.79 13.69
N GLU E 290 51.31 16.08 12.47
CA GLU E 290 51.11 17.46 12.09
C GLU E 290 49.65 17.89 12.22
N LEU E 291 48.78 17.03 12.72
CA LEU E 291 47.37 17.42 12.82
C LEU E 291 46.80 17.45 14.23
N THR E 292 47.67 17.42 15.23
CA THR E 292 47.21 17.55 16.61
C THR E 292 46.82 18.97 16.93
N GLY E 293 45.88 19.11 17.86
CA GLY E 293 45.52 20.43 18.33
C GLY E 293 44.97 21.29 17.22
N VAL E 294 44.18 20.67 16.36
CA VAL E 294 43.41 21.42 15.38
C VAL E 294 41.96 21.47 15.82
N PRO E 295 41.44 22.69 15.97
CA PRO E 295 40.09 22.89 16.48
C PRO E 295 39.03 22.39 15.51
N GLY E 296 38.21 21.45 15.96
CA GLY E 296 37.15 20.93 15.12
C GLY E 296 37.59 19.69 14.37
N LEU E 297 38.77 19.19 14.71
CA LEU E 297 39.29 17.97 14.10
C LEU E 297 39.69 16.94 15.13
N GLU E 298 39.02 15.79 15.09
CA GLU E 298 39.30 14.75 16.05
C GLU E 298 39.97 13.57 15.33
N LEU E 299 41.19 13.26 15.71
CA LEU E 299 41.90 12.13 15.16
C LEU E 299 41.34 10.85 15.75
N LEU E 300 41.62 9.75 15.07
CA LEU E 300 41.15 8.46 15.56
C LEU E 300 42.22 7.90 16.45
N GLN E 301 41.81 7.28 17.55
CA GLN E 301 42.76 6.81 18.53
C GLN E 301 43.17 5.38 18.23
N ARG E 302 44.44 5.20 17.90
CA ARG E 302 44.93 3.90 17.49
C ARG E 302 45.86 3.25 18.50
N SER E 303 45.57 1.99 18.82
CA SER E 303 46.38 1.22 19.76
C SER E 303 47.70 0.83 19.13
N PRO E 304 48.79 0.79 19.91
CA PRO E 304 50.12 0.51 19.37
C PRO E 304 50.47 -0.96 19.32
N ASP E 305 49.56 -1.84 19.75
CA ASP E 305 49.85 -3.27 19.74
C ASP E 305 49.47 -3.90 18.41
N ARG E 306 49.32 -3.08 17.38
CA ARG E 306 48.95 -3.59 16.08
C ARG E 306 49.46 -2.64 15.04
N GLU E 307 49.53 -3.08 13.80
CA GLU E 307 50.01 -2.22 12.73
C GLU E 307 49.12 -2.28 11.50
N GLY E 308 48.41 -1.20 11.22
CA GLY E 308 47.48 -1.16 10.12
C GLY E 308 48.09 -0.83 8.78
N SER E 309 47.25 -0.57 7.80
CA SER E 309 47.73 -0.34 6.44
C SER E 309 47.30 0.99 5.82
N PHE E 310 46.31 1.66 6.42
CA PHE E 310 45.93 2.97 5.95
C PHE E 310 45.59 3.01 4.47
N TYR E 311 44.49 2.35 4.15
CA TYR E 311 43.91 2.38 2.83
C TYR E 311 43.65 3.81 2.51
N VAL E 312 43.01 4.49 3.46
CA VAL E 312 42.79 5.92 3.47
C VAL E 312 43.00 6.39 4.89
N TYR E 313 43.09 7.70 5.12
CA TYR E 313 43.24 8.25 6.48
C TYR E 313 41.93 8.82 7.00
N ASP E 314 41.34 8.22 8.03
CA ASP E 314 40.05 8.70 8.53
C ASP E 314 40.19 9.74 9.64
N VAL E 315 39.40 10.80 9.55
CA VAL E 315 39.28 11.75 10.65
C VAL E 315 37.82 12.09 10.82
N LYS E 316 37.50 12.68 11.97
CA LYS E 316 36.15 13.15 12.26
C LYS E 316 36.21 14.66 12.41
N VAL E 317 35.31 15.38 11.74
CA VAL E 317 35.35 16.86 11.80
C VAL E 317 34.01 17.49 12.09
N ASP E 318 34.07 18.68 12.70
CA ASP E 318 32.86 19.49 12.88
C ASP E 318 32.67 20.36 11.67
N ASP E 319 31.41 20.72 11.42
CA ASP E 319 31.03 21.53 10.26
C ASP E 319 31.64 20.92 9.02
N ARG E 320 31.33 19.64 8.79
CA ARG E 320 31.89 18.90 7.67
C ARG E 320 31.61 19.51 6.28
N PRO E 321 30.39 20.01 6.02
CA PRO E 321 30.17 20.54 4.68
C PRO E 321 31.16 21.64 4.34
N ALA E 322 31.55 22.40 5.34
CA ALA E 322 32.57 23.39 5.16
C ALA E 322 33.89 22.74 4.89
N PHE E 323 34.18 21.67 5.64
CA PHE E 323 35.41 20.91 5.45
C PHE E 323 35.51 20.46 4.01
N HIS E 324 34.44 19.85 3.51
CA HIS E 324 34.39 19.38 2.15
C HIS E 324 34.65 20.47 1.11
N ARG E 325 33.93 21.59 1.23
CA ARG E 325 34.06 22.69 0.27
C ARG E 325 35.47 23.25 0.28
N LYS E 326 36.08 23.24 1.46
CA LYS E 326 37.46 23.64 1.59
C LYS E 326 38.37 22.67 0.86
N MET E 327 38.20 21.37 1.09
CA MET E 327 39.05 20.41 0.41
C MET E 327 38.87 20.49 -1.09
N GLU E 328 37.62 20.54 -1.52
CA GLU E 328 37.37 20.59 -2.94
C GLU E 328 38.14 21.76 -3.54
N ALA E 329 38.11 22.88 -2.84
CA ALA E 329 38.77 24.12 -3.25
C ALA E 329 40.28 24.00 -3.29
N ALA E 330 40.82 23.20 -2.38
CA ALA E 330 42.27 23.02 -2.30
C ALA E 330 42.69 21.91 -3.22
N GLY E 331 41.73 21.30 -3.91
CA GLY E 331 42.02 20.24 -4.85
C GLY E 331 42.43 18.97 -4.16
N ILE E 332 41.72 18.62 -3.09
CA ILE E 332 41.96 17.40 -2.35
C ILE E 332 40.72 16.53 -2.28
N MET E 333 40.81 15.31 -2.79
CA MET E 333 39.69 14.39 -2.77
C MET E 333 39.51 13.83 -1.36
N ALA E 334 38.33 14.03 -0.78
CA ALA E 334 38.06 13.52 0.56
C ALA E 334 36.62 13.19 0.68
N GLY E 335 36.30 12.20 1.51
CA GLY E 335 34.92 11.78 1.67
C GLY E 335 34.76 10.37 2.21
N LEU E 336 33.73 9.70 1.74
CA LEU E 336 33.36 8.41 2.21
C LEU E 336 33.81 7.32 1.26
N VAL E 337 34.24 6.16 1.78
CA VAL E 337 34.41 4.98 0.94
C VAL E 337 33.02 4.50 0.54
N SER E 338 32.12 4.46 1.51
CA SER E 338 30.77 4.05 1.20
C SER E 338 29.74 4.61 2.14
N ARG E 339 28.53 4.73 1.65
CA ARG E 339 27.41 5.08 2.49
C ARG E 339 27.24 3.98 3.50
N ARG E 340 26.83 4.31 4.73
CA ARG E 340 26.54 3.27 5.69
C ARG E 340 25.47 2.38 5.11
N ASN E 341 25.69 1.08 5.14
CA ASN E 341 24.90 0.16 4.33
C ASN E 341 23.46 0.01 4.78
N ASP E 342 23.18 0.31 6.04
CA ASP E 342 21.84 0.10 6.58
C ASP E 342 20.85 1.13 6.04
N GLU E 343 21.35 2.12 5.34
CA GLU E 343 20.46 3.14 4.81
C GLU E 343 19.96 2.78 3.42
N HIS E 344 20.49 1.73 2.82
CA HIS E 344 20.07 1.30 1.48
C HIS E 344 18.68 0.72 1.51
N SER E 345 17.93 0.94 0.46
CA SER E 345 16.53 0.57 0.47
C SER E 345 16.31 -0.94 0.37
N CYS E 346 17.36 -1.65 -0.01
CA CYS E 346 17.29 -3.11 -0.12
C CYS E 346 17.39 -3.81 1.23
N VAL E 347 17.74 -3.07 2.27
CA VAL E 347 17.80 -3.62 3.61
C VAL E 347 17.00 -2.80 4.57
N ALA E 348 15.94 -2.21 4.04
CA ALA E 348 15.12 -1.31 4.82
C ALA E 348 14.44 -2.04 5.97
N HIS E 349 14.18 -3.32 5.78
CA HIS E 349 13.50 -4.07 6.81
C HIS E 349 14.43 -4.44 7.93
N LEU E 350 15.73 -4.21 7.74
CA LEU E 350 16.73 -4.62 8.71
C LEU E 350 17.25 -3.48 9.56
N ARG E 351 16.62 -2.32 9.44
CA ARG E 351 17.04 -1.12 10.16
C ARG E 351 16.99 -1.29 11.67
N THR E 352 18.05 -0.86 12.35
CA THR E 352 18.01 -0.84 13.80
C THR E 352 18.82 0.37 14.28
N SER E 353 18.58 0.78 15.52
CA SER E 353 19.24 1.96 16.09
C SER E 353 20.70 1.79 16.42
N LEU E 354 21.56 2.59 15.83
CA LEU E 354 22.98 2.47 16.09
C LEU E 354 23.58 3.79 16.52
N PRO E 355 23.34 4.18 17.77
CA PRO E 355 23.73 5.47 18.34
C PRO E 355 25.20 5.77 18.16
N GLY E 356 26.02 4.76 18.30
CA GLY E 356 27.45 4.94 18.17
C GLY E 356 27.76 5.49 16.80
N LEU E 357 27.27 4.83 15.77
CA LEU E 357 27.49 5.27 14.40
C LEU E 357 26.84 6.61 14.13
N ASP E 358 25.62 6.82 14.64
CA ASP E 358 24.94 8.07 14.36
C ASP E 358 25.77 9.24 14.83
N SER E 359 26.61 9.01 15.83
CA SER E 359 27.34 10.10 16.45
C SER E 359 28.59 10.46 15.69
N VAL E 360 28.94 9.66 14.69
CA VAL E 360 30.15 9.95 13.93
C VAL E 360 29.87 10.02 12.44
N TYR E 361 28.74 9.49 12.00
CA TYR E 361 28.49 9.35 10.57
C TYR E 361 28.37 10.66 9.83
N ASP E 362 28.02 11.74 10.52
CA ASP E 362 27.90 13.01 9.86
C ASP E 362 29.15 13.82 10.13
N ARG E 363 30.13 13.21 10.79
CA ARG E 363 31.37 13.88 11.10
C ARG E 363 32.57 13.26 10.39
N MET E 364 32.35 12.06 9.85
CA MET E 364 33.34 11.22 9.17
C MET E 364 33.93 11.75 7.88
N VAL E 365 35.22 11.57 7.68
CA VAL E 365 35.77 11.85 6.37
C VAL E 365 37.12 11.15 6.21
N SER E 366 37.34 10.57 5.04
CA SER E 366 38.56 9.85 4.73
C SER E 366 39.48 10.73 3.87
N LEU E 367 40.78 10.73 4.13
CA LEU E 367 41.70 11.61 3.42
C LEU E 367 42.81 10.88 2.67
N PRO E 368 43.31 11.43 1.56
CA PRO E 368 44.42 10.81 0.85
C PRO E 368 45.64 10.57 1.70
N VAL E 369 46.16 9.35 1.68
CA VAL E 369 47.29 8.97 2.51
C VAL E 369 48.24 8.03 1.74
N GLY E 370 47.89 7.73 0.51
CA GLY E 370 48.57 6.72 -0.26
C GLY E 370 50.00 6.95 -0.71
N TRP E 371 50.50 5.98 -1.46
CA TRP E 371 51.88 5.93 -1.90
C TRP E 371 52.15 7.01 -2.93
N TRP E 372 51.07 7.54 -3.50
CA TRP E 372 51.20 8.52 -4.57
C TRP E 372 51.42 9.97 -4.10
N LEU E 373 51.28 10.24 -2.81
CA LEU E 373 51.41 11.59 -2.28
C LEU E 373 52.85 11.98 -2.24
N THR E 374 53.21 13.04 -2.95
CA THR E 374 54.56 13.58 -2.90
C THR E 374 54.81 14.16 -1.54
N GLU E 375 56.06 14.42 -1.21
CA GLU E 375 56.36 15.04 0.07
C GLU E 375 55.57 16.33 0.14
N GLN E 376 55.57 17.01 -0.99
CA GLN E 376 54.90 18.27 -1.22
C GLN E 376 53.38 18.18 -1.12
N ASP E 377 52.81 17.08 -1.55
CA ASP E 377 51.36 16.87 -1.52
C ASP E 377 50.84 16.72 -0.12
N ARG E 378 51.52 15.94 0.69
CA ARG E 378 50.98 15.68 2.00
C ARG E 378 51.08 16.93 2.81
N GLU E 379 52.08 17.76 2.51
CA GLU E 379 52.19 19.04 3.20
C GLU E 379 51.02 19.94 2.86
N HIS E 380 50.66 19.97 1.60
CA HIS E 380 49.54 20.78 1.14
C HIS E 380 48.25 20.36 1.81
N VAL E 381 48.16 19.11 2.18
CA VAL E 381 46.95 18.64 2.82
C VAL E 381 46.88 19.12 4.25
N VAL E 382 47.99 18.97 4.97
CA VAL E 382 48.06 19.40 6.35
C VAL E 382 47.86 20.90 6.45
N ALA E 383 48.56 21.64 5.60
CA ALA E 383 48.46 23.10 5.54
C ALA E 383 47.02 23.51 5.33
N THR E 384 46.35 22.93 4.34
CA THR E 384 44.97 23.29 4.09
C THR E 384 44.09 22.99 5.29
N ILE E 385 44.35 21.89 5.97
CA ILE E 385 43.56 21.53 7.14
C ILE E 385 43.82 22.47 8.32
N ARG E 386 45.09 22.79 8.55
CA ARG E 386 45.48 23.63 9.66
C ARG E 386 45.01 25.06 9.46
N SER E 387 44.90 25.49 8.21
CA SER E 387 44.47 26.85 7.92
C SER E 387 42.98 27.01 8.24
N GLY E 388 42.37 26.01 8.86
CA GLY E 388 41.02 26.12 9.36
C GLY E 388 39.98 26.09 8.27
N TRP E 389 38.71 25.95 8.66
CA TRP E 389 37.61 25.94 7.69
C TRP E 389 36.32 26.42 8.32
N ARG F 17 -42.80 -41.82 31.93
CA ARG F 17 -42.16 -41.68 30.62
C ARG F 17 -43.02 -42.23 29.50
N GLY F 18 -42.72 -43.46 29.08
CA GLY F 18 -43.41 -44.15 28.01
C GLY F 18 -42.55 -44.37 26.77
N SER F 19 -41.96 -43.29 26.25
CA SER F 19 -41.07 -43.34 25.08
C SER F 19 -40.61 -41.99 24.50
N HIS F 20 -39.34 -41.93 24.07
CA HIS F 20 -38.79 -40.94 23.13
C HIS F 20 -38.52 -39.51 23.60
N MET F 21 -37.38 -38.95 23.19
CA MET F 21 -37.03 -37.55 23.42
C MET F 21 -36.11 -36.98 22.33
N ILE F 22 -36.29 -35.70 21.99
CA ILE F 22 -35.44 -35.04 21.00
C ILE F 22 -34.52 -34.02 21.64
N PRO F 23 -33.20 -34.23 21.52
CA PRO F 23 -32.18 -33.47 22.23
C PRO F 23 -31.83 -32.16 21.54
N LEU F 24 -31.43 -31.17 22.30
CA LEU F 24 -31.09 -29.86 21.74
C LEU F 24 -29.69 -29.87 21.16
N PHE F 25 -28.79 -30.58 21.82
CA PHE F 25 -27.42 -30.78 21.36
C PHE F 25 -27.10 -32.24 21.25
N LYS F 26 -26.14 -32.58 20.40
CA LYS F 26 -25.70 -33.97 20.25
C LYS F 26 -24.26 -34.02 19.73
N VAL F 27 -23.58 -35.12 20.03
CA VAL F 27 -22.16 -35.30 19.71
C VAL F 27 -21.90 -36.03 18.41
N ALA F 28 -21.23 -35.36 17.48
CA ALA F 28 -20.92 -35.94 16.18
C ALA F 28 -19.61 -36.69 16.19
N VAL F 29 -19.64 -37.99 15.95
CA VAL F 29 -18.41 -38.79 16.00
C VAL F 29 -18.31 -39.72 14.80
N SER F 30 -17.50 -39.31 13.83
CA SER F 30 -17.29 -40.06 12.60
C SER F 30 -16.94 -41.50 12.92
N PRO F 31 -17.32 -42.44 12.05
CA PRO F 31 -16.99 -43.83 12.36
C PRO F 31 -15.49 -44.10 12.35
N THR F 32 -14.74 -43.30 11.61
CA THR F 32 -13.31 -43.48 11.51
C THR F 32 -12.57 -42.80 12.64
N ALA F 33 -13.28 -42.15 13.54
CA ALA F 33 -12.62 -41.42 14.60
C ALA F 33 -11.84 -42.36 15.49
N LEU F 34 -12.41 -43.50 15.83
CA LEU F 34 -11.66 -44.43 16.67
C LEU F 34 -10.46 -44.99 15.91
N ASP F 35 -10.61 -45.24 14.62
CA ASP F 35 -9.51 -45.68 13.79
C ASP F 35 -8.36 -44.70 13.87
N ARG F 36 -8.67 -43.42 13.71
CA ARG F 36 -7.65 -42.38 13.71
C ARG F 36 -7.01 -42.23 15.07
N VAL F 37 -7.75 -42.54 16.12
CA VAL F 37 -7.20 -42.42 17.46
C VAL F 37 -6.26 -43.57 17.71
N ALA F 38 -6.67 -44.75 17.27
CA ALA F 38 -5.86 -45.96 17.38
C ALA F 38 -4.52 -45.83 16.70
N GLU F 39 -4.51 -45.20 15.52
CA GLU F 39 -3.30 -44.98 14.76
C GLU F 39 -2.33 -44.08 15.51
N VAL F 40 -2.88 -43.18 16.32
CA VAL F 40 -2.05 -42.31 17.14
C VAL F 40 -1.40 -43.09 18.27
N PHE F 41 -2.15 -44.01 18.88
CA PHE F 41 -1.56 -44.87 19.90
C PHE F 41 -0.44 -45.69 19.27
N ALA F 42 -0.70 -46.17 18.07
CA ALA F 42 0.29 -46.92 17.34
C ALA F 42 1.54 -46.12 17.06
N SER F 43 1.43 -44.79 17.04
CA SER F 43 2.58 -43.93 16.79
C SER F 43 3.43 -43.82 18.02
N GLY F 44 2.82 -44.11 19.16
CA GLY F 44 3.50 -44.05 20.43
C GLY F 44 3.66 -42.66 21.00
N TYR F 45 3.25 -41.65 20.24
CA TYR F 45 3.35 -40.26 20.66
C TYR F 45 1.99 -39.62 20.76
N LEU F 46 1.70 -39.10 21.94
CA LEU F 46 0.41 -38.53 22.28
C LEU F 46 0.41 -37.00 22.33
N GLY F 47 1.53 -36.37 22.03
CA GLY F 47 1.67 -34.93 22.12
C GLY F 47 1.41 -34.12 20.86
N GLN F 48 1.82 -32.86 20.88
CA GLN F 48 1.63 -32.04 19.70
C GLN F 48 2.58 -32.54 18.67
N GLY F 49 2.08 -33.24 17.68
CA GLY F 49 2.94 -33.90 16.73
C GLY F 49 2.56 -33.57 15.31
N PRO F 50 2.69 -34.55 14.41
CA PRO F 50 2.38 -34.40 13.00
C PRO F 50 0.90 -34.38 12.69
N ARG F 51 0.05 -34.92 13.57
CA ARG F 51 -1.39 -34.89 13.31
C ARG F 51 -1.92 -33.50 13.51
N VAL F 52 -1.46 -32.83 14.56
CA VAL F 52 -1.77 -31.42 14.73
C VAL F 52 -1.33 -30.68 13.48
N ALA F 53 -0.21 -31.05 12.89
CA ALA F 53 0.20 -30.39 11.68
C ALA F 53 -0.72 -30.71 10.52
N GLU F 54 -1.16 -31.95 10.41
CA GLU F 54 -2.08 -32.35 9.34
C GLU F 54 -3.40 -31.60 9.45
N PHE F 55 -3.89 -31.51 10.69
CA PHE F 55 -5.15 -30.85 11.00
C PHE F 55 -5.12 -29.39 10.63
N GLU F 56 -4.12 -28.66 11.11
CA GLU F 56 -4.01 -27.25 10.82
C GLU F 56 -3.93 -27.01 9.33
N SER F 57 -3.28 -27.91 8.60
CA SER F 57 -3.19 -27.76 7.16
C SER F 57 -4.53 -27.97 6.53
N ALA F 58 -5.30 -28.91 7.05
CA ALA F 58 -6.64 -29.17 6.55
C ALA F 58 -7.58 -27.98 6.79
N LEU F 59 -7.54 -27.44 8.00
CA LEU F 59 -8.37 -26.31 8.38
C LEU F 59 -7.98 -25.05 7.63
N ALA F 60 -6.70 -24.79 7.52
CA ALA F 60 -6.19 -23.60 6.85
C ALA F 60 -6.63 -23.57 5.41
N ALA F 61 -6.75 -24.73 4.79
CA ALA F 61 -7.24 -24.80 3.41
C ALA F 61 -8.70 -24.37 3.31
N ARG F 62 -9.54 -24.91 4.20
CA ARG F 62 -10.96 -24.60 4.17
C ARG F 62 -11.23 -23.13 4.48
N LEU F 63 -10.51 -22.57 5.44
CA LEU F 63 -10.81 -21.22 5.89
C LEU F 63 -10.26 -20.18 4.93
N GLY F 64 -9.35 -20.59 4.07
CA GLY F 64 -8.74 -19.68 3.12
C GLY F 64 -7.81 -18.73 3.82
N ASN F 65 -7.44 -19.11 5.04
CA ASN F 65 -6.54 -18.35 5.88
C ASN F 65 -5.41 -19.26 6.28
N PRO F 66 -4.20 -18.96 5.85
CA PRO F 66 -3.10 -19.85 6.18
C PRO F 66 -2.62 -19.67 7.60
N ARG F 67 -3.01 -18.59 8.25
CA ARG F 67 -2.50 -18.29 9.57
C ARG F 67 -3.35 -18.89 10.70
N VAL F 68 -3.44 -20.20 10.78
CA VAL F 68 -4.24 -20.83 11.83
C VAL F 68 -3.40 -21.49 12.92
N VAL F 69 -3.91 -21.48 14.16
CA VAL F 69 -3.19 -22.07 15.26
C VAL F 69 -4.10 -22.87 16.14
N SER F 70 -3.99 -24.19 16.02
CA SER F 70 -4.81 -25.12 16.78
C SER F 70 -4.52 -25.00 18.25
N VAL F 71 -5.53 -25.11 19.08
CA VAL F 71 -5.37 -24.96 20.51
C VAL F 71 -6.20 -26.00 21.26
N HIS F 72 -5.99 -26.10 22.56
CA HIS F 72 -6.60 -27.13 23.38
C HIS F 72 -8.12 -27.05 23.47
N SER F 73 -8.67 -25.84 23.44
CA SER F 73 -10.11 -25.63 23.60
C SER F 73 -10.46 -24.26 23.09
N GLY F 74 -11.73 -24.03 22.78
CA GLY F 74 -12.14 -22.71 22.33
C GLY F 74 -11.86 -21.65 23.39
N THR F 75 -12.09 -22.00 24.64
CA THR F 75 -11.88 -21.10 25.76
C THR F 75 -10.46 -20.65 25.92
N SER F 76 -9.55 -21.62 25.86
CA SER F 76 -8.14 -21.34 25.95
C SER F 76 -7.68 -20.57 24.73
N GLY F 77 -8.19 -20.94 23.57
CA GLY F 77 -7.92 -20.22 22.34
C GLY F 77 -8.19 -18.73 22.42
N LEU F 78 -9.22 -18.36 23.17
CA LEU F 78 -9.58 -16.96 23.41
C LEU F 78 -8.59 -16.27 24.32
N CYS F 79 -8.24 -16.95 25.40
CA CYS F 79 -7.33 -16.41 26.41
C CYS F 79 -6.04 -16.00 25.74
N LEU F 80 -5.61 -16.82 24.79
CA LEU F 80 -4.44 -16.56 23.99
C LEU F 80 -4.61 -15.30 23.17
N ALA F 81 -5.77 -15.20 22.50
CA ALA F 81 -6.11 -14.04 21.66
C ALA F 81 -5.99 -12.75 22.42
N LEU F 82 -6.32 -12.80 23.70
CA LEU F 82 -6.26 -11.65 24.58
C LEU F 82 -4.83 -11.29 24.98
N ARG F 83 -3.96 -12.29 25.07
CA ARG F 83 -2.60 -12.05 25.47
C ARG F 83 -1.81 -11.42 24.33
N LEU F 84 -2.18 -11.76 23.11
CA LEU F 84 -1.49 -11.20 21.94
C LEU F 84 -1.74 -9.72 21.81
N LEU F 85 -2.69 -9.21 22.57
CA LEU F 85 -2.99 -7.79 22.52
C LEU F 85 -1.83 -6.98 23.06
N ASP F 86 -1.25 -6.18 22.18
CA ASP F 86 -0.19 -5.28 22.58
C ASP F 86 -0.84 -3.92 22.69
N ALA F 87 -1.08 -3.50 23.93
CA ALA F 87 -1.74 -2.25 24.22
C ALA F 87 -1.51 -1.90 25.68
N PRO F 88 -1.52 -0.60 26.00
CA PRO F 88 -1.21 -0.15 27.36
C PRO F 88 -2.20 -0.66 28.39
N GLU F 89 -1.72 -0.88 29.61
CA GLU F 89 -2.54 -1.45 30.67
C GLU F 89 -3.77 -0.60 31.00
N GLU F 90 -3.72 0.69 30.69
CA GLU F 90 -4.84 1.58 31.04
C GLU F 90 -6.04 1.37 30.12
N ARG F 91 -5.81 0.80 28.96
CA ARG F 91 -6.93 0.33 28.18
C ARG F 91 -7.36 -0.96 28.81
N ASP F 92 -8.19 -0.88 29.84
CA ASP F 92 -8.51 -2.07 30.59
C ASP F 92 -9.92 -2.48 30.25
N GLU F 93 -10.48 -1.81 29.26
CA GLU F 93 -11.86 -2.03 28.90
C GLU F 93 -11.95 -2.86 27.64
N VAL F 94 -12.61 -4.01 27.75
CA VAL F 94 -12.94 -4.84 26.60
C VAL F 94 -14.45 -4.95 26.53
N LEU F 95 -15.00 -4.64 25.37
CA LEU F 95 -16.45 -4.61 25.19
C LEU F 95 -17.00 -5.93 24.73
N SER F 96 -17.97 -6.46 25.48
CA SER F 96 -18.62 -7.70 25.10
C SER F 96 -20.05 -7.79 25.61
N THR F 97 -20.87 -8.58 24.93
CA THR F 97 -22.27 -8.74 25.29
C THR F 97 -22.46 -9.95 26.19
N PRO F 98 -23.42 -9.88 27.13
CA PRO F 98 -23.68 -10.94 28.10
C PRO F 98 -24.57 -12.04 27.58
N LEU F 99 -25.07 -11.93 26.35
CA LEU F 99 -25.85 -13.02 25.79
C LEU F 99 -24.90 -13.90 25.02
N THR F 100 -24.05 -14.58 25.77
CA THR F 100 -23.05 -15.51 25.26
C THR F 100 -22.92 -16.69 26.20
N PHE F 101 -22.06 -17.63 25.83
CA PHE F 101 -21.66 -18.69 26.75
C PHE F 101 -20.63 -18.14 27.73
N GLU F 102 -20.65 -18.64 28.96
CA GLU F 102 -19.88 -18.04 30.05
C GLU F 102 -18.40 -17.89 29.75
N ALA F 103 -17.92 -18.73 28.86
CA ALA F 103 -16.52 -18.77 28.46
C ALA F 103 -16.06 -17.45 27.90
N THR F 104 -16.89 -16.86 27.04
CA THR F 104 -16.55 -15.63 26.36
C THR F 104 -16.22 -14.48 27.30
N ASN F 105 -16.87 -14.45 28.45
CA ASN F 105 -16.71 -13.32 29.33
C ASN F 105 -15.76 -13.63 30.48
N TRP F 106 -15.66 -14.91 30.83
CA TRP F 106 -14.75 -15.31 31.88
C TRP F 106 -13.29 -15.22 31.42
N ALA F 107 -13.08 -15.37 30.12
CA ALA F 107 -11.76 -15.18 29.52
C ALA F 107 -11.27 -13.76 29.73
N ILE F 108 -12.19 -12.81 29.65
CA ILE F 108 -11.87 -11.40 29.86
C ILE F 108 -11.42 -11.19 31.28
N LEU F 109 -12.07 -11.85 32.22
CA LEU F 109 -11.70 -11.71 33.62
C LEU F 109 -10.32 -12.28 33.88
N ALA F 110 -10.01 -13.40 33.25
CA ALA F 110 -8.70 -14.02 33.42
C ALA F 110 -7.61 -13.14 32.84
N ASP F 111 -7.93 -12.37 31.81
CA ASP F 111 -6.94 -11.51 31.20
C ASP F 111 -6.74 -10.26 32.01
N GLY F 112 -7.45 -10.17 33.12
CA GLY F 112 -7.30 -9.07 34.06
C GLY F 112 -7.89 -7.76 33.58
N ARG F 113 -8.82 -7.85 32.64
CA ARG F 113 -9.45 -6.66 32.09
C ARG F 113 -10.84 -6.43 32.66
N ARG F 114 -11.45 -5.33 32.25
CA ARG F 114 -12.78 -4.94 32.69
C ARG F 114 -13.80 -5.14 31.58
N ILE F 115 -14.93 -5.78 31.90
CA ILE F 115 -15.99 -5.95 30.93
C ILE F 115 -16.95 -4.79 30.98
N THR F 116 -17.31 -4.28 29.81
CA THR F 116 -18.36 -3.27 29.74
C THR F 116 -19.45 -3.77 28.79
N TRP F 117 -20.61 -4.08 29.35
CA TRP F 117 -21.67 -4.77 28.60
C TRP F 117 -22.23 -3.96 27.45
N VAL F 118 -22.40 -4.60 26.30
CA VAL F 118 -23.05 -3.95 25.17
C VAL F 118 -24.41 -4.63 24.97
N ASP F 119 -25.44 -3.86 24.64
CA ASP F 119 -26.77 -4.43 24.58
C ASP F 119 -26.93 -5.33 23.38
N VAL F 120 -28.07 -6.00 23.30
CA VAL F 120 -28.30 -6.99 22.27
C VAL F 120 -29.44 -6.56 21.36
N ASP F 121 -29.24 -6.71 20.06
CA ASP F 121 -30.27 -6.47 19.07
C ASP F 121 -31.27 -7.62 19.08
N PRO F 122 -32.51 -7.34 19.53
CA PRO F 122 -33.56 -8.34 19.74
C PRO F 122 -34.06 -8.97 18.45
N ALA F 123 -33.63 -8.43 17.32
CA ALA F 123 -34.03 -8.95 16.01
C ALA F 123 -33.20 -10.13 15.57
N THR F 124 -31.95 -10.13 16.03
CA THR F 124 -30.95 -11.09 15.63
C THR F 124 -30.32 -11.78 16.83
N LEU F 125 -30.55 -11.19 18.01
CA LEU F 125 -29.98 -11.68 19.27
C LEU F 125 -28.45 -11.65 19.27
N THR F 126 -27.88 -10.80 18.43
CA THR F 126 -26.45 -10.52 18.46
C THR F 126 -26.21 -9.10 18.97
N MET F 127 -24.94 -8.75 19.11
CA MET F 127 -24.55 -7.46 19.65
C MET F 127 -25.13 -6.32 18.84
N ASP F 128 -25.68 -5.33 19.54
CA ASP F 128 -26.19 -4.10 18.95
C ASP F 128 -25.04 -3.14 18.64
N LEU F 129 -24.73 -3.01 17.36
CA LEU F 129 -23.59 -2.19 16.95
C LEU F 129 -23.82 -0.69 17.18
N ASP F 130 -25.07 -0.25 17.30
CA ASP F 130 -25.30 1.15 17.70
C ASP F 130 -24.78 1.36 19.09
N ASP F 131 -25.18 0.48 20.01
CA ASP F 131 -24.78 0.58 21.40
C ASP F 131 -23.27 0.40 21.54
N LEU F 132 -22.72 -0.39 20.63
CA LEU F 132 -21.29 -0.61 20.59
C LEU F 132 -20.57 0.70 20.27
N GLU F 133 -21.02 1.40 19.22
CA GLU F 133 -20.40 2.63 18.76
C GLU F 133 -20.37 3.70 19.85
N ARG F 134 -21.41 3.72 20.64
CA ARG F 134 -21.52 4.68 21.72
C ARG F 134 -20.55 4.37 22.86
N LYS F 135 -20.30 3.09 23.08
CA LYS F 135 -19.58 2.68 24.28
C LYS F 135 -18.06 2.58 24.08
N ILE F 136 -17.62 2.72 22.83
CA ILE F 136 -16.19 2.80 22.54
C ILE F 136 -15.63 4.07 23.17
N SER F 137 -14.61 3.90 23.99
CA SER F 137 -14.00 5.01 24.70
C SER F 137 -12.49 4.96 24.54
N PRO F 138 -11.78 6.01 24.96
CA PRO F 138 -10.32 5.91 24.95
C PRO F 138 -9.77 4.79 25.82
N ALA F 139 -10.63 4.09 26.57
CA ALA F 139 -10.19 3.00 27.41
C ALA F 139 -10.39 1.65 26.71
N THR F 140 -11.04 1.67 25.55
CA THR F 140 -11.36 0.42 24.85
C THR F 140 -10.11 -0.29 24.35
N ARG F 141 -9.82 -1.45 24.93
CA ARG F 141 -8.66 -2.24 24.54
C ARG F 141 -8.95 -3.10 23.33
N ALA F 142 -10.08 -3.82 23.37
CA ALA F 142 -10.48 -4.68 22.28
C ALA F 142 -11.98 -5.00 22.36
N ILE F 143 -12.49 -5.65 21.32
CA ILE F 143 -13.93 -5.95 21.25
C ILE F 143 -14.18 -7.39 20.85
N ILE F 144 -14.97 -8.10 21.65
CA ILE F 144 -15.32 -9.47 21.30
C ILE F 144 -16.75 -9.60 20.80
N VAL F 145 -16.89 -9.89 19.52
CA VAL F 145 -18.19 -10.08 18.92
C VAL F 145 -18.41 -11.57 18.77
N VAL F 146 -19.60 -12.02 19.17
CA VAL F 146 -19.91 -13.43 19.20
C VAL F 146 -20.93 -13.79 18.16
N HIS F 147 -20.55 -14.56 17.17
CA HIS F 147 -21.50 -14.98 16.18
C HIS F 147 -22.50 -15.95 16.79
N TRP F 148 -23.34 -15.44 17.67
CA TRP F 148 -24.18 -16.26 18.54
C TRP F 148 -25.06 -17.25 17.82
N THR F 149 -25.04 -18.50 18.29
CA THR F 149 -25.81 -19.62 17.73
C THR F 149 -25.64 -19.83 16.24
N GLY F 150 -24.64 -19.18 15.64
CA GLY F 150 -24.31 -19.47 14.26
C GLY F 150 -24.49 -18.35 13.28
N TYR F 151 -24.94 -17.20 13.75
CA TYR F 151 -25.24 -16.08 12.88
C TYR F 151 -24.14 -15.03 12.89
N PRO F 152 -23.47 -14.82 11.75
CA PRO F 152 -22.41 -13.84 11.64
C PRO F 152 -22.89 -12.42 11.92
N VAL F 153 -22.21 -11.72 12.80
CA VAL F 153 -22.55 -10.34 13.08
C VAL F 153 -22.17 -9.48 11.86
N ASP F 154 -22.87 -8.36 11.68
CA ASP F 154 -22.64 -7.46 10.54
C ASP F 154 -21.25 -6.86 10.63
N LEU F 155 -20.29 -7.54 10.03
CA LEU F 155 -18.88 -7.21 10.19
C LEU F 155 -18.48 -5.91 9.50
N ASP F 156 -19.00 -5.68 8.30
CA ASP F 156 -18.66 -4.48 7.57
C ASP F 156 -19.09 -3.26 8.33
N ARG F 157 -20.25 -3.32 8.95
CA ARG F 157 -20.75 -2.22 9.75
C ARG F 157 -19.81 -2.01 10.93
N LEU F 158 -19.34 -3.11 11.49
CA LEU F 158 -18.38 -3.07 12.58
C LEU F 158 -17.08 -2.41 12.16
N ALA F 159 -16.67 -2.67 10.92
CA ALA F 159 -15.46 -2.06 10.38
C ALA F 159 -15.62 -0.55 10.36
N GLY F 160 -16.81 -0.10 9.98
CA GLY F 160 -17.12 1.33 9.96
C GLY F 160 -17.02 1.96 11.33
N ILE F 161 -17.60 1.30 12.33
CA ILE F 161 -17.56 1.81 13.70
C ILE F 161 -16.14 2.04 14.13
N LEU F 162 -15.26 1.13 13.75
CA LEU F 162 -13.86 1.27 14.09
C LEU F 162 -13.15 2.32 13.24
N ASP F 163 -13.49 2.41 11.96
CA ASP F 163 -12.91 3.43 11.09
C ASP F 163 -13.11 4.81 11.69
N ARG F 164 -14.34 5.09 12.11
CA ARG F 164 -14.68 6.38 12.69
C ARG F 164 -14.00 6.53 14.05
N ALA F 165 -13.98 5.45 14.82
CA ALA F 165 -13.36 5.47 16.14
C ALA F 165 -11.85 5.65 16.02
N GLU F 166 -11.28 5.13 14.93
CA GLU F 166 -9.84 5.24 14.71
C GLU F 166 -9.51 6.67 14.26
N ARG F 167 -10.27 7.17 13.30
CA ARG F 167 -10.14 8.56 12.86
C ARG F 167 -10.32 9.53 14.02
N GLU F 168 -11.19 9.18 14.97
CA GLU F 168 -11.45 10.05 16.12
C GLU F 168 -10.27 10.16 17.07
N HIS F 169 -9.99 9.09 17.82
CA HIS F 169 -8.95 9.17 18.83
C HIS F 169 -7.86 8.09 18.80
N GLY F 170 -7.00 8.16 17.78
CA GLY F 170 -5.75 7.44 17.76
C GLY F 170 -5.81 5.94 17.63
N PHE F 171 -6.30 5.28 18.67
CA PHE F 171 -6.23 3.83 18.75
C PHE F 171 -7.43 3.23 18.02
N ARG F 172 -7.17 2.19 17.23
CA ARG F 172 -8.24 1.41 16.64
C ARG F 172 -8.31 0.09 17.37
N PRO F 173 -9.36 -0.11 18.17
CA PRO F 173 -9.51 -1.33 18.97
C PRO F 173 -9.44 -2.61 18.16
N ALA F 174 -8.88 -3.64 18.77
CA ALA F 174 -8.79 -4.94 18.13
C ALA F 174 -10.11 -5.65 18.27
N VAL F 175 -10.41 -6.52 17.30
CA VAL F 175 -11.64 -7.29 17.34
C VAL F 175 -11.35 -8.77 17.39
N ILE F 176 -11.97 -9.48 18.33
CA ILE F 176 -11.84 -10.92 18.34
C ILE F 176 -13.21 -11.56 18.12
N GLU F 177 -13.35 -12.29 17.01
CA GLU F 177 -14.61 -12.93 16.72
C GLU F 177 -14.68 -14.31 17.35
N ASP F 178 -15.64 -14.52 18.22
CA ASP F 178 -15.88 -15.80 18.87
C ASP F 178 -16.76 -16.66 17.99
N CYS F 179 -16.14 -17.55 17.21
CA CYS F 179 -16.86 -18.33 16.23
C CYS F 179 -17.21 -19.72 16.72
N ALA F 180 -17.42 -19.86 18.03
CA ALA F 180 -17.70 -21.16 18.61
C ALA F 180 -18.87 -21.85 17.95
N HIS F 181 -19.93 -21.09 17.71
CA HIS F 181 -21.14 -21.67 17.17
C HIS F 181 -21.22 -21.55 15.66
N ALA F 182 -20.18 -21.01 15.05
CA ALA F 182 -20.27 -20.66 13.64
C ALA F 182 -19.26 -21.36 12.74
N TRP F 183 -18.92 -22.62 13.01
CA TRP F 183 -18.02 -23.31 12.08
C TRP F 183 -18.70 -23.35 10.74
N GLY F 184 -17.99 -23.01 9.67
CA GLY F 184 -18.58 -23.10 8.34
C GLY F 184 -19.31 -21.84 7.87
N ALA F 185 -19.41 -20.87 8.75
CA ALA F 185 -20.13 -19.65 8.45
C ALA F 185 -19.34 -18.80 7.48
N SER F 186 -20.04 -18.08 6.62
CA SER F 186 -19.41 -17.13 5.72
C SER F 186 -20.15 -15.83 5.84
N TYR F 187 -19.53 -14.75 5.36
CA TYR F 187 -20.15 -13.43 5.41
C TYR F 187 -19.86 -12.68 4.13
N ARG F 188 -20.90 -12.43 3.34
CA ARG F 188 -20.74 -11.81 2.03
C ARG F 188 -19.74 -12.59 1.22
N GLY F 189 -19.94 -13.91 1.17
CA GLY F 189 -19.13 -14.76 0.33
C GLY F 189 -17.84 -15.22 0.97
N VAL F 190 -17.46 -14.59 2.07
CA VAL F 190 -16.18 -14.90 2.71
C VAL F 190 -16.34 -15.66 4.01
N PRO F 191 -15.67 -16.82 4.12
CA PRO F 191 -15.69 -17.64 5.33
C PRO F 191 -15.13 -16.85 6.50
N LEU F 192 -15.69 -17.04 7.68
CA LEU F 192 -15.18 -16.38 8.86
C LEU F 192 -13.68 -16.67 9.02
N GLY F 193 -12.93 -15.69 9.51
CA GLY F 193 -11.50 -15.87 9.68
C GLY F 193 -10.71 -15.10 8.67
N SER F 194 -11.34 -14.74 7.57
CA SER F 194 -10.65 -14.02 6.50
C SER F 194 -11.17 -12.60 6.39
N HIS F 195 -11.42 -11.98 7.55
CA HIS F 195 -11.96 -10.64 7.57
C HIS F 195 -11.06 -9.68 8.32
N GLY F 196 -9.80 -10.02 8.51
CA GLY F 196 -8.87 -9.09 9.10
C GLY F 196 -8.90 -9.08 10.62
N ASN F 197 -9.68 -10.00 11.19
CA ASN F 197 -9.75 -10.16 12.63
C ASN F 197 -9.25 -11.48 13.15
N MET F 198 -8.81 -11.47 14.41
CA MET F 198 -8.57 -12.73 15.07
C MET F 198 -9.90 -13.42 15.27
N CYS F 199 -9.93 -14.72 15.00
CA CYS F 199 -11.13 -15.53 15.16
C CYS F 199 -10.81 -16.75 16.00
N VAL F 200 -11.74 -17.13 16.87
CA VAL F 200 -11.58 -18.32 17.71
C VAL F 200 -12.72 -19.31 17.55
N PHE F 201 -12.46 -20.46 16.93
CA PHE F 201 -13.47 -21.50 16.77
C PHE F 201 -13.40 -22.48 17.93
N SER F 202 -14.46 -23.25 18.16
CA SER F 202 -14.42 -24.26 19.22
C SER F 202 -14.79 -25.62 18.67
N PHE F 203 -14.10 -26.63 19.18
CA PHE F 203 -14.29 -27.99 18.73
C PHE F 203 -14.75 -28.88 19.86
N GLN F 204 -15.30 -28.27 20.90
CA GLN F 204 -15.86 -29.00 22.03
C GLN F 204 -16.86 -30.03 21.53
N ALA F 205 -17.17 -31.02 22.35
CA ALA F 205 -17.97 -32.17 21.93
C ALA F 205 -19.23 -31.82 21.14
N LEU F 206 -19.92 -30.78 21.58
CA LEU F 206 -21.21 -30.42 21.03
C LEU F 206 -21.16 -29.59 19.76
N LYS F 207 -19.98 -29.10 19.40
CA LYS F 207 -19.89 -28.20 18.26
C LYS F 207 -19.90 -28.97 16.98
N HIS F 208 -19.94 -28.24 15.88
CA HIS F 208 -20.12 -28.84 14.57
C HIS F 208 -18.97 -29.78 14.24
N LEU F 209 -17.76 -29.25 14.27
CA LEU F 209 -16.58 -30.07 14.11
C LEU F 209 -15.99 -30.31 15.46
N THR F 210 -16.00 -31.54 15.94
CA THR F 210 -15.52 -31.77 17.29
C THR F 210 -14.25 -32.57 17.30
N CYS F 211 -13.36 -32.23 18.23
CA CYS F 211 -12.13 -32.95 18.48
C CYS F 211 -12.23 -33.62 19.83
N GLY F 212 -13.44 -33.72 20.36
CA GLY F 212 -13.60 -34.18 21.72
C GLY F 212 -13.47 -32.96 22.59
N ASP F 213 -12.39 -32.24 22.37
CA ASP F 213 -12.22 -30.91 22.91
C ASP F 213 -11.18 -30.26 22.03
N GLY F 214 -11.25 -28.96 21.82
CA GLY F 214 -10.36 -28.36 20.85
C GLY F 214 -10.73 -26.94 20.51
N GLY F 215 -9.94 -26.30 19.68
CA GLY F 215 -10.17 -24.93 19.29
C GLY F 215 -9.28 -24.54 18.15
N LEU F 216 -9.46 -23.36 17.60
CA LEU F 216 -8.61 -22.87 16.52
C LEU F 216 -8.54 -21.36 16.54
N LEU F 217 -7.35 -20.80 16.56
CA LEU F 217 -7.16 -19.37 16.48
C LEU F 217 -6.63 -18.95 15.11
N THR F 218 -7.36 -18.09 14.41
CA THR F 218 -6.90 -17.59 13.11
C THR F 218 -6.41 -16.15 13.23
N LEU F 219 -5.33 -15.84 12.52
CA LEU F 219 -4.68 -14.55 12.64
C LEU F 219 -4.77 -13.78 11.33
N PRO F 220 -4.83 -12.44 11.41
CA PRO F 220 -4.93 -11.61 10.20
C PRO F 220 -3.60 -11.18 9.62
N GLY F 221 -2.52 -11.43 10.35
CA GLY F 221 -1.20 -10.99 9.94
C GLY F 221 -0.15 -11.97 10.41
N ASP F 222 1.00 -11.95 9.76
CA ASP F 222 2.00 -12.96 10.03
C ASP F 222 2.60 -12.82 11.41
N GLU F 223 2.86 -11.61 11.87
CA GLU F 223 3.56 -11.45 13.14
C GLU F 223 2.77 -11.99 14.32
N LEU F 224 1.46 -11.85 14.27
CA LEU F 224 0.62 -12.41 15.30
C LEU F 224 0.70 -13.93 15.26
N HIS F 225 0.77 -14.46 14.04
CA HIS F 225 0.84 -15.89 13.86
C HIS F 225 2.08 -16.46 14.56
N GLU F 226 3.22 -15.82 14.37
CA GLU F 226 4.47 -16.29 14.91
C GLU F 226 4.36 -16.37 16.41
N ARG F 227 3.87 -15.30 17.01
CA ARG F 227 3.70 -15.19 18.45
C ARG F 227 2.74 -16.21 18.99
N ALA F 228 1.69 -16.50 18.22
CA ALA F 228 0.68 -17.47 18.62
C ALA F 228 1.25 -18.89 18.66
N MET F 229 2.05 -19.21 17.65
CA MET F 229 2.69 -20.50 17.51
C MET F 229 3.56 -20.75 18.73
N LEU F 230 4.13 -19.67 19.25
CA LEU F 230 5.04 -19.73 20.37
C LEU F 230 4.32 -19.77 21.71
N ARG F 231 3.44 -18.81 21.94
CA ARG F 231 2.87 -18.64 23.26
C ARG F 231 1.88 -19.73 23.64
N ARG F 232 1.46 -20.53 22.66
CA ARG F 232 0.49 -21.58 22.94
C ARG F 232 1.10 -22.74 23.68
N PHE F 233 2.42 -22.74 23.80
CA PHE F 233 3.13 -23.76 24.55
C PHE F 233 4.21 -23.12 25.40
N TYR F 234 3.80 -22.40 26.42
CA TYR F 234 4.70 -21.82 27.40
C TYR F 234 5.68 -20.83 26.79
N GLY F 235 5.57 -20.59 25.49
CA GLY F 235 6.46 -19.66 24.83
C GLY F 235 7.72 -20.35 24.39
N ILE F 236 7.72 -21.69 24.50
CA ILE F 236 8.87 -22.56 24.22
C ILE F 236 8.93 -23.02 22.79
N ASP F 237 10.01 -22.73 22.10
CA ASP F 237 10.21 -23.30 20.77
C ASP F 237 10.41 -24.80 20.91
N ARG F 238 9.52 -25.58 20.31
CA ARG F 238 9.56 -27.03 20.43
C ARG F 238 10.60 -27.67 19.53
N THR F 239 11.17 -26.89 18.62
CA THR F 239 12.24 -27.38 17.75
C THR F 239 13.61 -26.99 18.32
N ALA F 240 13.60 -26.37 19.49
CA ALA F 240 14.84 -25.96 20.12
C ALA F 240 15.41 -27.06 20.97
N ASP F 241 16.72 -26.98 21.19
CA ASP F 241 17.43 -27.95 22.01
C ASP F 241 17.13 -27.73 23.48
N ARG F 242 15.93 -28.14 23.90
CA ARG F 242 15.49 -27.95 25.28
C ARG F 242 16.38 -28.75 26.21
N LEU F 243 17.00 -29.80 25.69
CA LEU F 243 17.86 -30.66 26.48
C LEU F 243 19.08 -29.92 27.00
N ARG F 244 19.54 -28.96 26.21
CA ARG F 244 20.69 -28.12 26.51
C ARG F 244 20.32 -26.70 26.92
N GLY F 245 19.04 -26.46 27.15
CA GLY F 245 18.61 -25.15 27.61
C GLY F 245 18.80 -24.07 26.58
N ALA F 246 18.88 -24.45 25.30
CA ALA F 246 19.17 -23.48 24.25
C ALA F 246 17.92 -22.84 23.66
N TYR F 247 17.14 -22.18 24.50
CA TYR F 247 15.94 -21.48 24.06
C TYR F 247 15.60 -20.31 24.97
N ASP F 248 14.81 -19.38 24.45
CA ASP F 248 14.35 -18.24 25.24
C ASP F 248 12.85 -18.03 25.11
N VAL F 249 12.21 -17.82 26.24
CA VAL F 249 10.81 -17.46 26.26
C VAL F 249 10.67 -15.94 26.27
N ALA F 250 10.48 -15.36 25.09
CA ALA F 250 10.39 -13.91 24.99
C ALA F 250 9.08 -13.45 25.55
N GLU F 251 8.04 -14.25 25.36
CA GLU F 251 6.74 -14.00 25.95
C GLU F 251 6.19 -15.30 26.51
N TRP F 252 5.75 -15.28 27.75
CA TRP F 252 5.27 -16.48 28.41
C TRP F 252 3.95 -16.93 27.82
N GLY F 253 3.58 -18.17 28.14
CA GLY F 253 2.35 -18.76 27.67
C GLY F 253 1.99 -19.86 28.63
N LEU F 254 0.95 -20.62 28.31
CA LEU F 254 0.56 -21.77 29.12
C LEU F 254 0.30 -22.98 28.25
N LYS F 255 -0.40 -23.96 28.80
CA LYS F 255 -0.69 -25.14 28.03
C LYS F 255 -1.97 -24.93 27.21
N TRP F 256 -1.84 -24.26 26.09
CA TRP F 256 -3.01 -23.95 25.31
C TRP F 256 -3.02 -24.75 24.02
N HIS F 257 -1.95 -25.46 23.71
CA HIS F 257 -1.82 -26.13 22.42
C HIS F 257 -2.66 -27.40 22.39
N MET F 258 -2.77 -28.01 21.22
CA MET F 258 -3.56 -29.21 21.06
C MET F 258 -2.67 -30.41 20.76
N THR F 259 -3.00 -31.57 21.31
CA THR F 259 -2.15 -32.71 21.16
C THR F 259 -2.60 -33.53 19.98
N ASP F 260 -1.78 -34.49 19.57
CA ASP F 260 -2.07 -35.27 18.38
C ASP F 260 -3.27 -36.17 18.60
N LEU F 261 -3.59 -36.41 19.86
CA LEU F 261 -4.71 -37.28 20.18
C LEU F 261 -6.00 -36.71 19.66
N ASN F 262 -6.31 -35.46 19.99
CA ASN F 262 -7.51 -34.79 19.55
C ASN F 262 -7.47 -34.33 18.11
N ALA F 263 -6.33 -33.85 17.64
CA ALA F 263 -6.22 -33.51 16.24
C ALA F 263 -6.65 -34.69 15.37
N ALA F 264 -6.37 -35.89 15.84
CA ALA F 264 -6.75 -37.12 15.15
C ALA F 264 -8.25 -37.27 15.02
N ILE F 265 -8.98 -36.95 16.10
CA ILE F 265 -10.43 -37.02 16.07
C ILE F 265 -11.00 -36.00 15.09
N GLY F 266 -10.56 -34.76 15.23
CA GLY F 266 -11.00 -33.71 14.36
C GLY F 266 -10.78 -33.99 12.90
N LEU F 267 -9.67 -34.64 12.58
CA LEU F 267 -9.41 -34.99 11.18
C LEU F 267 -10.42 -35.99 10.65
N ALA F 268 -10.92 -36.82 11.54
CA ALA F 268 -11.89 -37.83 11.17
C ALA F 268 -13.24 -37.20 10.88
N ASN F 269 -13.59 -36.21 11.69
CA ASN F 269 -14.89 -35.58 11.63
C ASN F 269 -15.04 -34.55 10.52
N LEU F 270 -13.93 -34.10 9.97
CA LEU F 270 -13.94 -33.24 8.82
C LEU F 270 -14.54 -33.95 7.63
N GLU F 271 -14.52 -35.28 7.67
CA GLU F 271 -15.02 -36.07 6.56
C GLU F 271 -16.52 -35.90 6.46
N THR F 272 -17.13 -35.61 7.58
CA THR F 272 -18.57 -35.59 7.68
C THR F 272 -19.16 -34.25 8.11
N VAL F 273 -18.34 -33.28 8.47
CA VAL F 273 -18.88 -32.05 9.02
C VAL F 273 -19.64 -31.25 7.96
N ASP F 274 -19.23 -31.36 6.70
CA ASP F 274 -19.86 -30.57 5.66
C ASP F 274 -21.30 -30.99 5.49
N GLU F 275 -21.52 -32.29 5.45
CA GLU F 275 -22.87 -32.80 5.25
C GLU F 275 -23.74 -32.43 6.42
N GLN F 276 -23.22 -32.54 7.63
CA GLN F 276 -24.02 -32.26 8.80
C GLN F 276 -24.33 -30.79 8.88
N LEU F 277 -23.45 -29.98 8.32
CA LEU F 277 -23.66 -28.55 8.36
C LEU F 277 -24.82 -28.22 7.45
N ARG F 278 -24.91 -28.92 6.35
CA ARG F 278 -25.99 -28.72 5.40
C ARG F 278 -27.32 -29.04 6.08
N LEU F 279 -27.38 -30.16 6.77
CA LEU F 279 -28.61 -30.53 7.44
C LEU F 279 -29.00 -29.55 8.52
N HIS F 280 -28.03 -28.91 9.14
CA HIS F 280 -28.34 -27.87 10.11
C HIS F 280 -29.11 -26.75 9.44
N ARG F 281 -28.64 -26.36 8.26
CA ARG F 281 -29.21 -25.24 7.54
C ARG F 281 -30.53 -25.62 6.86
N GLU F 282 -30.59 -26.85 6.35
CA GLU F 282 -31.77 -27.36 5.74
C GLU F 282 -32.92 -27.42 6.76
N ASN F 283 -32.59 -27.78 7.99
CA ASN F 283 -33.57 -27.79 9.07
C ASN F 283 -33.96 -26.41 9.52
N ALA F 284 -33.02 -25.49 9.57
CA ALA F 284 -33.37 -24.14 9.93
C ALA F 284 -34.24 -23.57 8.83
N ALA F 285 -33.91 -23.91 7.59
CA ALA F 285 -34.68 -23.48 6.42
C ALA F 285 -36.14 -23.93 6.52
N PHE F 286 -36.33 -25.19 6.88
CA PHE F 286 -37.64 -25.73 7.13
C PHE F 286 -38.38 -24.91 8.15
N TYR F 287 -37.73 -24.61 9.26
CA TYR F 287 -38.36 -23.81 10.30
C TYR F 287 -38.74 -22.42 9.79
N ASP F 288 -37.85 -21.80 9.02
CA ASP F 288 -38.14 -20.49 8.46
C ASP F 288 -39.39 -20.50 7.57
N LYS F 289 -39.62 -21.60 6.86
CA LYS F 289 -40.77 -21.69 5.97
C LYS F 289 -42.03 -22.03 6.75
N GLU F 290 -41.92 -22.97 7.67
CA GLU F 290 -43.09 -23.57 8.27
C GLU F 290 -43.49 -22.97 9.60
N LEU F 291 -42.81 -21.93 10.05
CA LEU F 291 -43.14 -21.34 11.34
C LEU F 291 -43.59 -19.90 11.19
N THR F 292 -43.85 -19.48 9.96
CA THR F 292 -44.37 -18.14 9.73
C THR F 292 -45.81 -18.02 10.17
N GLY F 293 -46.19 -16.83 10.59
CA GLY F 293 -47.57 -16.57 10.93
C GLY F 293 -48.03 -17.44 12.07
N VAL F 294 -47.16 -17.63 13.06
CA VAL F 294 -47.58 -18.36 14.23
C VAL F 294 -47.87 -17.40 15.37
N PRO F 295 -49.10 -17.48 15.89
CA PRO F 295 -49.55 -16.57 16.92
C PRO F 295 -48.81 -16.79 18.23
N GLY F 296 -48.07 -15.76 18.65
CA GLY F 296 -47.29 -15.84 19.86
C GLY F 296 -45.88 -16.29 19.55
N LEU F 297 -45.55 -16.42 18.26
CA LEU F 297 -44.22 -16.82 17.88
C LEU F 297 -43.60 -15.87 16.88
N GLU F 298 -42.49 -15.28 17.28
CA GLU F 298 -41.75 -14.33 16.45
C GLU F 298 -40.41 -14.91 16.01
N LEU F 299 -40.25 -15.08 14.69
CA LEU F 299 -39.00 -15.57 14.14
C LEU F 299 -37.98 -14.47 14.18
N LEU F 300 -36.72 -14.83 14.01
CA LEU F 300 -35.64 -13.86 13.94
C LEU F 300 -35.37 -13.45 12.50
N GLN F 301 -35.06 -12.18 12.30
CA GLN F 301 -34.79 -11.69 10.95
C GLN F 301 -33.30 -11.75 10.64
N ARG F 302 -32.96 -12.54 9.62
CA ARG F 302 -31.57 -12.76 9.27
C ARG F 302 -31.20 -12.10 7.94
N SER F 303 -30.06 -11.42 7.91
CA SER F 303 -29.61 -10.78 6.70
C SER F 303 -29.23 -11.81 5.66
N PRO F 304 -29.51 -11.54 4.38
CA PRO F 304 -29.23 -12.49 3.31
C PRO F 304 -27.84 -12.34 2.70
N ASP F 305 -27.05 -11.40 3.20
CA ASP F 305 -25.71 -11.19 2.67
C ASP F 305 -24.69 -12.03 3.43
N ARG F 306 -25.16 -13.07 4.10
CA ARG F 306 -24.28 -13.91 4.90
C ARG F 306 -24.89 -15.29 5.03
N GLU F 307 -24.08 -16.26 5.44
CA GLU F 307 -24.55 -17.65 5.60
C GLU F 307 -24.12 -18.21 6.96
N GLY F 308 -25.10 -18.46 7.80
CA GLY F 308 -24.87 -18.92 9.15
C GLY F 308 -24.69 -20.41 9.31
N SER F 309 -24.68 -20.89 10.54
CA SER F 309 -24.45 -22.30 10.80
C SER F 309 -25.45 -22.93 11.77
N PHE F 310 -26.20 -22.11 12.49
CA PHE F 310 -27.31 -22.57 13.30
C PHE F 310 -27.02 -23.68 14.28
N TYR F 311 -26.23 -23.38 15.29
CA TYR F 311 -25.96 -24.30 16.39
C TYR F 311 -27.30 -24.72 16.98
N VAL F 312 -28.17 -23.74 17.18
CA VAL F 312 -29.54 -24.00 17.55
C VAL F 312 -30.46 -23.07 16.78
N TYR F 313 -31.77 -23.33 16.85
CA TYR F 313 -32.73 -22.45 16.20
C TYR F 313 -33.39 -21.57 17.26
N ASP F 314 -33.13 -20.27 17.16
CA ASP F 314 -33.63 -19.31 18.13
C ASP F 314 -34.96 -18.72 17.70
N VAL F 315 -35.93 -18.71 18.61
CA VAL F 315 -37.19 -18.00 18.41
C VAL F 315 -37.59 -17.29 19.68
N LYS F 316 -38.50 -16.32 19.56
CA LYS F 316 -39.06 -15.58 20.69
C LYS F 316 -40.53 -15.92 20.78
N VAL F 317 -41.00 -16.23 21.98
CA VAL F 317 -42.38 -16.64 22.16
C VAL F 317 -43.12 -15.93 23.28
N ASP F 318 -44.45 -15.83 23.15
CA ASP F 318 -45.26 -15.31 24.24
C ASP F 318 -45.66 -16.42 25.18
N ASP F 319 -45.90 -16.06 26.43
CA ASP F 319 -46.25 -16.99 27.49
C ASP F 319 -45.31 -18.18 27.44
N ARG F 320 -44.01 -17.90 27.52
CA ARG F 320 -42.97 -18.91 27.43
C ARG F 320 -43.11 -20.07 28.42
N PRO F 321 -43.45 -19.79 29.70
CA PRO F 321 -43.56 -20.92 30.63
C PRO F 321 -44.54 -21.97 30.16
N ALA F 322 -45.63 -21.52 29.53
CA ALA F 322 -46.59 -22.44 28.95
C ALA F 322 -45.94 -23.15 27.78
N PHE F 323 -45.18 -22.39 27.01
CA PHE F 323 -44.44 -22.92 25.89
C PHE F 323 -43.52 -24.04 26.32
N HIS F 324 -42.71 -23.78 27.34
CA HIS F 324 -41.77 -24.77 27.83
C HIS F 324 -42.49 -26.06 28.21
N ARG F 325 -43.54 -25.92 29.00
CA ARG F 325 -44.29 -27.07 29.49
C ARG F 325 -44.86 -27.86 28.33
N LYS F 326 -45.21 -27.16 27.26
CA LYS F 326 -45.69 -27.80 26.06
C LYS F 326 -44.63 -28.67 25.45
N MET F 327 -43.43 -28.11 25.28
CA MET F 327 -42.34 -28.85 24.68
C MET F 327 -41.97 -30.06 25.49
N GLU F 328 -41.88 -29.85 26.80
CA GLU F 328 -41.53 -30.91 27.71
C GLU F 328 -42.52 -32.04 27.56
N ALA F 329 -43.80 -31.69 27.45
CA ALA F 329 -44.84 -32.68 27.30
C ALA F 329 -44.72 -33.38 25.96
N ALA F 330 -44.25 -32.63 24.97
CA ALA F 330 -44.16 -33.15 23.61
C ALA F 330 -42.88 -33.91 23.39
N GLY F 331 -42.05 -34.01 24.42
CA GLY F 331 -40.81 -34.74 24.30
C GLY F 331 -39.85 -33.99 23.41
N ILE F 332 -39.81 -32.67 23.57
CA ILE F 332 -38.87 -31.86 22.83
C ILE F 332 -38.02 -30.99 23.75
N MET F 333 -36.71 -31.13 23.67
CA MET F 333 -35.80 -30.34 24.47
C MET F 333 -35.66 -28.92 23.93
N ALA F 334 -35.98 -27.93 24.75
CA ALA F 334 -35.78 -26.54 24.33
C ALA F 334 -35.51 -25.64 25.51
N GLY F 335 -34.73 -24.59 25.27
CA GLY F 335 -34.41 -23.65 26.32
C GLY F 335 -33.18 -22.82 26.05
N LEU F 336 -32.46 -22.48 27.11
CA LEU F 336 -31.33 -21.58 26.99
C LEU F 336 -30.02 -22.36 26.94
N VAL F 337 -29.09 -21.88 26.11
CA VAL F 337 -27.72 -22.37 26.13
C VAL F 337 -27.09 -21.95 27.42
N SER F 338 -27.26 -20.68 27.75
CA SER F 338 -26.73 -20.14 28.99
C SER F 338 -27.62 -19.02 29.51
N ARG F 339 -27.60 -18.86 30.83
CA ARG F 339 -28.16 -17.70 31.48
C ARG F 339 -27.37 -16.52 30.98
N ARG F 340 -28.01 -15.37 30.85
CA ARG F 340 -27.31 -14.16 30.48
C ARG F 340 -26.24 -13.90 31.51
N ASN F 341 -25.02 -13.61 31.04
CA ASN F 341 -23.86 -13.64 31.91
C ASN F 341 -23.79 -12.54 32.96
N ASP F 342 -24.44 -11.41 32.70
CA ASP F 342 -24.37 -10.25 33.59
C ASP F 342 -25.15 -10.44 34.88
N GLU F 343 -25.98 -11.47 34.90
CA GLU F 343 -26.83 -11.77 36.05
C GLU F 343 -26.16 -12.64 37.09
N HIS F 344 -24.97 -13.12 36.77
CA HIS F 344 -24.21 -13.95 37.70
C HIS F 344 -23.71 -13.14 38.88
N SER F 345 -23.70 -13.73 40.06
CA SER F 345 -23.40 -12.99 41.28
C SER F 345 -21.95 -12.55 41.31
N CYS F 346 -21.13 -13.17 40.48
CA CYS F 346 -19.73 -12.82 40.40
C CYS F 346 -19.53 -11.58 39.55
N VAL F 347 -20.58 -11.14 38.88
CA VAL F 347 -20.50 -9.91 38.12
C VAL F 347 -21.63 -8.96 38.50
N ALA F 348 -22.00 -9.02 39.77
CA ALA F 348 -23.04 -8.16 40.29
C ALA F 348 -22.55 -6.73 40.20
N HIS F 349 -21.24 -6.57 40.28
CA HIS F 349 -20.66 -5.24 40.25
C HIS F 349 -20.63 -4.69 38.83
N LEU F 350 -20.92 -5.54 37.86
CA LEU F 350 -20.88 -5.11 36.47
C LEU F 350 -22.27 -4.90 35.89
N ARG F 351 -23.30 -4.96 36.73
CA ARG F 351 -24.68 -4.85 36.26
C ARG F 351 -24.89 -3.52 35.56
N THR F 352 -25.54 -3.55 34.41
CA THR F 352 -25.88 -2.33 33.69
C THR F 352 -27.25 -2.42 33.06
N SER F 353 -27.80 -1.27 32.67
CA SER F 353 -29.10 -1.28 32.03
C SER F 353 -28.97 -1.77 30.60
N LEU F 354 -29.63 -2.88 30.29
CA LEU F 354 -29.58 -3.42 28.95
C LEU F 354 -31.00 -3.66 28.46
N PRO F 355 -31.70 -2.57 28.10
CA PRO F 355 -33.11 -2.67 27.72
C PRO F 355 -33.34 -3.63 26.56
N GLY F 356 -32.47 -3.60 25.56
CA GLY F 356 -32.64 -4.41 24.37
C GLY F 356 -32.75 -5.86 24.73
N LEU F 357 -31.74 -6.33 25.47
CA LEU F 357 -31.73 -7.70 25.94
C LEU F 357 -32.89 -7.95 26.89
N ASP F 358 -33.17 -6.98 27.76
CA ASP F 358 -34.24 -7.12 28.74
C ASP F 358 -35.59 -7.37 28.10
N SER F 359 -35.73 -6.93 26.86
CA SER F 359 -37.00 -7.02 26.16
C SER F 359 -37.23 -8.38 25.52
N VAL F 360 -36.18 -9.20 25.53
CA VAL F 360 -36.26 -10.51 24.90
C VAL F 360 -35.92 -11.69 25.81
N TYR F 361 -35.21 -11.44 26.91
CA TYR F 361 -34.66 -12.54 27.72
C TYR F 361 -35.70 -13.48 28.32
N ASP F 362 -36.91 -12.98 28.49
CA ASP F 362 -37.98 -13.78 29.04
C ASP F 362 -38.94 -14.31 27.97
N ARG F 363 -38.59 -14.04 26.71
CA ARG F 363 -39.37 -14.51 25.56
C ARG F 363 -38.57 -15.52 24.74
N MET F 364 -37.26 -15.60 25.02
CA MET F 364 -36.27 -16.46 24.36
C MET F 364 -36.43 -17.96 24.49
N VAL F 365 -36.14 -18.68 23.42
CA VAL F 365 -36.01 -20.12 23.51
C VAL F 365 -35.26 -20.66 22.30
N SER F 366 -34.34 -21.59 22.56
CA SER F 366 -33.53 -22.18 21.50
C SER F 366 -34.07 -23.56 21.18
N LEU F 367 -34.12 -23.89 19.90
CA LEU F 367 -34.73 -25.12 19.45
C LEU F 367 -33.80 -26.06 18.70
N PRO F 368 -34.04 -27.37 18.83
CA PRO F 368 -33.30 -28.40 18.10
C PRO F 368 -33.33 -28.18 16.62
N VAL F 369 -32.17 -28.18 15.95
CA VAL F 369 -32.13 -27.89 14.54
C VAL F 369 -31.04 -28.72 13.86
N GLY F 370 -30.37 -29.53 14.67
CA GLY F 370 -29.17 -30.24 14.22
C GLY F 370 -29.34 -31.38 13.25
N TRP F 371 -28.22 -32.02 12.93
CA TRP F 371 -28.16 -33.09 11.95
C TRP F 371 -28.87 -34.37 12.40
N TRP F 372 -29.13 -34.47 13.70
CA TRP F 372 -29.66 -35.71 14.24
C TRP F 372 -31.15 -35.85 14.08
N LEU F 373 -31.77 -34.77 13.63
CA LEU F 373 -33.21 -34.69 13.44
C LEU F 373 -33.63 -35.37 12.17
N THR F 374 -34.48 -36.38 12.31
CA THR F 374 -35.13 -37.01 11.17
C THR F 374 -36.10 -36.01 10.56
N GLU F 375 -36.54 -36.25 9.32
CA GLU F 375 -37.55 -35.40 8.70
C GLU F 375 -38.76 -35.43 9.60
N GLN F 376 -39.02 -36.62 10.11
CA GLN F 376 -40.12 -36.88 10.99
C GLN F 376 -40.00 -36.07 12.28
N ASP F 377 -38.78 -35.85 12.73
CA ASP F 377 -38.53 -35.12 13.96
C ASP F 377 -38.84 -33.64 13.86
N ARG F 378 -38.38 -33.01 12.78
CA ARG F 378 -38.59 -31.57 12.65
C ARG F 378 -40.05 -31.29 12.38
N GLU F 379 -40.73 -32.23 11.75
CA GLU F 379 -42.17 -32.11 11.53
C GLU F 379 -42.89 -32.17 12.86
N HIS F 380 -42.46 -33.05 13.74
CA HIS F 380 -43.06 -33.18 15.05
C HIS F 380 -42.90 -31.90 15.86
N VAL F 381 -41.83 -31.19 15.61
CA VAL F 381 -41.55 -29.96 16.34
C VAL F 381 -42.47 -28.86 15.85
N VAL F 382 -42.53 -28.71 14.54
CA VAL F 382 -43.36 -27.69 13.96
C VAL F 382 -44.80 -27.96 14.36
N ALA F 383 -45.22 -29.21 14.22
CA ALA F 383 -46.56 -29.62 14.58
C ALA F 383 -46.90 -29.21 16.01
N THR F 384 -46.00 -29.50 16.92
CA THR F 384 -46.23 -29.18 18.32
C THR F 384 -46.40 -27.67 18.50
N ILE F 385 -45.59 -26.91 17.79
CA ILE F 385 -45.62 -25.46 17.86
C ILE F 385 -46.86 -24.87 17.21
N ARG F 386 -47.22 -25.38 16.05
CA ARG F 386 -48.35 -24.84 15.31
C ARG F 386 -49.62 -25.11 16.09
N SER F 387 -49.67 -26.21 16.82
CA SER F 387 -50.86 -26.54 17.60
C SER F 387 -51.04 -25.64 18.82
N GLY F 388 -50.22 -24.61 18.96
CA GLY F 388 -50.47 -23.61 19.98
C GLY F 388 -50.21 -24.08 21.40
N TRP F 389 -50.23 -23.13 22.32
CA TRP F 389 -50.04 -23.40 23.74
C TRP F 389 -50.70 -22.35 24.65
N ARG G 17 -67.88 40.05 29.61
CA ARG G 17 -66.89 41.11 29.62
C ARG G 17 -66.09 41.15 30.94
N GLY G 18 -65.02 41.94 30.95
CA GLY G 18 -64.18 42.05 32.13
C GLY G 18 -62.84 41.34 31.98
N SER G 19 -62.89 40.09 31.49
CA SER G 19 -61.69 39.25 31.29
C SER G 19 -61.90 37.80 30.80
N HIS G 20 -60.95 37.33 29.97
CA HIS G 20 -60.68 35.91 29.63
C HIS G 20 -61.62 35.20 28.64
N MET G 21 -61.06 34.43 27.70
CA MET G 21 -61.85 33.58 26.79
C MET G 21 -61.08 32.35 26.25
N ILE G 22 -61.78 31.23 26.01
CA ILE G 22 -61.18 30.00 25.48
C ILE G 22 -61.64 29.70 24.05
N PRO G 23 -60.69 29.65 23.10
CA PRO G 23 -60.99 29.56 21.66
C PRO G 23 -61.22 28.15 21.16
N LEU G 24 -62.07 28.01 20.15
CA LEU G 24 -62.39 26.70 19.59
C LEU G 24 -61.32 26.27 18.59
N PHE G 25 -60.79 27.23 17.84
CA PHE G 25 -59.71 26.97 16.90
C PHE G 25 -58.52 27.85 17.24
N LYS G 26 -57.32 27.41 16.89
CA LYS G 26 -56.15 28.23 17.12
C LYS G 26 -55.00 27.88 16.18
N VAL G 27 -54.14 28.86 15.89
CA VAL G 27 -53.07 28.69 14.92
C VAL G 27 -51.77 28.28 15.58
N ALA G 28 -51.31 27.09 15.24
CA ALA G 28 -50.08 26.57 15.83
C ALA G 28 -48.87 27.00 15.02
N VAL G 29 -47.95 27.75 15.63
CA VAL G 29 -46.78 28.23 14.92
C VAL G 29 -45.50 28.00 15.71
N SER G 30 -44.75 26.97 15.29
CA SER G 30 -43.50 26.60 15.94
C SER G 30 -42.61 27.82 16.04
N PRO G 31 -41.80 27.90 17.08
CA PRO G 31 -40.93 29.07 17.22
C PRO G 31 -39.87 29.12 16.13
N THR G 32 -39.52 27.95 15.61
CA THR G 32 -38.50 27.84 14.59
C THR G 32 -39.03 28.06 13.20
N ALA G 33 -40.31 28.31 13.05
CA ALA G 33 -40.86 28.51 11.73
C ALA G 33 -40.25 29.74 11.08
N LEU G 34 -40.05 30.80 11.85
CA LEU G 34 -39.45 31.99 11.25
C LEU G 34 -38.02 31.71 10.85
N ASP G 35 -37.29 30.95 11.66
CA ASP G 35 -35.94 30.55 11.26
C ASP G 35 -35.97 29.83 9.93
N ARG G 36 -36.85 28.84 9.81
CA ARG G 36 -36.90 28.05 8.60
C ARG G 36 -37.36 28.90 7.43
N VAL G 37 -38.12 29.95 7.69
CA VAL G 37 -38.51 30.84 6.60
C VAL G 37 -37.41 31.79 6.17
N ALA G 38 -36.66 32.34 7.12
CA ALA G 38 -35.57 33.23 6.79
C ALA G 38 -34.57 32.54 5.86
N GLU G 39 -34.39 31.26 6.08
CA GLU G 39 -33.51 30.44 5.26
C GLU G 39 -33.99 30.34 3.83
N VAL G 40 -35.30 30.32 3.64
CA VAL G 40 -35.84 30.28 2.31
C VAL G 40 -35.58 31.59 1.62
N PHE G 41 -35.69 32.69 2.35
CA PHE G 41 -35.37 33.98 1.76
C PHE G 41 -33.92 34.04 1.36
N ALA G 42 -33.04 33.51 2.20
CA ALA G 42 -31.64 33.49 1.86
C ALA G 42 -31.35 32.65 0.62
N SER G 43 -32.24 31.72 0.30
CA SER G 43 -32.02 30.86 -0.86
C SER G 43 -32.30 31.66 -2.11
N GLY G 44 -33.12 32.69 -1.99
CA GLY G 44 -33.48 33.51 -3.12
C GLY G 44 -34.56 32.89 -3.98
N TYR G 45 -35.00 31.68 -3.63
CA TYR G 45 -36.06 31.04 -4.41
C TYR G 45 -37.30 30.80 -3.58
N LEU G 46 -38.39 31.43 -4.01
CA LEU G 46 -39.63 31.43 -3.27
C LEU G 46 -40.66 30.51 -3.91
N GLY G 47 -40.28 29.88 -5.01
CA GLY G 47 -41.18 28.98 -5.71
C GLY G 47 -40.98 27.58 -5.21
N GLN G 48 -41.50 26.61 -5.95
CA GLN G 48 -41.40 25.21 -5.60
C GLN G 48 -39.98 24.69 -5.75
N GLY G 49 -39.29 24.45 -4.64
CA GLY G 49 -37.89 24.10 -4.70
C GLY G 49 -37.53 22.85 -3.94
N PRO G 50 -36.34 22.84 -3.30
CA PRO G 50 -35.85 21.67 -2.56
C PRO G 50 -36.56 21.48 -1.23
N ARG G 51 -37.17 22.53 -0.69
CA ARG G 51 -37.84 22.41 0.59
C ARG G 51 -39.14 21.64 0.44
N VAL G 52 -39.89 21.92 -0.62
CA VAL G 52 -41.09 21.14 -0.93
C VAL G 52 -40.73 19.66 -1.04
N ALA G 53 -39.58 19.36 -1.59
CA ALA G 53 -39.16 17.97 -1.68
C ALA G 53 -38.86 17.41 -0.30
N GLU G 54 -38.19 18.20 0.53
CA GLU G 54 -37.84 17.73 1.88
C GLU G 54 -39.10 17.44 2.66
N PHE G 55 -40.07 18.33 2.50
CA PHE G 55 -41.37 18.21 3.16
C PHE G 55 -42.07 16.94 2.72
N GLU G 56 -42.18 16.76 1.41
CA GLU G 56 -42.83 15.59 0.85
C GLU G 56 -42.14 14.32 1.29
N SER G 57 -40.82 14.38 1.47
CA SER G 57 -40.09 13.21 1.94
C SER G 57 -40.46 12.90 3.36
N ALA G 58 -40.60 13.95 4.17
CA ALA G 58 -40.99 13.79 5.57
C ALA G 58 -42.41 13.25 5.69
N LEU G 59 -43.33 13.82 4.92
CA LEU G 59 -44.72 13.41 4.98
C LEU G 59 -44.90 11.98 4.50
N ALA G 60 -44.24 11.64 3.41
CA ALA G 60 -44.32 10.29 2.87
C ALA G 60 -43.80 9.29 3.89
N ALA G 61 -42.81 9.69 4.68
CA ALA G 61 -42.21 8.83 5.69
C ALA G 61 -43.20 8.45 6.79
N ARG G 62 -43.88 9.44 7.33
CA ARG G 62 -44.83 9.21 8.40
C ARG G 62 -45.98 8.37 7.90
N LEU G 63 -46.44 8.65 6.69
CA LEU G 63 -47.64 8.02 6.20
C LEU G 63 -47.43 6.59 5.69
N GLY G 64 -46.18 6.24 5.37
CA GLY G 64 -45.89 4.93 4.83
C GLY G 64 -46.40 4.81 3.40
N ASN G 65 -46.65 5.96 2.79
CA ASN G 65 -47.11 6.05 1.42
C ASN G 65 -46.15 6.98 0.69
N PRO G 66 -45.41 6.44 -0.29
CA PRO G 66 -44.41 7.23 -1.01
C PRO G 66 -45.01 8.11 -2.09
N ARG G 67 -46.25 7.83 -2.49
CA ARG G 67 -46.88 8.55 -3.59
C ARG G 67 -47.64 9.77 -3.08
N VAL G 68 -46.91 10.75 -2.55
CA VAL G 68 -47.51 11.97 -2.01
C VAL G 68 -47.27 13.19 -2.91
N VAL G 69 -48.24 14.09 -2.93
CA VAL G 69 -48.18 15.27 -3.79
C VAL G 69 -48.60 16.55 -3.08
N SER G 70 -47.64 17.41 -2.80
CA SER G 70 -47.92 18.66 -2.12
C SER G 70 -48.73 19.61 -3.00
N VAL G 71 -49.65 20.34 -2.40
CA VAL G 71 -50.47 21.29 -3.15
C VAL G 71 -50.66 22.58 -2.38
N HIS G 72 -51.24 23.58 -3.05
CA HIS G 72 -51.38 24.92 -2.50
C HIS G 72 -52.25 24.96 -1.26
N SER G 73 -53.27 24.11 -1.25
CA SER G 73 -54.24 24.08 -0.17
C SER G 73 -55.01 22.78 -0.25
N GLY G 74 -55.66 22.39 0.85
CA GLY G 74 -56.48 21.20 0.86
C GLY G 74 -57.56 21.29 -0.19
N THR G 75 -58.08 22.50 -0.38
CA THR G 75 -59.12 22.75 -1.37
C THR G 75 -58.65 22.49 -2.79
N SER G 76 -57.46 22.99 -3.11
CA SER G 76 -56.86 22.75 -4.41
C SER G 76 -56.54 21.29 -4.63
N GLY G 77 -55.95 20.65 -3.62
CA GLY G 77 -55.64 19.23 -3.67
C GLY G 77 -56.81 18.35 -4.02
N LEU G 78 -57.99 18.72 -3.53
CA LEU G 78 -59.19 18.00 -3.87
C LEU G 78 -59.61 18.22 -5.32
N CYS G 79 -59.55 19.48 -5.75
CA CYS G 79 -59.95 19.82 -7.12
C CYS G 79 -59.10 19.00 -8.07
N LEU G 80 -57.84 18.82 -7.73
CA LEU G 80 -56.91 18.00 -8.49
C LEU G 80 -57.42 16.57 -8.53
N ALA G 81 -57.79 16.05 -7.36
CA ALA G 81 -58.33 14.70 -7.25
C ALA G 81 -59.55 14.52 -8.15
N LEU G 82 -60.35 15.57 -8.29
CA LEU G 82 -61.54 15.52 -9.14
C LEU G 82 -61.20 15.58 -10.63
N ARG G 83 -60.10 16.24 -10.98
CA ARG G 83 -59.67 16.30 -12.37
C ARG G 83 -59.00 15.01 -12.81
N LEU G 84 -58.29 14.37 -11.89
CA LEU G 84 -57.62 13.11 -12.17
C LEU G 84 -58.63 12.02 -12.46
N LEU G 85 -59.90 12.33 -12.20
CA LEU G 85 -60.98 11.39 -12.43
C LEU G 85 -61.10 11.11 -13.90
N ASP G 86 -60.88 9.85 -14.24
CA ASP G 86 -61.04 9.40 -15.61
C ASP G 86 -62.35 8.63 -15.66
N ALA G 87 -63.37 9.28 -16.21
CA ALA G 87 -64.71 8.69 -16.27
C ALA G 87 -65.56 9.47 -17.28
N PRO G 88 -66.53 8.79 -17.91
CA PRO G 88 -67.32 9.46 -18.95
C PRO G 88 -68.08 10.65 -18.42
N GLU G 89 -68.23 11.69 -19.22
CA GLU G 89 -68.87 12.92 -18.79
C GLU G 89 -70.32 12.68 -18.38
N GLU G 90 -70.91 11.59 -18.86
CA GLU G 90 -72.30 11.29 -18.51
C GLU G 90 -72.38 10.80 -17.06
N ARG G 91 -71.25 10.33 -16.53
CA ARG G 91 -71.13 10.13 -15.09
C ARG G 91 -70.85 11.46 -14.41
N ASP G 92 -71.90 12.19 -14.09
CA ASP G 92 -71.73 13.55 -13.58
C ASP G 92 -72.12 13.66 -12.11
N GLU G 93 -72.39 12.52 -11.47
CA GLU G 93 -72.87 12.53 -10.09
C GLU G 93 -71.80 12.16 -9.06
N VAL G 94 -71.59 13.05 -8.09
CA VAL G 94 -70.73 12.77 -6.95
C VAL G 94 -71.49 12.80 -5.63
N LEU G 95 -71.36 11.74 -4.84
CA LEU G 95 -72.08 11.61 -3.58
C LEU G 95 -71.32 12.19 -2.39
N SER G 96 -71.94 13.13 -1.67
CA SER G 96 -71.35 13.70 -0.47
C SER G 96 -72.40 14.25 0.50
N THR G 97 -72.04 14.33 1.78
CA THR G 97 -72.93 14.83 2.82
C THR G 97 -72.71 16.33 3.04
N PRO G 98 -73.77 17.07 3.39
CA PRO G 98 -73.66 18.51 3.59
C PRO G 98 -73.09 18.87 4.96
N LEU G 99 -72.79 17.87 5.78
CA LEU G 99 -72.17 18.13 7.07
C LEU G 99 -70.66 18.06 6.93
N THR G 100 -70.11 19.03 6.20
CA THR G 100 -68.67 19.17 5.97
C THR G 100 -68.31 20.65 5.92
N PHE G 101 -67.05 20.96 5.67
CA PHE G 101 -66.69 22.34 5.37
C PHE G 101 -67.12 22.59 3.93
N GLU G 102 -67.52 23.82 3.63
CA GLU G 102 -68.13 24.15 2.34
C GLU G 102 -67.21 23.84 1.15
N ALA G 103 -65.91 23.82 1.42
CA ALA G 103 -64.92 23.55 0.40
C ALA G 103 -65.12 22.18 -0.21
N THR G 104 -65.34 21.18 0.64
CA THR G 104 -65.49 19.80 0.20
C THR G 104 -66.58 19.66 -0.86
N ASN G 105 -67.61 20.50 -0.77
CA ASN G 105 -68.73 20.39 -1.69
C ASN G 105 -68.68 21.39 -2.83
N TRP G 106 -67.99 22.52 -2.60
CA TRP G 106 -67.84 23.53 -3.66
C TRP G 106 -66.87 23.07 -4.76
N ALA G 107 -65.93 22.21 -4.39
CA ALA G 107 -64.99 21.63 -5.35
C ALA G 107 -65.73 20.84 -6.42
N ILE G 108 -66.78 20.16 -6.00
CA ILE G 108 -67.59 19.37 -6.92
C ILE G 108 -68.24 20.30 -7.95
N LEU G 109 -68.71 21.46 -7.50
CA LEU G 109 -69.30 22.42 -8.44
C LEU G 109 -68.25 22.94 -9.41
N ALA G 110 -67.05 23.15 -8.90
CA ALA G 110 -65.95 23.62 -9.73
C ALA G 110 -65.57 22.58 -10.78
N ASP G 111 -65.75 21.30 -10.45
CA ASP G 111 -65.43 20.23 -11.39
C ASP G 111 -66.57 20.04 -12.38
N GLY G 112 -67.62 20.83 -12.22
CA GLY G 112 -68.73 20.81 -13.16
C GLY G 112 -69.60 19.56 -13.02
N ARG G 113 -69.54 18.92 -11.87
CA ARG G 113 -70.31 17.70 -11.66
C ARG G 113 -71.53 18.00 -10.81
N ARG G 114 -72.34 16.96 -10.56
CA ARG G 114 -73.56 17.08 -9.77
C ARG G 114 -73.43 16.44 -8.38
N ILE G 115 -73.87 17.16 -7.35
CA ILE G 115 -73.85 16.66 -5.97
C ILE G 115 -75.15 15.95 -5.63
N THR G 116 -75.04 14.80 -4.98
CA THR G 116 -76.22 14.13 -4.45
C THR G 116 -76.03 13.90 -2.94
N TRP G 117 -76.84 14.56 -2.13
CA TRP G 117 -76.65 14.57 -0.67
C TRP G 117 -76.86 13.20 -0.07
N VAL G 118 -75.97 12.81 0.84
CA VAL G 118 -76.09 11.56 1.58
C VAL G 118 -76.38 11.85 3.06
N ASP G 119 -77.19 11.01 3.71
CA ASP G 119 -77.62 11.28 5.06
C ASP G 119 -76.47 11.15 6.05
N VAL G 120 -76.77 11.43 7.32
CA VAL G 120 -75.77 11.48 8.37
C VAL G 120 -76.02 10.41 9.42
N ASP G 121 -74.95 9.72 9.85
CA ASP G 121 -75.03 8.81 10.99
C ASP G 121 -74.94 9.66 12.25
N PRO G 122 -76.06 9.79 12.99
CA PRO G 122 -76.15 10.66 14.17
C PRO G 122 -75.32 10.16 15.36
N ALA G 123 -74.77 8.95 15.26
CA ALA G 123 -73.99 8.36 16.35
C ALA G 123 -72.54 8.83 16.37
N THR G 124 -72.01 9.12 15.19
CA THR G 124 -70.61 9.50 15.03
C THR G 124 -70.49 10.82 14.26
N LEU G 125 -71.60 11.22 13.64
CA LEU G 125 -71.66 12.40 12.79
C LEU G 125 -70.77 12.26 11.56
N THR G 126 -70.51 11.03 11.17
CA THR G 126 -69.86 10.76 9.89
C THR G 126 -70.93 10.20 8.98
N MET G 127 -70.60 9.98 7.71
CA MET G 127 -71.59 9.58 6.73
C MET G 127 -72.32 8.30 7.14
N ASP G 128 -73.64 8.30 6.95
CA ASP G 128 -74.43 7.11 7.19
C ASP G 128 -74.20 6.19 6.00
N LEU G 129 -73.44 5.13 6.23
CA LEU G 129 -73.01 4.22 5.17
C LEU G 129 -74.18 3.43 4.58
N ASP G 130 -75.27 3.32 5.34
CA ASP G 130 -76.48 2.69 4.83
C ASP G 130 -77.09 3.49 3.68
N ASP G 131 -77.28 4.80 3.91
CA ASP G 131 -77.90 5.69 2.92
C ASP G 131 -77.04 5.86 1.67
N LEU G 132 -75.72 5.76 1.85
CA LEU G 132 -74.81 5.87 0.73
C LEU G 132 -75.06 4.75 -0.26
N GLU G 133 -75.08 3.52 0.24
CA GLU G 133 -75.24 2.33 -0.59
C GLU G 133 -76.55 2.38 -1.38
N ARG G 134 -77.59 2.92 -0.75
CA ARG G 134 -78.89 3.05 -1.38
C ARG G 134 -78.92 4.13 -2.47
N LYS G 135 -78.11 5.17 -2.30
CA LYS G 135 -78.15 6.33 -3.19
C LYS G 135 -77.15 6.22 -4.35
N ILE G 136 -76.30 5.21 -4.31
CA ILE G 136 -75.39 4.92 -5.43
C ILE G 136 -76.18 4.53 -6.68
N SER G 137 -75.92 5.21 -7.78
CA SER G 137 -76.64 4.92 -9.01
C SER G 137 -75.61 4.70 -10.10
N PRO G 138 -76.03 4.17 -11.25
CA PRO G 138 -75.11 4.06 -12.39
C PRO G 138 -74.56 5.41 -12.90
N ALA G 139 -75.03 6.52 -12.35
CA ALA G 139 -74.58 7.84 -12.76
C ALA G 139 -73.43 8.37 -11.89
N THR G 140 -73.11 7.63 -10.83
CA THR G 140 -72.12 8.05 -9.84
C THR G 140 -70.70 8.11 -10.39
N ARG G 141 -70.12 9.30 -10.41
CA ARG G 141 -68.75 9.47 -10.88
C ARG G 141 -67.79 9.08 -9.77
N ALA G 142 -68.01 9.61 -8.57
CA ALA G 142 -67.15 9.31 -7.44
C ALA G 142 -67.83 9.67 -6.12
N ILE G 143 -67.19 9.29 -5.01
CA ILE G 143 -67.71 9.53 -3.67
C ILE G 143 -66.62 10.08 -2.76
N ILE G 144 -66.90 11.23 -2.13
CA ILE G 144 -65.97 11.86 -1.20
C ILE G 144 -66.40 11.69 0.27
N VAL G 145 -65.60 10.95 1.03
CA VAL G 145 -65.89 10.73 2.45
C VAL G 145 -65.01 11.59 3.35
N VAL G 146 -65.62 12.18 4.37
CA VAL G 146 -64.94 13.11 5.26
C VAL G 146 -64.78 12.57 6.66
N HIS G 147 -63.55 12.38 7.11
CA HIS G 147 -63.32 11.95 8.48
C HIS G 147 -63.64 13.09 9.45
N TRP G 148 -64.91 13.42 9.59
CA TRP G 148 -65.32 14.68 10.22
C TRP G 148 -64.74 14.88 11.60
N THR G 149 -64.19 16.08 11.80
CA THR G 149 -63.60 16.49 13.07
C THR G 149 -62.54 15.53 13.60
N GLY G 150 -62.07 14.62 12.76
CA GLY G 150 -60.94 13.80 13.15
C GLY G 150 -61.29 12.35 13.30
N TYR G 151 -62.53 12.00 13.05
CA TYR G 151 -62.98 10.63 13.27
C TYR G 151 -62.98 9.84 11.97
N PRO G 152 -62.12 8.83 11.87
CA PRO G 152 -62.04 7.97 10.69
C PRO G 152 -63.34 7.24 10.41
N VAL G 153 -63.85 7.33 9.20
CA VAL G 153 -65.06 6.60 8.84
C VAL G 153 -64.73 5.11 8.72
N ASP G 154 -65.73 4.27 8.93
CA ASP G 154 -65.56 2.81 8.84
C ASP G 154 -65.19 2.41 7.42
N LEU G 155 -63.88 2.39 7.14
CA LEU G 155 -63.39 2.20 5.78
C LEU G 155 -63.60 0.78 5.21
N ASP G 156 -63.41 -0.23 6.03
CA ASP G 156 -63.59 -1.61 5.58
C ASP G 156 -65.04 -1.85 5.17
N ARG G 157 -65.96 -1.27 5.92
CA ARG G 157 -67.38 -1.36 5.62
C ARG G 157 -67.66 -0.67 4.30
N LEU G 158 -66.99 0.47 4.10
CA LEU G 158 -67.10 1.23 2.87
C LEU G 158 -66.56 0.42 1.70
N ALA G 159 -65.48 -0.32 1.96
CA ALA G 159 -64.84 -1.15 0.94
C ALA G 159 -65.80 -2.21 0.42
N GLY G 160 -66.59 -2.78 1.32
CA GLY G 160 -67.56 -3.78 0.94
C GLY G 160 -68.61 -3.20 0.00
N ILE G 161 -69.12 -2.02 0.33
CA ILE G 161 -70.12 -1.34 -0.49
C ILE G 161 -69.62 -1.17 -1.94
N LEU G 162 -68.35 -0.83 -2.09
CA LEU G 162 -67.77 -0.68 -3.42
C LEU G 162 -67.58 -2.03 -4.11
N ASP G 163 -67.18 -3.04 -3.34
CA ASP G 163 -67.01 -4.38 -3.88
C ASP G 163 -68.26 -4.86 -4.57
N ARG G 164 -69.39 -4.70 -3.91
CA ARG G 164 -70.68 -5.13 -4.45
C ARG G 164 -71.14 -4.28 -5.64
N ALA G 165 -70.94 -2.97 -5.56
CA ALA G 165 -71.39 -2.06 -6.62
C ALA G 165 -70.63 -2.25 -7.94
N GLU G 166 -69.35 -2.63 -7.85
CA GLU G 166 -68.52 -2.84 -9.02
C GLU G 166 -68.91 -4.17 -9.66
N ARG G 167 -69.06 -5.18 -8.81
CA ARG G 167 -69.51 -6.50 -9.20
C ARG G 167 -70.83 -6.43 -9.96
N GLU G 168 -71.66 -5.47 -9.57
CA GLU G 168 -72.97 -5.29 -10.18
C GLU G 168 -72.89 -4.81 -11.64
N HIS G 169 -72.53 -3.54 -11.84
CA HIS G 169 -72.52 -2.96 -13.18
C HIS G 169 -71.22 -2.26 -13.58
N GLY G 170 -70.17 -3.05 -13.80
CA GLY G 170 -68.98 -2.56 -14.47
C GLY G 170 -68.11 -1.56 -13.73
N PHE G 171 -68.60 -0.33 -13.57
CA PHE G 171 -67.77 0.76 -13.06
C PHE G 171 -67.77 0.77 -11.53
N ARG G 172 -66.59 0.97 -10.96
CA ARG G 172 -66.44 1.18 -9.51
C ARG G 172 -66.09 2.64 -9.20
N PRO G 173 -67.04 3.40 -8.66
CA PRO G 173 -66.78 4.81 -8.35
C PRO G 173 -65.59 4.97 -7.42
N ALA G 174 -64.82 6.03 -7.61
CA ALA G 174 -63.64 6.28 -6.81
C ALA G 174 -63.97 6.90 -5.46
N VAL G 175 -63.10 6.66 -4.49
CA VAL G 175 -63.25 7.24 -3.16
C VAL G 175 -62.09 8.17 -2.85
N ILE G 176 -62.43 9.39 -2.45
CA ILE G 176 -61.45 10.37 -2.01
C ILE G 176 -61.66 10.68 -0.53
N GLU G 177 -60.63 10.44 0.27
CA GLU G 177 -60.70 10.72 1.70
C GLU G 177 -60.27 12.15 2.00
N ASP G 178 -61.18 12.94 2.55
CA ASP G 178 -60.90 14.31 2.95
C ASP G 178 -60.38 14.29 4.37
N CYS G 179 -59.06 14.30 4.53
CA CYS G 179 -58.48 14.15 5.86
C CYS G 179 -58.07 15.47 6.47
N ALA G 180 -58.76 16.53 6.08
CA ALA G 180 -58.41 17.88 6.54
C ALA G 180 -58.32 17.95 8.06
N HIS G 181 -59.28 17.31 8.72
CA HIS G 181 -59.36 17.34 10.17
C HIS G 181 -58.66 16.14 10.80
N ALA G 182 -58.09 15.28 9.97
CA ALA G 182 -57.64 14.00 10.48
C ALA G 182 -56.15 13.74 10.32
N TRP G 183 -55.32 14.76 10.42
CA TRP G 183 -53.89 14.50 10.39
C TRP G 183 -53.52 13.63 11.58
N GLY G 184 -52.70 12.62 11.35
CA GLY G 184 -52.20 11.78 12.43
C GLY G 184 -53.11 10.61 12.74
N ALA G 185 -54.24 10.55 12.05
CA ALA G 185 -55.24 9.51 12.28
C ALA G 185 -54.80 8.17 11.73
N SER G 186 -55.23 7.10 12.40
CA SER G 186 -54.97 5.76 11.89
C SER G 186 -56.27 4.99 11.87
N TYR G 187 -56.31 3.93 11.09
CA TYR G 187 -57.49 3.09 10.99
C TYR G 187 -57.09 1.64 10.96
N ARG G 188 -57.45 0.91 12.01
CA ARG G 188 -57.08 -0.48 12.16
C ARG G 188 -55.57 -0.66 12.03
N GLY G 189 -54.85 0.20 12.76
CA GLY G 189 -53.40 0.11 12.89
C GLY G 189 -52.63 0.81 11.79
N VAL G 190 -53.33 1.14 10.71
CA VAL G 190 -52.69 1.74 9.55
C VAL G 190 -53.06 3.22 9.35
N PRO G 191 -52.05 4.10 9.28
CA PRO G 191 -52.33 5.53 9.05
C PRO G 191 -53.06 5.79 7.74
N LEU G 192 -53.95 6.78 7.73
CA LEU G 192 -54.70 7.16 6.54
C LEU G 192 -53.78 7.48 5.37
N GLY G 193 -54.22 7.16 4.16
CA GLY G 193 -53.42 7.37 2.98
C GLY G 193 -52.95 6.05 2.44
N SER G 194 -52.97 5.05 3.32
CA SER G 194 -52.50 3.72 2.98
C SER G 194 -53.70 2.77 2.96
N HIS G 195 -54.82 3.25 2.44
CA HIS G 195 -56.03 2.44 2.43
C HIS G 195 -56.58 2.27 1.02
N GLY G 196 -55.74 2.53 0.03
CA GLY G 196 -56.11 2.23 -1.35
C GLY G 196 -56.93 3.31 -2.00
N ASN G 197 -57.17 4.38 -1.25
CA ASN G 197 -57.88 5.53 -1.80
C ASN G 197 -57.01 6.78 -1.85
N MET G 198 -57.37 7.69 -2.73
CA MET G 198 -56.77 9.01 -2.73
C MET G 198 -57.15 9.74 -1.45
N CYS G 199 -56.19 10.41 -0.84
CA CYS G 199 -56.43 11.14 0.39
C CYS G 199 -55.96 12.59 0.23
N VAL G 200 -56.75 13.52 0.77
CA VAL G 200 -56.38 14.92 0.72
C VAL G 200 -56.34 15.55 2.11
N PHE G 201 -55.15 15.87 2.59
CA PHE G 201 -54.98 16.51 3.89
C PHE G 201 -55.03 18.02 3.69
N SER G 202 -55.27 18.77 4.74
CA SER G 202 -55.24 20.22 4.65
C SER G 202 -54.30 20.80 5.68
N PHE G 203 -53.59 21.84 5.31
CA PHE G 203 -52.62 22.45 6.19
C PHE G 203 -52.93 23.89 6.49
N GLN G 204 -54.17 24.31 6.28
CA GLN G 204 -54.56 25.67 6.60
C GLN G 204 -54.27 25.96 8.08
N ALA G 205 -54.16 27.25 8.42
CA ALA G 205 -53.69 27.70 9.73
C ALA G 205 -54.28 26.97 10.93
N LEU G 206 -55.58 26.69 10.89
CA LEU G 206 -56.25 26.16 12.06
C LEU G 206 -56.03 24.67 12.21
N LYS G 207 -55.46 24.04 11.20
CA LYS G 207 -55.33 22.58 11.22
C LYS G 207 -54.13 22.18 12.05
N HIS G 208 -53.99 20.87 12.26
CA HIS G 208 -52.97 20.34 13.15
C HIS G 208 -51.57 20.69 12.68
N LEU G 209 -51.24 20.25 11.47
CA LEU G 209 -49.98 20.64 10.85
C LEU G 209 -50.26 21.73 9.85
N THR G 210 -49.76 22.93 10.09
CA THR G 210 -50.10 24.02 9.21
C THR G 210 -48.90 24.60 8.51
N CYS G 211 -49.10 25.03 7.27
CA CYS G 211 -48.08 25.68 6.47
C CYS G 211 -48.43 27.13 6.24
N GLY G 212 -49.39 27.64 7.01
CA GLY G 212 -49.94 28.95 6.71
C GLY G 212 -51.06 28.70 5.74
N ASP G 213 -50.73 27.97 4.68
CA ASP G 213 -51.71 27.37 3.81
C ASP G 213 -51.05 26.24 3.04
N GLY G 214 -51.81 25.19 2.75
CA GLY G 214 -51.23 24.01 2.15
C GLY G 214 -52.19 22.85 2.15
N GLY G 215 -51.78 21.75 1.54
CA GLY G 215 -52.58 20.55 1.44
C GLY G 215 -51.69 19.43 0.95
N LEU G 216 -52.19 18.21 0.93
CA LEU G 216 -51.40 17.09 0.45
C LEU G 216 -52.27 16.01 -0.17
N LEU G 217 -51.97 15.62 -1.41
CA LEU G 217 -52.70 14.53 -2.06
C LEU G 217 -51.89 13.25 -2.13
N THR G 218 -52.41 12.17 -1.55
CA THR G 218 -51.74 10.88 -1.62
C THR G 218 -52.44 9.94 -2.59
N LEU G 219 -51.64 9.17 -3.32
CA LEU G 219 -52.18 8.29 -4.34
C LEU G 219 -51.97 6.84 -3.94
N PRO G 220 -52.90 5.96 -4.32
CA PRO G 220 -52.78 4.54 -4.00
C PRO G 220 -52.02 3.79 -5.08
N GLY G 221 -51.74 4.46 -6.19
CA GLY G 221 -51.09 3.84 -7.33
C GLY G 221 -50.15 4.78 -8.05
N ASP G 222 -49.21 4.22 -8.79
CA ASP G 222 -48.16 5.01 -9.42
C ASP G 222 -48.65 5.87 -10.57
N GLU G 223 -49.61 5.38 -11.36
CA GLU G 223 -50.05 6.14 -12.52
C GLU G 223 -50.73 7.44 -12.10
N LEU G 224 -51.50 7.38 -11.03
CA LEU G 224 -52.11 8.59 -10.48
C LEU G 224 -51.07 9.51 -9.86
N HIS G 225 -50.05 8.91 -9.26
CA HIS G 225 -48.94 9.67 -8.66
C HIS G 225 -48.31 10.56 -9.69
N GLU G 226 -48.01 9.98 -10.85
CA GLU G 226 -47.36 10.67 -11.96
C GLU G 226 -48.22 11.77 -12.56
N ARG G 227 -49.49 11.46 -12.83
CA ARG G 227 -50.40 12.43 -13.42
C ARG G 227 -50.53 13.62 -12.50
N ALA G 228 -50.54 13.34 -11.20
CA ALA G 228 -50.69 14.39 -10.20
C ALA G 228 -49.50 15.35 -10.17
N MET G 229 -48.30 14.80 -10.27
CA MET G 229 -47.09 15.61 -10.24
C MET G 229 -47.06 16.62 -11.36
N LEU G 230 -47.63 16.26 -12.49
CA LEU G 230 -47.63 17.12 -13.66
C LEU G 230 -48.73 18.16 -13.57
N ARG G 231 -49.94 17.68 -13.34
CA ARG G 231 -51.12 18.51 -13.43
C ARG G 231 -51.21 19.55 -12.30
N ARG G 232 -50.38 19.39 -11.27
CA ARG G 232 -50.41 20.34 -10.15
C ARG G 232 -49.75 21.64 -10.55
N PHE G 233 -49.10 21.61 -11.70
CA PHE G 233 -48.46 22.79 -12.25
C PHE G 233 -48.73 22.89 -13.74
N TYR G 234 -49.98 23.15 -14.08
CA TYR G 234 -50.39 23.41 -15.46
C TYR G 234 -50.20 22.24 -16.43
N GLY G 235 -49.70 21.12 -15.93
CA GLY G 235 -49.42 19.97 -16.77
C GLY G 235 -48.02 20.11 -17.34
N ILE G 236 -47.31 21.11 -16.84
CA ILE G 236 -45.97 21.46 -17.32
C ILE G 236 -44.87 20.77 -16.51
N ASP G 237 -44.07 19.96 -17.19
CA ASP G 237 -42.89 19.38 -16.57
C ASP G 237 -41.91 20.52 -16.30
N ARG G 238 -41.58 20.71 -15.04
CA ARG G 238 -40.73 21.82 -14.62
C ARG G 238 -39.26 21.56 -14.91
N THR G 239 -38.95 20.32 -15.28
CA THR G 239 -37.59 19.92 -15.60
C THR G 239 -37.29 19.92 -17.10
N ALA G 240 -38.27 20.29 -17.91
CA ALA G 240 -38.08 20.30 -19.34
C ALA G 240 -37.42 21.59 -19.73
N ASP G 241 -36.75 21.58 -20.88
CA ASP G 241 -36.11 22.79 -21.37
C ASP G 241 -37.20 23.73 -21.85
N ARG G 242 -37.85 24.38 -20.90
CA ARG G 242 -38.98 25.27 -21.17
C ARG G 242 -38.50 26.46 -21.95
N LEU G 243 -37.22 26.77 -21.81
CA LEU G 243 -36.62 27.87 -22.53
C LEU G 243 -36.73 27.61 -24.02
N ARG G 244 -36.71 26.33 -24.39
CA ARG G 244 -36.78 25.92 -25.78
C ARG G 244 -38.15 25.35 -26.15
N GLY G 245 -39.12 25.47 -25.26
CA GLY G 245 -40.47 25.02 -25.56
C GLY G 245 -40.56 23.51 -25.69
N ALA G 246 -39.61 22.80 -25.09
CA ALA G 246 -39.52 21.35 -25.26
C ALA G 246 -40.33 20.60 -24.22
N TYR G 247 -41.63 20.84 -24.22
CA TYR G 247 -42.54 20.17 -23.30
C TYR G 247 -43.94 20.10 -23.90
N ASP G 248 -44.72 19.14 -23.42
CA ASP G 248 -46.10 18.98 -23.86
C ASP G 248 -47.03 18.79 -22.68
N VAL G 249 -48.15 19.50 -22.69
CA VAL G 249 -49.17 19.32 -21.66
C VAL G 249 -50.19 18.30 -22.15
N ALA G 250 -50.03 17.06 -21.72
CA ALA G 250 -50.93 16.00 -22.16
C ALA G 250 -52.26 16.15 -21.45
N GLU G 251 -52.20 16.59 -20.20
CA GLU G 251 -53.38 16.91 -19.40
C GLU G 251 -53.19 18.24 -18.70
N TRP G 252 -54.16 19.13 -18.84
CA TRP G 252 -54.05 20.47 -18.28
C TRP G 252 -54.18 20.48 -16.76
N GLY G 253 -53.77 21.58 -16.16
CA GLY G 253 -53.82 21.77 -14.72
C GLY G 253 -53.80 23.25 -14.40
N LEU G 254 -53.71 23.60 -13.13
CA LEU G 254 -53.58 24.99 -12.73
C LEU G 254 -52.44 25.19 -11.74
N LYS G 255 -52.44 26.34 -11.07
CA LYS G 255 -51.39 26.62 -10.11
C LYS G 255 -51.81 26.05 -8.79
N TRP G 256 -51.63 24.74 -8.63
CA TRP G 256 -52.13 24.08 -7.45
C TRP G 256 -50.99 23.64 -6.56
N HIS G 257 -49.77 23.79 -7.05
CA HIS G 257 -48.62 23.27 -6.33
C HIS G 257 -48.28 24.14 -5.15
N MET G 258 -47.36 23.66 -4.32
CA MET G 258 -46.95 24.40 -3.15
C MET G 258 -45.52 24.88 -3.31
N THR G 259 -45.25 26.08 -2.80
CA THR G 259 -43.95 26.69 -2.99
C THR G 259 -43.07 26.43 -1.79
N ASP G 260 -41.79 26.72 -1.91
CA ASP G 260 -40.83 26.46 -0.86
C ASP G 260 -41.11 27.30 0.37
N LEU G 261 -41.82 28.41 0.15
CA LEU G 261 -42.08 29.32 1.24
C LEU G 261 -42.88 28.64 2.34
N ASN G 262 -43.99 28.01 1.96
CA ASN G 262 -44.87 27.37 2.93
C ASN G 262 -44.31 26.07 3.47
N ALA G 263 -43.71 25.25 2.60
CA ALA G 263 -43.11 24.00 3.05
C ALA G 263 -42.11 24.22 4.17
N ALA G 264 -41.45 25.36 4.15
CA ALA G 264 -40.48 25.70 5.18
C ALA G 264 -41.13 25.76 6.54
N ILE G 265 -42.34 26.32 6.58
CA ILE G 265 -43.11 26.40 7.81
C ILE G 265 -43.48 25.01 8.30
N GLY G 266 -44.05 24.22 7.41
CA GLY G 266 -44.46 22.87 7.71
C GLY G 266 -43.31 22.06 8.25
N LEU G 267 -42.12 22.30 7.74
CA LEU G 267 -40.95 21.59 8.22
C LEU G 267 -40.66 21.92 9.67
N ALA G 268 -40.96 23.14 10.07
CA ALA G 268 -40.73 23.56 11.46
C ALA G 268 -41.78 22.95 12.37
N ASN G 269 -43.00 22.87 11.87
CA ASN G 269 -44.14 22.45 12.66
C ASN G 269 -44.23 20.94 12.83
N LEU G 270 -43.57 20.18 11.99
CA LEU G 270 -43.51 18.74 12.20
C LEU G 270 -42.77 18.44 13.48
N GLU G 271 -41.90 19.33 13.89
CA GLU G 271 -41.11 19.10 15.08
C GLU G 271 -42.00 19.06 16.31
N THR G 272 -43.16 19.70 16.21
CA THR G 272 -44.02 19.86 17.35
C THR G 272 -45.40 19.24 17.19
N VAL G 273 -45.73 18.75 16.00
CA VAL G 273 -47.10 18.31 15.75
C VAL G 273 -47.43 17.03 16.50
N ASP G 274 -46.44 16.19 16.77
CA ASP G 274 -46.72 14.94 17.44
C ASP G 274 -47.14 15.22 18.88
N GLU G 275 -46.42 16.12 19.52
CA GLU G 275 -46.69 16.47 20.91
C GLU G 275 -48.07 17.09 21.03
N GLN G 276 -48.41 17.95 20.09
CA GLN G 276 -49.69 18.63 20.13
C GLN G 276 -50.83 17.68 19.80
N LEU G 277 -50.57 16.67 19.00
CA LEU G 277 -51.62 15.75 18.63
C LEU G 277 -52.02 14.89 19.82
N ARG G 278 -51.04 14.56 20.63
CA ARG G 278 -51.25 13.78 21.85
C ARG G 278 -52.23 14.50 22.75
N LEU G 279 -51.99 15.80 22.95
CA LEU G 279 -52.84 16.60 23.80
C LEU G 279 -54.24 16.75 23.24
N HIS G 280 -54.37 16.79 21.92
CA HIS G 280 -55.69 16.85 21.32
C HIS G 280 -56.50 15.65 21.74
N ARG G 281 -55.88 14.49 21.68
CA ARG G 281 -56.56 13.26 21.98
C ARG G 281 -56.70 13.08 23.49
N GLU G 282 -55.64 13.46 24.20
CA GLU G 282 -55.61 13.32 25.65
C GLU G 282 -56.70 14.16 26.29
N ASN G 283 -56.98 15.31 25.71
CA ASN G 283 -58.08 16.15 26.18
C ASN G 283 -59.42 15.51 25.87
N ALA G 284 -59.55 14.87 24.71
CA ALA G 284 -60.80 14.20 24.39
C ALA G 284 -61.04 13.04 25.34
N ALA G 285 -59.98 12.36 25.72
CA ALA G 285 -60.06 11.24 26.65
C ALA G 285 -60.65 11.72 27.98
N PHE G 286 -60.11 12.82 28.46
CA PHE G 286 -60.60 13.49 29.64
C PHE G 286 -62.08 13.78 29.50
N TYR G 287 -62.47 14.38 28.39
CA TYR G 287 -63.89 14.68 28.17
C TYR G 287 -64.75 13.42 28.11
N ASP G 288 -64.26 12.40 27.41
CA ASP G 288 -65.00 11.15 27.32
C ASP G 288 -65.25 10.59 28.72
N LYS G 289 -64.32 10.84 29.61
CA LYS G 289 -64.40 10.37 30.99
C LYS G 289 -65.31 11.24 31.84
N GLU G 290 -65.19 12.54 31.72
CA GLU G 290 -65.82 13.42 32.69
C GLU G 290 -67.17 13.97 32.26
N LEU G 291 -67.70 13.53 31.12
CA LEU G 291 -68.99 14.06 30.70
C LEU G 291 -70.10 13.01 30.60
N THR G 292 -69.86 11.82 31.13
CA THR G 292 -70.89 10.80 31.17
C THR G 292 -71.93 11.14 32.23
N GLY G 293 -73.15 10.69 32.00
CA GLY G 293 -74.21 10.86 32.99
C GLY G 293 -74.50 12.32 33.24
N VAL G 294 -74.45 13.12 32.19
CA VAL G 294 -74.87 14.50 32.32
C VAL G 294 -76.25 14.68 31.71
N PRO G 295 -77.19 15.19 32.51
CA PRO G 295 -78.57 15.32 32.06
C PRO G 295 -78.69 16.35 30.95
N GLY G 296 -79.10 15.90 29.79
CA GLY G 296 -79.23 16.76 28.62
C GLY G 296 -77.99 16.78 27.75
N LEU G 297 -77.02 15.92 28.06
CA LEU G 297 -75.79 15.83 27.26
C LEU G 297 -75.45 14.42 26.81
N GLU G 298 -75.41 14.23 25.49
CA GLU G 298 -75.13 12.94 24.89
C GLU G 298 -73.79 12.88 24.14
N LEU G 299 -72.89 12.03 24.60
CA LEU G 299 -71.60 11.82 23.94
C LEU G 299 -71.74 10.96 22.69
N LEU G 300 -70.73 11.02 21.84
CA LEU G 300 -70.71 10.19 20.64
C LEU G 300 -69.98 8.89 20.91
N GLN G 301 -70.51 7.81 20.36
CA GLN G 301 -69.92 6.50 20.57
C GLN G 301 -68.91 6.27 19.46
N ARG G 302 -67.65 6.14 19.84
CA ARG G 302 -66.58 6.00 18.88
C ARG G 302 -66.03 4.59 18.90
N SER G 303 -65.85 4.02 17.71
CA SER G 303 -65.31 2.68 17.60
C SER G 303 -63.83 2.68 17.97
N PRO G 304 -63.36 1.63 18.65
CA PRO G 304 -61.98 1.49 19.10
C PRO G 304 -61.06 0.82 18.05
N ASP G 305 -61.59 0.51 16.88
CA ASP G 305 -60.78 -0.11 15.83
C ASP G 305 -60.11 0.96 14.98
N ARG G 306 -60.06 2.18 15.53
CA ARG G 306 -59.48 3.30 14.82
C ARG G 306 -59.07 4.37 15.83
N GLU G 307 -58.19 5.28 15.41
CA GLU G 307 -57.71 6.37 16.28
C GLU G 307 -57.78 7.73 15.59
N GLY G 308 -58.66 8.58 16.08
CA GLY G 308 -58.90 9.88 15.50
C GLY G 308 -57.96 11.00 15.94
N SER G 309 -58.32 12.23 15.58
CA SER G 309 -57.45 13.36 15.89
C SER G 309 -58.15 14.48 16.62
N PHE G 310 -59.48 14.48 16.59
CA PHE G 310 -60.27 15.44 17.35
C PHE G 310 -59.88 16.87 17.07
N TYR G 311 -60.18 17.32 15.87
CA TYR G 311 -60.05 18.72 15.46
C TYR G 311 -60.83 19.57 16.45
N VAL G 312 -62.05 19.13 16.76
CA VAL G 312 -62.85 19.71 17.83
C VAL G 312 -63.51 18.56 18.56
N TYR G 313 -64.16 18.84 19.68
CA TYR G 313 -64.89 17.80 20.41
C TYR G 313 -66.40 17.95 20.19
N ASP G 314 -66.98 16.93 19.55
CA ASP G 314 -68.39 16.93 19.19
C ASP G 314 -69.29 16.32 20.26
N VAL G 315 -70.37 17.03 20.60
CA VAL G 315 -71.41 16.49 21.48
C VAL G 315 -72.81 16.88 21.01
N LYS G 316 -73.82 16.17 21.52
CA LYS G 316 -75.23 16.50 21.26
C LYS G 316 -75.95 16.89 22.55
N VAL G 317 -76.69 18.00 22.50
CA VAL G 317 -77.36 18.50 23.70
C VAL G 317 -78.82 18.83 23.50
N ASP G 318 -79.59 18.77 24.58
CA ASP G 318 -80.97 19.23 24.58
C ASP G 318 -80.98 20.70 24.97
N ASP G 319 -82.01 21.43 24.54
CA ASP G 319 -82.16 22.85 24.82
C ASP G 319 -80.86 23.61 24.54
N ARG G 320 -80.37 23.45 23.31
CA ARG G 320 -79.12 24.05 22.87
C ARG G 320 -78.99 25.58 23.04
N PRO G 321 -80.05 26.36 22.75
CA PRO G 321 -79.88 27.81 22.91
C PRO G 321 -79.44 28.24 24.30
N ALA G 322 -79.94 27.55 25.33
CA ALA G 322 -79.50 27.83 26.69
C ALA G 322 -78.05 27.43 26.85
N PHE G 323 -77.71 26.27 26.28
CA PHE G 323 -76.36 25.75 26.31
C PHE G 323 -75.40 26.79 25.77
N HIS G 324 -75.74 27.32 24.60
CA HIS G 324 -74.95 28.35 23.95
C HIS G 324 -74.74 29.50 24.90
N ARG G 325 -75.83 29.95 25.51
CA ARG G 325 -75.79 31.09 26.40
C ARG G 325 -74.88 30.85 27.58
N LYS G 326 -74.88 29.63 28.08
CA LYS G 326 -74.05 29.28 29.23
C LYS G 326 -72.57 29.33 28.88
N MET G 327 -72.20 28.68 27.79
CA MET G 327 -70.79 28.62 27.36
C MET G 327 -70.26 30.00 27.10
N GLU G 328 -71.04 30.80 26.40
CA GLU G 328 -70.67 32.17 26.11
C GLU G 328 -70.43 32.93 27.40
N ALA G 329 -71.29 32.68 28.38
CA ALA G 329 -71.19 33.35 29.68
C ALA G 329 -69.95 32.93 30.45
N ALA G 330 -69.57 31.66 30.32
CA ALA G 330 -68.43 31.11 31.04
C ALA G 330 -67.14 31.36 30.30
N GLY G 331 -67.24 32.04 29.16
CA GLY G 331 -66.10 32.36 28.33
C GLY G 331 -65.55 31.16 27.60
N ILE G 332 -66.43 30.34 27.06
CA ILE G 332 -66.00 29.19 26.28
C ILE G 332 -66.58 29.22 24.87
N MET G 333 -65.72 29.20 23.87
CA MET G 333 -66.14 29.20 22.48
C MET G 333 -66.73 27.87 22.06
N ALA G 334 -67.97 27.86 21.60
CA ALA G 334 -68.56 26.62 21.10
C ALA G 334 -69.58 26.88 20.01
N GLY G 335 -69.66 25.96 19.05
CA GLY G 335 -70.59 26.10 17.95
C GLY G 335 -70.28 25.27 16.72
N LEU G 336 -70.60 25.82 15.56
CA LEU G 336 -70.48 25.08 14.31
C LEU G 336 -69.24 25.44 13.52
N VAL G 337 -68.67 24.43 12.88
CA VAL G 337 -67.60 24.61 11.91
C VAL G 337 -68.18 25.34 10.70
N SER G 338 -69.31 24.84 10.22
CA SER G 338 -70.01 25.45 9.11
C SER G 338 -71.51 25.15 9.15
N ARG G 339 -72.29 26.03 8.55
CA ARG G 339 -73.70 25.79 8.32
C ARG G 339 -73.85 24.56 7.45
N ARG G 340 -74.89 23.77 7.65
CA ARG G 340 -75.13 22.62 6.79
C ARG G 340 -75.24 23.14 5.37
N ASN G 341 -74.46 22.55 4.48
CA ASN G 341 -74.21 23.18 3.19
C ASN G 341 -75.39 23.20 2.26
N ASP G 342 -76.31 22.25 2.43
CA ASP G 342 -77.45 22.13 1.53
C ASP G 342 -78.46 23.24 1.74
N GLU G 343 -78.29 23.98 2.83
CA GLU G 343 -79.21 25.07 3.17
C GLU G 343 -78.80 26.37 2.51
N HIS G 344 -77.64 26.36 1.86
CA HIS G 344 -77.19 27.55 1.14
C HIS G 344 -78.04 27.77 -0.12
N SER G 345 -78.30 29.03 -0.46
CA SER G 345 -79.22 29.33 -1.54
C SER G 345 -78.69 28.90 -2.89
N CYS G 346 -77.38 28.68 -2.94
CA CYS G 346 -76.73 28.24 -4.17
C CYS G 346 -76.91 26.75 -4.39
N VAL G 347 -77.45 26.04 -3.41
CA VAL G 347 -77.71 24.62 -3.59
C VAL G 347 -79.16 24.30 -3.23
N ALA G 348 -80.03 25.28 -3.47
CA ALA G 348 -81.44 25.13 -3.21
C ALA G 348 -82.03 24.05 -4.10
N HIS G 349 -81.43 23.85 -5.27
CA HIS G 349 -81.94 22.89 -6.24
C HIS G 349 -81.54 21.44 -5.94
N LEU G 350 -80.61 21.25 -5.00
CA LEU G 350 -80.16 19.90 -4.70
C LEU G 350 -80.73 19.39 -3.39
N ARG G 351 -81.67 20.16 -2.83
CA ARG G 351 -82.25 19.82 -1.54
C ARG G 351 -82.88 18.44 -1.57
N THR G 352 -82.60 17.66 -0.55
CA THR G 352 -83.17 16.33 -0.41
C THR G 352 -83.50 16.10 1.05
N SER G 353 -84.35 15.11 1.32
CA SER G 353 -84.73 14.82 2.70
C SER G 353 -83.58 14.14 3.41
N LEU G 354 -83.10 14.76 4.49
CA LEU G 354 -82.00 14.21 5.26
C LEU G 354 -82.37 14.10 6.72
N PRO G 355 -83.17 13.07 7.05
CA PRO G 355 -83.70 12.87 8.40
C PRO G 355 -82.62 12.75 9.46
N GLY G 356 -81.54 12.03 9.14
CA GLY G 356 -80.47 11.80 10.09
C GLY G 356 -79.91 13.12 10.55
N LEU G 357 -79.54 13.96 9.59
CA LEU G 357 -79.00 15.28 9.86
C LEU G 357 -80.03 16.17 10.56
N ASP G 358 -81.29 16.08 10.13
CA ASP G 358 -82.34 16.91 10.69
C ASP G 358 -82.53 16.63 12.17
N SER G 359 -82.16 15.43 12.60
CA SER G 359 -82.38 14.99 13.96
C SER G 359 -81.26 15.43 14.91
N VAL G 360 -80.18 15.95 14.34
CA VAL G 360 -79.03 16.35 15.15
C VAL G 360 -78.61 17.80 14.92
N TYR G 361 -79.01 18.37 13.78
CA TYR G 361 -78.50 19.68 13.39
C TYR G 361 -78.88 20.81 14.34
N ASP G 362 -79.97 20.64 15.07
CA ASP G 362 -80.38 21.66 16.01
C ASP G 362 -79.96 21.29 17.43
N ARG G 363 -79.25 20.17 17.55
CA ARG G 363 -78.74 19.71 18.84
C ARG G 363 -77.22 19.71 18.87
N MET G 364 -76.61 19.79 17.69
CA MET G 364 -75.15 19.77 17.56
C MET G 364 -74.44 20.95 18.18
N VAL G 365 -73.27 20.67 18.75
CA VAL G 365 -72.38 21.72 19.20
C VAL G 365 -70.96 21.15 19.34
N SER G 366 -69.97 21.90 18.87
CA SER G 366 -68.56 21.50 18.88
C SER G 366 -67.79 22.21 19.97
N LEU G 367 -66.91 21.49 20.65
CA LEU G 367 -66.21 22.07 21.80
C LEU G 367 -64.69 22.11 21.71
N PRO G 368 -64.07 23.13 22.34
CA PRO G 368 -62.62 23.26 22.41
C PRO G 368 -61.96 22.03 22.98
N VAL G 369 -60.97 21.50 22.28
CA VAL G 369 -60.33 20.28 22.71
C VAL G 369 -58.83 20.32 22.39
N GLY G 370 -58.40 21.42 21.80
CA GLY G 370 -57.06 21.50 21.25
C GLY G 370 -55.87 21.51 22.21
N TRP G 371 -54.69 21.64 21.64
CA TRP G 371 -53.43 21.59 22.37
C TRP G 371 -53.27 22.77 23.32
N TRP G 372 -54.03 23.83 23.07
CA TRP G 372 -53.85 25.07 23.81
C TRP G 372 -54.57 25.09 25.13
N LEU G 373 -55.38 24.07 25.40
CA LEU G 373 -56.15 24.01 26.64
C LEU G 373 -55.27 23.58 27.79
N THR G 374 -55.10 24.44 28.77
CA THR G 374 -54.38 24.05 29.98
C THR G 374 -55.20 23.02 30.74
N GLU G 375 -54.59 22.34 31.71
CA GLU G 375 -55.36 21.38 32.51
C GLU G 375 -56.51 22.13 33.13
N GLN G 376 -56.19 23.31 33.60
CA GLN G 376 -57.11 24.18 34.28
C GLN G 376 -58.25 24.56 33.35
N ASP G 377 -57.96 24.65 32.06
CA ASP G 377 -58.97 25.03 31.07
C ASP G 377 -60.00 23.94 30.86
N ARG G 378 -59.54 22.71 30.70
CA ARG G 378 -60.46 21.63 30.38
C ARG G 378 -61.34 21.31 31.57
N GLU G 379 -60.81 21.54 32.77
CA GLU G 379 -61.55 21.35 33.99
C GLU G 379 -62.68 22.37 34.06
N HIS G 380 -62.35 23.60 33.67
CA HIS G 380 -63.33 24.69 33.62
C HIS G 380 -64.42 24.42 32.62
N VAL G 381 -64.11 23.66 31.60
CA VAL G 381 -65.10 23.31 30.60
C VAL G 381 -66.03 22.30 31.24
N VAL G 382 -65.44 21.27 31.85
CA VAL G 382 -66.21 20.26 32.53
C VAL G 382 -67.03 20.88 33.64
N ALA G 383 -66.39 21.73 34.43
CA ALA G 383 -67.07 22.41 35.51
C ALA G 383 -68.31 23.14 35.03
N THR G 384 -68.17 23.97 34.00
CA THR G 384 -69.30 24.73 33.49
C THR G 384 -70.38 23.81 32.93
N ILE G 385 -69.97 22.74 32.28
CA ILE G 385 -70.96 21.83 31.72
C ILE G 385 -71.72 21.07 32.79
N ARG G 386 -71.00 20.51 33.76
CA ARG G 386 -71.64 19.68 34.77
C ARG G 386 -72.55 20.47 35.68
N SER G 387 -72.27 21.76 35.88
CA SER G 387 -73.12 22.58 36.73
C SER G 387 -74.46 22.85 36.04
N GLY G 388 -74.69 22.20 34.89
CA GLY G 388 -75.99 22.20 34.25
C GLY G 388 -76.41 23.49 33.57
N TRP G 389 -77.49 23.41 32.80
CA TRP G 389 -78.06 24.57 32.14
C TRP G 389 -79.57 24.31 31.92
#